data_3JB0
#
_entry.id   3JB0
#
_cell.length_a   1
_cell.length_b   1
_cell.length_c   1
_cell.angle_alpha   90
_cell.angle_beta   90
_cell.angle_gamma   90
#
_symmetry.space_group_name_H-M   'P 1'
#
loop_
_entity.id
_entity.type
_entity.pdbx_description
1 polymer 'Structural protein VP3'
2 polymer 'Capsid protein VP1'
3 polymer 'Viral structural protein 5'
4 non-polymer "GUANOSINE-5'-TRIPHOSPHATE"
#
loop_
_entity_poly.entity_id
_entity_poly.type
_entity_poly.pdbx_seq_one_letter_code
_entity_poly.pdbx_strand_id
1 'polypeptide(L)'
;MWHYTSINNDTRVALDPKPNQIRTITKPNTVPQLGTDYLYTFNSQRRSHTLRLLGPFQYFNFSETDRGHPLFRLPLKYPS
KAIPADELIDNLHSWMRSVHLLHVRSEDNTLRYNWMLGVYARSTNYTTPVGQLVVNAPAILNYSNPQDAFNSVFVALGID
YIDIPITNSNIFDDSSTPYNVRIWHAPTMTEVNHILALMRKSTLVSTHSSWHWNVLHTFHYRSESDMIDHFAAKILEDWR
QKEKLDKGALVEADRVIQRLIPLSSSTYVQRLAAIGALYPNEFTENVLDLSRLSTALLQLSDTYYQHANDQLRRLYRRMY
NDSRTLYMTQRHQELLLAQITADPNILLYPYTYIFTTIPTSMNYISNTGQGRIKHSLTVTGATEHDTVADIVLGQTGEDV
ITISMVEPMSIAVEDMYGYVLDTPTRDIWPADEQIEQKGDAVALYDTKTSRALGMFNNTVRIDDLLSPLLSLVYRTYIKG
DTMTMTQGSLDHLTLCAAVDSDITFVGNRMIAPLPEGYIPKPMHRNNSTMKMLSLYVALKKLENFATNSYLMAPDTSIIL
LGAEREPAVNILRRFNRNVSNVRIIGMGDRAVEPNIRVRVPFPIDKNISADFIICDINSYEDQSFESMFSETISVVTTCA
SAATRALVKINHPSEYMINSVIERLSQLGGVFYHTALLKTASQNPYSYETYIYITPIAAAVRFPFYSNSAMINRYMTAVA
DDEMPIIPSIHTVIKGHSNTYSPGLFCGCVDVQSAPLALSQLKSYCSEATTWRVDSDDNLVNIIARIDPARIALEFRTRS
NTSAYHEYQRYVPNGLGFKVRKTREFRYMHREVTFIHKLMMYALIREQISLTENMTQVVSIGGRNLADISVVPLNMKYVV
IDPATRIETLTQEKKNIEVQSRPFQFDAANMDLENNSIYLFIAVIMNEPNGAATPARMQMDKIRNVATAMLTRTNCVAYI
SFYEAGIITRLDQSTAHKTIRVEEGRLKVANYVPVDTLVEADVTLMLRDIGITHEIIRPSTPELIDACSNYGIRLGSTGG
AVLDVFNHYSPVIKLVRS
;
A
2 'polypeptide(L)'
;MHSTNNNSNKRNNEEKHKQPEIDSSANNGEGTSGTRAQTVGDTATEAGVRNETEAGASTRRQTDGTGLSGTNAKIATASS
ARQADVEKPADVTFTIENVDDVGIMQQKKPPTVVQSRTDVFNEQFANEALHPTTKVIFNGLDVNTEVQPLSDDFKQISDP
KGYLTYSVKYEDQFTKKDKLRASEADDRIVGPTVNLFKYGAAVVNIDLNRDFFDTATGIDLTKGIPLVQDLLVPIGVTAG
AEQSAEYVSGLLMVLFKVMTDNRLVIVGETTTPMSNTLSTVVNNVLRTTYHNNVGVNPALLRDFTQVNWLNRDITNMLQQ
AGTKYGLGLTETRLDYVRLVKTIVGHALNIDHFAASVLNINLRALMEANVTADDRIKALQAHSMISTQFHGPNQGALRPE
LAFDHDHIIRCLMLAAANYPRLEGIIVQINTGYVASANVIRPVSEKRYFPENLEQNQSAARLVSAVKARASEADISSIHL
AIAREVSPMFNVHELKKIAESFEDPSSIVVVLEFILFALFFPTEFNRIKGDIQNVLLLFFSRWYPVEYGIFVQRGATYTI
NAAGEFEFSGRNEKWDQALYLSEHFPALFSDVPLAGANTIIAIMRLFTPQGFLRTDDLAIAANFPRASRNPQTYIPYTNQ
RGTVTNEFASRFRTIVATLANVVNERAVQDDMQKATRSCTKQWLRHLETQFDNIAVAHTDHLSVVYATMSNFMLNFTNNF
SGNHATFKPDQYVITSPEGSYKPIIERQGETVDGLTIIDTSIVWPILCQCTYPLVRQSGKGVDAVSIMEEIVYPDPSTTL
SQSLSVAQVLSKLTLPDAFINMILSGGDSVVMRTYQTEADDDLDEGIRMTTYDQYLSHIRERLHITNVPDPIYITGASTP
DQIAASVQATHVAVVLYQSGVINGPASTYLRENEVLVVMPDYYDVVSRFANANLQMNNNRYHESVLEIADIFDQADFIQT
SDAVRQLRALMPTLSTSQIRHAIERIAQITDVDSTDYGKLTLRFLGTLTRSLKMQNAQIRRIRPDGTVLRYDDQIDIEAF
RWSRYFLDELQLRRLSVGLRLITNPRIARRFNGVRIMYLTDDDPDPDFVPDVPEGYVAVQYAHRLFSSSLANKRNRVTYT
HPPTGMAYPSPTGRPHVHMTINERAGMSKLVADNIIASVIKSNWVVDILDIEYTAEVMTPSEGYTQHVDAESIMTAPKGK
LFHLQFMDGLLRPEPSAFDPPASGEDMRLIYPLQPISVARSMRAIVNHNEVDRPRGAVAPSSYEMDTGTLSRNGDLLYSP
VANGQVGIPKLEVDHISFSNVVSMMTANIRTGDDMAVERVNPDDVRAINIRNA
;
B,C
3 'polypeptide(L)'
;MLQQPTGGYTTLEQFAFTIRNDGTNATPTQFLQLLSYEATENELVKKTIPTPETHLPSARNVPGNVYIEDAITQALFGIS
AQNVNAHGYFSRLSALALPNTSARLGLDGVIYNSETINIPFYDPAAVANFAATYAKLGNASTPRYRADMIDIYAHVGLEL
AGTDAERAAGVMPVKRAKFDSWEGSLISLSRDVVNWKILAFLIDLCSLEGEALRAFKTRNRDVFRMMLFIMSTAVAANVV
NRKVTKRVDRVLEYIGVNSMRTAGRTATITYDLSRHEFAAKFLQLTFTRWNAASAMIRSMPDMHTPRTSITPAGENALVR
HNRYMTENFKGLSPIALAQKKHEMMLHTHEIHSMDIDGSIKNMVERETVNKMNEIDAMNTAPWTEEFAEVEPTTVYERHQ
IGTDPEQTQLISQDAAVIVHQASSDVDENEYGNSVSELTIDTQSDSVL
;
D,E
#
# COMPACT_ATOMS: atom_id res chain seq x y z
N MET A 1 58.41 32.90 -1.28
CA MET A 1 57.11 33.54 -1.44
C MET A 1 56.05 32.76 -0.65
N TRP A 2 56.43 32.32 0.55
CA TRP A 2 55.55 31.53 1.40
C TRP A 2 54.65 32.34 2.33
N HIS A 3 55.24 32.94 3.37
CA HIS A 3 54.45 33.61 4.41
C HIS A 3 53.61 34.74 3.86
N TYR A 4 52.36 34.80 4.31
CA TYR A 4 51.49 35.92 3.93
C TYR A 4 52.02 37.22 4.50
N THR A 5 51.93 38.28 3.72
CA THR A 5 52.29 39.60 4.20
C THR A 5 51.13 40.54 3.92
N SER A 6 50.69 41.25 4.96
CA SER A 6 49.59 42.18 4.79
C SER A 6 49.64 43.27 5.84
N ILE A 7 49.02 44.39 5.53
CA ILE A 7 48.76 45.43 6.51
C ILE A 7 47.31 45.30 6.96
N ASN A 8 47.09 45.20 8.26
CA ASN A 8 45.72 45.24 8.77
C ASN A 8 45.38 46.63 9.32
N ASN A 9 44.33 47.21 8.76
CA ASN A 9 43.85 48.51 9.22
C ASN A 9 42.34 48.55 9.09
N ASP A 10 41.68 49.23 10.02
CA ASP A 10 40.23 49.32 10.00
C ASP A 10 39.82 50.44 9.08
N THR A 11 39.39 50.09 7.88
CA THR A 11 38.98 51.09 6.90
C THR A 11 37.79 51.87 7.42
N ARG A 12 36.94 51.20 8.19
CA ARG A 12 35.79 51.86 8.78
C ARG A 12 36.15 52.89 9.85
N VAL A 13 37.17 52.60 10.64
CA VAL A 13 37.60 53.58 11.64
C VAL A 13 38.34 54.72 10.95
N ALA A 14 39.03 54.40 9.85
CA ALA A 14 39.75 55.40 9.09
C ALA A 14 38.77 56.36 8.44
N LEU A 15 37.61 55.81 8.07
CA LEU A 15 36.59 56.59 7.38
C LEU A 15 35.98 57.67 8.26
N ASP A 16 35.91 57.42 9.56
CA ASP A 16 35.19 58.33 10.46
C ASP A 16 35.98 59.62 10.65
N PRO A 17 35.35 60.75 10.29
CA PRO A 17 35.97 62.07 10.32
C PRO A 17 36.30 62.51 11.72
N LYS A 18 37.33 63.33 11.86
CA LYS A 18 37.55 64.05 13.10
C LYS A 18 36.40 65.05 13.28
N PRO A 19 36.07 65.39 14.53
CA PRO A 19 34.91 66.24 14.82
C PRO A 19 34.95 67.60 14.12
N ASN A 20 36.14 68.19 13.96
CA ASN A 20 36.26 69.50 13.32
C ASN A 20 35.80 69.50 11.87
N GLN A 21 35.95 68.36 11.19
CA GLN A 21 35.55 68.26 9.79
C GLN A 21 34.06 67.97 9.59
N ILE A 22 33.36 67.64 10.67
CA ILE A 22 31.96 67.26 10.54
C ILE A 22 31.09 68.40 10.06
N ARG A 23 31.41 69.62 10.46
CA ARG A 23 30.62 70.78 10.05
C ARG A 23 30.73 71.00 8.55
N THR A 24 31.89 70.67 7.99
CA THR A 24 32.13 70.88 6.56
C THR A 24 32.22 69.58 5.78
N ILE A 25 31.78 68.48 6.37
CA ILE A 25 31.85 67.17 5.73
C ILE A 25 30.82 67.12 4.61
N THR A 26 29.89 68.07 4.66
CA THR A 26 28.80 68.17 3.70
C THR A 26 29.27 68.86 2.41
N LYS A 27 30.55 69.22 2.38
CA LYS A 27 31.14 70.03 1.32
C LYS A 27 30.27 71.25 1.07
N PRO A 28 29.99 72.04 2.14
CA PRO A 28 29.00 73.10 2.02
C PRO A 28 29.30 74.17 0.95
N ASN A 29 30.57 74.48 0.74
CA ASN A 29 30.92 75.56 -0.18
C ASN A 29 31.07 75.13 -1.64
N THR A 30 31.68 73.96 -1.85
CA THR A 30 31.94 73.49 -3.20
C THR A 30 30.98 72.40 -3.65
N VAL A 31 30.64 72.43 -4.93
CA VAL A 31 29.72 71.45 -5.53
C VAL A 31 30.36 70.06 -5.67
N PRO A 32 29.56 69.00 -5.43
CA PRO A 32 29.98 67.60 -5.54
C PRO A 32 30.41 67.19 -6.95
N GLN A 33 31.40 66.30 -7.05
CA GLN A 33 31.94 65.91 -8.35
C GLN A 33 31.99 64.38 -8.53
N LEU A 34 31.82 63.93 -9.76
CA LEU A 34 31.88 62.50 -10.04
C LEU A 34 33.25 61.92 -9.77
N GLY A 35 33.29 60.71 -9.23
CA GLY A 35 34.53 60.00 -8.98
C GLY A 35 35.17 60.43 -7.68
N THR A 36 34.52 61.36 -7.00
CA THR A 36 34.99 61.84 -5.71
C THR A 36 33.83 61.88 -4.73
N ASP A 37 32.99 62.90 -4.84
CA ASP A 37 31.83 63.05 -3.97
C ASP A 37 30.80 61.94 -4.19
N TYR A 38 30.72 61.45 -5.43
CA TYR A 38 29.75 60.41 -5.78
C TYR A 38 30.10 59.78 -7.11
N LEU A 39 29.42 58.70 -7.45
CA LEU A 39 29.51 58.15 -8.79
C LEU A 39 28.15 57.62 -9.24
N TYR A 40 27.79 57.91 -10.48
CA TYR A 40 26.49 57.52 -11.00
C TYR A 40 26.63 56.82 -12.34
N THR A 41 25.76 55.83 -12.58
CA THR A 41 25.66 55.23 -13.90
C THR A 41 24.24 54.84 -14.27
N PHE A 42 23.87 55.09 -15.52
CA PHE A 42 22.67 54.50 -16.08
C PHE A 42 23.04 53.24 -16.82
N ASN A 43 22.23 52.21 -16.68
CA ASN A 43 22.46 50.97 -17.39
C ASN A 43 21.48 50.81 -18.55
N SER A 44 21.98 51.01 -19.76
CA SER A 44 21.19 50.82 -20.96
C SER A 44 20.82 49.34 -21.07
N GLN A 45 19.69 49.06 -21.73
CA GLN A 45 19.17 47.71 -21.91
C GLN A 45 18.58 47.12 -20.63
N ARG A 46 18.67 47.85 -19.53
CA ARG A 46 18.07 47.43 -18.26
C ARG A 46 17.34 48.58 -17.57
N ARG A 47 17.59 49.79 -18.08
CA ARG A 47 16.88 51.01 -17.65
C ARG A 47 17.00 51.34 -16.15
N SER A 48 18.16 51.09 -15.56
CA SER A 48 18.36 51.34 -14.12
C SER A 48 19.27 52.53 -13.83
N HIS A 49 18.96 53.27 -12.76
CA HIS A 49 19.79 54.38 -12.30
C HIS A 49 20.52 54.06 -11.00
N THR A 50 21.83 53.81 -11.06
CA THR A 50 22.58 53.53 -9.84
C THR A 50 23.48 54.68 -9.39
N LEU A 51 23.14 55.26 -8.24
CA LEU A 51 23.91 56.35 -7.65
C LEU A 51 24.54 55.94 -6.32
N ARG A 52 25.86 55.97 -6.25
CA ARG A 52 26.57 55.63 -5.01
C ARG A 52 27.33 56.82 -4.45
N LEU A 53 27.08 57.15 -3.19
CA LEU A 53 27.85 58.17 -2.50
C LEU A 53 29.22 57.67 -2.07
N LEU A 54 30.17 58.59 -1.94
CA LEU A 54 31.55 58.23 -1.65
C LEU A 54 32.07 59.05 -0.48
N GLY A 55 33.18 58.61 0.08
CA GLY A 55 33.64 59.16 1.34
C GLY A 55 32.72 58.64 2.43
N PRO A 56 32.60 59.39 3.52
CA PRO A 56 31.84 58.96 4.71
C PRO A 56 30.40 58.62 4.34
N PHE A 57 29.89 59.31 3.32
CA PHE A 57 28.50 59.18 2.90
C PHE A 57 28.19 57.84 2.23
N GLN A 58 29.20 57.03 1.96
CA GLN A 58 28.93 55.70 1.41
C GLN A 58 28.15 54.88 2.45
N TYR A 59 28.31 55.27 3.70
CA TYR A 59 27.63 54.65 4.83
C TYR A 59 26.65 55.63 5.46
N PHE A 60 25.39 55.53 5.09
CA PHE A 60 24.43 56.55 5.50
C PHE A 60 23.01 56.01 5.63
N ASN A 61 22.40 56.23 6.78
CA ASN A 61 21.00 55.91 6.97
C ASN A 61 20.17 57.15 6.69
N PHE A 62 19.43 57.12 5.59
CA PHE A 62 18.60 58.26 5.23
C PHE A 62 17.40 58.41 6.15
N SER A 63 17.10 59.67 6.52
CA SER A 63 15.90 60.00 7.25
C SER A 63 14.72 59.92 6.31
N GLU A 64 13.53 59.73 6.84
CA GLU A 64 12.35 59.77 5.98
C GLU A 64 12.23 61.15 5.37
N THR A 65 12.68 62.17 6.10
CA THR A 65 12.78 63.52 5.56
C THR A 65 13.79 63.58 4.42
N ASP A 66 14.86 62.79 4.54
CA ASP A 66 15.86 62.73 3.50
C ASP A 66 15.30 62.15 2.20
N ARG A 67 14.39 61.19 2.31
CA ARG A 67 13.80 60.59 1.10
C ARG A 67 12.71 61.48 0.52
N GLY A 68 12.32 62.49 1.30
CA GLY A 68 11.34 63.47 0.85
C GLY A 68 12.01 64.52 -0.01
N HIS A 69 13.34 64.48 -0.06
CA HIS A 69 14.11 65.37 -0.91
C HIS A 69 13.99 64.94 -2.38
N PRO A 70 14.02 65.93 -3.30
CA PRO A 70 13.84 65.73 -4.74
C PRO A 70 14.87 64.79 -5.37
N LEU A 71 16.05 64.75 -4.77
CA LEU A 71 17.15 63.99 -5.31
C LEU A 71 16.78 62.51 -5.47
N PHE A 72 15.89 62.03 -4.60
CA PHE A 72 15.46 60.63 -4.68
C PHE A 72 14.29 60.43 -5.64
N ARG A 73 13.59 61.51 -5.96
CA ARG A 73 12.54 61.47 -6.97
C ARG A 73 13.10 61.68 -8.37
N LEU A 74 14.40 61.98 -8.46
CA LEU A 74 15.05 62.13 -9.76
C LEU A 74 14.92 60.94 -10.73
N PRO A 75 15.14 59.70 -10.26
CA PRO A 75 14.96 58.57 -11.19
C PRO A 75 13.54 58.52 -11.74
N LEU A 76 12.59 58.98 -10.93
CA LEU A 76 11.18 59.08 -11.34
C LEU A 76 10.95 60.09 -12.47
N LYS A 77 11.80 61.12 -12.56
CA LYS A 77 11.71 62.08 -13.66
C LYS A 77 12.05 61.42 -15.00
N TYR A 78 12.84 60.35 -14.92
CA TYR A 78 13.03 59.44 -16.05
C TYR A 78 12.22 58.15 -15.77
N PRO A 79 12.31 57.10 -16.62
CA PRO A 79 13.05 56.58 -17.79
C PRO A 79 12.90 57.44 -19.03
N SER A 80 13.90 57.43 -19.92
CA SER A 80 14.90 56.37 -19.96
C SER A 80 16.37 56.80 -19.98
N LYS A 81 16.66 57.98 -20.54
CA LYS A 81 18.05 58.42 -20.68
C LYS A 81 18.70 58.58 -19.29
N ALA A 82 20.02 58.71 -19.25
CA ALA A 82 20.69 59.00 -17.99
C ALA A 82 20.27 60.37 -17.47
N ILE A 83 20.19 60.52 -16.15
CA ILE A 83 19.85 61.80 -15.54
C ILE A 83 20.92 62.83 -15.92
N PRO A 84 20.48 64.03 -16.36
CA PRO A 84 21.46 65.04 -16.76
C PRO A 84 22.35 65.41 -15.58
N ALA A 85 23.64 65.63 -15.86
CA ALA A 85 24.61 65.79 -14.79
C ALA A 85 24.36 67.03 -13.94
N ASP A 86 23.89 68.10 -14.58
CA ASP A 86 23.67 69.36 -13.88
C ASP A 86 22.58 69.23 -12.83
N GLU A 87 21.58 68.40 -13.13
CA GLU A 87 20.45 68.22 -12.23
C GLU A 87 20.82 67.27 -11.08
N LEU A 88 21.56 66.21 -11.41
CA LEU A 88 22.01 65.26 -10.40
C LEU A 88 22.93 65.98 -9.43
N ILE A 89 23.73 66.90 -9.96
CA ILE A 89 24.66 67.66 -9.16
C ILE A 89 23.94 68.68 -8.27
N ASP A 90 23.01 69.43 -8.85
CA ASP A 90 22.33 70.48 -8.07
C ASP A 90 21.52 69.84 -6.95
N ASN A 91 20.91 68.69 -7.27
CA ASN A 91 20.10 67.99 -6.30
C ASN A 91 20.94 67.38 -5.20
N LEU A 92 22.01 66.66 -5.58
CA LEU A 92 22.86 66.02 -4.59
C LEU A 92 23.52 67.05 -3.69
N HIS A 93 23.83 68.21 -4.26
CA HIS A 93 24.46 69.27 -3.52
C HIS A 93 23.49 69.81 -2.50
N SER A 94 22.27 70.11 -2.94
CA SER A 94 21.29 70.68 -2.04
C SER A 94 21.00 69.69 -0.91
N TRP A 95 20.99 68.40 -1.26
CA TRP A 95 20.71 67.38 -0.27
C TRP A 95 21.80 67.30 0.76
N MET A 96 23.05 67.23 0.29
CA MET A 96 24.17 67.08 1.18
C MET A 96 24.22 68.29 2.10
N ARG A 97 23.92 69.46 1.56
CA ARG A 97 23.91 70.66 2.39
C ARG A 97 22.79 70.57 3.42
N SER A 98 21.73 69.84 3.09
CA SER A 98 20.63 69.65 4.04
C SER A 98 21.02 68.85 5.29
N VAL A 99 21.88 67.85 5.17
CA VAL A 99 22.28 67.09 6.37
C VAL A 99 23.18 67.87 7.32
N HIS A 100 22.92 67.74 8.62
CA HIS A 100 23.70 68.44 9.66
C HIS A 100 23.87 67.53 10.87
N LEU A 101 24.91 66.70 10.86
CA LEU A 101 25.17 65.78 11.97
C LEU A 101 25.50 66.51 13.26
N LEU A 102 24.90 66.07 14.37
CA LEU A 102 25.17 66.66 15.67
C LEU A 102 26.57 66.26 16.14
N HIS A 103 27.31 67.21 16.69
CA HIS A 103 28.67 66.93 17.13
C HIS A 103 29.15 68.03 18.05
N VAL A 104 30.18 67.72 18.83
CA VAL A 104 30.93 68.76 19.50
C VAL A 104 32.30 68.89 18.84
N ARG A 105 32.70 70.12 18.52
CA ARG A 105 34.04 70.37 18.02
C ARG A 105 35.02 70.34 19.18
N SER A 106 36.27 69.96 18.90
CA SER A 106 37.26 69.86 19.98
C SER A 106 38.70 70.06 19.53
N GLU A 107 39.51 70.62 20.42
CA GLU A 107 40.92 70.85 20.16
C GLU A 107 41.80 69.60 20.05
N ASP A 108 41.42 68.53 20.74
CA ASP A 108 42.26 67.32 20.81
C ASP A 108 42.44 66.62 19.46
N ASN A 109 43.68 66.24 19.17
CA ASN A 109 44.03 65.64 17.89
C ASN A 109 43.68 64.16 17.77
N THR A 110 43.40 63.51 18.90
CA THR A 110 43.21 62.07 18.92
C THR A 110 41.80 61.59 18.58
N LEU A 111 40.84 62.52 18.58
CA LEU A 111 39.43 62.17 18.40
C LEU A 111 38.98 61.90 16.97
N ARG A 112 38.00 61.02 16.85
CA ARG A 112 37.26 60.82 15.62
C ARG A 112 35.80 60.93 15.99
N TYR A 113 35.02 61.56 15.13
CA TYR A 113 33.57 61.54 15.27
C TYR A 113 33.06 60.14 14.94
N ASN A 114 32.09 59.67 15.71
CA ASN A 114 31.51 58.36 15.48
C ASN A 114 30.39 58.50 14.47
N TRP A 115 30.76 58.51 13.20
CA TRP A 115 29.86 58.85 12.12
C TRP A 115 28.64 57.95 12.05
N MET A 116 28.83 56.67 12.36
CA MET A 116 27.75 55.72 12.24
C MET A 116 26.61 56.04 13.19
N LEU A 117 26.96 56.17 14.47
CA LEU A 117 25.96 56.46 15.48
C LEU A 117 25.29 57.82 15.33
N GLY A 118 26.04 58.82 14.86
CA GLY A 118 25.48 60.15 14.64
C GLY A 118 24.53 60.22 13.46
N VAL A 119 24.88 59.46 12.42
CA VAL A 119 24.00 59.38 11.26
C VAL A 119 22.74 58.64 11.65
N TYR A 120 22.90 57.57 12.44
CA TYR A 120 21.74 56.76 12.80
C TYR A 120 20.81 57.55 13.68
N ALA A 121 21.37 58.33 14.60
CA ALA A 121 20.54 59.21 15.45
C ALA A 121 19.83 60.26 14.59
N ARG A 122 20.47 60.73 13.53
CA ARG A 122 19.79 61.67 12.65
C ARG A 122 18.63 61.03 11.90
N SER A 123 18.82 59.79 11.44
CA SER A 123 17.84 59.17 10.55
C SER A 123 16.53 58.90 11.29
N THR A 124 16.62 58.81 12.60
CA THR A 124 15.46 58.54 13.43
C THR A 124 15.02 59.79 14.19
N ASN A 125 15.50 60.94 13.73
CA ASN A 125 15.15 62.25 14.30
C ASN A 125 15.40 62.31 15.79
N TYR A 126 16.37 61.51 16.24
CA TYR A 126 16.78 61.48 17.64
C TYR A 126 15.63 61.06 18.56
N THR A 127 14.81 60.12 18.08
CA THR A 127 13.71 59.58 18.87
C THR A 127 14.13 58.34 19.66
N THR A 128 15.02 57.54 19.07
CA THR A 128 15.55 56.33 19.68
C THR A 128 16.41 56.77 20.87
N PRO A 129 16.56 55.91 21.89
CA PRO A 129 17.40 56.27 23.03
C PRO A 129 18.84 56.63 22.68
N VAL A 130 19.40 55.98 21.64
CA VAL A 130 20.71 56.40 21.18
C VAL A 130 20.61 57.81 20.60
N GLY A 131 19.46 58.14 20.02
CA GLY A 131 19.29 59.42 19.39
C GLY A 131 19.25 60.53 20.42
N GLN A 132 18.43 60.34 21.44
CA GLN A 132 18.28 61.35 22.49
C GLN A 132 19.56 61.43 23.32
N LEU A 133 20.30 60.33 23.34
CA LEU A 133 21.64 60.32 23.92
C LEU A 133 22.53 61.27 23.11
N VAL A 134 22.47 61.13 21.78
CA VAL A 134 23.30 61.95 20.91
C VAL A 134 22.91 63.42 21.07
N VAL A 135 21.64 63.67 21.33
CA VAL A 135 21.16 65.04 21.47
C VAL A 135 21.61 65.69 22.78
N ASN A 136 21.38 65.03 23.90
CA ASN A 136 21.81 65.64 25.17
C ASN A 136 23.33 65.64 25.38
N ALA A 137 24.01 64.67 24.77
CA ALA A 137 25.47 64.62 24.81
C ALA A 137 26.09 64.30 23.43
N PRO A 138 26.14 65.30 22.54
CA PRO A 138 26.75 65.15 21.22
C PRO A 138 28.23 64.73 21.31
N ALA A 139 28.88 65.16 22.39
CA ALA A 139 30.29 64.87 22.65
C ALA A 139 30.61 63.39 22.83
N ILE A 140 29.57 62.57 22.99
CA ILE A 140 29.76 61.14 23.20
C ILE A 140 30.13 60.45 21.89
N LEU A 141 29.98 61.17 20.78
CA LEU A 141 30.37 60.62 19.48
C LEU A 141 31.87 60.72 19.23
N ASN A 142 32.51 61.73 19.83
CA ASN A 142 33.97 61.84 19.79
C ASN A 142 34.63 60.69 20.54
N TYR A 143 35.66 60.10 19.95
CA TYR A 143 36.37 59.01 20.60
C TYR A 143 37.80 58.91 20.12
N SER A 144 38.68 58.47 21.00
CA SER A 144 40.08 58.28 20.64
C SER A 144 40.34 56.80 20.42
N ASN A 145 39.85 55.98 21.35
CA ASN A 145 39.86 54.54 21.17
C ASN A 145 38.57 54.07 20.52
N PRO A 146 38.67 53.42 19.35
CA PRO A 146 37.51 53.01 18.55
C PRO A 146 36.49 52.13 19.27
N GLN A 147 36.92 51.27 20.17
CA GLN A 147 35.97 50.41 20.87
C GLN A 147 35.12 51.17 21.89
N ASP A 148 35.75 52.11 22.59
CA ASP A 148 35.09 52.92 23.61
C ASP A 148 34.05 53.87 22.99
N ALA A 149 34.16 54.08 21.68
CA ALA A 149 33.19 54.83 20.89
C ALA A 149 31.80 54.20 21.00
N PHE A 150 31.76 52.90 21.22
CA PHE A 150 30.50 52.20 21.36
C PHE A 150 30.25 51.79 22.79
N ASN A 151 31.31 51.46 23.52
CA ASN A 151 31.17 51.08 24.91
C ASN A 151 30.57 52.21 25.74
N SER A 152 30.95 53.45 25.45
CA SER A 152 30.45 54.58 26.24
C SER A 152 28.95 54.72 26.05
N VAL A 153 28.49 54.44 24.83
CA VAL A 153 27.06 54.46 24.51
C VAL A 153 26.27 53.29 25.12
N PHE A 154 26.85 52.10 25.07
CA PHE A 154 26.25 50.91 25.68
C PHE A 154 26.12 51.07 27.19
N VAL A 155 27.10 51.72 27.82
CA VAL A 155 27.02 51.85 29.28
C VAL A 155 26.15 53.01 29.70
N ALA A 156 26.15 54.07 28.91
CA ALA A 156 25.25 55.19 29.20
C ALA A 156 23.80 54.74 29.05
N LEU A 157 23.58 53.78 28.14
CA LEU A 157 22.21 53.36 27.82
C LEU A 157 21.74 52.11 28.56
N GLY A 158 22.70 51.31 29.02
CA GLY A 158 22.38 50.09 29.74
C GLY A 158 22.01 48.97 28.79
N ILE A 159 22.10 49.27 27.49
CA ILE A 159 21.76 48.31 26.45
C ILE A 159 22.85 47.27 26.24
N ASP A 160 22.45 46.08 25.80
CA ASP A 160 23.43 45.05 25.46
C ASP A 160 23.86 45.16 24.01
N TYR A 161 23.06 45.86 23.20
CA TYR A 161 23.34 46.00 21.77
C TYR A 161 22.57 47.09 21.07
N ILE A 162 22.95 47.37 19.83
CA ILE A 162 22.24 48.32 18.98
C ILE A 162 22.08 47.72 17.59
N ASP A 163 20.86 47.72 17.07
CA ASP A 163 20.61 47.21 15.72
C ASP A 163 20.57 48.33 14.69
N ILE A 164 21.68 48.52 13.97
CA ILE A 164 21.76 49.52 12.92
C ILE A 164 21.33 48.93 11.56
N PRO A 165 20.32 49.55 10.94
CA PRO A 165 19.89 49.21 9.58
C PRO A 165 21.00 49.53 8.58
N ILE A 166 21.15 48.74 7.53
CA ILE A 166 22.08 49.11 6.47
C ILE A 166 21.30 49.48 5.22
N THR A 167 21.51 50.68 4.71
CA THR A 167 20.88 51.06 3.45
C THR A 167 21.62 50.38 2.30
N ASN A 168 20.93 50.18 1.19
CA ASN A 168 21.58 49.71 -0.01
C ASN A 168 22.61 50.75 -0.45
N SER A 169 23.75 50.30 -0.97
CA SER A 169 24.80 51.23 -1.39
C SER A 169 24.29 52.15 -2.48
N ASN A 170 23.54 51.59 -3.43
CA ASN A 170 22.78 52.41 -4.36
C ASN A 170 21.70 53.12 -3.56
N ILE A 171 21.52 54.41 -3.80
CA ILE A 171 20.60 55.18 -2.97
C ILE A 171 19.31 55.47 -3.72
N PHE A 172 19.26 55.01 -4.97
CA PHE A 172 18.03 55.02 -5.74
C PHE A 172 17.22 53.74 -5.53
N ASP A 173 17.83 52.77 -4.86
CA ASP A 173 17.15 51.51 -4.55
C ASP A 173 16.51 51.56 -3.17
N ASP A 174 15.39 52.27 -3.06
CA ASP A 174 14.64 52.31 -1.81
C ASP A 174 13.74 51.09 -1.70
N SER A 175 14.30 50.01 -1.17
CA SER A 175 13.57 48.77 -1.00
C SER A 175 14.08 48.13 0.29
N SER A 176 13.42 47.06 0.74
CA SER A 176 13.76 46.47 2.02
C SER A 176 15.21 45.99 2.04
N THR A 177 15.91 46.35 3.11
CA THR A 177 17.31 45.99 3.28
C THR A 177 17.45 44.53 3.74
N PRO A 178 18.40 43.79 3.14
CA PRO A 178 18.54 42.34 3.30
C PRO A 178 18.76 41.90 4.75
N TYR A 179 19.43 42.73 5.53
CA TYR A 179 19.84 42.37 6.88
C TYR A 179 20.15 43.64 7.67
N ASN A 180 20.39 43.50 8.96
CA ASN A 180 20.96 44.63 9.68
C ASN A 180 22.08 44.25 10.62
N VAL A 181 22.99 45.18 10.81
CA VAL A 181 24.10 44.94 11.71
C VAL A 181 23.60 45.14 13.14
N ARG A 182 24.26 44.49 14.07
CA ARG A 182 23.94 44.61 15.47
C ARG A 182 25.24 44.69 16.24
N ILE A 183 25.59 45.91 16.62
CA ILE A 183 26.77 46.15 17.45
C ILE A 183 26.47 45.63 18.85
N TRP A 184 27.45 45.00 19.49
CA TRP A 184 27.27 44.36 20.79
C TRP A 184 28.19 44.97 21.82
N HIS A 185 27.84 44.83 23.10
CA HIS A 185 28.65 45.44 24.16
C HIS A 185 30.06 44.87 24.31
N ALA A 186 30.26 43.58 24.09
CA ALA A 186 31.59 42.96 24.20
C ALA A 186 32.22 43.35 25.56
N PRO A 187 33.48 43.88 25.66
CA PRO A 187 34.74 44.18 24.96
C PRO A 187 35.85 43.14 25.18
N THR A 188 35.78 42.40 26.27
CA THR A 188 36.71 41.32 26.52
C THR A 188 36.42 40.22 25.51
N MET A 189 37.40 39.37 25.24
CA MET A 189 37.13 38.24 24.38
C MET A 189 36.05 37.33 24.98
N THR A 190 36.04 37.21 26.30
CA THR A 190 35.11 36.29 26.98
C THR A 190 33.65 36.66 26.72
N GLU A 191 33.38 37.95 26.69
CA GLU A 191 32.03 38.45 26.43
C GLU A 191 31.63 38.13 24.99
N VAL A 192 32.60 38.21 24.09
CA VAL A 192 32.35 37.89 22.70
C VAL A 192 32.00 36.41 22.57
N ASN A 193 32.78 35.56 23.25
CA ASN A 193 32.55 34.13 23.16
C ASN A 193 31.14 33.84 23.63
N HIS A 194 30.73 34.56 24.67
CA HIS A 194 29.41 34.35 25.24
C HIS A 194 28.32 34.72 24.24
N ILE A 195 28.44 35.89 23.63
CA ILE A 195 27.42 36.31 22.65
C ILE A 195 27.40 35.39 21.44
N LEU A 196 28.55 34.89 21.03
CA LEU A 196 28.59 33.99 19.89
C LEU A 196 27.90 32.69 20.22
N ALA A 197 28.10 32.21 21.44
CA ALA A 197 27.40 31.01 21.89
C ALA A 197 25.89 31.24 21.98
N LEU A 198 25.49 32.45 22.36
CA LEU A 198 24.07 32.74 22.50
C LEU A 198 23.39 33.00 21.16
N MET A 199 24.18 33.32 20.14
CA MET A 199 23.61 33.59 18.82
C MET A 199 23.29 32.30 18.08
N ARG A 200 23.85 31.19 18.56
CA ARG A 200 23.48 29.89 18.04
C ARG A 200 21.99 29.65 18.31
N LYS A 201 21.51 30.19 19.43
CA LYS A 201 20.09 30.15 19.76
C LYS A 201 19.18 30.98 18.84
N SER A 202 19.67 32.09 18.30
CA SER A 202 18.84 32.94 17.43
C SER A 202 18.74 32.33 16.03
N THR A 203 18.19 33.07 15.07
CA THR A 203 17.77 32.43 13.81
C THR A 203 18.66 32.59 12.56
N LEU A 204 18.69 33.78 11.98
CA LEU A 204 19.46 33.94 10.74
C LEU A 204 20.60 34.92 10.95
N VAL A 205 21.63 34.45 11.65
CA VAL A 205 22.64 35.38 12.12
C VAL A 205 24.03 34.94 11.73
N SER A 206 24.87 35.93 11.40
CA SER A 206 26.23 35.65 10.94
C SER A 206 27.23 36.67 11.45
N THR A 207 28.53 36.36 11.34
CA THR A 207 29.58 37.31 11.72
C THR A 207 30.75 37.25 10.78
N HIS A 208 31.58 38.28 10.86
CA HIS A 208 32.91 38.23 10.26
C HIS A 208 33.91 37.63 11.23
N SER A 209 35.05 37.18 10.72
CA SER A 209 36.08 36.59 11.57
C SER A 209 36.60 37.62 12.57
N SER A 210 36.54 38.90 12.19
CA SER A 210 36.96 39.98 13.07
C SER A 210 36.10 41.19 12.78
N TRP A 211 36.17 42.20 13.66
CA TRP A 211 35.18 43.26 13.64
C TRP A 211 35.75 44.68 13.63
N HIS A 212 35.10 45.57 12.87
CA HIS A 212 35.50 46.97 12.81
C HIS A 212 35.37 47.60 14.18
N TRP A 213 36.20 48.60 14.44
CA TRP A 213 36.24 49.30 15.73
C TRP A 213 36.59 48.37 16.87
N ASN A 214 36.99 47.15 16.54
CA ASN A 214 37.22 46.11 17.54
C ASN A 214 35.97 45.95 18.39
N VAL A 215 34.81 46.06 17.74
CA VAL A 215 33.55 45.93 18.42
C VAL A 215 32.75 44.83 17.75
N LEU A 216 32.39 43.81 18.51
CA LEU A 216 31.67 42.68 17.93
C LEU A 216 30.38 43.18 17.33
N HIS A 217 30.10 42.73 16.11
CA HIS A 217 28.82 43.00 15.49
C HIS A 217 28.35 41.80 14.67
N THR A 218 27.04 41.58 14.66
CA THR A 218 26.50 40.44 13.93
C THR A 218 25.50 40.88 12.86
N PHE A 219 25.32 40.07 11.83
CA PHE A 219 24.31 40.35 10.81
C PHE A 219 23.07 39.54 11.07
N HIS A 220 21.92 40.17 10.83
CA HIS A 220 20.63 39.52 11.07
C HIS A 220 19.77 39.67 9.84
N TYR A 221 19.43 38.54 9.24
CA TYR A 221 18.85 38.49 7.91
C TYR A 221 17.34 38.36 7.91
N ARG A 222 16.70 39.06 6.97
CA ARG A 222 15.25 38.96 6.80
C ARG A 222 14.83 37.58 6.31
N SER A 223 15.72 36.92 5.57
CA SER A 223 15.42 35.62 4.98
C SER A 223 16.71 34.89 4.69
N GLU A 224 16.62 33.58 4.48
CA GLU A 224 17.82 32.78 4.20
C GLU A 224 18.47 33.19 2.88
N SER A 225 17.65 33.64 1.93
CA SER A 225 18.16 34.03 0.62
C SER A 225 19.06 35.26 0.72
N ASP A 226 18.72 36.17 1.63
CA ASP A 226 19.50 37.37 1.83
C ASP A 226 20.86 37.00 2.43
N MET A 227 20.81 36.01 3.32
CA MET A 227 22.02 35.48 3.94
C MET A 227 22.89 34.80 2.90
N ILE A 228 22.25 34.17 1.93
CA ILE A 228 22.97 33.50 0.85
C ILE A 228 23.64 34.50 -0.08
N ASP A 229 22.95 35.59 -0.42
CA ASP A 229 23.53 36.63 -1.25
C ASP A 229 24.73 37.29 -0.56
N HIS A 230 24.60 37.51 0.75
CA HIS A 230 25.68 38.16 1.48
C HIS A 230 26.87 37.22 1.63
N PHE A 231 26.58 35.98 1.98
CA PHE A 231 27.62 34.96 2.17
C PHE A 231 28.38 34.75 0.89
N ALA A 232 27.66 34.81 -0.23
CA ALA A 232 28.29 34.63 -1.53
C ALA A 232 29.22 35.80 -1.83
N ALA A 233 28.72 37.03 -1.65
CA ALA A 233 29.53 38.19 -1.98
C ALA A 233 30.82 38.20 -1.15
N LYS A 234 30.70 37.70 0.07
CA LYS A 234 31.86 37.61 0.95
C LYS A 234 32.83 36.49 0.57
N ILE A 235 32.28 35.36 0.13
CA ILE A 235 33.12 34.23 -0.30
C ILE A 235 33.91 34.67 -1.51
N LEU A 236 33.30 35.50 -2.34
CA LEU A 236 33.98 36.03 -3.51
C LEU A 236 35.08 37.00 -3.11
N GLU A 237 34.79 37.89 -2.16
CA GLU A 237 35.81 38.82 -1.70
C GLU A 237 36.99 38.13 -1.02
N ASP A 238 36.74 37.03 -0.33
CA ASP A 238 37.80 36.30 0.35
C ASP A 238 38.58 35.42 -0.62
N TRP A 239 37.92 34.94 -1.66
CA TRP A 239 38.62 34.17 -2.68
C TRP A 239 39.54 35.12 -3.42
N ARG A 240 39.01 36.29 -3.75
CA ARG A 240 39.81 37.31 -4.44
C ARG A 240 40.93 37.87 -3.59
N GLN A 241 40.76 37.87 -2.27
CA GLN A 241 41.82 38.33 -1.36
C GLN A 241 42.90 37.27 -1.16
N LYS A 242 42.45 36.03 -0.99
CA LYS A 242 43.33 34.89 -0.82
C LYS A 242 44.16 34.70 -2.09
N GLU A 243 43.59 35.06 -3.23
CA GLU A 243 44.28 34.91 -4.51
C GLU A 243 45.54 35.75 -4.54
N LYS A 244 45.49 36.92 -3.92
CA LYS A 244 46.63 37.83 -3.96
C LYS A 244 47.46 37.79 -2.68
N LEU A 245 46.95 37.09 -1.66
CA LEU A 245 47.75 36.77 -0.48
C LEU A 245 48.71 35.63 -0.80
N ASP A 246 48.18 34.61 -1.47
CA ASP A 246 48.95 33.44 -1.89
C ASP A 246 50.00 33.84 -2.92
N LYS A 247 49.73 34.92 -3.65
CA LYS A 247 50.66 35.44 -4.65
C LYS A 247 51.76 36.29 -4.01
N GLY A 248 51.66 36.49 -2.70
CA GLY A 248 52.70 37.15 -1.95
C GLY A 248 52.59 38.66 -1.90
N ALA A 249 51.54 39.20 -2.53
CA ALA A 249 51.31 40.64 -2.54
C ALA A 249 51.03 41.18 -1.15
N LEU A 250 51.43 42.42 -0.89
CA LEU A 250 51.00 43.15 0.30
C LEU A 250 49.52 43.45 0.16
N VAL A 251 48.76 43.26 1.24
CA VAL A 251 47.32 43.46 1.19
C VAL A 251 46.84 44.33 2.34
N GLU A 252 46.06 45.36 2.03
CA GLU A 252 45.62 46.33 3.02
C GLU A 252 44.23 46.04 3.57
N ALA A 253 43.73 44.83 3.34
CA ALA A 253 42.37 44.45 3.76
C ALA A 253 42.20 44.47 5.28
N ASP A 254 40.98 44.77 5.72
CA ASP A 254 40.66 44.94 7.14
C ASP A 254 40.80 43.68 7.98
N ARG A 255 40.52 42.52 7.38
CA ARG A 255 40.59 41.26 8.09
C ARG A 255 41.16 40.17 7.20
N VAL A 256 41.87 39.24 7.81
CA VAL A 256 42.58 38.19 7.08
C VAL A 256 41.62 37.29 6.31
N ILE A 257 40.45 37.04 6.87
CA ILE A 257 39.43 36.25 6.18
C ILE A 257 38.20 37.11 5.95
N GLN A 258 37.77 37.22 4.71
CA GLN A 258 36.60 38.06 4.44
C GLN A 258 35.31 37.28 4.32
N ARG A 259 35.37 35.99 4.61
CA ARG A 259 34.17 35.14 4.63
C ARG A 259 33.31 35.30 5.88
N LEU A 260 32.01 35.11 5.72
CA LEU A 260 31.09 35.12 6.85
C LEU A 260 30.99 33.78 7.56
N ILE A 261 30.69 33.82 8.86
CA ILE A 261 30.46 32.63 9.66
C ILE A 261 28.98 32.51 9.98
N PRO A 262 28.36 31.41 9.56
CA PRO A 262 26.94 31.23 9.87
C PRO A 262 26.71 30.83 11.33
N LEU A 263 26.39 31.81 12.17
CA LEU A 263 26.07 31.56 13.57
C LEU A 263 24.76 30.78 13.70
N SER A 264 23.87 31.01 12.75
CA SER A 264 22.64 30.25 12.67
C SER A 264 22.04 30.48 11.30
N SER A 265 21.84 29.39 10.56
CA SER A 265 21.62 29.48 9.12
C SER A 265 20.83 28.32 8.54
N SER A 266 20.36 28.51 7.31
CA SER A 266 19.73 27.44 6.55
C SER A 266 20.79 26.46 6.11
N THR A 267 20.38 25.33 5.57
CA THR A 267 21.35 24.34 5.07
C THR A 267 22.19 24.87 3.89
N TYR A 268 21.57 25.68 3.03
CA TYR A 268 22.26 26.21 1.86
C TYR A 268 23.41 27.13 2.25
N VAL A 269 23.21 27.88 3.33
CA VAL A 269 24.23 28.79 3.81
C VAL A 269 25.40 27.96 4.31
N GLN A 270 25.08 26.82 4.91
CA GLN A 270 26.12 25.94 5.44
C GLN A 270 26.95 25.37 4.31
N ARG A 271 26.29 24.97 3.22
CA ARG A 271 27.07 24.46 2.09
C ARG A 271 27.87 25.54 1.39
N LEU A 272 27.36 26.77 1.38
CA LEU A 272 28.11 27.89 0.81
C LEU A 272 29.38 28.15 1.61
N ALA A 273 29.23 28.18 2.92
CA ALA A 273 30.36 28.41 3.82
C ALA A 273 31.35 27.28 3.73
N ALA A 274 30.85 26.07 3.48
CA ALA A 274 31.74 24.92 3.35
C ALA A 274 32.60 25.10 2.11
N ILE A 275 31.97 25.42 0.98
CA ILE A 275 32.74 25.50 -0.25
C ILE A 275 33.59 26.77 -0.34
N GLY A 276 33.29 27.74 0.51
CA GLY A 276 34.05 28.98 0.51
C GLY A 276 35.43 28.86 1.12
N ALA A 277 35.63 27.87 1.99
CA ALA A 277 36.95 27.67 2.60
C ALA A 277 37.83 26.70 1.83
N LEU A 278 37.27 26.06 0.82
CA LEU A 278 38.02 25.12 0.00
C LEU A 278 38.78 25.81 -1.12
N TYR A 279 38.44 27.07 -1.36
CA TYR A 279 39.02 27.89 -2.44
C TYR A 279 39.15 27.20 -3.80
N PRO A 280 38.05 26.60 -4.30
CA PRO A 280 38.06 25.84 -5.56
C PRO A 280 38.50 26.62 -6.79
N ASN A 281 38.18 27.91 -6.85
CA ASN A 281 38.37 28.69 -8.06
C ASN A 281 39.81 28.93 -8.48
N GLU A 282 40.06 28.79 -9.78
CA GLU A 282 41.31 29.21 -10.37
C GLU A 282 41.31 30.74 -10.47
N PHE A 283 42.49 31.35 -10.45
CA PHE A 283 42.60 32.79 -10.55
C PHE A 283 42.03 33.30 -11.86
N THR A 284 41.30 34.41 -11.80
CA THR A 284 40.66 34.98 -12.98
C THR A 284 40.66 36.51 -12.92
N GLU A 285 40.86 37.13 -14.07
CA GLU A 285 40.83 38.59 -14.17
C GLU A 285 39.55 39.08 -14.83
N ASN A 286 38.72 38.14 -15.28
CA ASN A 286 37.47 38.46 -15.97
C ASN A 286 36.41 39.10 -15.07
N VAL A 287 35.59 39.96 -15.67
CA VAL A 287 34.43 40.52 -14.98
C VAL A 287 33.38 39.44 -14.73
N LEU A 288 32.76 39.46 -13.55
CA LEU A 288 31.74 38.47 -13.20
C LEU A 288 30.38 39.15 -13.02
N ASP A 289 29.30 38.41 -13.28
CA ASP A 289 27.97 38.94 -12.97
C ASP A 289 27.57 38.62 -11.53
N LEU A 290 27.64 39.64 -10.68
CA LEU A 290 27.39 39.51 -9.25
C LEU A 290 25.95 39.12 -8.96
N SER A 291 25.04 39.53 -9.83
CA SER A 291 23.61 39.40 -9.59
C SER A 291 23.18 37.94 -9.38
N ARG A 292 23.88 37.02 -10.02
CA ARG A 292 23.55 35.61 -9.91
C ARG A 292 24.61 34.83 -9.14
N LEU A 293 25.48 35.56 -8.45
CA LEU A 293 26.67 34.98 -7.82
C LEU A 293 26.32 33.78 -6.97
N SER A 294 25.29 33.96 -6.15
CA SER A 294 24.88 32.95 -5.19
C SER A 294 24.64 31.65 -5.93
N THR A 295 23.86 31.74 -7.01
CA THR A 295 23.48 30.58 -7.77
C THR A 295 24.71 29.88 -8.29
N ALA A 296 25.65 30.68 -8.79
CA ALA A 296 26.88 30.13 -9.32
C ALA A 296 27.57 29.35 -8.20
N LEU A 297 27.73 30.01 -7.06
CA LEU A 297 28.43 29.40 -5.95
C LEU A 297 27.67 28.20 -5.42
N LEU A 298 26.35 28.20 -5.59
CA LEU A 298 25.59 27.03 -5.19
C LEU A 298 25.87 25.90 -6.18
N GLN A 299 25.81 26.22 -7.48
CA GLN A 299 26.03 25.20 -8.49
C GLN A 299 27.43 24.65 -8.39
N LEU A 300 28.39 25.53 -8.14
CA LEU A 300 29.78 25.13 -8.01
C LEU A 300 29.83 24.13 -6.88
N SER A 301 29.15 24.45 -5.79
CA SER A 301 29.21 23.62 -4.61
C SER A 301 28.64 22.26 -4.96
N ASP A 302 27.53 22.28 -5.69
CA ASP A 302 26.83 21.06 -6.01
C ASP A 302 27.72 20.17 -6.85
N THR A 303 28.61 20.77 -7.63
CA THR A 303 29.50 19.99 -8.49
C THR A 303 30.74 19.56 -7.72
N TYR A 304 31.17 20.41 -6.80
CA TYR A 304 32.46 20.19 -6.16
C TYR A 304 32.38 18.93 -5.33
N TYR A 305 31.32 18.83 -4.55
CA TYR A 305 31.04 17.64 -3.77
C TYR A 305 30.71 16.48 -4.68
N GLN A 306 30.11 16.77 -5.84
CA GLN A 306 29.64 15.73 -6.75
C GLN A 306 30.76 14.91 -7.37
N HIS A 307 31.95 15.50 -7.50
CA HIS A 307 33.07 14.78 -8.08
C HIS A 307 34.40 15.07 -7.40
N ALA A 308 34.39 14.99 -6.07
CA ALA A 308 35.62 15.04 -5.30
C ALA A 308 35.93 13.66 -4.74
N ASN A 309 37.20 13.40 -4.46
CA ASN A 309 37.62 12.13 -3.87
C ASN A 309 37.04 12.00 -2.47
N ASP A 310 36.84 10.77 -2.01
CA ASP A 310 36.02 10.50 -0.83
C ASP A 310 36.52 11.23 0.43
N GLN A 311 37.83 11.42 0.55
CA GLN A 311 38.35 12.14 1.71
C GLN A 311 38.02 13.64 1.64
N LEU A 312 38.10 14.22 0.45
CA LEU A 312 37.73 15.61 0.25
C LEU A 312 36.24 15.80 0.46
N ARG A 313 35.49 14.77 0.10
CA ARG A 313 34.04 14.78 0.28
C ARG A 313 33.75 14.82 1.77
N ARG A 314 34.44 13.98 2.52
CA ARG A 314 34.21 13.92 3.96
C ARG A 314 34.66 15.20 4.63
N LEU A 315 35.68 15.84 4.07
CA LEU A 315 36.20 17.09 4.61
C LEU A 315 35.18 18.19 4.40
N TYR A 316 34.57 18.19 3.22
CA TYR A 316 33.52 19.14 2.90
C TYR A 316 32.36 18.94 3.86
N ARG A 317 32.03 17.68 4.12
CA ARG A 317 30.95 17.35 5.03
C ARG A 317 31.26 17.80 6.47
N ARG A 318 32.53 17.71 6.84
CA ARG A 318 32.94 18.12 8.18
C ARG A 318 32.76 19.61 8.32
N MET A 319 33.13 20.36 7.28
CA MET A 319 32.95 21.80 7.33
C MET A 319 31.48 22.13 7.37
N TYR A 320 30.70 21.36 6.60
CA TYR A 320 29.28 21.61 6.45
C TYR A 320 28.56 21.41 7.77
N ASN A 321 29.02 20.46 8.57
CA ASN A 321 28.42 20.19 9.88
C ASN A 321 28.93 21.12 10.97
N ASP A 322 30.21 21.44 10.93
CA ASP A 322 30.80 22.40 11.88
C ASP A 322 30.81 23.80 11.26
N SER A 323 29.64 24.28 10.85
CA SER A 323 29.53 25.58 10.18
C SER A 323 29.93 26.75 11.07
N ARG A 324 29.76 26.59 12.38
CA ARG A 324 30.16 27.61 13.35
C ARG A 324 31.69 27.80 13.41
N THR A 325 32.43 26.72 13.19
CA THR A 325 33.90 26.78 13.15
C THR A 325 34.39 27.55 11.92
N LEU A 326 35.46 28.32 12.07
CA LEU A 326 36.05 29.02 10.93
C LEU A 326 37.27 28.29 10.39
N TYR A 327 37.07 27.56 9.29
CA TYR A 327 38.18 26.89 8.61
C TYR A 327 39.11 27.85 7.86
N MET A 328 40.40 27.58 7.91
CA MET A 328 41.39 28.46 7.31
C MET A 328 42.74 27.77 7.14
N THR A 329 43.50 28.25 6.16
CA THR A 329 44.84 27.75 5.90
C THR A 329 45.79 28.20 7.01
N GLN A 330 46.92 27.51 7.14
CA GLN A 330 47.89 27.82 8.17
C GLN A 330 48.40 29.26 8.07
N ARG A 331 48.63 29.73 6.84
CA ARG A 331 49.21 31.05 6.64
C ARG A 331 48.28 32.18 7.09
N HIS A 332 46.98 31.93 6.93
CA HIS A 332 45.96 32.82 7.45
C HIS A 332 46.16 32.97 8.96
N GLN A 333 46.29 31.84 9.64
CA GLN A 333 46.42 31.86 11.09
C GLN A 333 47.72 32.50 11.53
N GLU A 334 48.76 32.36 10.72
CA GLU A 334 50.00 33.04 11.04
C GLU A 334 49.78 34.54 10.98
N LEU A 335 48.95 34.97 10.03
CA LEU A 335 48.59 36.38 9.94
C LEU A 335 47.79 36.88 11.15
N LEU A 336 46.88 36.03 11.63
CA LEU A 336 46.09 36.36 12.81
C LEU A 336 46.96 36.44 14.06
N LEU A 337 47.92 35.52 14.16
CA LEU A 337 48.83 35.52 15.28
C LEU A 337 49.63 36.80 15.25
N ALA A 338 49.98 37.23 14.06
CA ALA A 338 50.75 38.45 13.90
C ALA A 338 49.94 39.63 14.43
N GLN A 339 48.70 39.74 13.96
CA GLN A 339 47.91 40.90 14.36
C GLN A 339 47.47 40.88 15.83
N ILE A 340 47.45 39.70 16.44
CA ILE A 340 47.19 39.60 17.88
C ILE A 340 48.40 40.05 18.68
N THR A 341 49.58 39.58 18.27
CA THR A 341 50.81 39.96 18.96
C THR A 341 51.03 41.47 18.82
N ALA A 342 50.56 42.04 17.71
CA ALA A 342 50.64 43.49 17.52
C ALA A 342 49.67 44.28 18.40
N ASP A 343 48.42 43.81 18.48
CA ASP A 343 47.37 44.49 19.24
C ASP A 343 46.58 43.51 20.11
N PRO A 344 47.10 43.19 21.31
CA PRO A 344 46.63 42.06 22.13
C PRO A 344 45.13 42.13 22.46
N ASN A 345 44.61 43.35 22.55
CA ASN A 345 43.19 43.58 22.83
C ASN A 345 42.22 43.13 21.73
N ILE A 346 42.72 42.86 20.53
CA ILE A 346 41.86 42.58 19.38
C ILE A 346 40.98 41.34 19.55
N LEU A 347 39.77 41.44 19.02
CA LEU A 347 38.79 40.36 19.10
C LEU A 347 38.69 39.62 17.77
N LEU A 348 39.08 38.35 17.78
CA LEU A 348 38.95 37.51 16.59
C LEU A 348 37.97 36.38 16.86
N TYR A 349 37.35 35.86 15.80
CA TYR A 349 36.38 34.79 15.98
C TYR A 349 37.16 33.62 16.56
N PRO A 350 36.70 33.11 17.70
CA PRO A 350 37.46 32.19 18.55
C PRO A 350 37.49 30.76 18.04
N TYR A 351 36.37 30.32 17.46
CA TYR A 351 36.21 28.94 17.05
C TYR A 351 36.71 28.74 15.65
N THR A 352 37.97 28.35 15.53
CA THR A 352 38.63 28.18 14.24
C THR A 352 39.31 26.82 14.15
N TYR A 353 39.48 26.35 12.91
CA TYR A 353 40.17 25.09 12.65
C TYR A 353 41.20 25.34 11.57
N ILE A 354 42.46 25.05 11.87
CA ILE A 354 43.52 25.25 10.89
C ILE A 354 43.67 24.01 10.03
N PHE A 355 43.70 24.19 8.71
CA PHE A 355 43.99 23.10 7.81
C PHE A 355 45.46 22.72 7.92
N THR A 356 45.73 21.49 8.38
CA THR A 356 47.10 20.99 8.46
C THR A 356 47.66 20.82 7.05
N THR A 357 46.76 20.55 6.11
CA THR A 357 47.12 20.43 4.71
C THR A 357 46.00 20.96 3.82
N ILE A 358 46.36 21.80 2.85
CA ILE A 358 45.38 22.33 1.92
C ILE A 358 44.89 21.22 0.99
N PRO A 359 43.59 21.21 0.67
CA PRO A 359 43.04 20.22 -0.26
C PRO A 359 43.65 20.32 -1.66
N THR A 360 43.82 19.18 -2.31
CA THR A 360 44.51 19.10 -3.60
C THR A 360 43.55 19.10 -4.80
N SER A 361 42.34 19.61 -4.58
CA SER A 361 41.30 19.58 -5.60
C SER A 361 41.66 20.38 -6.85
N MET A 362 41.12 19.94 -7.98
CA MET A 362 41.30 20.63 -9.25
C MET A 362 40.72 22.04 -9.17
N ASN A 363 41.48 23.02 -9.68
CA ASN A 363 40.98 24.39 -9.75
C ASN A 363 39.86 24.49 -10.79
N TYR A 364 38.80 25.20 -10.44
CA TYR A 364 37.69 25.36 -11.36
C TYR A 364 37.72 26.67 -12.13
N ILE A 365 37.64 26.59 -13.46
CA ILE A 365 37.42 27.77 -14.28
C ILE A 365 36.03 28.27 -13.92
N SER A 366 35.88 29.59 -13.80
CA SER A 366 34.59 30.13 -13.38
C SER A 366 34.29 31.50 -13.97
N ASN A 367 34.43 31.62 -15.28
CA ASN A 367 34.08 32.86 -15.96
C ASN A 367 32.59 32.89 -16.23
N THR A 368 31.86 33.62 -15.38
CA THR A 368 30.41 33.70 -15.50
C THR A 368 29.93 34.86 -16.38
N GLY A 369 30.87 35.53 -17.05
CA GLY A 369 30.54 36.59 -17.98
C GLY A 369 30.18 36.05 -19.36
N GLN A 370 29.90 36.97 -20.28
CA GLN A 370 29.44 36.60 -21.63
C GLN A 370 30.50 35.99 -22.54
N GLY A 371 30.06 35.18 -23.49
CA GLY A 371 30.93 34.61 -24.50
C GLY A 371 31.05 33.10 -24.45
N ARG A 372 30.89 32.45 -25.60
CA ARG A 372 31.02 30.99 -25.70
C ARG A 372 32.47 30.55 -25.64
N ILE A 373 32.71 29.34 -25.14
CA ILE A 373 34.06 28.77 -25.16
C ILE A 373 34.32 27.97 -26.43
N LYS A 374 35.46 28.19 -27.06
CA LYS A 374 35.85 27.41 -28.23
C LYS A 374 36.93 26.41 -27.85
N HIS A 375 36.51 25.27 -27.33
CA HIS A 375 37.45 24.26 -26.87
C HIS A 375 38.21 23.65 -28.03
N SER A 376 39.51 23.43 -27.84
CA SER A 376 40.28 22.63 -28.78
C SER A 376 40.54 21.26 -28.17
N LEU A 377 39.66 20.31 -28.48
CA LEU A 377 39.73 18.98 -27.90
C LEU A 377 41.02 18.26 -28.28
N THR A 378 41.80 17.87 -27.27
CA THR A 378 43.01 17.08 -27.50
C THR A 378 42.68 15.61 -27.77
N VAL A 379 43.50 14.95 -28.58
CA VAL A 379 43.26 13.56 -28.98
C VAL A 379 43.37 12.56 -27.83
N THR A 380 44.20 12.88 -26.84
CA THR A 380 44.49 11.94 -25.75
C THR A 380 44.66 12.67 -24.42
N GLY A 381 44.40 11.95 -23.33
CA GLY A 381 44.54 12.52 -22.00
C GLY A 381 44.85 11.45 -20.98
N ALA A 382 44.96 11.84 -19.71
CA ALA A 382 45.25 10.89 -18.65
C ALA A 382 44.12 9.88 -18.41
N THR A 383 42.88 10.33 -18.53
CA THR A 383 41.73 9.45 -18.30
C THR A 383 41.65 8.37 -19.37
N GLU A 384 41.41 7.13 -18.96
CA GLU A 384 41.18 6.05 -19.91
C GLU A 384 39.70 5.71 -19.90
N HIS A 385 39.12 5.56 -21.10
CA HIS A 385 37.72 5.21 -21.20
C HIS A 385 37.53 3.74 -21.58
N ASP A 386 36.39 3.19 -21.19
CA ASP A 386 36.07 1.81 -21.51
C ASP A 386 34.56 1.64 -21.66
N THR A 387 34.12 1.51 -22.90
CA THR A 387 32.71 1.29 -23.24
C THR A 387 31.78 2.35 -22.65
N VAL A 388 32.12 3.62 -22.85
CA VAL A 388 31.28 4.72 -22.40
C VAL A 388 29.94 4.74 -23.14
N ALA A 389 28.87 5.07 -22.43
CA ALA A 389 27.53 5.12 -23.01
C ALA A 389 27.38 6.29 -23.97
N ASP A 390 26.54 6.13 -24.99
CA ASP A 390 26.29 7.19 -25.95
C ASP A 390 25.64 8.39 -25.27
N ILE A 391 26.13 9.59 -25.58
CA ILE A 391 25.61 10.82 -24.98
C ILE A 391 24.67 11.51 -25.94
N VAL A 392 23.37 11.29 -25.79
CA VAL A 392 22.39 11.93 -26.66
C VAL A 392 22.41 13.43 -26.46
N LEU A 393 22.39 14.18 -27.56
CA LEU A 393 22.28 15.63 -27.48
C LEU A 393 20.84 16.05 -27.74
N GLY A 394 20.30 16.88 -26.85
CA GLY A 394 18.92 17.32 -26.99
C GLY A 394 18.79 18.30 -28.14
N GLN A 395 17.60 18.36 -28.72
CA GLN A 395 17.31 19.35 -29.75
C GLN A 395 17.33 20.73 -29.13
N THR A 396 17.91 21.69 -29.86
CA THR A 396 17.96 23.08 -29.38
C THR A 396 17.06 23.97 -30.22
N GLY A 397 16.51 25.00 -29.59
CA GLY A 397 15.65 25.94 -30.29
C GLY A 397 16.43 26.83 -31.23
N GLU A 398 15.75 27.39 -32.22
CA GLU A 398 16.37 28.29 -33.17
C GLU A 398 16.71 29.59 -32.45
N ASP A 399 16.05 29.81 -31.31
CA ASP A 399 16.33 30.96 -30.46
C ASP A 399 17.75 30.92 -29.91
N VAL A 400 18.24 29.72 -29.62
CA VAL A 400 19.59 29.55 -29.07
C VAL A 400 20.63 29.53 -30.18
N ILE A 401 20.35 28.80 -31.24
CA ILE A 401 21.30 28.62 -32.33
C ILE A 401 20.68 28.27 -33.67
N THR A 402 20.84 29.16 -34.64
CA THR A 402 20.44 28.85 -36.01
C THR A 402 21.59 28.24 -36.82
N ILE A 403 21.25 27.38 -37.77
CA ILE A 403 22.27 26.72 -38.59
C ILE A 403 22.06 26.95 -40.09
N SER A 404 22.62 28.05 -40.59
CA SER A 404 22.55 28.39 -42.00
C SER A 404 23.43 27.43 -42.80
N MET A 405 23.12 27.25 -44.08
CA MET A 405 23.87 26.31 -44.88
C MET A 405 25.31 26.75 -45.16
N VAL A 406 25.52 28.05 -45.36
CA VAL A 406 26.79 28.53 -45.91
C VAL A 406 27.29 29.81 -45.27
N GLU A 407 28.51 29.77 -44.73
CA GLU A 407 29.09 30.95 -44.08
C GLU A 407 29.32 32.07 -45.09
N PRO A 408 28.77 33.24 -44.82
CA PRO A 408 28.95 34.46 -45.61
C PRO A 408 30.40 34.93 -45.58
N MET A 409 30.83 35.58 -46.65
CA MET A 409 32.19 36.11 -46.75
C MET A 409 32.47 37.21 -45.73
N SER A 410 33.74 37.35 -45.37
CA SER A 410 34.17 38.47 -44.52
C SER A 410 35.42 39.14 -45.10
N ILE A 411 35.31 39.59 -46.35
CA ILE A 411 36.43 40.23 -47.04
C ILE A 411 36.42 41.76 -46.97
N ALA A 412 37.56 42.35 -47.32
CA ALA A 412 37.68 43.78 -47.55
C ALA A 412 37.00 44.14 -48.88
N VAL A 413 36.61 45.41 -49.01
CA VAL A 413 35.85 45.87 -50.17
C VAL A 413 36.56 45.63 -51.50
N GLU A 414 37.84 45.96 -51.58
CA GLU A 414 38.59 45.81 -52.83
C GLU A 414 38.75 44.34 -53.21
N ASP A 415 38.71 43.48 -52.20
CA ASP A 415 39.07 42.07 -52.37
C ASP A 415 38.11 41.32 -53.28
N MET A 416 36.88 41.79 -53.39
CA MET A 416 35.92 41.15 -54.29
C MET A 416 36.00 41.61 -55.75
N TYR A 417 36.83 42.61 -56.03
CA TYR A 417 36.97 43.07 -57.42
C TYR A 417 38.16 42.43 -58.15
N GLY A 418 38.89 41.58 -57.44
CA GLY A 418 40.09 40.97 -58.01
C GLY A 418 39.77 39.91 -59.04
N TYR A 419 40.74 39.61 -59.89
CA TYR A 419 40.59 38.58 -60.91
C TYR A 419 41.94 37.89 -61.13
N VAL A 420 41.92 36.62 -61.52
CA VAL A 420 43.14 35.95 -61.96
C VAL A 420 42.98 35.61 -63.44
N LEU A 421 44.09 35.40 -64.15
CA LEU A 421 43.95 35.04 -65.56
C LEU A 421 45.03 34.06 -66.03
N ASP A 422 44.58 32.98 -66.68
CA ASP A 422 45.51 32.00 -67.24
C ASP A 422 45.78 32.31 -68.71
N THR A 423 47.01 32.75 -68.99
CA THR A 423 47.46 32.99 -70.35
C THR A 423 47.66 31.68 -71.12
N PRO A 424 47.47 31.71 -72.46
CA PRO A 424 47.70 30.54 -73.33
C PRO A 424 49.14 30.06 -73.32
N THR A 425 49.35 28.75 -73.49
CA THR A 425 50.69 28.18 -73.39
C THR A 425 51.26 27.58 -74.68
N ARG A 426 50.44 26.85 -75.45
CA ARG A 426 50.96 26.12 -76.62
C ARG A 426 50.93 26.91 -77.94
N ASP A 427 51.96 26.71 -78.75
CA ASP A 427 52.16 27.47 -79.98
C ASP A 427 51.43 26.94 -81.21
N ILE A 428 50.79 25.78 -81.08
CA ILE A 428 50.12 25.17 -82.23
C ILE A 428 48.98 24.25 -81.77
N TRP A 429 48.05 23.99 -82.68
CA TRP A 429 46.90 23.15 -82.37
C TRP A 429 46.68 22.06 -83.42
N PRO A 430 47.44 20.95 -83.32
CA PRO A 430 47.40 19.88 -84.32
C PRO A 430 46.01 19.25 -84.40
N ALA A 431 45.60 18.85 -85.60
CA ALA A 431 44.27 18.29 -85.82
C ALA A 431 44.05 16.99 -85.05
N ASP A 432 45.12 16.22 -84.87
CA ASP A 432 45.05 14.97 -84.13
C ASP A 432 44.73 15.25 -82.66
N GLU A 433 45.18 16.39 -82.17
CA GLU A 433 44.83 16.84 -80.82
C GLU A 433 43.40 17.35 -80.79
N GLN A 434 42.98 17.99 -81.87
CA GLN A 434 41.62 18.51 -81.99
C GLN A 434 40.59 17.40 -81.93
N ILE A 435 40.95 16.23 -82.45
CA ILE A 435 40.05 15.08 -82.43
C ILE A 435 39.80 14.61 -80.99
N GLU A 436 40.88 14.44 -80.23
CA GLU A 436 40.79 13.96 -78.87
C GLU A 436 40.08 14.98 -77.97
N GLN A 437 40.45 16.26 -78.13
CA GLN A 437 39.85 17.31 -77.32
C GLN A 437 38.37 17.49 -77.63
N LYS A 438 38.01 17.37 -78.91
CA LYS A 438 36.60 17.46 -79.30
C LYS A 438 35.81 16.29 -78.75
N GLY A 439 36.44 15.11 -78.72
CA GLY A 439 35.75 13.94 -78.21
C GLY A 439 35.52 14.04 -76.72
N ASP A 440 36.52 14.54 -76.00
CA ASP A 440 36.40 14.76 -74.56
C ASP A 440 35.38 15.84 -74.24
N ALA A 441 35.26 16.82 -75.15
CA ALA A 441 34.30 17.91 -74.97
C ALA A 441 32.87 17.44 -75.16
N VAL A 442 32.61 16.73 -76.26
CA VAL A 442 31.27 16.24 -76.53
C VAL A 442 30.87 15.20 -75.48
N ALA A 443 31.85 14.43 -75.02
CA ALA A 443 31.57 13.44 -73.98
C ALA A 443 31.22 14.12 -72.66
N LEU A 444 31.96 15.18 -72.31
CA LEU A 444 31.68 15.91 -71.08
C LEU A 444 30.34 16.63 -71.14
N TYR A 445 29.97 17.07 -72.34
CA TYR A 445 28.73 17.84 -72.49
C TYR A 445 27.51 16.93 -72.46
N ASP A 446 27.59 15.78 -73.13
CA ASP A 446 26.45 14.88 -73.19
C ASP A 446 26.10 14.29 -71.81
N THR A 447 27.11 14.01 -71.00
CA THR A 447 26.89 13.44 -69.67
C THR A 447 26.75 14.49 -68.57
N LYS A 448 26.94 15.75 -68.94
CA LYS A 448 26.97 16.87 -67.99
C LYS A 448 28.11 16.72 -66.96
N THR A 449 28.30 17.77 -66.17
CA THR A 449 29.35 17.80 -65.16
C THR A 449 28.91 17.12 -63.86
N SER A 450 29.82 17.04 -62.89
CA SER A 450 29.54 16.36 -61.62
C SER A 450 28.36 16.94 -60.85
N ARG A 451 27.49 16.06 -60.34
CA ARG A 451 26.33 16.46 -59.57
C ARG A 451 26.71 17.15 -58.26
N ALA A 452 27.82 16.72 -57.66
CA ALA A 452 28.31 17.34 -56.43
C ALA A 452 28.83 18.74 -56.69
N LEU A 453 29.56 18.90 -57.78
CA LEU A 453 30.12 20.19 -58.14
C LEU A 453 28.99 21.14 -58.44
N GLY A 454 27.92 20.61 -59.03
CA GLY A 454 26.76 21.43 -59.34
C GLY A 454 26.03 21.82 -58.08
N MET A 455 25.97 20.89 -57.12
CA MET A 455 25.31 21.17 -55.84
C MET A 455 26.03 22.27 -55.08
N PHE A 456 27.35 22.19 -55.03
CA PHE A 456 28.12 23.25 -54.39
C PHE A 456 28.04 24.55 -55.17
N ASN A 457 27.99 24.45 -56.49
CA ASN A 457 27.94 25.64 -57.33
C ASN A 457 26.64 26.39 -57.11
N ASN A 458 25.59 25.64 -56.81
CA ASN A 458 24.27 26.25 -56.60
C ASN A 458 23.98 26.61 -55.15
N THR A 459 24.66 25.97 -54.21
CA THR A 459 24.43 26.26 -52.80
C THR A 459 25.27 27.44 -52.33
N VAL A 460 26.53 27.47 -52.75
CA VAL A 460 27.41 28.57 -52.40
C VAL A 460 27.32 29.64 -53.49
N ARG A 461 26.15 30.28 -53.56
CA ARG A 461 25.93 31.42 -54.45
C ARG A 461 26.68 32.66 -53.94
N ILE A 462 27.26 33.42 -54.86
CA ILE A 462 28.06 34.59 -54.50
C ILE A 462 27.26 35.74 -53.90
N ASP A 463 26.00 35.89 -54.33
CA ASP A 463 25.19 37.03 -53.93
C ASP A 463 24.96 36.97 -52.43
N ASP A 464 24.55 35.79 -51.97
CA ASP A 464 24.35 35.53 -50.54
C ASP A 464 25.68 35.55 -49.77
N LEU A 465 26.76 35.24 -50.45
CA LEU A 465 28.09 35.30 -49.87
C LEU A 465 28.52 36.73 -49.57
N LEU A 466 28.08 37.66 -50.41
CA LEU A 466 28.49 39.05 -50.28
C LEU A 466 27.41 39.95 -49.65
N SER A 467 26.23 39.39 -49.42
CA SER A 467 25.12 40.18 -48.87
C SER A 467 25.41 40.91 -47.55
N PRO A 468 25.98 40.20 -46.55
CA PRO A 468 26.30 40.92 -45.30
C PRO A 468 27.26 42.08 -45.53
N LEU A 469 28.18 41.94 -46.48
CA LEU A 469 29.15 42.99 -46.76
C LEU A 469 28.48 44.20 -47.40
N LEU A 470 27.71 43.97 -48.46
CA LEU A 470 27.07 45.06 -49.17
C LEU A 470 26.02 45.79 -48.33
N SER A 471 25.32 45.05 -47.47
CA SER A 471 24.29 45.67 -46.64
C SER A 471 24.90 46.61 -45.62
N LEU A 472 26.07 46.24 -45.11
CA LEU A 472 26.77 47.07 -44.14
C LEU A 472 27.20 48.37 -44.78
N VAL A 473 27.61 48.31 -46.03
CA VAL A 473 28.03 49.50 -46.76
C VAL A 473 26.82 50.40 -46.94
N TYR A 474 25.66 49.78 -47.09
CA TYR A 474 24.41 50.50 -47.25
C TYR A 474 23.99 51.09 -45.92
N ARG A 475 24.04 50.28 -44.87
CA ARG A 475 23.61 50.72 -43.54
C ARG A 475 24.47 51.85 -42.97
N THR A 476 25.77 51.85 -43.27
CA THR A 476 26.62 52.96 -42.85
C THR A 476 26.26 54.22 -43.61
N TYR A 477 25.77 54.06 -44.84
CA TYR A 477 25.53 55.21 -45.69
C TYR A 477 24.27 55.95 -45.24
N ILE A 478 23.20 55.20 -45.04
CA ILE A 478 21.92 55.79 -44.69
C ILE A 478 21.93 56.40 -43.30
N LYS A 479 22.80 55.90 -42.44
CA LYS A 479 22.93 56.45 -41.09
C LYS A 479 23.94 57.60 -41.07
N GLY A 480 24.49 57.90 -42.24
CA GLY A 480 25.35 59.06 -42.42
C GLY A 480 26.80 58.86 -42.01
N ASP A 481 27.14 57.64 -41.60
CA ASP A 481 28.49 57.34 -41.13
C ASP A 481 29.59 57.51 -42.20
N THR A 482 29.31 57.12 -43.44
CA THR A 482 30.27 57.32 -44.52
C THR A 482 30.17 58.73 -45.10
N MET A 483 31.29 59.26 -45.57
CA MET A 483 31.34 60.63 -46.09
C MET A 483 32.62 60.95 -46.85
N THR A 484 33.59 60.04 -46.83
CA THR A 484 34.86 60.30 -47.49
C THR A 484 35.41 59.09 -48.24
N MET A 485 35.55 59.25 -49.55
CA MET A 485 36.14 58.25 -50.43
C MET A 485 36.50 58.88 -51.77
N THR A 486 37.45 58.30 -52.48
CA THR A 486 37.82 58.81 -53.80
C THR A 486 36.74 58.49 -54.82
N GLN A 487 36.53 59.38 -55.79
CA GLN A 487 35.70 59.04 -56.94
C GLN A 487 36.42 58.00 -57.79
N GLY A 488 35.67 56.99 -58.25
CA GLY A 488 36.22 55.96 -59.12
C GLY A 488 36.93 54.87 -58.34
N SER A 489 37.01 55.04 -57.04
CA SER A 489 37.62 54.06 -56.15
C SER A 489 36.69 52.86 -55.98
N LEU A 490 37.25 51.72 -55.63
CA LEU A 490 36.44 50.51 -55.44
C LEU A 490 35.44 50.67 -54.31
N ASP A 491 35.74 51.50 -53.31
CA ASP A 491 34.76 51.81 -52.28
C ASP A 491 33.59 52.60 -52.88
N HIS A 492 33.87 53.43 -53.88
CA HIS A 492 32.84 54.21 -54.55
C HIS A 492 31.92 53.31 -55.33
N LEU A 493 32.51 52.44 -56.15
CA LEU A 493 31.74 51.50 -56.95
C LEU A 493 30.96 50.54 -56.06
N THR A 494 31.54 50.17 -54.92
CA THR A 494 30.83 49.29 -53.99
C THR A 494 29.66 50.02 -53.34
N LEU A 495 29.81 51.32 -53.13
CA LEU A 495 28.72 52.12 -52.59
C LEU A 495 27.59 52.20 -53.61
N CYS A 496 27.96 52.38 -54.87
CA CYS A 496 26.97 52.39 -55.95
C CYS A 496 26.28 51.03 -56.10
N ALA A 497 27.01 49.97 -55.81
CA ALA A 497 26.45 48.63 -55.78
C ALA A 497 25.47 48.48 -54.63
N ALA A 498 25.72 49.18 -53.53
CA ALA A 498 24.96 48.97 -52.30
C ALA A 498 23.66 49.77 -52.23
N VAL A 499 23.67 50.97 -52.81
CA VAL A 499 22.58 51.93 -52.61
C VAL A 499 21.94 52.36 -53.94
N ASP A 500 20.62 52.28 -54.02
CA ASP A 500 19.90 52.71 -55.22
C ASP A 500 19.56 54.20 -55.15
N SER A 501 20.56 55.04 -55.38
CA SER A 501 20.37 56.48 -55.49
C SER A 501 21.56 57.12 -56.20
N ASP A 502 21.34 58.29 -56.79
CA ASP A 502 22.45 59.05 -57.35
C ASP A 502 23.35 59.51 -56.22
N ILE A 503 24.66 59.44 -56.44
CA ILE A 503 25.62 59.77 -55.39
C ILE A 503 26.57 60.88 -55.85
N THR A 504 26.14 62.12 -55.64
CA THR A 504 26.95 63.28 -55.97
C THR A 504 28.08 63.48 -54.97
N PHE A 505 29.17 64.09 -55.42
CA PHE A 505 30.27 64.46 -54.54
C PHE A 505 30.33 65.97 -54.32
N VAL A 506 30.48 66.39 -53.07
CA VAL A 506 30.75 67.78 -52.77
C VAL A 506 32.26 67.98 -52.58
N GLY A 507 32.92 68.44 -53.63
CA GLY A 507 34.37 68.45 -53.66
C GLY A 507 34.86 67.11 -54.16
N ASN A 508 36.18 66.97 -54.34
CA ASN A 508 36.75 65.75 -54.90
C ASN A 508 36.61 64.49 -54.05
N ARG A 509 36.49 64.65 -52.73
CA ARG A 509 36.46 63.49 -51.84
C ARG A 509 35.19 63.32 -51.00
N MET A 510 34.65 64.42 -50.49
CA MET A 510 33.45 64.33 -49.66
C MET A 510 32.21 63.91 -50.44
N ILE A 511 31.42 63.01 -49.84
CA ILE A 511 30.14 62.60 -50.39
C ILE A 511 29.06 63.54 -49.87
N ALA A 512 28.09 63.89 -50.70
CA ALA A 512 27.01 64.76 -50.28
C ALA A 512 26.14 64.05 -49.25
N PRO A 513 25.92 64.69 -48.10
CA PRO A 513 25.06 64.15 -47.05
C PRO A 513 23.63 64.03 -47.54
N LEU A 514 22.92 63.01 -47.09
CA LEU A 514 21.54 62.78 -47.53
C LEU A 514 20.63 63.89 -47.03
N PRO A 515 19.67 64.32 -47.86
CA PRO A 515 18.68 65.29 -47.40
C PRO A 515 17.89 64.70 -46.24
N GLU A 516 17.54 65.51 -45.24
CA GLU A 516 16.92 64.98 -44.02
C GLU A 516 15.57 64.32 -44.31
N GLY A 517 15.31 63.20 -43.62
CA GLY A 517 14.05 62.49 -43.77
C GLY A 517 14.03 61.60 -44.99
N TYR A 518 15.16 61.50 -45.68
CA TYR A 518 15.24 60.72 -46.91
C TYR A 518 16.25 59.58 -46.80
N ILE A 519 15.76 58.35 -46.79
CA ILE A 519 16.63 57.17 -46.80
C ILE A 519 16.38 56.30 -48.03
N PRO A 520 17.30 56.37 -49.01
CA PRO A 520 17.17 55.62 -50.26
C PRO A 520 17.21 54.11 -50.01
N LYS A 521 16.44 53.36 -50.79
CA LYS A 521 16.35 51.92 -50.63
C LYS A 521 17.64 51.23 -51.09
N PRO A 522 17.94 50.04 -50.53
CA PRO A 522 19.14 49.32 -50.97
C PRO A 522 19.02 48.94 -52.43
N MET A 523 20.13 48.97 -53.16
CA MET A 523 20.10 48.54 -54.55
C MET A 523 19.76 47.07 -54.61
N HIS A 524 18.95 46.68 -55.59
CA HIS A 524 18.58 45.28 -55.74
C HIS A 524 19.52 44.57 -56.68
N ARG A 525 20.51 43.89 -56.12
CA ARG A 525 21.45 43.14 -56.95
C ARG A 525 20.95 41.72 -57.14
N ASN A 526 20.87 41.31 -58.41
CA ASN A 526 20.68 39.90 -58.73
C ASN A 526 22.04 39.21 -58.65
N ASN A 527 22.04 37.89 -58.73
CA ASN A 527 23.24 37.12 -58.43
C ASN A 527 24.45 37.45 -59.29
N SER A 528 24.21 37.77 -60.56
CA SER A 528 25.31 37.99 -61.50
C SER A 528 25.87 39.41 -61.47
N THR A 529 25.28 40.29 -60.66
CA THR A 529 25.63 41.71 -60.65
C THR A 529 27.06 42.00 -60.20
N MET A 530 27.45 41.40 -59.08
CA MET A 530 28.77 41.65 -58.53
C MET A 530 29.83 41.18 -59.49
N LYS A 531 29.53 40.10 -60.20
CA LYS A 531 30.42 39.58 -61.23
C LYS A 531 30.58 40.59 -62.35
N MET A 532 29.49 41.29 -62.67
CA MET A 532 29.50 42.23 -63.78
C MET A 532 30.35 43.44 -63.45
N LEU A 533 30.18 43.94 -62.23
CA LEU A 533 31.00 45.06 -61.76
C LEU A 533 32.46 44.62 -61.71
N SER A 534 32.67 43.37 -61.32
CA SER A 534 34.00 42.81 -61.18
C SER A 534 34.70 42.73 -62.52
N LEU A 535 33.93 42.45 -63.56
CA LEU A 535 34.46 42.35 -64.92
C LEU A 535 34.66 43.73 -65.53
N TYR A 536 33.86 44.70 -65.07
CA TYR A 536 34.02 46.07 -65.51
C TYR A 536 35.37 46.55 -64.99
N VAL A 537 35.60 46.29 -63.71
CA VAL A 537 36.85 46.65 -63.05
C VAL A 537 37.99 45.93 -63.75
N ALA A 538 37.73 44.68 -64.12
CA ALA A 538 38.74 43.86 -64.76
C ALA A 538 39.13 44.43 -66.12
N LEU A 539 38.16 45.00 -66.82
CA LEU A 539 38.43 45.57 -68.14
C LEU A 539 39.14 46.90 -68.05
N LYS A 540 38.81 47.69 -67.04
CA LYS A 540 39.56 48.91 -66.80
C LYS A 540 41.00 48.58 -66.41
N LYS A 541 41.17 47.45 -65.73
CA LYS A 541 42.48 47.05 -65.23
C LYS A 541 43.37 46.49 -66.32
N LEU A 542 42.77 45.67 -67.19
CA LEU A 542 43.51 45.09 -68.30
C LEU A 542 43.93 46.17 -69.27
N GLU A 543 43.15 47.25 -69.31
CA GLU A 543 43.46 48.42 -70.13
C GLU A 543 44.72 49.15 -69.66
N ASN A 544 45.01 49.07 -68.36
CA ASN A 544 46.03 49.92 -67.77
C ASN A 544 46.84 49.29 -66.64
N PHE A 545 46.15 48.68 -65.68
CA PHE A 545 46.77 47.97 -64.55
C PHE A 545 47.40 48.87 -63.47
N ALA A 546 47.89 50.02 -63.88
CA ALA A 546 48.41 51.00 -62.92
C ALA A 546 47.28 51.83 -62.31
N THR A 547 46.07 51.63 -62.82
CA THR A 547 44.93 52.49 -62.50
C THR A 547 44.53 52.49 -61.03
N ASN A 548 44.17 53.67 -60.54
CA ASN A 548 43.55 53.80 -59.23
C ASN A 548 42.07 54.13 -59.35
N SER A 549 41.72 54.91 -60.37
CA SER A 549 40.33 55.28 -60.61
C SER A 549 39.72 54.44 -61.73
N TYR A 550 38.89 53.48 -61.35
CA TYR A 550 38.12 52.69 -62.31
C TYR A 550 36.93 53.55 -62.70
N LEU A 551 37.03 54.24 -63.82
CA LEU A 551 35.96 55.12 -64.26
C LEU A 551 36.16 55.25 -65.75
N MET A 552 35.08 55.22 -66.51
CA MET A 552 35.18 55.26 -67.97
C MET A 552 35.82 56.58 -68.40
N ALA A 553 36.65 56.52 -69.43
CA ALA A 553 37.16 57.73 -70.04
C ALA A 553 35.97 58.42 -70.68
N PRO A 554 35.99 59.76 -70.72
CA PRO A 554 34.86 60.47 -71.32
C PRO A 554 34.71 60.10 -72.80
N ASP A 555 33.47 60.04 -73.28
CA ASP A 555 33.16 59.62 -74.64
C ASP A 555 33.61 58.18 -74.95
N THR A 556 33.37 57.28 -74.01
CA THR A 556 33.65 55.85 -74.20
C THR A 556 32.47 55.00 -73.75
N SER A 557 32.21 53.94 -74.50
CA SER A 557 31.02 53.13 -74.28
C SER A 557 31.31 51.68 -73.90
N ILE A 558 30.52 51.14 -72.97
CA ILE A 558 30.59 49.73 -72.62
C ILE A 558 29.21 49.11 -72.82
N ILE A 559 29.17 47.85 -73.24
CA ILE A 559 27.89 47.19 -73.46
C ILE A 559 27.81 45.79 -72.86
N LEU A 560 27.29 45.74 -71.64
CA LEU A 560 27.03 44.48 -70.94
C LEU A 560 25.96 43.67 -71.67
N LEU A 561 26.17 42.36 -71.81
CA LEU A 561 25.16 41.49 -72.41
C LEU A 561 24.69 40.48 -71.37
N GLY A 562 23.71 39.66 -71.76
CA GLY A 562 23.18 38.63 -70.88
C GLY A 562 21.84 38.98 -70.28
N ALA A 563 21.11 37.94 -69.86
CA ALA A 563 19.79 38.12 -69.28
C ALA A 563 19.82 38.88 -67.96
N GLU A 564 18.86 39.79 -67.78
CA GLU A 564 18.68 40.51 -66.51
C GLU A 564 19.94 41.25 -66.03
N ARG A 565 20.54 42.04 -66.91
CA ARG A 565 21.73 42.80 -66.56
C ARG A 565 21.43 44.21 -66.07
N GLU A 566 20.15 44.50 -65.85
CA GLU A 566 19.72 45.84 -65.52
C GLU A 566 20.41 46.45 -64.28
N PRO A 567 20.42 45.72 -63.15
CA PRO A 567 21.03 46.35 -61.97
C PRO A 567 22.49 46.77 -62.16
N ALA A 568 23.25 45.96 -62.89
CA ALA A 568 24.67 46.24 -63.09
C ALA A 568 24.85 47.50 -63.93
N VAL A 569 23.95 47.67 -64.89
CA VAL A 569 24.01 48.82 -65.78
C VAL A 569 23.62 50.08 -65.03
N ASN A 570 22.63 49.97 -64.16
CA ASN A 570 22.24 51.12 -63.34
C ASN A 570 23.36 51.51 -62.39
N ILE A 571 24.05 50.51 -61.86
CA ILE A 571 25.17 50.77 -60.95
C ILE A 571 26.33 51.41 -61.67
N LEU A 572 26.63 50.92 -62.87
CA LEU A 572 27.72 51.47 -63.66
C LEU A 572 27.40 52.90 -64.06
N ARG A 573 26.14 53.15 -64.36
CA ARG A 573 25.73 54.48 -64.79
C ARG A 573 25.82 55.48 -63.64
N ARG A 574 25.35 55.07 -62.46
CA ARG A 574 25.40 55.96 -61.31
C ARG A 574 26.83 56.18 -60.86
N PHE A 575 27.66 55.17 -61.10
CA PHE A 575 29.07 55.23 -60.77
C PHE A 575 29.83 56.20 -61.66
N ASN A 576 29.39 56.32 -62.90
CA ASN A 576 30.03 57.19 -63.89
C ASN A 576 29.25 58.47 -64.11
N ARG A 577 28.40 58.82 -63.15
CA ARG A 577 27.49 59.93 -63.31
C ARG A 577 28.23 61.25 -63.52
N ASN A 578 29.40 61.38 -62.89
CA ASN A 578 30.22 62.59 -63.03
C ASN A 578 31.06 62.62 -64.30
N VAL A 579 31.14 61.47 -64.98
CA VAL A 579 31.88 61.38 -66.23
C VAL A 579 30.98 61.76 -67.41
N SER A 580 31.41 62.74 -68.18
CA SER A 580 30.63 63.18 -69.34
C SER A 580 30.59 62.13 -70.45
N ASN A 581 29.45 62.03 -71.11
CA ASN A 581 29.30 61.24 -72.33
C ASN A 581 29.71 59.76 -72.24
N VAL A 582 29.17 59.04 -71.27
CA VAL A 582 29.45 57.60 -71.18
C VAL A 582 28.22 56.72 -71.45
N ARG A 583 28.17 56.13 -72.64
CA ARG A 583 27.15 55.14 -72.94
C ARG A 583 27.40 53.89 -72.12
N ILE A 584 26.34 53.32 -71.54
CA ILE A 584 26.43 52.07 -70.80
C ILE A 584 25.19 51.22 -71.11
N ILE A 585 25.18 50.70 -72.33
CA ILE A 585 24.06 49.89 -72.81
C ILE A 585 24.06 48.49 -72.19
N GLY A 586 22.87 47.90 -72.03
CA GLY A 586 22.75 46.47 -71.77
C GLY A 586 22.01 45.77 -72.91
N MET A 587 22.08 44.44 -72.95
CA MET A 587 21.34 43.65 -73.94
C MET A 587 20.80 42.38 -73.30
N GLY A 588 20.53 41.37 -74.13
CA GLY A 588 20.19 40.04 -73.64
C GLY A 588 18.70 39.76 -73.47
N ASP A 589 18.38 38.48 -73.36
CA ASP A 589 17.00 38.02 -73.15
C ASP A 589 16.49 38.47 -71.79
N ARG A 590 15.18 38.64 -71.67
CA ARG A 590 14.54 39.06 -70.42
C ARG A 590 14.99 40.44 -69.94
N ALA A 591 15.62 41.21 -70.83
CA ALA A 591 16.02 42.57 -70.52
C ALA A 591 14.85 43.51 -70.37
N VAL A 592 14.92 44.38 -69.36
CA VAL A 592 13.94 45.44 -69.16
C VAL A 592 14.62 46.75 -69.54
N GLU A 593 13.84 47.75 -69.93
CA GLU A 593 14.40 49.04 -70.28
C GLU A 593 15.10 49.59 -69.03
N PRO A 594 16.25 50.27 -69.18
CA PRO A 594 17.05 50.63 -70.37
C PRO A 594 17.56 49.49 -71.26
N ASN A 595 17.88 48.33 -70.68
CA ASN A 595 18.47 47.23 -71.45
C ASN A 595 17.56 46.71 -72.57
N ILE A 596 18.08 46.71 -73.79
CA ILE A 596 17.35 46.15 -74.94
C ILE A 596 17.19 44.63 -74.80
N ARG A 597 16.00 44.12 -75.09
CA ARG A 597 15.79 42.69 -75.08
C ARG A 597 16.12 42.10 -76.45
N VAL A 598 17.03 41.12 -76.46
CA VAL A 598 17.46 40.44 -77.68
C VAL A 598 17.81 39.01 -77.33
N ARG A 599 17.96 38.19 -78.37
CA ARG A 599 18.27 36.79 -78.16
C ARG A 599 19.38 36.39 -79.10
N VAL A 600 20.20 35.44 -78.68
CA VAL A 600 21.20 34.83 -79.56
C VAL A 600 20.54 33.79 -80.47
N PRO A 601 20.91 33.76 -81.77
CA PRO A 601 21.76 34.68 -82.52
C PRO A 601 21.17 36.08 -82.61
N PHE A 602 22.02 37.10 -82.59
CA PHE A 602 21.58 38.47 -82.70
C PHE A 602 20.93 38.65 -84.07
N PRO A 603 19.94 39.55 -84.16
CA PRO A 603 19.32 39.79 -85.46
C PRO A 603 20.39 40.26 -86.45
N ILE A 604 20.31 39.79 -87.68
CA ILE A 604 21.38 40.02 -88.63
C ILE A 604 21.54 41.51 -88.97
N ASP A 605 20.44 42.25 -88.90
CA ASP A 605 20.46 43.69 -89.09
C ASP A 605 21.16 44.47 -87.97
N LYS A 606 21.13 43.91 -86.76
CA LYS A 606 21.60 44.63 -85.57
C LYS A 606 23.09 44.92 -85.60
N ASN A 607 23.46 46.10 -85.13
CA ASN A 607 24.85 46.55 -85.23
C ASN A 607 25.36 47.20 -83.95
N ILE A 608 25.60 46.39 -82.93
CA ILE A 608 26.17 46.86 -81.68
C ILE A 608 27.64 47.24 -81.85
N SER A 609 28.09 48.23 -81.08
CA SER A 609 29.48 48.66 -81.14
C SER A 609 29.86 49.44 -79.88
N ALA A 610 31.09 49.24 -79.42
CA ALA A 610 31.57 49.87 -78.19
C ALA A 610 33.08 49.77 -78.06
N ASP A 611 33.66 50.53 -77.13
CA ASP A 611 35.08 50.37 -76.81
C ASP A 611 35.30 49.27 -75.77
N PHE A 612 34.20 48.75 -75.22
CA PHE A 612 34.24 47.66 -74.24
C PHE A 612 33.02 46.78 -74.36
N ILE A 613 33.20 45.49 -74.12
CA ILE A 613 32.11 44.52 -74.19
C ILE A 613 32.27 43.57 -73.03
N ILE A 614 31.16 43.20 -72.40
CA ILE A 614 31.19 42.15 -71.39
C ILE A 614 30.02 41.23 -71.65
N CYS A 615 30.28 40.14 -72.39
CA CYS A 615 29.24 39.15 -72.60
C CYS A 615 29.14 38.20 -71.42
N ASP A 616 27.93 38.02 -70.91
CA ASP A 616 27.69 37.14 -69.78
C ASP A 616 26.49 36.27 -70.11
N ILE A 617 26.24 36.11 -71.41
CA ILE A 617 25.12 35.32 -71.89
C ILE A 617 25.28 33.85 -71.51
N ASN A 618 24.21 33.27 -70.98
CA ASN A 618 24.16 31.83 -70.73
C ASN A 618 23.88 31.04 -72.00
N SER A 619 24.41 29.83 -72.07
CA SER A 619 24.11 28.94 -73.17
C SER A 619 22.69 28.39 -73.00
N TYR A 620 22.04 28.07 -74.11
CA TYR A 620 20.72 27.44 -74.06
C TYR A 620 20.86 26.11 -73.33
N GLU A 621 19.96 25.85 -72.39
CA GLU A 621 20.10 24.72 -71.48
C GLU A 621 20.03 23.35 -72.16
N ASP A 622 19.24 23.24 -73.21
CA ASP A 622 19.03 21.94 -73.86
C ASP A 622 19.17 22.02 -75.37
N GLN A 623 20.33 21.62 -75.88
CA GLN A 623 20.60 21.60 -77.30
C GLN A 623 21.75 20.66 -77.63
N SER A 624 21.85 20.29 -78.90
CA SER A 624 22.96 19.46 -79.36
C SER A 624 24.27 20.21 -79.11
N PHE A 625 25.35 19.49 -78.86
CA PHE A 625 26.62 20.16 -78.58
C PHE A 625 27.06 21.04 -79.74
N GLU A 626 26.78 20.60 -80.97
CA GLU A 626 27.13 21.40 -82.14
C GLU A 626 26.35 22.70 -82.13
N SER A 627 25.17 22.65 -81.55
CA SER A 627 24.31 23.82 -81.44
C SER A 627 24.86 24.84 -80.44
N MET A 628 25.26 24.37 -79.25
CA MET A 628 25.85 25.24 -78.25
C MET A 628 27.18 25.79 -78.76
N PHE A 629 27.87 24.97 -79.56
CA PHE A 629 29.16 25.33 -80.10
C PHE A 629 28.99 26.48 -81.07
N SER A 630 28.08 26.32 -82.03
CA SER A 630 27.87 27.35 -83.05
C SER A 630 27.32 28.60 -82.40
N GLU A 631 26.53 28.42 -81.34
CA GLU A 631 25.94 29.55 -80.63
C GLU A 631 27.00 30.39 -79.94
N THR A 632 27.84 29.73 -79.14
CA THR A 632 28.90 30.43 -78.41
C THR A 632 29.99 30.98 -79.32
N ILE A 633 30.22 30.32 -80.45
CA ILE A 633 31.16 30.84 -81.44
C ILE A 633 30.60 32.11 -82.07
N SER A 634 29.30 32.10 -82.37
CA SER A 634 28.66 33.28 -82.92
C SER A 634 28.69 34.42 -81.91
N VAL A 635 28.57 34.05 -80.64
CA VAL A 635 28.63 35.03 -79.56
C VAL A 635 30.02 35.66 -79.51
N VAL A 636 31.05 34.83 -79.50
CA VAL A 636 32.42 35.32 -79.41
C VAL A 636 32.77 36.18 -80.61
N THR A 637 32.29 35.79 -81.79
CA THR A 637 32.55 36.53 -83.01
C THR A 637 31.89 37.90 -82.95
N THR A 638 30.65 37.91 -82.46
CA THR A 638 29.90 39.15 -82.35
C THR A 638 30.60 40.10 -81.39
N CYS A 639 30.96 39.59 -80.21
CA CYS A 639 31.59 40.41 -79.19
C CYS A 639 32.96 40.91 -79.62
N ALA A 640 33.66 40.10 -80.42
CA ALA A 640 35.01 40.46 -80.86
C ALA A 640 34.96 41.52 -81.94
N SER A 641 34.06 41.38 -82.90
CA SER A 641 33.89 42.40 -83.92
C SER A 641 33.33 43.70 -83.34
N ALA A 642 32.51 43.57 -82.28
CA ALA A 642 31.84 44.72 -81.66
C ALA A 642 32.75 45.69 -80.91
N ALA A 643 33.87 45.20 -80.37
CA ALA A 643 34.67 46.01 -79.46
C ALA A 643 36.16 45.67 -79.48
N THR A 644 36.97 46.68 -79.22
CA THR A 644 38.42 46.50 -79.15
C THR A 644 38.85 45.68 -77.94
N ARG A 645 38.01 45.64 -76.91
CA ARG A 645 38.32 44.89 -75.69
C ARG A 645 37.11 44.16 -75.13
N ALA A 646 36.82 42.99 -75.70
CA ALA A 646 35.75 42.11 -75.23
C ALA A 646 36.14 41.30 -73.98
N LEU A 647 35.13 40.90 -73.22
CA LEU A 647 35.28 39.93 -72.13
C LEU A 647 34.07 39.01 -72.16
N VAL A 648 34.20 37.87 -72.82
CA VAL A 648 33.03 37.01 -73.05
C VAL A 648 33.04 35.75 -72.19
N LYS A 649 31.91 35.41 -71.58
CA LYS A 649 31.81 34.19 -70.80
C LYS A 649 31.85 32.93 -71.66
N ILE A 650 32.54 31.91 -71.17
CA ILE A 650 32.46 30.58 -71.75
C ILE A 650 31.86 29.65 -70.70
N ASN A 651 30.65 29.16 -70.99
CA ASN A 651 29.94 28.24 -70.11
C ASN A 651 30.54 26.84 -70.06
N HIS A 652 31.19 26.44 -71.15
CA HIS A 652 31.75 25.09 -71.24
C HIS A 652 33.19 25.18 -71.73
N PRO A 653 34.11 25.55 -70.84
CA PRO A 653 35.50 25.83 -71.21
C PRO A 653 36.32 24.57 -71.41
N SER A 654 35.92 23.74 -72.37
CA SER A 654 36.72 22.60 -72.78
C SER A 654 37.88 23.10 -73.61
N GLU A 655 38.96 22.33 -73.68
CA GLU A 655 40.12 22.73 -74.45
C GLU A 655 39.70 22.93 -75.90
N TYR A 656 38.77 22.09 -76.34
CA TYR A 656 38.28 22.15 -77.71
C TYR A 656 37.54 23.45 -77.96
N MET A 657 36.71 23.85 -77.00
CA MET A 657 35.89 25.03 -77.16
C MET A 657 36.73 26.30 -77.20
N ILE A 658 37.60 26.46 -76.22
CA ILE A 658 38.41 27.66 -76.12
C ILE A 658 39.41 27.75 -77.26
N ASN A 659 40.03 26.63 -77.61
CA ASN A 659 40.96 26.64 -78.72
C ASN A 659 40.27 26.91 -80.06
N SER A 660 39.08 26.36 -80.24
CA SER A 660 38.32 26.60 -81.46
C SER A 660 37.90 28.06 -81.53
N VAL A 661 37.68 28.66 -80.37
CA VAL A 661 37.42 30.09 -80.30
C VAL A 661 38.64 30.86 -80.80
N ILE A 662 39.83 30.45 -80.35
CA ILE A 662 41.05 31.12 -80.79
C ILE A 662 41.25 30.96 -82.30
N GLU A 663 40.82 29.80 -82.82
CA GLU A 663 40.96 29.52 -84.23
C GLU A 663 40.03 30.42 -85.04
N ARG A 664 38.78 30.51 -84.58
CA ARG A 664 37.77 31.32 -85.26
C ARG A 664 38.20 32.78 -85.24
N LEU A 665 38.78 33.22 -84.13
CA LEU A 665 39.28 34.59 -84.03
C LEU A 665 40.46 34.79 -84.96
N SER A 666 41.26 33.73 -85.14
CA SER A 666 42.42 33.83 -86.01
C SER A 666 42.02 33.99 -87.46
N GLN A 667 40.98 33.27 -87.88
CA GLN A 667 40.50 33.39 -89.24
C GLN A 667 39.59 34.60 -89.43
N LEU A 668 39.15 35.19 -88.32
CA LEU A 668 38.35 36.40 -88.38
C LEU A 668 39.21 37.66 -88.52
N GLY A 669 40.28 37.73 -87.73
CA GLY A 669 41.12 38.91 -87.72
C GLY A 669 42.45 38.78 -88.45
N GLY A 670 42.68 37.63 -89.07
CA GLY A 670 43.96 37.35 -89.71
C GLY A 670 45.01 36.98 -88.68
N VAL A 671 45.61 37.99 -88.06
CA VAL A 671 46.54 37.78 -86.95
C VAL A 671 45.77 37.37 -85.70
N PHE A 672 46.40 36.57 -84.83
CA PHE A 672 45.76 36.14 -83.59
C PHE A 672 45.50 37.28 -82.62
N TYR A 673 44.35 37.22 -81.95
CA TYR A 673 44.05 38.13 -80.84
C TYR A 673 44.82 37.73 -79.59
N HIS A 674 45.09 38.70 -78.71
CA HIS A 674 45.73 38.43 -77.43
C HIS A 674 44.70 38.00 -76.38
N THR A 675 44.28 36.74 -76.45
CA THR A 675 43.33 36.19 -75.49
C THR A 675 43.94 35.83 -74.14
N ALA A 676 43.11 35.85 -73.09
CA ALA A 676 43.52 35.35 -71.77
C ALA A 676 42.32 34.79 -71.01
N LEU A 677 42.51 33.71 -70.26
CA LEU A 677 41.41 33.09 -69.54
C LEU A 677 41.19 33.68 -68.15
N LEU A 678 40.41 34.76 -68.09
CA LEU A 678 40.08 35.43 -66.85
C LEU A 678 39.04 34.69 -65.97
N LYS A 679 39.18 34.88 -64.66
CA LYS A 679 38.25 34.40 -63.66
C LYS A 679 38.22 35.38 -62.48
N THR A 680 37.11 36.10 -62.34
CA THR A 680 36.95 37.12 -61.31
C THR A 680 36.58 36.56 -59.93
N ALA A 681 36.87 37.32 -58.89
CA ALA A 681 36.58 36.93 -57.51
C ALA A 681 35.09 37.03 -57.15
N SER A 682 34.33 37.73 -57.98
CA SER A 682 32.88 37.85 -57.76
C SER A 682 32.05 36.78 -58.48
N GLN A 683 32.71 35.85 -59.15
CA GLN A 683 32.03 34.68 -59.68
C GLN A 683 31.67 33.80 -58.50
N ASN A 684 30.65 32.97 -58.66
CA ASN A 684 30.35 31.98 -57.64
C ASN A 684 31.56 31.06 -57.57
N PRO A 685 32.02 30.77 -56.34
CA PRO A 685 33.34 30.16 -56.13
C PRO A 685 33.52 28.84 -56.85
N TYR A 686 32.46 28.06 -56.97
CA TYR A 686 32.55 26.74 -57.57
C TYR A 686 32.33 26.71 -59.08
N SER A 687 32.01 27.88 -59.65
CA SER A 687 31.68 27.95 -61.07
C SER A 687 32.84 27.51 -61.93
N TYR A 688 32.56 26.66 -62.91
CA TYR A 688 33.57 26.25 -63.88
C TYR A 688 33.49 27.10 -65.14
N GLU A 689 32.49 27.98 -65.19
CA GLU A 689 32.38 28.94 -66.28
C GLU A 689 33.54 29.90 -66.17
N THR A 690 34.13 30.28 -67.31
CA THR A 690 35.29 31.17 -67.24
C THR A 690 35.27 32.20 -68.34
N TYR A 691 35.63 33.43 -68.00
CA TYR A 691 35.65 34.49 -68.99
C TYR A 691 36.89 34.46 -69.85
N ILE A 692 36.77 34.92 -71.08
CA ILE A 692 37.92 35.09 -71.94
C ILE A 692 38.04 36.54 -72.39
N TYR A 693 39.23 37.10 -72.16
CA TYR A 693 39.57 38.46 -72.53
C TYR A 693 40.23 38.48 -73.90
N ILE A 694 39.49 38.98 -74.88
CA ILE A 694 39.94 39.09 -76.25
C ILE A 694 40.33 40.53 -76.59
N THR A 695 41.44 40.71 -77.28
CA THR A 695 41.85 42.04 -77.74
C THR A 695 42.93 41.96 -78.83
N PRO A 696 42.69 42.60 -79.98
CA PRO A 696 43.72 42.69 -81.01
C PRO A 696 44.93 43.48 -80.52
N ILE A 697 46.13 43.08 -80.95
CA ILE A 697 47.36 43.82 -80.62
C ILE A 697 48.29 43.84 -81.83
N ALA A 698 49.16 44.84 -81.88
CA ALA A 698 50.08 45.00 -83.00
C ALA A 698 51.09 43.85 -83.09
N ALA A 699 51.49 43.32 -81.94
CA ALA A 699 52.45 42.21 -81.90
C ALA A 699 51.81 40.91 -82.35
N ALA A 700 52.60 40.06 -83.01
CA ALA A 700 52.12 38.73 -83.38
C ALA A 700 52.24 37.80 -82.18
N VAL A 701 51.12 37.23 -81.75
CA VAL A 701 51.10 36.37 -80.57
C VAL A 701 51.89 35.08 -80.77
N ARG A 702 52.72 34.75 -79.79
CA ARG A 702 53.35 33.44 -79.72
C ARG A 702 52.55 32.63 -78.71
N PHE A 703 52.48 31.32 -78.95
CA PHE A 703 51.65 30.43 -78.14
C PHE A 703 50.21 30.92 -78.00
N PRO A 704 49.49 31.09 -79.12
CA PRO A 704 48.07 31.48 -79.07
C PRO A 704 47.14 30.51 -78.35
N PHE A 705 47.43 29.22 -78.43
CA PHE A 705 46.50 28.19 -77.94
C PHE A 705 46.70 27.76 -76.49
N TYR A 706 45.64 27.21 -75.90
CA TYR A 706 45.68 26.68 -74.55
C TYR A 706 45.85 25.18 -74.53
N SER A 707 46.52 24.68 -73.50
CA SER A 707 46.61 23.24 -73.27
C SER A 707 46.92 22.99 -71.80
N ASN A 708 46.18 22.09 -71.19
CA ASN A 708 46.34 21.77 -69.78
C ASN A 708 46.22 23.01 -68.90
N SER A 709 45.41 23.97 -69.34
CA SER A 709 45.20 25.21 -68.61
C SER A 709 44.35 24.99 -67.36
N ALA A 710 44.59 25.78 -66.32
CA ALA A 710 43.87 25.64 -65.05
C ALA A 710 42.37 25.95 -65.17
N MET A 711 42.06 27.05 -65.87
CA MET A 711 40.67 27.47 -66.03
C MET A 711 39.89 26.43 -66.80
N ILE A 712 40.57 25.81 -67.75
CA ILE A 712 39.97 24.73 -68.51
C ILE A 712 39.84 23.49 -67.64
N ASN A 713 40.87 23.25 -66.84
CA ASN A 713 40.94 22.05 -66.02
C ASN A 713 39.84 21.95 -65.00
N ARG A 714 39.40 23.10 -64.47
CA ARG A 714 38.33 23.04 -63.47
C ARG A 714 37.08 22.42 -64.07
N TYR A 715 36.81 22.73 -65.34
CA TYR A 715 35.66 22.19 -66.03
C TYR A 715 35.91 20.76 -66.45
N MET A 716 37.07 20.53 -67.07
CA MET A 716 37.38 19.24 -67.66
C MET A 716 37.47 18.11 -66.64
N THR A 717 37.91 18.45 -65.43
CA THR A 717 38.08 17.44 -64.39
C THR A 717 36.79 17.13 -63.64
N ALA A 718 35.73 17.89 -63.92
CA ALA A 718 34.43 17.65 -63.30
C ALA A 718 33.64 16.60 -64.09
N VAL A 719 34.25 15.43 -64.28
CA VAL A 719 33.61 14.33 -64.99
C VAL A 719 32.43 13.85 -64.15
N ALA A 720 31.41 13.27 -64.80
CA ALA A 720 30.19 12.89 -64.10
C ALA A 720 30.49 11.91 -62.96
N ASP A 721 29.92 12.21 -61.81
CA ASP A 721 30.29 11.55 -60.56
C ASP A 721 29.77 10.13 -60.37
N ASP A 722 30.54 9.31 -59.66
CA ASP A 722 30.19 7.90 -59.41
C ASP A 722 29.29 7.66 -58.19
N GLU A 723 29.05 8.69 -57.39
CA GLU A 723 28.31 8.51 -56.14
C GLU A 723 27.53 9.77 -55.72
N MET A 724 26.28 9.59 -55.30
CA MET A 724 25.43 10.72 -54.98
C MET A 724 26.07 11.55 -53.86
N PRO A 725 26.17 12.87 -54.04
CA PRO A 725 27.00 13.73 -53.18
C PRO A 725 26.57 13.69 -51.73
N ILE A 726 27.54 13.74 -50.82
CA ILE A 726 27.24 13.69 -49.39
C ILE A 726 26.54 14.95 -48.88
N ILE A 727 25.53 14.73 -48.04
CA ILE A 727 24.75 15.80 -47.45
C ILE A 727 25.09 15.98 -45.98
N PRO A 728 25.52 17.18 -45.59
CA PRO A 728 25.98 17.49 -44.23
C PRO A 728 24.96 17.12 -43.14
N SER A 729 25.20 16.00 -42.48
CA SER A 729 24.34 15.53 -41.39
C SER A 729 24.55 16.32 -40.11
N ILE A 730 23.54 16.35 -39.25
CA ILE A 730 23.70 16.91 -37.90
C ILE A 730 23.48 15.82 -36.86
N HIS A 731 24.57 15.30 -36.33
CA HIS A 731 24.50 14.19 -35.38
C HIS A 731 24.13 14.64 -33.97
N THR A 732 23.44 13.76 -33.25
CA THR A 732 22.97 14.08 -31.91
C THR A 732 23.57 13.14 -30.89
N VAL A 733 23.46 11.84 -31.12
CA VAL A 733 24.14 10.87 -30.28
C VAL A 733 25.65 10.96 -30.48
N ILE A 734 26.40 10.79 -29.40
CA ILE A 734 27.86 10.78 -29.46
C ILE A 734 28.34 9.43 -28.97
N LYS A 735 28.47 8.48 -29.90
CA LYS A 735 28.93 7.14 -29.54
C LYS A 735 30.38 7.18 -29.05
N GLY A 736 30.71 6.29 -28.12
CA GLY A 736 32.05 6.21 -27.59
C GLY A 736 33.01 5.49 -28.51
N HIS A 737 33.89 6.26 -29.17
CA HIS A 737 34.93 5.71 -30.03
C HIS A 737 34.38 4.80 -31.16
N SER A 738 33.22 5.15 -31.70
CA SER A 738 32.68 4.45 -32.86
C SER A 738 33.01 5.22 -34.13
N ASN A 739 33.60 4.54 -35.11
CA ASN A 739 34.09 5.20 -36.32
C ASN A 739 33.02 5.82 -37.23
N THR A 740 31.82 5.27 -37.18
CA THR A 740 30.79 5.59 -38.17
C THR A 740 30.09 6.94 -37.98
N TYR A 741 30.57 7.95 -38.72
CA TYR A 741 29.90 9.25 -38.77
C TYR A 741 30.08 9.87 -40.16
N SER A 742 28.96 10.10 -40.84
CA SER A 742 28.98 10.83 -42.09
C SER A 742 29.35 12.27 -41.76
N PRO A 743 30.05 12.96 -42.69
CA PRO A 743 30.56 14.30 -42.36
C PRO A 743 29.44 15.27 -42.01
N GLY A 744 29.69 16.15 -41.06
CA GLY A 744 28.67 17.09 -40.63
C GLY A 744 28.98 17.84 -39.34
N LEU A 745 28.06 17.76 -38.38
CA LEU A 745 28.17 18.53 -37.15
C LEU A 745 27.53 17.83 -35.97
N PHE A 746 27.85 18.31 -34.77
CA PHE A 746 27.31 17.76 -33.55
C PHE A 746 26.56 18.83 -32.74
N CYS A 747 25.66 19.56 -33.39
CA CYS A 747 24.83 20.53 -32.68
C CYS A 747 23.87 19.81 -31.72
N GLY A 748 23.64 20.42 -30.57
CA GLY A 748 22.79 19.82 -29.55
C GLY A 748 23.15 20.33 -28.17
N CYS A 749 22.51 19.78 -27.13
CA CYS A 749 22.78 20.22 -25.77
C CYS A 749 22.70 19.06 -24.79
N VAL A 750 23.24 19.27 -23.59
CA VAL A 750 23.30 18.20 -22.60
C VAL A 750 23.47 18.82 -21.21
N ASP A 751 23.11 18.12 -20.14
CA ASP A 751 23.27 18.68 -18.78
C ASP A 751 24.74 19.02 -18.50
N VAL A 752 24.97 20.06 -17.70
CA VAL A 752 26.32 20.56 -17.48
C VAL A 752 27.24 19.50 -16.90
N GLN A 753 26.70 18.63 -16.05
CA GLN A 753 27.49 17.56 -15.44
C GLN A 753 27.94 16.53 -16.48
N SER A 754 27.13 16.34 -17.51
CA SER A 754 27.46 15.44 -18.61
C SER A 754 28.31 16.09 -19.71
N ALA A 755 28.51 17.41 -19.62
CA ALA A 755 29.36 18.13 -20.56
C ALA A 755 30.81 17.63 -20.68
N PRO A 756 31.49 17.39 -19.53
CA PRO A 756 32.84 16.83 -19.64
C PRO A 756 32.88 15.50 -20.38
N LEU A 757 31.83 14.69 -20.23
CA LEU A 757 31.78 13.41 -20.92
C LEU A 757 31.60 13.61 -22.42
N ALA A 758 30.74 14.56 -22.77
CA ALA A 758 30.46 14.83 -24.18
C ALA A 758 31.67 15.38 -24.90
N LEU A 759 32.43 16.25 -24.24
CA LEU A 759 33.63 16.80 -24.84
C LEU A 759 34.71 15.73 -24.97
N SER A 760 34.74 14.84 -23.99
CA SER A 760 35.74 13.78 -23.96
C SER A 760 35.47 12.73 -25.03
N GLN A 761 34.20 12.61 -25.44
CA GLN A 761 33.86 11.70 -26.51
C GLN A 761 33.85 12.38 -27.86
N LEU A 762 33.63 13.69 -27.85
CA LEU A 762 33.60 14.49 -29.06
C LEU A 762 34.96 14.51 -29.74
N LYS A 763 36.02 14.37 -28.94
CA LYS A 763 37.39 14.52 -29.44
C LYS A 763 37.78 13.42 -30.41
N SER A 764 37.01 12.34 -30.40
CA SER A 764 37.22 11.24 -31.33
C SER A 764 36.97 11.68 -32.77
N TYR A 765 36.10 12.67 -32.94
CA TYR A 765 35.70 13.08 -34.28
C TYR A 765 35.99 14.54 -34.57
N CYS A 766 36.04 15.35 -33.53
CA CYS A 766 36.09 16.79 -33.69
C CYS A 766 37.39 17.37 -33.12
N SER A 767 38.09 18.11 -33.96
CA SER A 767 39.31 18.79 -33.53
C SER A 767 38.98 19.83 -32.46
N GLU A 768 37.80 20.43 -32.57
CA GLU A 768 37.38 21.47 -31.65
C GLU A 768 35.85 21.54 -31.54
N ALA A 769 35.36 21.81 -30.34
CA ALA A 769 33.92 21.92 -30.11
C ALA A 769 33.59 23.14 -29.28
N THR A 770 32.77 24.04 -29.83
CA THR A 770 32.34 25.21 -29.09
C THR A 770 31.14 24.90 -28.19
N THR A 771 31.17 25.43 -26.97
CA THR A 771 30.11 25.17 -25.99
C THR A 771 29.73 26.44 -25.24
N TRP A 772 28.49 26.48 -24.77
CA TRP A 772 28.04 27.56 -23.91
C TRP A 772 26.73 27.19 -23.19
N ARG A 773 26.40 27.97 -22.16
CA ARG A 773 25.10 27.88 -21.52
C ARG A 773 24.36 29.20 -21.76
N VAL A 774 23.06 29.13 -21.98
CA VAL A 774 22.28 30.34 -22.23
C VAL A 774 22.26 31.28 -21.01
N ASP A 775 22.24 30.71 -19.81
CA ASP A 775 22.11 31.49 -18.58
C ASP A 775 22.58 30.66 -17.41
N SER A 776 22.78 31.32 -16.27
CA SER A 776 23.14 30.62 -15.04
C SER A 776 21.99 29.74 -14.56
N ASP A 777 20.77 30.06 -15.02
CA ASP A 777 19.59 29.29 -14.65
C ASP A 777 19.55 27.93 -15.35
N ASP A 778 19.86 27.93 -16.64
CA ASP A 778 19.81 26.69 -17.43
C ASP A 778 20.86 25.68 -17.01
N ASN A 779 20.45 24.42 -16.88
CA ASN A 779 21.36 23.34 -16.56
C ASN A 779 22.01 22.73 -17.81
N LEU A 780 21.50 23.11 -18.98
CA LEU A 780 22.02 22.59 -20.24
C LEU A 780 23.19 23.40 -20.80
N VAL A 781 24.11 22.70 -21.44
CA VAL A 781 25.19 23.28 -22.23
C VAL A 781 24.91 22.91 -23.66
N ASN A 782 24.69 23.91 -24.50
CA ASN A 782 24.65 23.70 -25.94
C ASN A 782 26.06 23.53 -26.47
N ILE A 783 26.20 22.65 -27.46
CA ILE A 783 27.50 22.29 -28.03
C ILE A 783 27.38 22.19 -29.55
N ILE A 784 28.37 22.74 -30.26
CA ILE A 784 28.50 22.54 -31.69
C ILE A 784 29.88 21.98 -31.93
N ALA A 785 29.99 21.08 -32.90
CA ALA A 785 31.27 20.46 -33.19
C ALA A 785 31.33 19.95 -34.62
N ARG A 786 32.09 20.64 -35.46
CA ARG A 786 32.35 20.18 -36.81
C ARG A 786 33.10 18.86 -36.74
N ILE A 787 32.74 17.92 -37.61
CA ILE A 787 33.45 16.65 -37.68
C ILE A 787 34.62 16.77 -38.66
N ASP A 788 35.85 16.79 -38.13
CA ASP A 788 37.02 16.83 -39.01
C ASP A 788 37.61 15.45 -39.27
N PRO A 789 37.67 15.05 -40.54
CA PRO A 789 38.16 13.75 -40.96
C PRO A 789 39.59 13.48 -40.51
N ALA A 790 40.41 14.53 -40.40
CA ALA A 790 41.79 14.36 -39.98
C ALA A 790 41.87 13.82 -38.56
N ARG A 791 41.02 14.33 -37.69
CA ARG A 791 40.96 13.86 -36.32
C ARG A 791 40.55 12.40 -36.29
N ILE A 792 39.62 12.04 -37.17
CA ILE A 792 39.18 10.65 -37.25
C ILE A 792 40.33 9.77 -37.72
N ALA A 793 41.15 10.33 -38.61
CA ALA A 793 42.31 9.63 -39.13
C ALA A 793 43.38 9.43 -38.05
N LEU A 794 43.37 10.30 -37.05
CA LEU A 794 44.27 10.13 -35.91
C LEU A 794 43.72 9.20 -34.83
N GLU A 795 42.44 9.36 -34.51
CA GLU A 795 41.87 8.77 -33.31
C GLU A 795 41.47 7.32 -33.49
N PHE A 796 41.51 6.83 -34.72
CA PHE A 796 41.10 5.45 -34.97
C PHE A 796 42.24 4.53 -35.41
N ARG A 797 43.46 5.04 -35.30
CA ARG A 797 44.65 4.23 -35.59
C ARG A 797 44.79 3.09 -34.60
N THR A 798 44.26 3.27 -33.39
CA THR A 798 44.31 2.24 -32.36
C THR A 798 42.99 2.20 -31.62
N ARG A 799 42.73 1.09 -30.92
CA ARG A 799 41.49 0.93 -30.18
C ARG A 799 41.49 1.71 -28.87
N SER A 800 42.66 2.22 -28.49
CA SER A 800 42.81 2.98 -27.25
C SER A 800 41.98 4.26 -27.28
N ASN A 801 41.38 4.59 -26.13
CA ASN A 801 40.52 5.76 -26.02
C ASN A 801 40.79 6.52 -24.72
N THR A 802 41.38 7.71 -24.86
CA THR A 802 41.77 8.52 -23.70
C THR A 802 41.48 9.99 -23.97
N SER A 803 41.25 10.76 -22.90
CA SER A 803 40.85 12.15 -23.05
C SER A 803 41.17 12.97 -21.82
N ALA A 804 41.16 14.29 -21.97
CA ALA A 804 41.43 15.19 -20.85
C ALA A 804 40.16 15.43 -20.06
N TYR A 805 39.48 14.33 -19.70
CA TYR A 805 38.19 14.39 -19.05
C TYR A 805 38.28 15.07 -17.68
N HIS A 806 39.38 14.83 -16.98
CA HIS A 806 39.61 15.44 -15.68
C HIS A 806 39.80 16.95 -15.81
N GLU A 807 40.31 17.39 -16.96
CA GLU A 807 40.46 18.82 -17.23
C GLU A 807 39.11 19.43 -17.59
N TYR A 808 38.31 18.67 -18.34
CA TYR A 808 36.99 19.15 -18.73
C TYR A 808 36.06 19.26 -17.54
N GLN A 809 36.28 18.43 -16.52
CA GLN A 809 35.47 18.51 -15.30
C GLN A 809 35.67 19.83 -14.58
N ARG A 810 36.84 20.44 -14.77
CA ARG A 810 37.16 21.73 -14.15
C ARG A 810 36.26 22.85 -14.65
N TYR A 811 35.76 22.70 -15.88
CA TYR A 811 34.84 23.66 -16.48
C TYR A 811 33.45 23.73 -15.82
N VAL A 812 32.97 22.61 -15.31
CA VAL A 812 31.62 22.55 -14.77
C VAL A 812 31.47 23.23 -13.41
N PRO A 813 30.47 24.11 -13.26
CA PRO A 813 29.50 24.51 -14.30
C PRO A 813 29.78 25.83 -15.00
N ASN A 814 30.56 26.71 -14.37
CA ASN A 814 30.77 28.04 -14.91
C ASN A 814 31.90 28.22 -15.93
N GLY A 815 32.66 27.17 -16.20
CA GLY A 815 33.75 27.25 -17.16
C GLY A 815 33.37 27.09 -18.62
N LEU A 816 32.30 26.35 -18.89
CA LEU A 816 31.71 26.33 -20.22
C LEU A 816 31.01 27.66 -20.32
N GLY A 817 30.92 28.21 -21.53
CA GLY A 817 30.64 29.63 -21.65
C GLY A 817 29.20 30.04 -21.44
N PHE A 818 28.94 31.34 -21.53
CA PHE A 818 27.60 31.86 -21.45
C PHE A 818 27.33 32.77 -22.63
N LYS A 819 26.14 32.66 -23.21
CA LYS A 819 25.72 33.56 -24.27
C LYS A 819 24.19 33.57 -24.36
N VAL A 820 23.58 34.65 -23.91
CA VAL A 820 22.13 34.84 -24.07
C VAL A 820 21.71 35.01 -25.53
N ARG A 821 22.57 35.63 -26.33
CA ARG A 821 22.24 35.97 -27.72
C ARG A 821 22.25 34.76 -28.65
N LYS A 822 21.43 34.83 -29.69
CA LYS A 822 21.38 33.77 -30.70
C LYS A 822 22.70 33.69 -31.47
N THR A 823 23.16 32.47 -31.70
CA THR A 823 24.38 32.26 -32.46
C THR A 823 24.05 31.54 -33.76
N ARG A 824 24.66 31.93 -34.86
CA ARG A 824 24.50 31.18 -36.10
C ARG A 824 25.77 30.44 -36.48
N GLU A 825 25.61 29.18 -36.82
CA GLU A 825 26.71 28.38 -37.36
C GLU A 825 26.33 27.91 -38.75
N PHE A 826 27.27 27.29 -39.44
CA PHE A 826 27.06 26.94 -40.83
C PHE A 826 27.51 25.53 -41.13
N ARG A 827 26.75 24.86 -41.99
CA ARG A 827 27.12 23.54 -42.47
C ARG A 827 28.37 23.64 -43.32
N TYR A 828 28.62 24.84 -43.87
CA TYR A 828 29.84 25.07 -44.66
C TYR A 828 30.63 26.30 -44.23
N MET A 829 31.64 26.07 -43.39
CA MET A 829 32.50 27.14 -42.90
C MET A 829 33.58 27.57 -43.90
N HIS A 830 33.96 28.84 -43.82
CA HIS A 830 35.08 29.38 -44.59
C HIS A 830 36.42 28.88 -44.07
N ARG A 831 37.34 28.60 -44.99
CA ARG A 831 38.74 28.31 -44.66
C ARG A 831 39.62 28.99 -45.69
N GLU A 832 40.89 29.21 -45.35
CA GLU A 832 41.82 29.83 -46.28
C GLU A 832 41.99 28.93 -47.50
N VAL A 833 42.22 29.56 -48.65
CA VAL A 833 42.32 28.83 -49.92
C VAL A 833 43.45 27.81 -49.87
N THR A 834 44.52 28.17 -49.17
CA THR A 834 45.69 27.33 -49.09
C THR A 834 45.40 26.05 -48.30
N PHE A 835 44.58 26.18 -47.27
CA PHE A 835 44.20 25.03 -46.44
C PHE A 835 43.35 24.07 -47.25
N ILE A 836 42.43 24.64 -48.02
CA ILE A 836 41.55 23.86 -48.88
C ILE A 836 42.39 23.13 -49.93
N HIS A 837 43.41 23.81 -50.43
CA HIS A 837 44.28 23.23 -51.43
C HIS A 837 45.07 22.07 -50.84
N LYS A 838 45.51 22.25 -49.60
CA LYS A 838 46.28 21.21 -48.93
C LYS A 838 45.40 19.99 -48.74
N LEU A 839 44.11 20.23 -48.47
CA LEU A 839 43.17 19.13 -48.33
C LEU A 839 42.96 18.45 -49.68
N MET A 840 43.03 19.22 -50.75
CA MET A 840 42.89 18.67 -52.09
C MET A 840 44.06 17.76 -52.41
N MET A 841 45.25 18.16 -51.97
CA MET A 841 46.44 17.34 -52.17
C MET A 841 46.31 16.07 -51.35
N TYR A 842 45.86 16.22 -50.12
CA TYR A 842 45.75 15.08 -49.22
C TYR A 842 44.74 14.07 -49.73
N ALA A 843 43.69 14.55 -50.39
CA ALA A 843 42.70 13.65 -50.97
C ALA A 843 43.25 12.99 -52.24
N LEU A 844 43.99 13.78 -53.02
CA LEU A 844 44.57 13.30 -54.27
C LEU A 844 45.55 12.17 -53.96
N ILE A 845 46.24 12.29 -52.84
CA ILE A 845 47.24 11.30 -52.45
C ILE A 845 46.58 10.14 -51.72
N ARG A 846 45.58 10.42 -50.90
CA ARG A 846 44.89 9.36 -50.15
C ARG A 846 44.18 8.41 -51.09
N GLU A 847 43.64 8.95 -52.20
CA GLU A 847 42.95 8.09 -53.16
C GLU A 847 43.89 7.10 -53.80
N GLN A 848 45.16 7.49 -53.93
CA GLN A 848 46.18 6.63 -54.53
C GLN A 848 46.82 5.67 -53.53
N ILE A 849 47.04 6.14 -52.31
CA ILE A 849 47.70 5.35 -51.29
C ILE A 849 46.84 4.14 -50.90
N SER A 850 45.53 4.29 -50.99
CA SER A 850 44.63 3.16 -50.75
C SER A 850 44.77 2.11 -51.84
N LEU A 851 45.17 2.53 -53.03
CA LEU A 851 45.28 1.64 -54.17
C LEU A 851 46.54 0.78 -54.16
N THR A 852 47.67 1.40 -53.80
CA THR A 852 48.96 0.72 -53.86
C THR A 852 49.10 -0.45 -52.87
N GLU A 853 49.71 -1.53 -53.33
CA GLU A 853 49.84 -2.76 -52.54
C GLU A 853 51.19 -2.93 -51.84
N ASN A 854 51.18 -3.66 -50.74
CA ASN A 854 52.41 -4.02 -50.00
C ASN A 854 53.23 -2.84 -49.49
N MET A 855 52.55 -1.84 -48.95
CA MET A 855 53.25 -0.67 -48.41
C MET A 855 53.22 -0.71 -46.88
N THR A 856 54.36 -1.04 -46.28
CA THR A 856 54.44 -1.20 -44.83
C THR A 856 54.25 0.08 -44.01
N GLN A 857 54.65 1.23 -44.57
CA GLN A 857 54.58 2.49 -43.82
C GLN A 857 54.48 3.75 -44.69
N VAL A 858 53.83 4.77 -44.15
CA VAL A 858 53.83 6.09 -44.76
C VAL A 858 54.73 7.01 -43.94
N VAL A 859 55.60 7.75 -44.61
CA VAL A 859 56.56 8.59 -43.91
C VAL A 859 56.44 10.05 -44.35
N SER A 860 55.85 10.89 -43.50
CA SER A 860 55.79 12.31 -43.79
C SER A 860 57.06 13.02 -43.34
N ILE A 861 57.59 13.85 -44.23
CA ILE A 861 58.82 14.59 -43.97
C ILE A 861 58.49 16.08 -43.85
N GLY A 862 58.63 16.62 -42.64
CA GLY A 862 58.39 18.03 -42.41
C GLY A 862 56.92 18.37 -42.31
N GLY A 863 56.08 17.35 -42.22
CA GLY A 863 54.65 17.54 -42.06
C GLY A 863 54.33 17.82 -40.60
N ARG A 864 54.34 19.09 -40.23
CA ARG A 864 54.19 19.50 -38.83
C ARG A 864 52.82 19.13 -38.27
N ASN A 865 52.79 18.82 -36.99
CA ASN A 865 51.55 18.53 -36.27
C ASN A 865 50.73 17.43 -36.93
N LEU A 866 51.42 16.44 -37.49
CA LEU A 866 50.78 15.32 -38.19
C LEU A 866 49.85 15.79 -39.30
N ALA A 867 50.23 16.88 -39.97
CA ALA A 867 49.35 17.51 -40.95
C ALA A 867 48.97 16.56 -42.08
N ASP A 868 49.89 15.66 -42.42
CA ASP A 868 49.70 14.75 -43.53
C ASP A 868 48.90 13.50 -43.15
N ILE A 869 48.53 13.38 -41.87
CA ILE A 869 48.00 12.11 -41.36
C ILE A 869 46.68 11.68 -42.01
N SER A 870 45.93 12.61 -42.58
CA SER A 870 44.66 12.26 -43.20
C SER A 870 44.87 11.28 -44.36
N VAL A 871 46.01 11.41 -45.02
CA VAL A 871 46.36 10.55 -46.16
C VAL A 871 46.59 9.08 -45.79
N VAL A 872 47.16 8.83 -44.62
CA VAL A 872 47.52 7.46 -44.24
C VAL A 872 46.34 6.66 -43.69
N PRO A 873 46.09 5.47 -44.27
CA PRO A 873 45.06 4.53 -43.81
C PRO A 873 45.35 4.03 -42.40
N LEU A 874 44.32 3.77 -41.62
CA LEU A 874 44.46 3.58 -40.18
C LEU A 874 45.34 2.40 -39.76
N ASN A 875 45.35 1.33 -40.55
CA ASN A 875 46.18 0.17 -40.24
C ASN A 875 47.68 0.36 -40.49
N MET A 876 48.02 1.09 -41.54
CA MET A 876 49.43 1.34 -41.89
C MET A 876 50.14 2.24 -40.89
N LYS A 877 51.39 1.90 -40.56
CA LYS A 877 52.17 2.71 -39.62
C LYS A 877 52.64 4.04 -40.23
N TYR A 878 52.72 5.07 -39.39
CA TYR A 878 52.96 6.43 -39.84
C TYR A 878 54.14 7.04 -39.12
N VAL A 879 55.19 7.33 -39.88
CA VAL A 879 56.40 7.94 -39.35
C VAL A 879 56.45 9.42 -39.70
N VAL A 880 56.85 10.26 -38.76
CA VAL A 880 57.01 11.68 -39.02
C VAL A 880 58.46 12.10 -38.79
N ILE A 881 58.97 12.98 -39.65
CA ILE A 881 60.36 13.42 -39.51
C ILE A 881 60.47 14.94 -39.55
N ASP A 882 60.10 15.59 -38.45
CA ASP A 882 60.19 17.04 -38.36
C ASP A 882 60.61 17.48 -36.96
N PRO A 883 61.67 18.30 -36.86
CA PRO A 883 62.17 18.81 -35.58
C PRO A 883 61.11 19.60 -34.82
N ALA A 884 60.26 20.30 -35.56
CA ALA A 884 59.26 21.18 -34.95
C ALA A 884 58.20 20.41 -34.15
N THR A 885 57.86 19.22 -34.60
CA THR A 885 56.84 18.41 -33.92
C THR A 885 57.35 17.92 -32.56
N ARG A 886 56.48 18.00 -31.56
CA ARG A 886 56.80 17.52 -30.22
C ARG A 886 55.70 16.59 -29.74
N ILE A 887 56.07 15.36 -29.38
CA ILE A 887 55.09 14.41 -28.89
C ILE A 887 55.66 13.60 -27.73
N GLU A 888 54.83 13.36 -26.72
CA GLU A 888 55.17 12.42 -25.66
C GLU A 888 55.25 11.04 -26.30
N THR A 889 56.19 10.22 -25.84
CA THR A 889 56.37 8.88 -26.41
C THR A 889 55.13 8.02 -26.21
N LEU A 890 54.46 8.24 -25.08
CA LEU A 890 53.26 7.49 -24.76
C LEU A 890 52.11 7.82 -25.72
N THR A 891 52.14 9.02 -26.30
CA THR A 891 51.11 9.44 -27.24
C THR A 891 51.30 8.77 -28.61
N GLN A 892 52.55 8.76 -29.08
CA GLN A 892 52.87 8.11 -30.33
C GLN A 892 52.61 6.62 -30.17
N GLU A 893 52.87 6.11 -28.98
CA GLU A 893 52.61 4.71 -28.68
C GLU A 893 51.11 4.44 -28.69
N LYS A 894 50.36 5.41 -28.18
CA LYS A 894 48.90 5.31 -28.12
C LYS A 894 48.26 5.32 -29.49
N LYS A 895 48.85 6.04 -30.44
CA LYS A 895 48.23 6.19 -31.76
C LYS A 895 48.98 5.54 -32.93
N ASN A 896 49.99 4.73 -32.62
CA ASN A 896 50.82 4.06 -33.63
C ASN A 896 51.59 5.02 -34.56
N ILE A 897 51.76 6.26 -34.13
CA ILE A 897 52.67 7.21 -34.77
C ILE A 897 54.12 6.92 -34.35
N GLU A 898 55.08 7.30 -35.18
CA GLU A 898 56.49 7.21 -34.81
C GLU A 898 57.20 8.49 -35.23
N VAL A 899 57.32 9.44 -34.32
CA VAL A 899 57.99 10.71 -34.61
C VAL A 899 59.50 10.65 -34.38
N GLN A 900 60.26 11.23 -35.30
CA GLN A 900 61.69 11.37 -35.14
C GLN A 900 62.06 12.84 -35.14
N SER A 901 62.29 13.40 -33.96
CA SER A 901 62.51 14.84 -33.83
C SER A 901 63.91 15.26 -34.27
N ARG A 902 64.24 14.96 -35.52
CA ARG A 902 65.48 15.37 -36.12
C ARG A 902 65.17 15.93 -37.50
N PRO A 903 65.99 16.89 -37.98
CA PRO A 903 65.78 17.35 -39.36
C PRO A 903 65.99 16.22 -40.35
N PHE A 904 65.20 16.18 -41.41
CA PHE A 904 65.43 15.20 -42.46
C PHE A 904 66.71 15.56 -43.18
N GLN A 905 67.54 14.57 -43.47
CA GLN A 905 68.81 14.83 -44.12
C GLN A 905 68.68 14.64 -45.63
N PHE A 906 68.82 15.73 -46.37
CA PHE A 906 68.59 15.71 -47.80
C PHE A 906 69.78 15.24 -48.64
N ASP A 907 70.92 14.98 -48.00
CA ASP A 907 72.05 14.39 -48.72
C ASP A 907 71.70 12.99 -49.22
N ALA A 908 72.08 12.69 -50.46
CA ALA A 908 71.65 11.45 -51.11
C ALA A 908 72.21 10.17 -50.49
N ALA A 909 73.40 10.24 -49.93
CA ALA A 909 74.07 9.04 -49.42
C ALA A 909 73.53 8.56 -48.08
N ASN A 910 73.40 9.48 -47.13
CA ASN A 910 72.94 9.14 -45.79
C ASN A 910 71.42 9.05 -45.65
N MET A 911 70.71 9.43 -46.71
CA MET A 911 69.25 9.36 -46.70
C MET A 911 68.80 7.91 -46.79
N ASP A 912 68.59 7.29 -45.64
CA ASP A 912 68.25 5.87 -45.59
C ASP A 912 66.76 5.63 -45.84
N LEU A 913 66.37 5.66 -47.11
CA LEU A 913 64.98 5.37 -47.47
C LEU A 913 64.70 3.87 -47.41
N GLU A 914 63.68 3.49 -46.65
CA GLU A 914 63.26 2.10 -46.54
C GLU A 914 62.47 1.62 -47.76
N ASN A 915 62.53 0.32 -48.03
CA ASN A 915 61.70 -0.28 -49.06
C ASN A 915 60.24 -0.39 -48.63
N ASN A 916 59.33 -0.43 -49.61
CA ASN A 916 57.91 -0.58 -49.36
C ASN A 916 57.32 0.53 -48.50
N SER A 917 57.74 1.77 -48.76
CA SER A 917 57.28 2.91 -47.98
C SER A 917 56.75 4.02 -48.89
N ILE A 918 55.93 4.91 -48.34
CA ILE A 918 55.41 6.04 -49.09
C ILE A 918 55.85 7.36 -48.46
N TYR A 919 56.90 7.94 -49.00
CA TYR A 919 57.41 9.21 -48.51
C TYR A 919 56.57 10.41 -48.97
N LEU A 920 56.49 11.42 -48.11
CA LEU A 920 55.60 12.54 -48.33
C LEU A 920 56.32 13.86 -48.08
N PHE A 921 56.58 14.59 -49.15
CA PHE A 921 57.27 15.87 -49.04
C PHE A 921 56.34 17.00 -49.45
N ILE A 922 55.08 16.90 -49.02
CA ILE A 922 54.07 17.87 -49.40
C ILE A 922 54.33 19.23 -48.78
N ALA A 923 54.58 20.22 -49.63
CA ALA A 923 54.83 21.60 -49.22
C ALA A 923 55.94 21.77 -48.19
N VAL A 924 57.05 21.06 -48.38
CA VAL A 924 58.17 21.18 -47.43
C VAL A 924 59.50 21.58 -48.08
N ILE A 925 59.73 21.20 -49.33
CA ILE A 925 61.02 21.45 -49.96
C ILE A 925 61.30 22.93 -50.24
N MET A 926 60.23 23.72 -50.35
CA MET A 926 60.38 25.14 -50.64
C MET A 926 61.02 25.88 -49.47
N ASN A 927 60.87 25.32 -48.28
CA ASN A 927 61.33 25.98 -47.07
C ASN A 927 62.43 25.22 -46.32
N GLU A 928 63.33 25.96 -45.71
CA GLU A 928 64.33 25.42 -44.81
C GLU A 928 63.61 25.00 -43.52
N PRO A 929 64.22 24.09 -42.74
CA PRO A 929 63.57 23.61 -41.52
C PRO A 929 63.21 24.74 -40.54
N ASN A 930 64.02 25.79 -40.52
CA ASN A 930 63.74 26.95 -39.69
C ASN A 930 62.69 27.87 -40.33
N GLY A 931 62.32 27.57 -41.57
CA GLY A 931 61.25 28.27 -42.25
C GLY A 931 61.67 29.25 -43.33
N ALA A 932 62.94 29.62 -43.35
CA ALA A 932 63.45 30.54 -44.37
C ALA A 932 63.35 29.89 -45.75
N ALA A 933 63.02 30.68 -46.76
CA ALA A 933 62.90 30.15 -48.12
C ALA A 933 64.23 29.66 -48.66
N THR A 934 64.21 28.49 -49.29
CA THR A 934 65.38 28.00 -50.01
C THR A 934 65.44 28.59 -51.42
N PRO A 935 66.65 28.76 -51.95
CA PRO A 935 66.83 29.05 -53.38
C PRO A 935 66.29 27.89 -54.21
N ALA A 936 65.78 28.17 -55.41
CA ALA A 936 65.20 27.12 -56.25
C ALA A 936 66.22 26.05 -56.62
N ARG A 937 67.49 26.45 -56.72
CA ARG A 937 68.54 25.50 -57.03
C ARG A 937 68.66 24.46 -55.91
N MET A 938 68.46 24.91 -54.67
CA MET A 938 68.48 24.02 -53.52
C MET A 938 67.31 23.04 -53.55
N GLN A 939 66.16 23.48 -54.05
CA GLN A 939 65.00 22.59 -54.21
C GLN A 939 65.28 21.55 -55.27
N MET A 940 65.97 21.97 -56.33
CA MET A 940 66.35 21.04 -57.38
C MET A 940 67.29 20.00 -56.82
N ASP A 941 68.21 20.44 -55.95
CA ASP A 941 69.14 19.53 -55.31
C ASP A 941 68.41 18.56 -54.37
N LYS A 942 67.35 19.04 -53.74
CA LYS A 942 66.55 18.19 -52.84
C LYS A 942 65.87 17.09 -53.64
N ILE A 943 65.18 17.46 -54.71
CA ILE A 943 64.48 16.48 -55.54
C ILE A 943 65.46 15.52 -56.21
N ARG A 944 66.62 16.03 -56.58
CA ARG A 944 67.64 15.20 -57.20
C ARG A 944 68.12 14.16 -56.22
N ASN A 945 68.29 14.58 -54.98
CA ASN A 945 68.80 13.70 -53.95
C ASN A 945 67.81 12.64 -53.52
N VAL A 946 66.54 13.02 -53.36
CA VAL A 946 65.52 12.04 -53.04
C VAL A 946 65.29 11.07 -54.19
N ALA A 947 65.48 11.54 -55.42
CA ALA A 947 65.34 10.66 -56.58
C ALA A 947 66.49 9.64 -56.62
N THR A 948 67.72 10.13 -56.42
CA THR A 948 68.88 9.26 -56.42
C THR A 948 68.80 8.25 -55.28
N ALA A 949 68.26 8.68 -54.15
CA ALA A 949 68.03 7.79 -53.02
C ALA A 949 66.93 6.77 -53.32
N MET A 950 66.00 7.16 -54.18
CA MET A 950 64.91 6.26 -54.57
C MET A 950 65.34 5.29 -55.66
N LEU A 951 66.51 5.54 -56.26
CA LEU A 951 66.99 4.71 -57.35
C LEU A 951 67.27 3.26 -56.93
N THR A 952 67.75 3.08 -55.70
CA THR A 952 68.11 1.74 -55.21
C THR A 952 66.91 0.98 -54.66
N ARG A 953 65.94 1.72 -54.13
CA ARG A 953 64.80 1.11 -53.45
C ARG A 953 63.77 0.50 -54.39
N THR A 954 63.07 -0.52 -53.89
CA THR A 954 62.00 -1.18 -54.63
C THR A 954 60.64 -0.92 -53.97
N ASN A 955 59.60 -0.79 -54.80
CA ASN A 955 58.23 -0.56 -54.33
C ASN A 955 58.04 0.73 -53.55
N CYS A 956 59.08 1.55 -53.49
CA CYS A 956 59.00 2.86 -52.85
C CYS A 956 58.19 3.86 -53.69
N VAL A 957 57.46 4.74 -53.01
CA VAL A 957 56.72 5.81 -53.68
C VAL A 957 56.95 7.13 -52.95
N ALA A 958 57.17 8.21 -53.68
CA ALA A 958 57.34 9.52 -53.04
C ALA A 958 56.52 10.61 -53.71
N TYR A 959 55.94 11.47 -52.89
CA TYR A 959 55.19 12.61 -53.39
C TYR A 959 55.89 13.89 -52.97
N ILE A 960 56.23 14.72 -53.95
CA ILE A 960 56.96 15.96 -53.68
C ILE A 960 56.29 17.16 -54.34
N SER A 961 55.45 17.84 -53.58
CA SER A 961 54.80 19.05 -54.06
C SER A 961 55.82 20.18 -54.17
N PHE A 962 55.63 21.05 -55.16
CA PHE A 962 56.47 22.22 -55.33
C PHE A 962 55.71 23.26 -56.14
N TYR A 963 55.88 24.53 -55.80
CA TYR A 963 55.30 25.61 -56.59
C TYR A 963 55.99 25.76 -57.95
N GLU A 964 55.19 25.99 -58.99
CA GLU A 964 55.71 26.13 -60.36
C GLU A 964 55.94 27.60 -60.74
N ALA A 965 56.90 27.84 -61.62
CA ALA A 965 57.26 29.20 -62.04
C ALA A 965 56.13 29.92 -62.78
N GLY A 966 55.30 29.17 -63.49
CA GLY A 966 54.30 29.76 -64.35
C GLY A 966 53.33 30.62 -63.59
N ILE A 967 53.02 30.20 -62.36
CA ILE A 967 52.05 30.92 -61.54
C ILE A 967 52.51 32.35 -61.32
N ILE A 968 53.82 32.56 -61.28
CA ILE A 968 54.35 33.90 -61.04
C ILE A 968 53.88 34.82 -62.15
N THR A 969 54.08 34.39 -63.39
CA THR A 969 53.74 35.23 -64.52
C THR A 969 52.24 35.42 -64.56
N ARG A 970 51.51 34.47 -63.97
CA ARG A 970 50.07 34.59 -63.88
C ARG A 970 49.71 35.68 -62.88
N LEU A 971 50.30 35.61 -61.70
CA LEU A 971 49.93 36.50 -60.60
C LEU A 971 50.43 37.94 -60.80
N ASP A 972 51.44 38.12 -61.65
CA ASP A 972 51.86 39.45 -62.04
C ASP A 972 50.76 40.12 -62.88
N GLN A 973 50.02 39.31 -63.62
CA GLN A 973 48.96 39.83 -64.49
C GLN A 973 47.68 40.10 -63.71
N SER A 974 47.37 39.18 -62.79
CA SER A 974 46.15 39.20 -62.01
C SER A 974 46.17 40.26 -60.90
N THR A 975 45.00 40.74 -60.51
CA THR A 975 44.90 41.69 -59.41
C THR A 975 44.46 41.06 -58.09
N ALA A 976 43.85 39.87 -58.16
CA ALA A 976 43.48 39.15 -56.95
C ALA A 976 44.74 38.77 -56.18
N HIS A 977 44.71 38.96 -54.87
CA HIS A 977 45.87 38.67 -54.04
C HIS A 977 45.54 38.63 -52.55
N LYS A 978 44.40 38.03 -52.22
CA LYS A 978 43.96 37.95 -50.84
C LYS A 978 44.87 37.08 -49.98
N THR A 979 45.30 35.94 -50.54
CA THR A 979 46.09 34.99 -49.77
C THR A 979 47.35 34.56 -50.53
N ILE A 980 47.32 34.72 -51.85
CA ILE A 980 48.47 34.40 -52.69
C ILE A 980 48.86 35.63 -53.51
N ARG A 981 50.14 35.99 -53.48
CA ARG A 981 50.61 37.10 -54.29
C ARG A 981 52.10 37.00 -54.56
N VAL A 982 52.55 37.55 -55.68
CA VAL A 982 53.97 37.61 -55.98
C VAL A 982 54.69 38.62 -55.07
N GLU A 983 55.92 38.30 -54.69
CA GLU A 983 56.74 39.18 -53.87
C GLU A 983 58.18 39.13 -54.34
N GLU A 984 58.54 40.07 -55.21
CA GLU A 984 59.87 40.13 -55.82
C GLU A 984 60.20 38.84 -56.57
N GLY A 985 59.19 38.26 -57.23
CA GLY A 985 59.38 37.07 -58.04
C GLY A 985 59.14 35.75 -57.32
N ARG A 986 59.00 35.80 -56.01
CA ARG A 986 58.60 34.62 -55.23
C ARG A 986 57.12 34.74 -54.88
N LEU A 987 56.42 33.61 -54.79
CA LEU A 987 55.04 33.67 -54.33
C LEU A 987 54.97 33.57 -52.80
N LYS A 988 54.13 34.40 -52.21
CA LYS A 988 53.96 34.41 -50.76
C LYS A 988 52.62 33.82 -50.36
N VAL A 989 52.60 32.52 -50.08
CA VAL A 989 51.45 31.90 -49.45
C VAL A 989 51.32 32.52 -48.06
N ALA A 990 50.08 32.76 -47.62
CA ALA A 990 49.86 33.50 -46.37
C ALA A 990 50.42 32.78 -45.15
N ASN A 991 50.91 33.56 -44.19
CA ASN A 991 51.58 33.05 -42.99
C ASN A 991 52.85 32.27 -43.30
N TYR A 992 53.49 32.58 -44.43
CA TYR A 992 54.73 31.93 -44.83
C TYR A 992 55.62 32.91 -45.58
N VAL A 993 56.92 32.72 -45.48
CA VAL A 993 57.89 33.52 -46.23
C VAL A 993 57.74 33.19 -47.71
N PRO A 994 57.85 34.20 -48.59
CA PRO A 994 57.78 33.92 -50.03
C PRO A 994 58.90 32.99 -50.48
N VAL A 995 58.61 32.08 -51.41
CA VAL A 995 59.55 31.04 -51.81
C VAL A 995 59.75 31.00 -53.32
N ASP A 996 60.99 30.76 -53.75
CA ASP A 996 61.29 30.71 -55.18
C ASP A 996 60.65 29.49 -55.84
N THR A 997 60.11 29.70 -57.04
CA THR A 997 59.42 28.66 -57.79
C THR A 997 60.34 27.86 -58.71
N LEU A 998 59.93 26.62 -59.02
CA LEU A 998 60.68 25.78 -59.96
C LEU A 998 60.04 25.74 -61.34
N VAL A 999 60.85 25.54 -62.38
CA VAL A 999 60.33 25.32 -63.72
C VAL A 999 60.05 23.84 -63.94
N GLU A 1000 58.84 23.51 -64.38
CA GLU A 1000 58.42 22.11 -64.54
C GLU A 1000 59.22 21.35 -65.59
N ALA A 1001 59.59 22.04 -66.66
CA ALA A 1001 60.34 21.39 -67.73
C ALA A 1001 61.74 20.98 -67.28
N ASP A 1002 62.37 21.83 -66.48
CA ASP A 1002 63.68 21.53 -65.93
C ASP A 1002 63.60 20.38 -64.93
N VAL A 1003 62.48 20.32 -64.23
CA VAL A 1003 62.26 19.28 -63.22
C VAL A 1003 62.05 17.92 -63.86
N THR A 1004 61.19 17.86 -64.88
CA THR A 1004 60.99 16.62 -65.61
C THR A 1004 62.24 16.23 -66.37
N LEU A 1005 63.03 17.23 -66.76
CA LEU A 1005 64.28 16.98 -67.48
C LEU A 1005 65.28 16.28 -66.57
N MET A 1006 65.52 16.86 -65.39
CA MET A 1006 66.45 16.24 -64.45
C MET A 1006 65.92 14.89 -63.95
N LEU A 1007 64.61 14.79 -63.82
CA LEU A 1007 63.99 13.54 -63.39
C LEU A 1007 64.14 12.44 -64.43
N ARG A 1008 64.15 12.81 -65.70
CA ARG A 1008 64.31 11.82 -66.76
C ARG A 1008 65.78 11.54 -67.08
N ASP A 1009 66.68 12.43 -66.66
CA ASP A 1009 68.11 12.10 -66.76
C ASP A 1009 68.55 11.20 -65.61
N ILE A 1010 67.95 11.40 -64.43
CA ILE A 1010 68.13 10.47 -63.32
C ILE A 1010 67.52 9.10 -63.68
N GLY A 1011 66.48 9.12 -64.50
CA GLY A 1011 65.91 7.91 -65.06
C GLY A 1011 64.82 7.23 -64.26
N ILE A 1012 64.55 7.74 -63.06
CA ILE A 1012 63.46 7.20 -62.25
C ILE A 1012 62.09 7.53 -62.88
N THR A 1013 61.18 6.56 -62.87
CA THR A 1013 59.84 6.79 -63.38
C THR A 1013 59.06 7.76 -62.48
N HIS A 1014 58.26 8.62 -63.09
CA HIS A 1014 57.57 9.66 -62.35
C HIS A 1014 56.34 10.17 -63.09
N GLU A 1015 55.41 10.76 -62.36
CA GLU A 1015 54.26 11.42 -62.97
C GLU A 1015 54.00 12.75 -62.27
N ILE A 1016 53.79 13.80 -63.06
CA ILE A 1016 53.35 15.07 -62.50
C ILE A 1016 51.83 15.05 -62.38
N ILE A 1017 51.33 15.38 -61.20
CA ILE A 1017 49.90 15.32 -60.93
C ILE A 1017 49.45 16.48 -60.05
N ARG A 1018 48.21 16.91 -60.25
CA ARG A 1018 47.61 17.92 -59.40
C ARG A 1018 46.23 17.45 -58.97
N PRO A 1019 45.77 17.92 -57.79
CA PRO A 1019 44.41 17.61 -57.38
C PRO A 1019 43.43 18.19 -58.39
N SER A 1020 42.33 17.49 -58.62
CA SER A 1020 41.35 17.93 -59.60
C SER A 1020 40.07 18.37 -58.92
N THR A 1021 39.06 18.69 -59.71
CA THR A 1021 37.76 19.07 -59.18
C THR A 1021 37.12 18.03 -58.23
N PRO A 1022 37.14 16.74 -58.60
CA PRO A 1022 36.56 15.76 -57.66
C PRO A 1022 37.23 15.79 -56.30
N GLU A 1023 38.54 16.06 -56.27
CA GLU A 1023 39.26 16.20 -55.00
C GLU A 1023 38.86 17.46 -54.23
N LEU A 1024 38.51 18.52 -54.97
CA LEU A 1024 38.06 19.76 -54.37
C LEU A 1024 36.74 19.48 -53.67
N ILE A 1025 35.81 18.91 -54.42
CA ILE A 1025 34.47 18.63 -53.91
C ILE A 1025 34.52 17.59 -52.78
N ASP A 1026 35.50 16.70 -52.84
CA ASP A 1026 35.69 15.69 -51.81
C ASP A 1026 36.14 16.35 -50.50
N ALA A 1027 37.14 17.21 -50.60
CA ALA A 1027 37.67 17.88 -49.42
C ALA A 1027 36.65 18.83 -48.79
N CYS A 1028 35.89 19.51 -49.65
CA CYS A 1028 34.91 20.47 -49.18
C CYS A 1028 33.72 19.78 -48.55
N SER A 1029 33.20 18.76 -49.22
CA SER A 1029 32.05 18.04 -48.70
C SER A 1029 32.40 17.26 -47.43
N ASN A 1030 33.64 16.79 -47.33
CA ASN A 1030 34.05 16.04 -46.16
C ASN A 1030 34.38 16.90 -44.95
N TYR A 1031 35.09 17.99 -45.17
CA TYR A 1031 35.48 18.85 -44.05
C TYR A 1031 34.42 19.89 -43.67
N GLY A 1032 33.34 19.96 -44.44
CA GLY A 1032 32.31 20.96 -44.21
C GLY A 1032 32.76 22.37 -44.58
N ILE A 1033 33.52 22.48 -45.66
CA ILE A 1033 34.11 23.75 -46.06
C ILE A 1033 33.48 24.32 -47.32
N ARG A 1034 33.31 25.64 -47.35
CA ARG A 1034 32.96 26.31 -48.59
C ARG A 1034 34.12 27.17 -49.08
N LEU A 1035 34.34 27.15 -50.39
CA LEU A 1035 35.33 28.01 -51.02
C LEU A 1035 34.93 29.47 -50.88
N GLY A 1036 35.91 30.34 -50.68
CA GLY A 1036 35.64 31.75 -50.59
C GLY A 1036 35.49 32.36 -51.97
N SER A 1037 35.10 33.64 -52.00
CA SER A 1037 34.89 34.33 -53.26
C SER A 1037 36.20 34.51 -54.00
N THR A 1038 37.18 35.08 -53.30
CA THR A 1038 38.53 35.26 -53.84
C THR A 1038 39.18 33.90 -54.02
N GLY A 1039 38.80 32.98 -53.15
CA GLY A 1039 39.37 31.66 -53.16
C GLY A 1039 39.03 30.91 -54.42
N GLY A 1040 37.80 31.06 -54.89
CA GLY A 1040 37.38 30.36 -56.09
C GLY A 1040 38.18 30.84 -57.30
N ALA A 1041 38.47 32.13 -57.32
CA ALA A 1041 39.24 32.70 -58.41
C ALA A 1041 40.67 32.18 -58.37
N VAL A 1042 41.34 32.36 -57.24
CA VAL A 1042 42.76 32.01 -57.15
C VAL A 1042 43.05 30.50 -57.18
N LEU A 1043 42.08 29.70 -56.75
CA LEU A 1043 42.30 28.26 -56.50
C LEU A 1043 42.70 27.46 -57.73
N ASP A 1044 42.16 27.80 -58.89
CA ASP A 1044 42.45 27.01 -60.08
C ASP A 1044 43.91 27.16 -60.46
N VAL A 1045 44.37 28.41 -60.50
CA VAL A 1045 45.73 28.71 -60.88
C VAL A 1045 46.72 28.25 -59.82
N PHE A 1046 46.39 28.51 -58.55
CA PHE A 1046 47.25 28.12 -57.44
C PHE A 1046 47.40 26.61 -57.31
N ASN A 1047 46.32 25.89 -57.62
CA ASN A 1047 46.34 24.44 -57.55
C ASN A 1047 47.06 23.82 -58.74
N HIS A 1048 46.80 24.33 -59.94
CA HIS A 1048 47.42 23.78 -61.13
C HIS A 1048 48.92 24.00 -61.14
N TYR A 1049 49.36 25.12 -60.59
CA TYR A 1049 50.77 25.47 -60.59
C TYR A 1049 51.45 25.14 -59.26
N SER A 1050 50.84 24.21 -58.53
CA SER A 1050 51.51 23.57 -57.41
C SER A 1050 51.41 22.05 -57.58
N PRO A 1051 52.14 21.50 -58.58
CA PRO A 1051 52.12 20.08 -58.89
C PRO A 1051 52.69 19.20 -57.78
N VAL A 1052 52.16 18.01 -57.63
CA VAL A 1052 52.81 16.97 -56.84
C VAL A 1052 53.71 16.17 -57.77
N ILE A 1053 54.92 15.84 -57.32
CA ILE A 1053 55.78 14.95 -58.07
C ILE A 1053 55.65 13.52 -57.55
N LYS A 1054 54.99 12.67 -58.33
CA LYS A 1054 54.82 11.27 -57.95
C LYS A 1054 55.97 10.41 -58.50
N LEU A 1055 57.06 10.34 -57.75
CA LEU A 1055 58.12 9.36 -58.00
C LEU A 1055 57.66 7.96 -57.57
N VAL A 1056 58.07 6.94 -58.30
CA VAL A 1056 57.62 5.58 -58.04
C VAL A 1056 58.67 4.54 -58.45
N ARG A 1057 58.61 3.36 -57.82
CA ARG A 1057 59.53 2.28 -58.13
C ARG A 1057 58.84 0.92 -58.15
N LYS B 135 3.91 63.03 49.72
CA LYS B 135 2.82 63.55 50.56
C LYS B 135 3.19 63.43 52.04
N VAL B 136 2.55 62.49 52.74
CA VAL B 136 2.96 62.17 54.11
C VAL B 136 4.26 61.35 54.14
N ILE B 137 5.09 61.56 55.17
CA ILE B 137 6.30 60.77 55.34
C ILE B 137 5.96 59.33 55.71
N PHE B 138 6.66 58.38 55.11
CA PHE B 138 6.45 56.98 55.48
C PHE B 138 7.73 56.16 55.36
N ASN B 139 8.36 55.89 56.50
CA ASN B 139 9.52 55.03 56.51
C ASN B 139 9.06 53.59 56.42
N GLY B 140 8.91 53.10 55.20
CA GLY B 140 8.50 51.73 54.96
C GLY B 140 8.24 51.58 53.48
N LEU B 141 8.35 50.35 52.96
CA LEU B 141 7.98 50.11 51.58
C LEU B 141 6.47 50.35 51.42
N ASP B 142 6.09 51.15 50.44
CA ASP B 142 4.69 51.58 50.31
C ASP B 142 3.99 50.76 49.24
N VAL B 143 3.69 49.51 49.58
CA VAL B 143 3.15 48.55 48.65
C VAL B 143 1.74 48.89 48.17
N ASN B 144 1.39 48.42 46.98
CA ASN B 144 0.04 48.57 46.47
C ASN B 144 -0.45 47.33 45.70
N THR B 145 0.41 46.80 44.83
CA THR B 145 0.10 45.58 44.09
C THR B 145 0.27 44.32 44.97
N GLU B 146 -0.47 43.26 44.64
CA GLU B 146 -0.19 41.92 45.14
C GLU B 146 0.00 40.98 43.95
N VAL B 147 1.16 40.35 43.86
CA VAL B 147 1.37 39.35 42.82
C VAL B 147 0.90 37.98 43.29
N GLN B 148 0.11 37.32 42.46
CA GLN B 148 -0.21 35.92 42.70
C GLN B 148 1.02 35.11 42.35
N PRO B 149 1.20 33.95 42.97
CA PRO B 149 2.24 33.05 42.50
C PRO B 149 1.96 32.64 41.06
N LEU B 150 3.01 32.47 40.26
CA LEU B 150 2.85 32.20 38.84
C LEU B 150 2.27 30.84 38.55
N SER B 151 2.26 29.95 39.53
CA SER B 151 1.69 28.62 39.35
C SER B 151 1.18 28.02 40.66
N ASP B 152 0.13 27.23 40.57
CA ASP B 152 -0.35 26.47 41.72
C ASP B 152 0.25 25.06 41.62
N ASP B 153 1.58 25.01 41.59
CA ASP B 153 2.30 23.78 41.33
C ASP B 153 2.10 22.70 42.39
N PHE B 154 1.90 23.10 43.64
CA PHE B 154 1.93 22.13 44.73
C PHE B 154 0.74 22.19 45.67
N LYS B 155 0.55 21.09 46.39
CA LYS B 155 -0.51 20.97 47.36
C LYS B 155 0.15 20.75 48.71
N GLN B 156 0.27 21.81 49.49
CA GLN B 156 0.88 21.69 50.82
C GLN B 156 -0.01 20.86 51.75
N ILE B 157 0.63 19.95 52.49
CA ILE B 157 -0.08 19.03 53.37
C ILE B 157 0.84 18.70 54.53
N SER B 158 0.29 18.29 55.66
CA SER B 158 1.08 18.23 56.88
C SER B 158 1.55 16.84 57.28
N ASP B 159 0.65 15.87 57.21
CA ASP B 159 0.96 14.56 57.74
C ASP B 159 0.66 13.59 56.63
N PRO B 160 1.63 13.44 55.72
CA PRO B 160 1.44 12.76 54.44
C PRO B 160 1.03 11.32 54.63
N LYS B 161 0.15 10.83 53.77
CA LYS B 161 -0.18 9.41 53.78
C LYS B 161 0.56 8.74 52.63
N GLY B 162 0.93 7.48 52.85
CA GLY B 162 1.72 6.75 51.86
C GLY B 162 0.89 6.09 50.77
N TYR B 163 1.57 5.45 49.84
CA TYR B 163 0.87 4.68 48.82
C TYR B 163 0.58 3.28 49.36
N LEU B 164 1.52 2.74 50.13
CA LEU B 164 1.30 1.45 50.79
C LEU B 164 0.93 1.65 52.25
N THR B 165 0.42 0.58 52.84
CA THR B 165 0.07 0.55 54.25
C THR B 165 -0.06 -0.91 54.68
N TYR B 166 0.22 -1.20 55.95
CA TYR B 166 -0.08 -2.51 56.52
C TYR B 166 -1.57 -2.73 56.72
N SER B 167 -2.04 -3.94 56.41
CA SER B 167 -3.41 -4.34 56.66
C SER B 167 -3.33 -5.61 57.46
N VAL B 168 -4.01 -5.66 58.60
CA VAL B 168 -3.85 -6.80 59.49
C VAL B 168 -5.14 -7.52 59.83
N LYS B 169 -5.17 -8.82 59.57
CA LYS B 169 -6.30 -9.66 59.99
C LYS B 169 -5.95 -10.38 61.28
N TYR B 170 -6.82 -10.20 62.27
CA TYR B 170 -6.64 -10.81 63.59
C TYR B 170 -7.47 -12.05 63.75
N GLU B 171 -6.90 -13.05 64.40
CA GLU B 171 -7.67 -14.23 64.78
C GLU B 171 -8.39 -13.90 66.08
N ASP B 172 -9.70 -13.75 65.98
CA ASP B 172 -10.51 -13.21 67.07
C ASP B 172 -10.41 -14.02 68.36
N GLN B 173 -10.11 -15.31 68.24
CA GLN B 173 -10.00 -16.17 69.41
C GLN B 173 -8.85 -15.77 70.34
N PHE B 174 -7.76 -15.26 69.76
CA PHE B 174 -6.58 -14.91 70.56
C PHE B 174 -6.39 -13.42 70.80
N THR B 175 -7.00 -12.61 69.94
CA THR B 175 -6.99 -11.16 70.11
C THR B 175 -7.83 -10.73 71.32
N LYS B 176 -7.35 -9.71 72.04
CA LYS B 176 -8.23 -8.95 72.94
C LYS B 176 -8.57 -7.66 72.21
N LYS B 177 -9.86 -7.37 72.05
CA LYS B 177 -10.29 -6.17 71.36
C LYS B 177 -9.91 -4.92 72.15
N ASP B 178 -9.75 -5.08 73.46
CA ASP B 178 -9.39 -3.97 74.33
C ASP B 178 -8.02 -3.39 73.95
N LYS B 179 -7.94 -2.06 73.89
CA LYS B 179 -6.69 -1.38 73.55
C LYS B 179 -5.59 -1.58 74.58
N LEU B 180 -4.38 -1.88 74.09
CA LEU B 180 -3.21 -1.95 74.95
C LEU B 180 -2.62 -0.56 75.12
N ARG B 181 -1.92 -0.35 76.23
CA ARG B 181 -1.09 0.85 76.37
C ARG B 181 -0.02 0.71 77.46
N ALA B 182 1.10 1.41 77.25
CA ALA B 182 2.14 1.54 78.25
C ALA B 182 2.07 2.97 78.78
N SER B 183 3.21 3.52 79.21
CA SER B 183 3.25 4.89 79.69
C SER B 183 2.87 5.82 78.53
N GLU B 184 2.28 6.96 78.87
CA GLU B 184 1.75 7.87 77.84
C GLU B 184 2.87 8.31 76.92
N ALA B 185 4.06 8.47 77.48
CA ALA B 185 5.20 8.99 76.74
C ALA B 185 5.51 8.06 75.59
N ASP B 186 5.61 6.76 75.91
CA ASP B 186 5.91 5.76 74.91
C ASP B 186 4.71 5.46 74.02
N ASP B 187 3.51 5.40 74.60
CA ASP B 187 2.30 5.09 73.82
C ASP B 187 2.09 6.09 72.71
N ARG B 188 2.49 7.34 72.95
CA ARG B 188 2.35 8.36 71.92
C ARG B 188 3.16 7.99 70.68
N ILE B 189 4.19 7.18 70.87
CA ILE B 189 5.07 6.77 69.78
C ILE B 189 4.80 5.34 69.28
N VAL B 190 5.08 4.38 70.14
CA VAL B 190 5.02 2.97 69.82
C VAL B 190 3.58 2.47 69.83
N GLY B 191 2.67 3.32 70.30
CA GLY B 191 1.29 2.94 70.49
C GLY B 191 0.53 2.40 69.28
N PRO B 192 0.38 3.22 68.23
CA PRO B 192 -0.37 2.75 67.06
C PRO B 192 0.22 1.48 66.47
N THR B 193 1.54 1.33 66.56
CA THR B 193 2.20 0.11 66.13
C THR B 193 1.78 -1.10 66.97
N VAL B 194 1.83 -0.91 68.28
CA VAL B 194 1.55 -1.99 69.23
C VAL B 194 0.13 -2.50 69.04
N ASN B 195 -0.81 -1.59 68.88
CA ASN B 195 -2.20 -1.96 68.65
C ASN B 195 -2.45 -2.63 67.31
N LEU B 196 -1.69 -2.24 66.30
CA LEU B 196 -1.88 -2.82 64.99
C LEU B 196 -1.39 -4.25 65.01
N PHE B 197 -0.17 -4.45 65.50
CA PHE B 197 0.42 -5.79 65.49
C PHE B 197 0.21 -6.44 66.85
N LYS B 198 -1.01 -6.32 67.33
CA LYS B 198 -1.37 -6.82 68.65
C LYS B 198 -1.38 -8.32 68.61
N TYR B 199 -1.25 -8.92 69.79
CA TYR B 199 -1.22 -10.36 69.90
C TYR B 199 -2.45 -10.94 69.24
N GLY B 200 -2.26 -12.04 68.52
CA GLY B 200 -3.34 -12.68 67.80
C GLY B 200 -3.58 -12.17 66.39
N ALA B 201 -2.76 -11.21 65.96
CA ALA B 201 -2.79 -10.80 64.57
C ALA B 201 -2.38 -12.02 63.76
N ALA B 202 -3.30 -12.50 62.92
CA ALA B 202 -3.11 -13.76 62.24
C ALA B 202 -2.25 -13.56 61.03
N VAL B 203 -2.54 -12.51 60.27
CA VAL B 203 -1.73 -12.23 59.10
C VAL B 203 -1.62 -10.73 58.81
N VAL B 204 -0.44 -10.29 58.39
CA VAL B 204 -0.21 -8.89 58.09
C VAL B 204 0.30 -8.71 56.67
N ASN B 205 -0.54 -8.08 55.85
CA ASN B 205 -0.29 -7.80 54.45
C ASN B 205 0.16 -6.38 54.24
N ILE B 206 0.75 -6.13 53.07
CA ILE B 206 1.04 -4.77 52.64
C ILE B 206 0.18 -4.41 51.43
N ASP B 207 -0.89 -3.68 51.70
CA ASP B 207 -1.83 -3.27 50.67
C ASP B 207 -1.55 -1.86 50.16
N LEU B 208 -2.06 -1.52 48.97
CA LEU B 208 -2.11 -0.13 48.56
C LEU B 208 -3.01 0.60 49.53
N ASN B 209 -2.61 1.81 49.91
CA ASN B 209 -3.38 2.56 50.91
C ASN B 209 -4.70 3.10 50.37
N ARG B 210 -5.81 2.60 50.93
CA ARG B 210 -7.13 3.02 50.49
C ARG B 210 -7.37 4.50 50.78
N ASP B 211 -6.78 4.99 51.87
CA ASP B 211 -6.98 6.37 52.26
C ASP B 211 -6.39 7.31 51.22
N PHE B 212 -5.33 6.87 50.54
CA PHE B 212 -4.76 7.66 49.46
C PHE B 212 -5.42 7.38 48.12
N PHE B 213 -5.55 6.11 47.77
CA PHE B 213 -6.28 5.72 46.58
C PHE B 213 -7.76 5.58 46.90
N ASP B 214 -8.38 6.74 47.15
CA ASP B 214 -9.77 6.82 47.59
C ASP B 214 -10.75 6.44 46.49
N THR B 215 -12.02 6.32 46.85
CA THR B 215 -13.08 6.09 45.88
C THR B 215 -13.19 7.27 44.92
N ALA B 216 -12.69 8.42 45.37
CA ALA B 216 -12.61 9.60 44.51
C ALA B 216 -11.63 9.39 43.36
N THR B 217 -10.71 8.45 43.50
CA THR B 217 -9.81 8.05 42.42
C THR B 217 -10.49 7.10 41.45
N GLY B 218 -11.62 6.55 41.88
CA GLY B 218 -12.33 5.56 41.09
C GLY B 218 -11.90 4.14 41.42
N ILE B 219 -10.82 4.03 42.19
CA ILE B 219 -10.25 2.74 42.57
C ILE B 219 -11.07 2.05 43.65
N ASP B 220 -11.10 0.71 43.59
CA ASP B 220 -11.69 -0.11 44.65
C ASP B 220 -10.67 -1.17 45.02
N LEU B 221 -10.19 -1.13 46.26
CA LEU B 221 -9.09 -2.00 46.65
C LEU B 221 -9.47 -3.19 47.53
N THR B 222 -10.77 -3.42 47.70
CA THR B 222 -11.24 -4.43 48.63
C THR B 222 -10.79 -5.82 48.25
N LYS B 223 -10.52 -6.02 46.96
CA LYS B 223 -10.07 -7.31 46.45
C LYS B 223 -8.55 -7.54 46.53
N GLY B 224 -7.83 -6.54 47.01
CA GLY B 224 -6.37 -6.63 47.06
C GLY B 224 -5.67 -6.18 45.80
N ILE B 225 -6.43 -5.75 44.80
CA ILE B 225 -5.85 -5.12 43.62
C ILE B 225 -6.65 -3.88 43.29
N PRO B 226 -6.02 -2.89 42.64
CA PRO B 226 -6.79 -1.75 42.14
C PRO B 226 -7.74 -2.25 41.07
N LEU B 227 -8.93 -1.66 41.00
CA LEU B 227 -9.92 -2.07 40.02
C LEU B 227 -10.77 -0.87 39.68
N VAL B 228 -10.73 -0.43 38.42
CA VAL B 228 -11.51 0.72 38.01
C VAL B 228 -12.51 0.35 36.94
N GLN B 229 -13.79 0.52 37.25
CA GLN B 229 -14.85 0.20 36.30
C GLN B 229 -14.93 1.18 35.14
N ASP B 230 -15.20 0.64 33.95
CA ASP B 230 -15.48 1.42 32.74
C ASP B 230 -14.38 2.39 32.30
N LEU B 231 -13.12 1.93 32.35
CA LEU B 231 -12.01 2.69 31.76
C LEU B 231 -11.55 1.98 30.48
N LEU B 232 -10.50 1.17 30.58
CA LEU B 232 -10.21 0.20 29.54
C LEU B 232 -11.29 -0.86 29.65
N VAL B 233 -11.75 -1.35 28.52
CA VAL B 233 -12.82 -2.33 28.51
C VAL B 233 -12.91 -2.94 27.12
N PRO B 234 -12.85 -4.27 27.05
CA PRO B 234 -12.94 -5.02 25.79
C PRO B 234 -14.28 -4.81 25.11
N ILE B 235 -14.27 -4.79 23.78
CA ILE B 235 -15.50 -4.84 23.02
C ILE B 235 -15.66 -6.28 22.53
N GLY B 236 -16.87 -6.65 22.17
CA GLY B 236 -17.10 -7.91 21.48
C GLY B 236 -17.10 -9.12 22.37
N VAL B 237 -17.42 -8.92 23.65
CA VAL B 237 -17.35 -10.00 24.63
C VAL B 237 -18.60 -10.07 25.50
N THR B 238 -18.83 -11.24 26.09
CA THR B 238 -19.99 -11.46 26.94
C THR B 238 -19.90 -10.59 28.19
N ALA B 239 -21.05 -10.26 28.76
CA ALA B 239 -21.07 -9.41 29.95
C ALA B 239 -20.36 -10.13 31.09
N GLY B 240 -19.58 -9.36 31.85
CA GLY B 240 -18.75 -9.93 32.90
C GLY B 240 -17.37 -10.35 32.44
N ALA B 241 -17.12 -10.25 31.15
CA ALA B 241 -15.77 -10.44 30.61
C ALA B 241 -14.94 -9.15 30.73
N GLU B 242 -15.61 -8.06 31.05
CA GLU B 242 -14.97 -6.77 31.26
C GLU B 242 -14.13 -6.71 32.55
N GLN B 243 -14.41 -7.61 33.49
CA GLN B 243 -13.89 -7.51 34.86
C GLN B 243 -12.38 -7.51 35.03
N SER B 244 -11.67 -8.35 34.29
CA SER B 244 -10.22 -8.44 34.43
C SER B 244 -9.53 -7.15 33.99
N ALA B 245 -10.13 -6.47 33.02
CA ALA B 245 -9.56 -5.22 32.49
C ALA B 245 -9.61 -4.13 33.55
N GLU B 246 -10.51 -4.30 34.52
CA GLU B 246 -10.64 -3.34 35.61
C GLU B 246 -9.33 -3.26 36.38
N TYR B 247 -8.58 -4.36 36.38
CA TYR B 247 -7.28 -4.40 37.05
C TYR B 247 -6.26 -3.52 36.36
N VAL B 248 -6.19 -3.64 35.04
CA VAL B 248 -5.27 -2.81 34.28
C VAL B 248 -5.66 -1.35 34.45
N SER B 249 -6.96 -1.09 34.43
CA SER B 249 -7.44 0.26 34.57
C SER B 249 -7.06 0.79 35.93
N GLY B 250 -7.07 -0.09 36.91
CA GLY B 250 -6.75 0.30 38.27
C GLY B 250 -5.28 0.66 38.36
N LEU B 251 -4.42 -0.15 37.74
CA LEU B 251 -2.99 0.17 37.77
C LEU B 251 -2.72 1.49 37.06
N LEU B 252 -3.47 1.73 35.98
CA LEU B 252 -3.36 3.01 35.29
C LEU B 252 -3.71 4.15 36.22
N MET B 253 -4.83 4.02 36.94
CA MET B 253 -5.24 5.10 37.83
C MET B 253 -4.30 5.30 39.01
N VAL B 254 -3.69 4.22 39.47
CA VAL B 254 -2.73 4.32 40.55
C VAL B 254 -1.58 5.14 40.04
N LEU B 255 -1.10 4.75 38.87
CA LEU B 255 0.06 5.36 38.27
C LEU B 255 -0.22 6.84 38.00
N PHE B 256 -1.45 7.15 37.64
CA PHE B 256 -1.85 8.49 37.26
C PHE B 256 -1.89 9.35 38.50
N LYS B 257 -2.44 8.78 39.57
CA LYS B 257 -2.57 9.45 40.84
C LYS B 257 -1.19 9.69 41.45
N VAL B 258 -0.21 8.88 41.07
CA VAL B 258 1.16 9.08 41.54
C VAL B 258 1.84 10.14 40.69
N MET B 259 1.56 10.09 39.40
CA MET B 259 2.16 11.01 38.43
C MET B 259 1.71 12.42 38.71
N THR B 260 0.52 12.52 39.30
CA THR B 260 -0.06 13.79 39.68
C THR B 260 -0.03 14.05 41.19
N ASP B 261 0.84 13.35 41.93
CA ASP B 261 0.96 13.62 43.37
C ASP B 261 1.85 14.84 43.57
N ASN B 262 1.23 16.00 43.58
CA ASN B 262 1.91 17.26 43.72
C ASN B 262 1.99 17.72 45.19
N ARG B 263 1.87 16.79 46.12
CA ARG B 263 1.95 17.12 47.54
C ARG B 263 3.31 17.61 47.98
N LEU B 264 3.31 18.60 48.86
CA LEU B 264 4.52 19.18 49.41
C LEU B 264 4.35 19.21 50.92
N VAL B 265 5.09 18.35 51.62
CA VAL B 265 4.98 18.29 53.07
C VAL B 265 5.46 19.53 53.83
N ILE B 266 4.67 19.95 54.80
CA ILE B 266 5.03 20.98 55.75
C ILE B 266 5.06 20.22 57.06
N VAL B 267 5.89 20.66 58.01
CA VAL B 267 5.93 19.96 59.28
C VAL B 267 4.59 20.15 59.99
N GLY B 268 4.06 19.06 60.54
CA GLY B 268 2.78 19.10 61.20
C GLY B 268 2.97 19.24 62.70
N GLU B 269 1.96 18.83 63.45
CA GLU B 269 2.09 18.81 64.89
C GLU B 269 3.19 17.83 65.21
N THR B 270 4.11 18.20 66.11
CA THR B 270 5.26 17.36 66.43
C THR B 270 5.69 17.46 67.89
N THR B 271 5.49 16.37 68.63
CA THR B 271 5.96 16.26 70.00
C THR B 271 7.48 16.23 70.12
N THR B 272 8.01 16.81 71.19
CA THR B 272 9.43 16.74 71.53
C THR B 272 9.52 16.28 72.98
N PRO B 273 9.39 14.97 73.21
CA PRO B 273 9.30 14.37 74.55
C PRO B 273 10.55 14.58 75.40
N MET B 274 10.36 14.71 76.71
CA MET B 274 11.47 14.70 77.66
C MET B 274 12.17 13.33 77.57
N SER B 275 13.50 13.34 77.55
CA SER B 275 14.24 12.10 77.28
C SER B 275 14.02 11.03 78.33
N ASN B 276 13.92 11.45 79.59
CA ASN B 276 13.85 10.48 80.68
C ASN B 276 12.56 9.68 80.71
N THR B 277 11.52 10.22 80.08
CA THR B 277 10.21 9.61 80.09
C THR B 277 10.09 8.42 79.13
N LEU B 278 11.08 8.28 78.26
CA LEU B 278 11.05 7.21 77.26
C LEU B 278 11.89 6.01 77.64
N SER B 279 11.40 4.83 77.28
CA SER B 279 12.15 3.61 77.50
C SER B 279 13.36 3.69 76.61
N THR B 280 14.47 3.14 77.05
CA THR B 280 15.73 3.36 76.37
C THR B 280 15.69 2.85 74.93
N VAL B 281 14.88 1.82 74.70
CA VAL B 281 14.74 1.28 73.35
C VAL B 281 14.08 2.26 72.39
N VAL B 282 13.22 3.13 72.92
CA VAL B 282 12.56 4.14 72.10
C VAL B 282 13.45 5.36 71.95
N ASN B 283 14.21 5.64 73.00
CA ASN B 283 15.11 6.78 72.99
C ASN B 283 16.21 6.63 71.94
N ASN B 284 16.65 5.39 71.73
CA ASN B 284 17.69 5.11 70.74
C ASN B 284 17.19 5.35 69.34
N VAL B 285 15.91 5.14 69.15
CA VAL B 285 15.25 5.28 67.86
C VAL B 285 14.83 6.73 67.58
N LEU B 286 14.26 7.37 68.60
CA LEU B 286 13.77 8.71 68.46
C LEU B 286 14.89 9.70 68.24
N ARG B 287 14.64 10.66 67.37
CA ARG B 287 15.60 11.71 67.11
C ARG B 287 14.91 13.02 67.44
N THR B 288 15.12 13.48 68.67
CA THR B 288 14.42 14.63 69.21
C THR B 288 12.91 14.59 68.93
N THR B 289 12.44 15.47 68.06
CA THR B 289 11.03 15.54 67.74
C THR B 289 10.57 14.43 66.80
N TYR B 290 9.27 14.15 66.81
CA TYR B 290 8.63 13.21 65.91
C TYR B 290 7.23 13.72 65.65
N HIS B 291 6.61 13.34 64.54
CA HIS B 291 5.24 13.78 64.30
C HIS B 291 4.26 13.13 65.25
N ASN B 292 3.26 13.87 65.69
CA ASN B 292 2.24 13.34 66.60
C ASN B 292 1.51 12.20 65.93
N ASN B 293 1.37 12.29 64.62
CA ASN B 293 0.84 11.20 63.84
C ASN B 293 1.97 10.27 63.43
N VAL B 294 2.57 9.58 64.39
CA VAL B 294 3.52 8.52 64.06
C VAL B 294 2.70 7.46 63.36
N GLY B 295 3.30 6.82 62.38
CA GLY B 295 2.59 5.78 61.67
C GLY B 295 2.85 4.50 62.44
N VAL B 296 2.72 3.37 61.75
CA VAL B 296 3.16 2.14 62.36
C VAL B 296 4.50 1.72 61.79
N ASN B 297 5.28 1.01 62.59
CA ASN B 297 6.41 0.26 62.08
C ASN B 297 6.79 -0.85 63.02
N PRO B 298 7.01 -2.05 62.47
CA PRO B 298 7.36 -3.24 63.24
C PRO B 298 8.60 -2.99 64.06
N ALA B 299 9.47 -2.11 63.59
CA ALA B 299 10.66 -1.77 64.35
C ALA B 299 10.28 -1.21 65.71
N LEU B 300 9.13 -0.55 65.79
CA LEU B 300 8.68 -0.02 67.08
C LEU B 300 8.25 -1.12 68.04
N LEU B 301 7.90 -2.28 67.51
CA LEU B 301 7.44 -3.39 68.36
C LEU B 301 8.49 -3.84 69.36
N ARG B 302 9.75 -3.51 69.08
CA ARG B 302 10.86 -4.06 69.82
C ARG B 302 10.73 -3.77 71.30
N ASP B 303 10.91 -4.83 72.10
CA ASP B 303 10.75 -4.79 73.54
C ASP B 303 9.39 -4.21 73.99
N PHE B 304 8.37 -4.41 73.16
CA PHE B 304 6.98 -4.02 73.49
C PHE B 304 5.99 -5.09 73.09
N THR B 305 6.32 -5.81 72.02
CA THR B 305 5.50 -6.96 71.65
C THR B 305 5.71 -8.03 72.70
N GLN B 306 4.61 -8.66 73.11
CA GLN B 306 4.71 -9.70 74.12
C GLN B 306 4.99 -11.05 73.49
N VAL B 307 5.01 -11.05 72.16
CA VAL B 307 5.38 -12.22 71.38
C VAL B 307 6.89 -12.34 71.34
N ASN B 308 7.40 -13.41 71.94
CA ASN B 308 8.82 -13.55 72.16
C ASN B 308 9.64 -13.66 70.90
N TRP B 309 9.26 -14.55 70.00
CA TRP B 309 10.07 -14.78 68.82
C TRP B 309 10.11 -13.57 67.94
N LEU B 310 9.01 -12.81 67.94
CA LEU B 310 8.94 -11.63 67.11
C LEU B 310 9.91 -10.60 67.63
N ASN B 311 9.93 -10.42 68.96
CA ASN B 311 10.83 -9.45 69.55
C ASN B 311 12.28 -9.84 69.39
N ARG B 312 12.52 -11.15 69.39
CA ARG B 312 13.86 -11.66 69.19
C ARG B 312 14.32 -11.42 67.75
N ASP B 313 13.42 -11.66 66.80
CA ASP B 313 13.76 -11.51 65.39
C ASP B 313 13.97 -10.06 65.03
N ILE B 314 13.08 -9.21 65.54
CA ILE B 314 13.16 -7.76 65.31
C ILE B 314 14.39 -7.17 65.96
N THR B 315 14.71 -7.64 67.16
CA THR B 315 15.92 -7.21 67.83
C THR B 315 17.13 -7.62 67.02
N ASN B 316 17.08 -8.83 66.46
CA ASN B 316 18.22 -9.31 65.68
C ASN B 316 18.44 -8.52 64.42
N MET B 317 17.35 -8.15 63.74
CA MET B 317 17.47 -7.37 62.52
C MET B 317 17.98 -5.99 62.83
N LEU B 318 17.40 -5.38 63.85
CA LEU B 318 17.77 -4.02 64.20
C LEU B 318 19.20 -3.94 64.72
N GLN B 319 19.74 -5.07 65.18
CA GLN B 319 21.13 -5.12 65.62
C GLN B 319 22.13 -5.43 64.51
N GLN B 320 21.64 -5.76 63.32
CA GLN B 320 22.53 -5.94 62.19
C GLN B 320 23.07 -4.59 61.75
N ALA B 321 24.28 -4.59 61.19
CA ALA B 321 24.88 -3.34 60.71
C ALA B 321 24.09 -2.75 59.54
N GLY B 322 23.46 -3.63 58.76
CA GLY B 322 22.84 -3.22 57.52
C GLY B 322 21.52 -2.49 57.67
N THR B 323 20.98 -2.47 58.88
CA THR B 323 19.67 -1.84 59.10
C THR B 323 19.57 -1.10 60.42
N LYS B 324 18.94 0.08 60.38
CA LYS B 324 18.82 0.95 61.54
C LYS B 324 17.54 1.77 61.48
N TYR B 325 16.59 1.46 62.35
CA TYR B 325 15.36 2.27 62.46
C TYR B 325 15.60 3.61 63.12
N GLY B 326 14.88 4.61 62.65
CA GLY B 326 14.98 5.94 63.22
C GLY B 326 13.65 6.65 63.04
N LEU B 327 13.32 7.52 63.97
CA LEU B 327 12.07 8.24 63.88
C LEU B 327 12.41 9.73 63.97
N GLY B 328 12.69 10.35 62.83
CA GLY B 328 13.34 11.65 62.74
C GLY B 328 12.43 12.64 63.39
N LEU B 329 12.80 13.91 63.58
CA LEU B 329 13.78 14.72 62.85
C LEU B 329 15.22 14.24 62.72
N THR B 330 15.77 14.34 61.51
CA THR B 330 17.15 13.95 61.27
C THR B 330 18.05 15.05 60.70
N GLU B 331 17.51 15.94 59.86
CA GLU B 331 18.34 16.95 59.20
C GLU B 331 17.71 18.33 59.09
N THR B 332 18.15 19.26 59.93
CA THR B 332 17.82 20.68 59.77
C THR B 332 18.68 21.37 58.69
N ARG B 333 18.14 22.40 58.05
CA ARG B 333 18.90 23.29 57.17
C ARG B 333 18.50 24.75 57.42
N LEU B 334 19.37 25.51 58.06
CA LEU B 334 19.10 26.94 58.30
C LEU B 334 19.36 27.82 57.06
N ASP B 335 18.70 28.98 56.99
CA ASP B 335 18.99 29.95 55.93
C ASP B 335 20.32 30.65 56.14
N TYR B 336 20.91 31.11 55.04
CA TYR B 336 22.24 31.69 55.10
C TYR B 336 22.25 33.10 55.65
N VAL B 337 21.09 33.74 55.66
CA VAL B 337 21.02 35.13 56.08
C VAL B 337 20.16 35.26 57.33
N ARG B 338 18.94 34.73 57.26
CA ARG B 338 18.04 34.78 58.40
C ARG B 338 18.50 33.94 59.60
N LEU B 339 19.31 32.92 59.32
CA LEU B 339 19.76 31.98 60.35
C LEU B 339 18.63 31.29 61.10
N VAL B 340 17.52 31.05 60.41
CA VAL B 340 16.42 30.25 60.95
C VAL B 340 16.25 29.01 60.10
N LYS B 341 15.73 27.93 60.69
CA LYS B 341 15.58 26.67 59.96
C LYS B 341 14.62 26.76 58.78
N THR B 342 14.98 26.08 57.69
CA THR B 342 14.17 26.09 56.48
C THR B 342 13.58 24.72 56.19
N ILE B 343 14.44 23.82 55.71
CA ILE B 343 14.00 22.50 55.28
C ILE B 343 14.53 21.43 56.22
N VAL B 344 13.64 20.85 57.01
CA VAL B 344 14.01 19.75 57.88
C VAL B 344 13.67 18.38 57.29
N GLY B 345 14.47 17.36 57.61
CA GLY B 345 14.18 16.02 57.16
C GLY B 345 13.70 15.14 58.30
N HIS B 346 12.44 14.71 58.27
CA HIS B 346 11.94 13.79 59.29
C HIS B 346 11.95 12.37 58.79
N ALA B 347 12.36 11.44 59.66
CA ALA B 347 12.26 10.03 59.32
C ALA B 347 10.86 9.54 59.69
N LEU B 348 9.93 9.80 58.78
CA LEU B 348 8.54 9.37 58.92
C LEU B 348 8.39 7.88 58.70
N ASN B 349 7.34 7.31 59.31
CA ASN B 349 6.87 5.99 58.96
C ASN B 349 5.97 6.09 57.75
N ILE B 350 6.51 5.77 56.58
CA ILE B 350 5.77 5.91 55.34
C ILE B 350 6.46 5.07 54.27
N ASP B 351 5.70 4.55 53.31
CA ASP B 351 6.28 3.75 52.23
C ASP B 351 7.26 4.58 51.40
N HIS B 352 8.31 3.95 50.91
CA HIS B 352 9.39 4.69 50.26
C HIS B 352 8.98 5.31 48.94
N PHE B 353 7.90 4.81 48.35
CA PHE B 353 7.38 5.39 47.11
C PHE B 353 6.84 6.78 47.33
N ALA B 354 5.99 6.93 48.36
CA ALA B 354 5.41 8.23 48.65
C ALA B 354 6.49 9.17 49.09
N ALA B 355 7.45 8.66 49.86
CA ALA B 355 8.55 9.48 50.35
C ALA B 355 9.35 9.96 49.18
N SER B 356 9.47 9.12 48.16
CA SER B 356 10.27 9.49 47.01
C SER B 356 9.57 10.58 46.22
N VAL B 357 8.27 10.41 46.00
CA VAL B 357 7.54 11.43 45.27
C VAL B 357 7.55 12.78 46.00
N LEU B 358 7.41 12.72 47.32
CA LEU B 358 7.36 13.93 48.13
C LEU B 358 8.70 14.64 48.07
N ASN B 359 9.77 13.86 48.20
CA ASN B 359 11.12 14.43 48.12
C ASN B 359 11.45 14.99 46.73
N ILE B 360 10.87 14.39 45.70
CA ILE B 360 11.06 14.86 44.32
C ILE B 360 10.40 16.22 44.17
N ASN B 361 9.20 16.32 44.71
CA ASN B 361 8.46 17.56 44.69
C ASN B 361 9.26 18.68 45.38
N LEU B 362 9.68 18.41 46.60
CA LEU B 362 10.42 19.41 47.37
C LEU B 362 11.79 19.72 46.76
N ARG B 363 12.42 18.72 46.16
CA ARG B 363 13.70 18.92 45.51
C ARG B 363 13.51 19.91 44.39
N ALA B 364 12.42 19.73 43.63
CA ALA B 364 12.13 20.63 42.53
C ALA B 364 11.95 22.03 43.06
N LEU B 365 11.18 22.16 44.15
CA LEU B 365 10.89 23.50 44.66
C LEU B 365 12.13 24.20 45.16
N MET B 366 13.04 23.45 45.76
CA MET B 366 14.19 24.07 46.40
C MET B 366 15.32 24.36 45.44
N GLU B 367 15.53 23.44 44.51
CA GLU B 367 16.70 23.51 43.66
C GLU B 367 16.54 24.49 42.51
N ALA B 368 15.32 25.00 42.33
CA ALA B 368 15.06 25.98 41.28
C ALA B 368 15.75 27.33 41.53
N ASN B 369 16.01 27.66 42.79
CA ASN B 369 16.54 28.97 43.17
C ASN B 369 15.72 30.08 42.56
N VAL B 370 14.41 29.95 42.69
CA VAL B 370 13.51 30.99 42.27
C VAL B 370 12.70 31.43 43.48
N THR B 371 12.94 32.66 43.92
CA THR B 371 12.18 33.25 45.00
C THR B 371 10.96 33.96 44.43
N ALA B 372 10.08 34.44 45.31
CA ALA B 372 8.90 35.18 44.89
C ALA B 372 9.29 36.47 44.19
N ASP B 373 10.50 36.97 44.46
CA ASP B 373 10.98 38.21 43.84
C ASP B 373 11.00 38.08 42.31
N ASP B 374 11.24 36.87 41.83
CA ASP B 374 11.29 36.61 40.40
C ASP B 374 9.93 36.86 39.72
N ARG B 375 8.85 36.82 40.51
CA ARG B 375 7.52 37.15 39.98
C ARG B 375 7.48 38.55 39.41
N ILE B 376 8.35 39.43 39.89
CA ILE B 376 8.38 40.79 39.41
C ILE B 376 8.60 40.78 37.91
N LYS B 377 9.41 39.85 37.44
CA LYS B 377 9.70 39.78 36.01
C LYS B 377 8.45 39.53 35.18
N ALA B 378 7.50 38.74 35.70
CA ALA B 378 6.25 38.52 34.99
C ALA B 378 5.43 39.81 34.98
N LEU B 379 5.41 40.50 36.13
CA LEU B 379 4.59 41.70 36.27
C LEU B 379 5.03 42.79 35.31
N GLN B 380 6.34 42.90 35.14
CA GLN B 380 6.92 43.89 34.26
C GLN B 380 6.43 43.64 32.86
N ALA B 381 6.24 42.37 32.51
CA ALA B 381 5.74 42.04 31.18
C ALA B 381 4.30 42.52 30.98
N HIS B 382 3.52 42.52 32.05
CA HIS B 382 2.12 42.93 31.99
C HIS B 382 1.86 44.34 32.43
N SER B 383 2.95 45.05 32.67
CA SER B 383 2.89 46.46 32.97
C SER B 383 3.28 47.33 31.78
N MET B 384 2.93 48.61 31.87
CA MET B 384 3.38 49.59 30.88
C MET B 384 4.89 49.56 30.91
N ILE B 385 5.52 49.84 29.78
CA ILE B 385 6.97 49.78 29.73
C ILE B 385 7.51 50.78 30.75
N SER B 386 8.59 50.40 31.41
CA SER B 386 9.21 51.21 32.45
C SER B 386 8.37 51.51 33.70
N THR B 387 7.46 50.61 34.08
CA THR B 387 6.98 50.64 35.45
C THR B 387 8.11 50.10 36.30
N GLN B 388 8.26 50.64 37.51
CA GLN B 388 9.25 50.14 38.43
C GLN B 388 8.57 49.29 39.49
N PHE B 389 9.26 48.26 39.97
CA PHE B 389 8.68 47.43 41.02
C PHE B 389 9.65 47.31 42.17
N HIS B 390 9.23 47.74 43.34
CA HIS B 390 10.11 47.73 44.49
C HIS B 390 9.74 46.66 45.50
N GLY B 391 10.77 46.07 46.13
CA GLY B 391 10.63 45.33 47.37
C GLY B 391 9.78 44.09 47.21
N PRO B 392 9.57 43.33 48.31
CA PRO B 392 10.14 43.47 49.64
C PRO B 392 11.33 42.56 49.93
N ASN B 393 11.91 41.92 48.91
CA ASN B 393 13.12 41.11 49.09
C ASN B 393 12.99 39.99 50.12
N GLN B 394 11.95 39.18 49.99
CA GLN B 394 11.73 38.07 50.90
C GLN B 394 12.85 37.04 50.84
N GLY B 395 13.50 36.93 49.68
CA GLY B 395 14.67 36.09 49.56
C GLY B 395 14.41 34.60 49.59
N ALA B 396 15.38 33.84 50.09
CA ALA B 396 15.36 32.38 50.00
C ALA B 396 14.20 31.75 50.75
N LEU B 397 13.64 32.50 51.69
CA LEU B 397 12.61 32.00 52.59
C LEU B 397 11.26 31.81 51.92
N ARG B 398 11.13 32.35 50.71
CA ARG B 398 9.89 32.19 49.95
C ARG B 398 10.22 31.69 48.56
N PRO B 399 10.61 30.41 48.46
CA PRO B 399 10.91 29.74 47.20
C PRO B 399 9.66 29.55 46.37
N GLU B 400 9.85 29.44 45.06
CA GLU B 400 8.78 29.04 44.15
C GLU B 400 9.41 28.36 42.95
N LEU B 401 8.62 27.60 42.20
CA LEU B 401 9.15 26.98 40.98
C LEU B 401 9.34 28.02 39.90
N ALA B 402 10.34 27.81 39.05
CA ALA B 402 10.55 28.66 37.88
C ALA B 402 9.38 28.46 36.92
N PHE B 403 8.95 29.54 36.28
CA PHE B 403 7.88 29.43 35.29
C PHE B 403 8.35 28.50 34.18
N ASP B 404 7.52 27.52 33.82
CA ASP B 404 7.94 26.47 32.88
C ASP B 404 7.63 26.87 31.46
N HIS B 405 8.61 27.49 30.80
CA HIS B 405 8.43 28.00 29.45
C HIS B 405 8.05 26.89 28.48
N ASP B 406 8.77 25.78 28.58
CA ASP B 406 8.70 24.71 27.58
C ASP B 406 7.33 24.04 27.57
N HIS B 407 6.88 23.64 28.76
CA HIS B 407 5.61 22.98 28.88
C HIS B 407 4.44 23.89 28.47
N ILE B 408 4.55 25.17 28.78
CA ILE B 408 3.46 26.09 28.47
C ILE B 408 3.38 26.31 26.97
N ILE B 409 4.52 26.55 26.33
CA ILE B 409 4.47 26.79 24.89
C ILE B 409 3.96 25.56 24.16
N ARG B 410 4.34 24.39 24.66
CA ARG B 410 3.82 23.17 24.06
C ARG B 410 2.30 23.10 24.21
N CYS B 411 1.81 23.30 25.43
CA CYS B 411 0.38 23.16 25.69
C CYS B 411 -0.44 24.22 24.95
N LEU B 412 0.18 25.35 24.68
CA LEU B 412 -0.46 26.42 23.93
C LEU B 412 -0.58 26.05 22.47
N MET B 413 0.49 25.52 21.89
CA MET B 413 0.44 25.11 20.50
C MET B 413 -0.63 24.04 20.35
N LEU B 414 -0.62 23.10 21.28
CA LEU B 414 -1.56 22.01 21.22
C LEU B 414 -3.00 22.52 21.35
N ALA B 415 -3.20 23.50 22.24
CA ALA B 415 -4.53 24.00 22.49
C ALA B 415 -5.03 24.73 21.26
N ALA B 416 -4.14 25.52 20.67
CA ALA B 416 -4.47 26.31 19.50
C ALA B 416 -4.84 25.40 18.34
N ALA B 417 -4.19 24.23 18.29
CA ALA B 417 -4.55 23.26 17.26
C ALA B 417 -5.90 22.60 17.53
N ASN B 418 -6.18 22.28 18.79
CA ASN B 418 -7.45 21.64 19.13
C ASN B 418 -8.60 22.62 19.25
N TYR B 419 -8.30 23.81 19.73
CA TYR B 419 -9.34 24.81 20.03
C TYR B 419 -9.00 26.15 19.43
N PRO B 420 -9.31 26.35 18.15
CA PRO B 420 -8.99 27.59 17.47
C PRO B 420 -9.60 28.79 18.19
N ARG B 421 -10.73 28.56 18.87
CA ARG B 421 -11.42 29.62 19.60
C ARG B 421 -10.55 30.18 20.72
N LEU B 422 -9.40 29.55 20.96
CA LEU B 422 -8.45 30.04 21.95
C LEU B 422 -8.06 31.44 21.58
N GLU B 423 -8.08 31.70 20.27
CA GLU B 423 -7.78 33.01 19.72
C GLU B 423 -8.60 34.03 20.49
N GLY B 424 -9.89 33.76 20.57
CA GLY B 424 -10.83 34.73 21.09
C GLY B 424 -10.67 34.94 22.57
N ILE B 425 -10.07 33.96 23.24
CA ILE B 425 -9.84 34.13 24.67
C ILE B 425 -8.73 35.14 24.83
N ILE B 426 -7.66 34.91 24.08
CA ILE B 426 -6.47 35.72 24.21
C ILE B 426 -6.80 37.14 23.81
N VAL B 427 -7.54 37.28 22.71
CA VAL B 427 -7.86 38.59 22.21
C VAL B 427 -8.65 39.30 23.27
N GLN B 428 -9.51 38.54 23.93
CA GLN B 428 -10.44 39.15 24.88
C GLN B 428 -9.59 39.75 25.99
N ILE B 429 -8.52 39.05 26.36
CA ILE B 429 -7.62 39.52 27.41
C ILE B 429 -7.02 40.82 26.96
N ASN B 430 -6.48 40.80 25.75
CA ASN B 430 -5.89 41.97 25.16
C ASN B 430 -6.91 43.08 25.09
N THR B 431 -8.14 42.74 24.73
CA THR B 431 -9.15 43.78 24.56
C THR B 431 -9.37 44.48 25.87
N GLY B 432 -9.41 43.68 26.94
CA GLY B 432 -9.72 44.23 28.24
C GLY B 432 -8.61 45.21 28.59
N TYR B 433 -7.40 44.83 28.23
CA TYR B 433 -6.28 45.66 28.58
C TYR B 433 -6.37 46.99 27.87
N VAL B 434 -6.69 46.94 26.58
CA VAL B 434 -6.72 48.18 25.84
C VAL B 434 -7.82 49.02 26.47
N ALA B 435 -8.93 48.37 26.82
CA ALA B 435 -10.04 49.09 27.39
C ALA B 435 -9.64 49.69 28.73
N SER B 436 -8.82 48.95 29.49
CA SER B 436 -8.39 49.44 30.79
C SER B 436 -7.37 50.56 30.64
N ALA B 437 -6.68 50.57 29.50
CA ALA B 437 -5.55 51.48 29.35
C ALA B 437 -6.08 52.88 29.10
N ASN B 438 -7.38 52.96 28.80
CA ASN B 438 -8.06 54.23 28.55
C ASN B 438 -7.36 55.06 27.48
N VAL B 439 -6.85 54.39 26.44
CA VAL B 439 -6.16 55.09 25.34
C VAL B 439 -7.12 55.82 24.42
N ILE B 440 -8.34 55.31 24.31
CA ILE B 440 -9.29 55.82 23.33
C ILE B 440 -10.72 55.63 23.82
N ARG B 441 -11.58 56.61 23.54
CA ARG B 441 -12.97 56.48 23.92
C ARG B 441 -13.88 56.95 22.80
N PRO B 442 -15.03 56.30 22.64
CA PRO B 442 -16.09 56.75 21.75
C PRO B 442 -16.60 58.09 22.24
N VAL B 443 -17.01 58.96 21.32
CA VAL B 443 -17.54 60.25 21.70
C VAL B 443 -18.78 60.57 20.85
N SER B 444 -19.68 61.38 21.39
CA SER B 444 -20.89 61.77 20.67
C SER B 444 -20.64 62.70 19.48
N GLU B 445 -19.57 63.49 19.56
CA GLU B 445 -19.23 64.44 18.50
C GLU B 445 -18.81 63.75 17.21
N LYS B 446 -19.20 64.32 16.08
CA LYS B 446 -18.86 63.77 14.78
C LYS B 446 -18.08 64.77 13.94
N ARG B 447 -16.76 64.78 14.08
CA ARG B 447 -15.91 65.65 13.28
C ARG B 447 -15.62 64.98 11.95
N TYR B 448 -16.65 64.34 11.38
CA TYR B 448 -16.52 63.64 10.10
C TYR B 448 -16.25 64.55 8.92
N PHE B 449 -16.76 65.78 9.00
CA PHE B 449 -16.66 66.74 7.90
C PHE B 449 -16.24 68.10 8.40
N PRO B 450 -15.62 68.90 7.51
CA PRO B 450 -15.40 70.33 7.76
C PRO B 450 -16.76 71.00 7.87
N GLU B 451 -16.87 72.05 8.66
CA GLU B 451 -18.17 72.68 8.90
C GLU B 451 -18.83 73.10 7.59
N ASN B 452 -20.15 72.95 7.56
CA ASN B 452 -21.00 73.32 6.41
C ASN B 452 -20.75 72.55 5.10
N LEU B 453 -19.69 71.76 5.04
CA LEU B 453 -19.45 70.91 3.87
C LEU B 453 -20.54 69.84 3.73
N GLU B 454 -21.06 69.37 4.86
CA GLU B 454 -22.10 68.34 4.85
C GLU B 454 -23.40 68.89 4.25
N GLN B 455 -23.67 70.17 4.49
CA GLN B 455 -24.84 70.84 3.94
C GLN B 455 -24.75 71.14 2.44
N ASN B 456 -23.52 71.29 1.94
CA ASN B 456 -23.29 71.67 0.54
C ASN B 456 -23.81 70.61 -0.45
N GLN B 457 -24.53 71.07 -1.46
CA GLN B 457 -25.07 70.19 -2.50
C GLN B 457 -23.99 69.65 -3.43
N SER B 458 -22.94 70.43 -3.60
CA SER B 458 -21.84 70.04 -4.46
C SER B 458 -21.13 68.84 -3.87
N ALA B 459 -21.12 68.77 -2.55
CA ALA B 459 -20.39 67.73 -1.84
C ALA B 459 -21.24 66.48 -1.60
N ALA B 460 -22.36 66.37 -2.29
CA ALA B 460 -23.36 65.34 -1.98
C ALA B 460 -22.87 63.91 -2.13
N ARG B 461 -22.32 63.57 -3.29
CA ARG B 461 -21.87 62.20 -3.50
C ARG B 461 -20.71 61.82 -2.57
N LEU B 462 -19.86 62.79 -2.29
CA LEU B 462 -18.76 62.56 -1.39
C LEU B 462 -19.31 62.22 -0.04
N VAL B 463 -20.25 63.02 0.40
CA VAL B 463 -20.76 62.92 1.76
C VAL B 463 -21.47 61.61 1.91
N SER B 464 -22.20 61.20 0.88
CA SER B 464 -22.90 59.92 0.94
C SER B 464 -21.90 58.78 1.02
N ALA B 465 -20.78 58.91 0.31
CA ALA B 465 -19.75 57.87 0.33
C ALA B 465 -19.14 57.74 1.72
N VAL B 466 -18.75 58.88 2.29
CA VAL B 466 -18.14 58.90 3.61
C VAL B 466 -19.08 58.40 4.69
N LYS B 467 -20.36 58.77 4.61
CA LYS B 467 -21.32 58.32 5.59
C LYS B 467 -21.53 56.83 5.45
N ALA B 468 -21.49 56.37 4.19
CA ALA B 468 -21.70 54.96 3.91
C ALA B 468 -20.61 54.17 4.57
N ARG B 469 -19.41 54.73 4.61
CA ARG B 469 -18.32 53.99 5.24
C ARG B 469 -18.32 54.11 6.75
N ALA B 470 -18.47 55.33 7.24
CA ALA B 470 -18.38 55.63 8.68
C ALA B 470 -19.50 55.00 9.50
N SER B 471 -20.69 54.87 8.90
CA SER B 471 -21.80 54.24 9.60
C SER B 471 -21.57 52.75 9.79
N GLU B 472 -20.77 52.16 8.90
CA GLU B 472 -20.56 50.72 8.88
C GLU B 472 -19.79 50.20 10.10
N ALA B 473 -18.98 51.05 10.71
CA ALA B 473 -18.15 50.68 11.85
C ALA B 473 -18.93 50.48 13.15
N ASP B 474 -18.49 49.53 13.96
CA ASP B 474 -19.04 49.32 15.29
C ASP B 474 -18.07 49.84 16.34
N ILE B 475 -18.46 50.89 17.05
CA ILE B 475 -17.54 51.61 17.93
C ILE B 475 -17.00 50.75 19.07
N SER B 476 -17.82 49.83 19.56
CA SER B 476 -17.41 48.93 20.64
C SER B 476 -16.24 48.05 20.19
N SER B 477 -16.14 47.84 18.88
CA SER B 477 -15.10 46.99 18.31
C SER B 477 -13.75 47.70 18.20
N ILE B 478 -13.71 48.99 18.47
CA ILE B 478 -12.44 49.72 18.36
C ILE B 478 -11.33 49.11 19.20
N HIS B 479 -11.60 48.88 20.48
CA HIS B 479 -10.61 48.25 21.34
C HIS B 479 -10.20 46.91 20.75
N LEU B 480 -11.18 46.17 20.26
CA LEU B 480 -10.90 44.85 19.73
C LEU B 480 -9.91 44.94 18.57
N ALA B 481 -10.08 45.97 17.75
CA ALA B 481 -9.25 46.13 16.56
C ALA B 481 -7.81 46.37 16.95
N ILE B 482 -7.63 47.06 18.07
CA ILE B 482 -6.31 47.38 18.55
C ILE B 482 -5.70 46.10 19.09
N ALA B 483 -6.52 45.32 19.79
CA ALA B 483 -6.05 44.12 20.48
C ALA B 483 -5.52 43.09 19.50
N ARG B 484 -6.19 42.98 18.36
CA ARG B 484 -5.83 41.93 17.44
C ARG B 484 -4.61 42.33 16.64
N GLU B 485 -4.14 43.57 16.84
CA GLU B 485 -2.85 43.91 16.28
C GLU B 485 -1.77 43.03 16.93
N VAL B 486 -1.96 42.69 18.21
CA VAL B 486 -0.92 41.92 18.90
C VAL B 486 -1.32 40.49 19.28
N SER B 487 -2.57 40.13 19.02
CA SER B 487 -3.05 38.78 19.34
C SER B 487 -2.70 37.76 18.28
N PRO B 488 -2.29 36.54 18.70
CA PRO B 488 -2.00 35.47 17.75
C PRO B 488 -3.21 35.08 16.92
N MET B 489 -2.98 34.81 15.64
CA MET B 489 -4.04 34.36 14.76
C MET B 489 -3.94 32.85 14.59
N PHE B 490 -5.05 32.16 14.79
CA PHE B 490 -5.10 30.73 14.53
C PHE B 490 -6.08 30.57 13.39
N ASN B 491 -7.27 31.07 13.61
CA ASN B 491 -8.22 31.14 12.52
C ASN B 491 -7.95 32.34 11.61
N VAL B 492 -7.67 32.08 10.33
CA VAL B 492 -7.36 33.13 9.36
C VAL B 492 -8.49 34.14 9.11
N HIS B 493 -8.12 35.41 9.12
CA HIS B 493 -9.02 36.53 8.94
C HIS B 493 -9.39 36.79 7.51
N GLU B 494 -10.54 37.42 7.31
CA GLU B 494 -11.00 37.81 6.00
C GLU B 494 -11.53 39.23 6.07
N LEU B 495 -11.32 39.99 5.01
CA LEU B 495 -11.88 41.33 4.92
C LEU B 495 -13.40 41.22 4.92
N LYS B 496 -14.06 42.07 5.69
CA LYS B 496 -15.49 42.20 5.55
C LYS B 496 -15.72 42.78 4.18
N LYS B 497 -16.68 42.23 3.44
CA LYS B 497 -16.81 42.56 2.03
C LYS B 497 -17.17 44.02 1.81
N ILE B 498 -16.61 44.59 0.74
CA ILE B 498 -16.96 45.95 0.34
C ILE B 498 -17.42 45.90 -1.09
N ALA B 499 -18.65 46.34 -1.32
CA ALA B 499 -19.15 46.47 -2.69
C ALA B 499 -18.85 47.88 -3.17
N GLU B 500 -17.86 48.01 -4.06
CA GLU B 500 -17.55 49.31 -4.63
C GLU B 500 -17.26 49.23 -6.12
N SER B 501 -17.95 50.06 -6.89
CA SER B 501 -17.82 50.10 -8.34
C SER B 501 -16.77 51.11 -8.81
N PHE B 502 -16.49 52.11 -7.98
CA PHE B 502 -15.57 53.20 -8.33
C PHE B 502 -15.97 54.10 -9.51
N GLU B 503 -17.27 54.37 -9.68
CA GLU B 503 -17.69 55.39 -10.67
C GLU B 503 -17.06 56.74 -10.31
N ASP B 504 -17.57 57.34 -9.23
CA ASP B 504 -17.23 58.70 -8.81
C ASP B 504 -15.88 58.74 -8.13
N PRO B 505 -15.22 59.91 -8.18
CA PRO B 505 -13.99 60.20 -7.44
C PRO B 505 -14.17 60.06 -5.92
N SER B 506 -15.39 60.23 -5.45
CA SER B 506 -15.73 60.06 -4.05
C SER B 506 -15.39 58.64 -3.58
N SER B 507 -15.33 57.71 -4.52
CA SER B 507 -14.98 56.32 -4.24
C SER B 507 -13.57 56.22 -3.64
N ILE B 508 -12.79 57.29 -3.79
CA ILE B 508 -11.46 57.35 -3.21
C ILE B 508 -11.53 57.12 -1.71
N VAL B 509 -12.69 57.38 -1.13
CA VAL B 509 -12.88 57.15 0.30
C VAL B 509 -12.43 55.74 0.64
N VAL B 510 -12.90 54.77 -0.14
CA VAL B 510 -12.58 53.38 0.19
C VAL B 510 -11.09 53.16 0.15
N VAL B 511 -10.41 53.76 -0.82
CA VAL B 511 -8.96 53.60 -0.91
C VAL B 511 -8.33 54.12 0.38
N LEU B 512 -8.77 55.30 0.79
CA LEU B 512 -8.23 55.95 1.97
C LEU B 512 -8.49 55.11 3.19
N GLU B 513 -9.66 54.46 3.20
CA GLU B 513 -10.07 53.65 4.33
C GLU B 513 -8.96 52.64 4.52
N PHE B 514 -8.60 52.00 3.42
CA PHE B 514 -7.59 50.96 3.44
C PHE B 514 -6.26 51.48 3.91
N ILE B 515 -5.91 52.65 3.41
CA ILE B 515 -4.62 53.24 3.75
C ILE B 515 -4.56 53.52 5.23
N LEU B 516 -5.67 53.97 5.81
CA LEU B 516 -5.65 54.35 7.20
C LEU B 516 -5.43 53.09 7.98
N PHE B 517 -6.11 52.04 7.51
CA PHE B 517 -6.09 50.76 8.18
C PHE B 517 -4.69 50.18 8.07
N ALA B 518 -4.00 50.53 6.98
CA ALA B 518 -2.65 50.08 6.76
C ALA B 518 -1.68 50.72 7.75
N LEU B 519 -2.04 51.91 8.22
CA LEU B 519 -1.14 52.68 9.09
C LEU B 519 -1.43 52.37 10.54
N PHE B 520 -2.71 52.43 10.91
CA PHE B 520 -3.11 52.13 12.27
C PHE B 520 -2.90 50.67 12.60
N PHE B 521 -3.06 49.81 11.61
CA PHE B 521 -3.03 48.38 11.84
C PHE B 521 -2.26 47.62 10.79
N PRO B 522 -0.94 47.82 10.71
CA PRO B 522 -0.16 47.15 9.66
C PRO B 522 -0.26 45.63 9.69
N THR B 523 -0.38 45.07 10.90
CA THR B 523 -0.41 43.63 11.06
C THR B 523 -1.67 43.01 10.51
N GLU B 524 -2.79 43.50 11.01
CA GLU B 524 -4.08 43.02 10.57
C GLU B 524 -4.29 43.30 9.09
N PHE B 525 -3.74 44.41 8.62
CA PHE B 525 -3.84 44.76 7.22
C PHE B 525 -3.11 43.73 6.43
N ASN B 526 -1.95 43.33 6.91
CA ASN B 526 -1.15 42.33 6.26
C ASN B 526 -1.82 40.97 6.23
N ARG B 527 -2.66 40.73 7.22
CA ARG B 527 -3.39 39.47 7.30
C ARG B 527 -4.56 39.34 6.32
N ILE B 528 -5.00 40.48 5.78
CA ILE B 528 -6.16 40.52 4.88
C ILE B 528 -5.88 41.25 3.57
N LYS B 529 -4.62 41.56 3.32
CA LYS B 529 -4.27 42.48 2.26
C LYS B 529 -4.59 41.98 0.84
N GLY B 530 -4.65 40.67 0.64
CA GLY B 530 -4.99 40.19 -0.69
C GLY B 530 -6.44 40.46 -0.98
N ASP B 531 -7.26 40.25 0.03
CA ASP B 531 -8.70 40.46 -0.06
C ASP B 531 -9.00 41.94 -0.30
N ILE B 532 -8.08 42.79 0.16
CA ILE B 532 -8.09 44.23 -0.15
C ILE B 532 -7.65 44.50 -1.58
N GLN B 533 -6.65 43.76 -2.04
CA GLN B 533 -6.13 43.94 -3.40
C GLN B 533 -7.19 43.60 -4.41
N ASN B 534 -8.13 42.75 -4.02
CA ASN B 534 -9.29 42.49 -4.86
C ASN B 534 -10.16 43.73 -5.08
N VAL B 535 -10.17 44.62 -4.11
CA VAL B 535 -10.91 45.87 -4.22
C VAL B 535 -10.10 46.92 -4.99
N LEU B 536 -8.82 47.01 -4.63
CA LEU B 536 -7.92 47.97 -5.26
C LEU B 536 -7.79 47.68 -6.73
N LEU B 537 -7.87 46.41 -7.12
CA LEU B 537 -7.81 46.06 -8.53
C LEU B 537 -9.01 46.58 -9.31
N LEU B 538 -10.16 46.64 -8.66
CA LEU B 538 -11.34 47.27 -9.27
C LEU B 538 -11.08 48.76 -9.45
N PHE B 539 -10.54 49.36 -8.40
CA PHE B 539 -10.24 50.78 -8.42
C PHE B 539 -9.23 51.15 -9.51
N PHE B 540 -8.25 50.28 -9.69
CA PHE B 540 -7.16 50.53 -10.61
C PHE B 540 -7.56 50.26 -12.04
N SER B 541 -8.30 49.18 -12.26
CA SER B 541 -8.76 48.87 -13.60
C SER B 541 -9.70 49.95 -14.08
N ARG B 542 -10.48 50.50 -13.15
CA ARG B 542 -11.44 51.54 -13.50
C ARG B 542 -10.74 52.89 -13.73
N TRP B 543 -9.81 53.26 -12.84
CA TRP B 543 -9.13 54.56 -12.91
C TRP B 543 -7.84 54.60 -13.71
N TYR B 544 -7.08 53.49 -13.71
CA TYR B 544 -5.81 53.47 -14.44
C TYR B 544 -5.73 52.24 -15.32
N PRO B 545 -6.58 52.18 -16.34
CA PRO B 545 -6.80 50.97 -17.13
C PRO B 545 -5.55 50.42 -17.80
N VAL B 546 -4.69 51.31 -18.27
CA VAL B 546 -3.51 50.88 -19.01
C VAL B 546 -2.43 50.40 -18.05
N GLU B 547 -2.24 51.15 -16.96
CA GLU B 547 -1.29 50.75 -15.94
C GLU B 547 -1.76 49.44 -15.34
N TYR B 548 -3.09 49.29 -15.23
CA TYR B 548 -3.68 48.09 -14.70
C TYR B 548 -3.41 46.91 -15.61
N GLY B 549 -3.45 47.16 -16.90
CA GLY B 549 -3.28 46.08 -17.85
C GLY B 549 -1.84 45.60 -17.83
N ILE B 550 -0.92 46.53 -17.68
CA ILE B 550 0.49 46.16 -17.58
C ILE B 550 0.73 45.36 -16.30
N PHE B 551 0.22 45.91 -15.21
CA PHE B 551 0.39 45.33 -13.89
C PHE B 551 -0.12 43.90 -13.86
N VAL B 552 -1.35 43.72 -14.33
CA VAL B 552 -2.01 42.42 -14.25
C VAL B 552 -1.45 41.45 -15.29
N GLN B 553 -0.86 41.97 -16.35
CA GLN B 553 -0.13 41.10 -17.26
C GLN B 553 1.15 40.59 -16.63
N ARG B 554 1.71 41.36 -15.69
CA ARG B 554 2.79 40.79 -14.87
C ARG B 554 2.23 39.72 -13.92
N GLY B 555 0.94 39.80 -13.61
CA GLY B 555 0.30 38.79 -12.78
C GLY B 555 -0.14 39.31 -11.44
N ALA B 556 -1.26 38.78 -10.95
CA ALA B 556 -1.85 39.19 -9.67
C ALA B 556 -1.09 38.72 -8.44
N THR B 557 -0.27 37.68 -8.60
CA THR B 557 0.46 37.15 -7.46
C THR B 557 1.94 36.99 -7.74
N TYR B 558 2.69 36.59 -6.72
CA TYR B 558 4.06 36.19 -6.91
C TYR B 558 4.51 35.25 -5.83
N THR B 559 5.54 34.48 -6.14
CA THR B 559 6.20 33.67 -5.12
C THR B 559 7.61 34.19 -4.97
N ILE B 560 8.28 33.82 -3.89
CA ILE B 560 9.67 34.17 -3.73
C ILE B 560 10.50 32.90 -3.74
N ASN B 561 11.32 32.74 -4.78
CA ASN B 561 12.13 31.53 -4.92
C ASN B 561 13.29 31.50 -3.93
N ALA B 562 14.01 30.39 -3.91
CA ALA B 562 15.14 30.23 -3.00
C ALA B 562 16.20 31.32 -3.22
N ALA B 563 16.26 31.85 -4.44
CA ALA B 563 17.17 32.94 -4.77
C ALA B 563 16.71 34.26 -4.17
N GLY B 564 15.46 34.28 -3.70
CA GLY B 564 14.88 35.47 -3.11
C GLY B 564 14.24 36.41 -4.12
N GLU B 565 14.29 36.05 -5.40
CA GLU B 565 13.64 36.84 -6.45
C GLU B 565 12.14 36.63 -6.42
N PHE B 566 11.39 37.65 -6.85
CA PHE B 566 9.93 37.52 -6.94
C PHE B 566 9.58 37.03 -8.34
N GLU B 567 9.04 35.82 -8.42
CA GLU B 567 8.53 35.33 -9.69
C GLU B 567 7.03 35.55 -9.74
N PHE B 568 6.62 36.50 -10.59
CA PHE B 568 5.21 36.81 -10.75
C PHE B 568 4.44 35.78 -11.56
N SER B 569 3.17 35.59 -11.19
CA SER B 569 2.32 34.54 -11.73
C SER B 569 2.03 34.70 -13.22
N GLY B 570 2.00 35.95 -13.68
CA GLY B 570 1.83 36.22 -15.08
C GLY B 570 0.37 36.01 -15.46
N ARG B 571 -0.46 35.84 -14.45
CA ARG B 571 -1.84 35.42 -14.66
C ARG B 571 -2.78 36.21 -13.77
N ASN B 572 -3.74 36.89 -14.39
CA ASN B 572 -4.82 37.54 -13.67
C ASN B 572 -5.67 36.52 -12.91
N GLU B 573 -5.95 36.80 -11.64
CA GLU B 573 -6.81 35.95 -10.82
C GLU B 573 -7.16 36.64 -9.51
N LYS B 574 -8.35 36.39 -8.98
CA LYS B 574 -8.71 36.91 -7.66
C LYS B 574 -7.99 36.18 -6.55
N TRP B 575 -7.63 36.92 -5.51
CA TRP B 575 -7.05 36.39 -4.30
C TRP B 575 -8.12 35.73 -3.43
N ASP B 576 -7.74 34.69 -2.67
CA ASP B 576 -8.60 34.16 -1.62
C ASP B 576 -7.72 34.00 -0.41
N GLN B 577 -8.31 34.03 0.77
CA GLN B 577 -7.51 34.00 1.99
C GLN B 577 -6.86 32.64 2.21
N ALA B 578 -7.31 31.65 1.46
CA ALA B 578 -6.65 30.35 1.43
C ALA B 578 -5.17 30.58 1.13
N LEU B 579 -4.92 31.39 0.09
CA LEU B 579 -3.57 31.65 -0.37
C LEU B 579 -2.72 32.32 0.69
N TYR B 580 -3.35 32.87 1.72
CA TYR B 580 -2.60 33.53 2.77
C TYR B 580 -1.61 32.59 3.43
N LEU B 581 -1.97 31.31 3.53
CA LEU B 581 -1.01 30.37 4.12
C LEU B 581 -0.17 29.67 3.06
N SER B 582 -0.38 30.04 1.81
CA SER B 582 0.34 29.46 0.69
C SER B 582 1.66 30.18 0.46
N GLU B 583 2.35 29.81 -0.60
CA GLU B 583 3.63 30.42 -0.96
C GLU B 583 3.38 31.71 -1.72
N HIS B 584 2.12 31.98 -2.04
CA HIS B 584 1.71 33.11 -2.86
C HIS B 584 1.51 34.43 -2.15
N PHE B 585 1.75 35.53 -2.85
CA PHE B 585 1.53 36.86 -2.29
C PHE B 585 0.68 37.69 -3.23
N PRO B 586 -0.15 38.59 -2.67
CA PRO B 586 -0.80 39.56 -3.54
C PRO B 586 0.28 40.41 -4.21
N ALA B 587 0.15 40.73 -5.49
CA ALA B 587 1.26 41.39 -6.19
C ALA B 587 1.32 42.88 -5.96
N LEU B 588 0.20 43.48 -5.56
CA LEU B 588 0.15 44.94 -5.40
C LEU B 588 1.14 45.34 -4.34
N PHE B 589 1.38 44.43 -3.42
CA PHE B 589 2.26 44.70 -2.30
C PHE B 589 3.70 44.23 -2.47
N SER B 590 4.08 43.86 -3.70
CA SER B 590 5.47 43.44 -3.96
C SER B 590 6.47 44.58 -3.76
N ASP B 591 6.02 45.80 -3.98
CA ASP B 591 6.90 46.99 -4.00
C ASP B 591 8.00 46.84 -5.03
N VAL B 592 7.74 46.02 -6.05
CA VAL B 592 8.67 45.87 -7.16
C VAL B 592 8.22 46.81 -8.25
N PRO B 593 9.10 47.75 -8.62
CA PRO B 593 8.74 48.73 -9.64
C PRO B 593 8.46 48.05 -10.98
N LEU B 594 7.51 48.61 -11.71
CA LEU B 594 7.13 48.06 -13.00
C LEU B 594 6.99 49.23 -13.98
N ALA B 595 7.69 49.16 -15.11
CA ALA B 595 7.64 50.24 -16.07
C ALA B 595 6.23 50.41 -16.63
N GLY B 596 5.76 51.65 -16.66
CA GLY B 596 4.46 51.96 -17.22
C GLY B 596 3.31 51.69 -16.27
N ALA B 597 3.62 51.23 -15.07
CA ALA B 597 2.61 51.00 -14.05
C ALA B 597 2.91 51.82 -12.79
N ASN B 598 3.59 52.94 -12.98
CA ASN B 598 4.15 53.70 -11.86
C ASN B 598 3.13 54.22 -10.87
N THR B 599 1.98 54.69 -11.36
CA THR B 599 0.98 55.27 -10.48
C THR B 599 0.43 54.22 -9.54
N ILE B 600 0.33 53.00 -10.05
CA ILE B 600 -0.17 51.90 -9.25
C ILE B 600 0.84 51.56 -8.18
N ILE B 601 2.11 51.57 -8.57
CA ILE B 601 3.20 51.26 -7.66
C ILE B 601 3.31 52.31 -6.55
N ALA B 602 3.02 53.56 -6.91
CA ALA B 602 3.15 54.67 -5.97
C ALA B 602 2.03 54.63 -4.96
N ILE B 603 0.82 54.48 -5.49
CA ILE B 603 -0.35 54.42 -4.64
C ILE B 603 -0.18 53.22 -3.73
N MET B 604 0.47 52.17 -4.24
CA MET B 604 0.82 51.05 -3.38
C MET B 604 1.82 51.44 -2.30
N ARG B 605 2.75 52.32 -2.63
CA ARG B 605 3.78 52.70 -1.67
C ARG B 605 3.13 53.46 -0.53
N LEU B 606 1.93 53.98 -0.76
CA LEU B 606 1.19 54.62 0.33
C LEU B 606 0.87 53.67 1.49
N PHE B 607 0.75 52.37 1.20
CA PHE B 607 0.40 51.41 2.24
C PHE B 607 1.52 50.94 3.16
N THR B 608 2.77 51.29 2.85
CA THR B 608 3.88 50.78 3.67
C THR B 608 3.84 51.33 5.08
N PRO B 609 3.98 50.44 6.08
CA PRO B 609 3.85 50.72 7.51
C PRO B 609 4.89 51.70 8.06
N GLN B 610 4.47 52.48 9.04
CA GLN B 610 5.26 53.57 9.59
C GLN B 610 5.83 53.25 10.97
N GLY B 611 5.95 51.96 11.29
CA GLY B 611 6.36 51.54 12.63
C GLY B 611 7.74 50.94 12.74
N PHE B 612 7.88 49.95 13.61
CA PHE B 612 9.17 49.28 13.79
C PHE B 612 9.02 47.92 14.45
N LEU B 613 10.01 47.06 14.22
CA LEU B 613 10.01 45.69 14.72
C LEU B 613 10.69 45.55 16.09
N ARG B 614 9.90 45.63 17.15
CA ARG B 614 10.38 45.46 18.53
C ARG B 614 10.69 44.03 18.89
N THR B 615 11.68 43.84 19.75
CA THR B 615 11.91 42.54 20.39
C THR B 615 11.13 42.49 21.69
N ASP B 616 10.45 41.37 21.95
CA ASP B 616 9.63 41.24 23.15
C ASP B 616 10.49 40.96 24.39
N ASP B 617 11.30 41.95 24.78
CA ASP B 617 12.36 41.76 25.76
C ASP B 617 11.89 41.36 27.14
N LEU B 618 10.77 41.92 27.56
CA LEU B 618 10.26 41.65 28.89
C LEU B 618 9.67 40.27 28.97
N ALA B 619 9.00 39.84 27.88
CA ALA B 619 8.42 38.52 27.83
C ALA B 619 9.51 37.48 27.81
N ILE B 620 10.67 37.85 27.27
CA ILE B 620 11.81 36.96 27.20
C ILE B 620 12.44 36.82 28.57
N ALA B 621 12.58 37.94 29.28
CA ALA B 621 13.15 37.90 30.62
C ALA B 621 12.28 37.08 31.57
N ALA B 622 10.97 37.07 31.31
CA ALA B 622 10.02 36.34 32.14
C ALA B 622 9.89 34.87 31.73
N ASN B 623 10.56 34.50 30.62
CA ASN B 623 10.40 33.17 30.02
C ASN B 623 8.95 32.87 29.69
N PHE B 624 8.25 33.87 29.17
CA PHE B 624 6.91 33.64 28.68
C PHE B 624 7.01 32.86 27.39
N PRO B 625 6.04 31.99 27.13
CA PRO B 625 6.09 31.15 25.93
C PRO B 625 6.13 32.01 24.67
N ARG B 626 6.96 31.61 23.71
CA ARG B 626 7.13 32.33 22.47
C ARG B 626 7.58 31.31 21.45
N ALA B 627 6.77 31.11 20.41
CA ALA B 627 7.08 30.11 19.39
C ALA B 627 8.33 30.44 18.57
N SER B 628 8.61 31.73 18.39
CA SER B 628 9.77 32.17 17.61
C SER B 628 11.08 31.94 18.35
N ARG B 629 12.15 31.62 17.61
CA ARG B 629 13.48 31.52 18.19
C ARG B 629 14.01 32.91 18.55
N ASN B 630 13.51 33.92 17.84
CA ASN B 630 13.78 35.33 18.17
C ASN B 630 12.52 36.20 18.19
N PRO B 631 11.78 36.17 19.30
CA PRO B 631 10.43 36.76 19.42
C PRO B 631 10.42 38.27 19.19
N GLN B 632 9.36 38.74 18.54
CA GLN B 632 9.28 40.08 17.99
C GLN B 632 7.85 40.48 17.79
N THR B 633 7.65 41.77 17.51
CA THR B 633 6.31 42.28 17.30
C THR B 633 6.41 43.58 16.50
N TYR B 634 5.47 43.82 15.60
CA TYR B 634 5.55 45.05 14.85
C TYR B 634 4.70 46.13 15.49
N ILE B 635 5.35 47.05 16.18
CA ILE B 635 4.65 48.21 16.72
C ILE B 635 4.38 49.20 15.58
N PRO B 636 3.11 49.58 15.40
CA PRO B 636 2.61 50.35 14.25
C PRO B 636 3.28 51.71 14.07
N TYR B 637 3.71 52.35 15.16
CA TYR B 637 4.38 53.65 15.06
C TYR B 637 5.28 53.92 16.24
N THR B 638 6.40 54.57 15.96
CA THR B 638 7.36 54.96 16.99
C THR B 638 6.89 56.19 17.78
N ASN B 639 7.32 56.29 19.03
CA ASN B 639 7.17 57.52 19.79
C ASN B 639 8.00 58.63 19.15
N GLN B 640 7.52 59.86 19.20
CA GLN B 640 8.19 60.99 18.54
C GLN B 640 8.13 62.27 19.36
N ARG B 641 8.87 62.34 20.47
CA ARG B 641 8.62 63.39 21.46
C ARG B 641 9.19 64.78 21.17
N GLY B 642 10.46 64.85 20.77
CA GLY B 642 11.13 66.13 20.69
C GLY B 642 10.78 66.97 19.47
N THR B 643 10.16 66.35 18.47
CA THR B 643 9.90 67.05 17.21
C THR B 643 8.81 68.10 17.30
N VAL B 644 8.99 69.18 16.56
CA VAL B 644 7.94 70.15 16.32
C VAL B 644 6.78 69.49 15.56
N THR B 645 7.11 68.53 14.69
CA THR B 645 6.12 67.92 13.81
C THR B 645 6.11 66.40 13.90
N ASN B 646 4.92 65.82 14.01
CA ASN B 646 4.74 64.39 14.11
C ASN B 646 4.96 63.70 12.76
N GLU B 647 5.94 62.82 12.70
CA GLU B 647 6.35 62.19 11.44
C GLU B 647 5.24 61.32 10.85
N PHE B 648 4.42 60.73 11.73
CA PHE B 648 3.29 59.91 11.31
C PHE B 648 2.27 60.80 10.60
N ALA B 649 1.96 61.92 11.25
CA ALA B 649 1.02 62.88 10.68
C ALA B 649 1.53 63.46 9.36
N SER B 650 2.83 63.71 9.28
CA SER B 650 3.42 64.24 8.06
C SER B 650 3.34 63.20 6.95
N ARG B 651 3.42 61.94 7.36
CA ARG B 651 3.29 60.88 6.38
C ARG B 651 1.88 60.86 5.84
N PHE B 652 0.91 61.08 6.73
CA PHE B 652 -0.46 61.13 6.27
C PHE B 652 -0.70 62.33 5.38
N ARG B 653 0.05 63.39 5.60
CA ARG B 653 -0.04 64.53 4.71
C ARG B 653 0.46 64.17 3.32
N THR B 654 1.56 63.41 3.22
CA THR B 654 2.02 63.04 1.88
C THR B 654 1.08 62.08 1.19
N ILE B 655 0.48 61.18 1.96
CA ILE B 655 -0.47 60.24 1.42
C ILE B 655 -1.66 61.01 0.86
N VAL B 656 -2.17 61.95 1.66
CA VAL B 656 -3.32 62.76 1.23
C VAL B 656 -3.00 63.69 0.08
N ALA B 657 -1.74 64.12 -0.03
CA ALA B 657 -1.30 64.91 -1.16
C ALA B 657 -1.38 64.08 -2.42
N THR B 658 -0.91 62.83 -2.31
CA THR B 658 -0.91 61.93 -3.45
C THR B 658 -2.32 61.60 -3.88
N LEU B 659 -3.15 61.23 -2.93
CA LEU B 659 -4.54 60.94 -3.27
C LEU B 659 -5.23 62.17 -3.80
N ALA B 660 -4.80 63.35 -3.36
CA ALA B 660 -5.44 64.58 -3.80
C ALA B 660 -5.18 64.79 -5.27
N ASN B 661 -3.92 64.66 -5.69
CA ASN B 661 -3.66 64.82 -7.11
C ASN B 661 -4.25 63.67 -7.94
N VAL B 662 -4.41 62.51 -7.31
CA VAL B 662 -5.10 61.38 -7.97
C VAL B 662 -6.58 61.67 -8.26
N VAL B 663 -7.30 62.10 -7.23
CA VAL B 663 -8.73 62.41 -7.34
C VAL B 663 -8.89 63.59 -8.27
N ASN B 664 -7.89 64.47 -8.27
CA ASN B 664 -7.98 65.63 -9.11
C ASN B 664 -7.88 65.22 -10.55
N GLU B 665 -6.91 64.36 -10.84
CA GLU B 665 -6.69 63.94 -12.20
C GLU B 665 -7.96 63.25 -12.69
N ARG B 666 -8.59 62.50 -11.79
CA ARG B 666 -9.82 61.79 -12.16
C ARG B 666 -10.96 62.74 -12.43
N ALA B 667 -11.10 63.74 -11.58
CA ALA B 667 -12.19 64.69 -11.68
C ALA B 667 -12.07 65.55 -12.93
N VAL B 668 -10.86 65.97 -13.27
CA VAL B 668 -10.67 66.71 -14.52
C VAL B 668 -10.88 65.79 -15.72
N GLN B 669 -10.60 64.50 -15.55
CA GLN B 669 -10.87 63.55 -16.62
C GLN B 669 -12.37 63.40 -16.87
N ASP B 670 -13.16 63.55 -15.80
CA ASP B 670 -14.60 63.32 -15.86
C ASP B 670 -15.38 64.64 -15.78
N ASP B 671 -14.67 65.75 -15.99
CA ASP B 671 -15.26 67.08 -16.08
C ASP B 671 -16.14 67.47 -14.88
N MET B 672 -15.64 67.23 -13.67
CA MET B 672 -16.36 67.56 -12.46
C MET B 672 -16.43 69.06 -12.23
N GLN B 673 -17.56 69.50 -11.68
CA GLN B 673 -17.74 70.90 -11.33
C GLN B 673 -16.71 71.30 -10.27
N LYS B 674 -16.23 72.53 -10.37
CA LYS B 674 -15.15 72.98 -9.50
C LYS B 674 -15.57 72.93 -8.04
N ALA B 675 -16.86 73.12 -7.78
CA ALA B 675 -17.35 73.17 -6.41
C ALA B 675 -17.20 71.82 -5.68
N THR B 676 -17.54 70.74 -6.37
CA THR B 676 -17.44 69.41 -5.79
C THR B 676 -15.98 69.04 -5.57
N ARG B 677 -15.13 69.52 -6.47
CA ARG B 677 -13.71 69.21 -6.39
C ARG B 677 -13.16 69.88 -5.15
N SER B 678 -13.57 71.13 -4.97
CA SER B 678 -13.06 71.92 -3.87
C SER B 678 -13.52 71.26 -2.61
N CYS B 679 -14.72 70.68 -2.65
CA CYS B 679 -15.22 70.04 -1.45
C CYS B 679 -14.51 68.76 -1.07
N THR B 680 -14.13 67.95 -2.06
CA THR B 680 -13.33 66.77 -1.72
C THR B 680 -11.98 67.21 -1.17
N LYS B 681 -11.45 68.30 -1.72
CA LYS B 681 -10.14 68.75 -1.26
C LYS B 681 -10.23 69.22 0.19
N GLN B 682 -11.33 69.90 0.49
CA GLN B 682 -11.56 70.42 1.83
C GLN B 682 -11.67 69.25 2.78
N TRP B 683 -12.29 68.17 2.31
CA TRP B 683 -12.47 67.00 3.15
C TRP B 683 -11.12 66.37 3.47
N LEU B 684 -10.27 66.31 2.46
CA LEU B 684 -8.93 65.78 2.68
C LEU B 684 -8.13 66.63 3.65
N ARG B 685 -8.22 67.96 3.54
CA ARG B 685 -7.48 68.84 4.46
C ARG B 685 -7.96 68.63 5.88
N HIS B 686 -9.26 68.42 6.00
CA HIS B 686 -9.86 68.14 7.28
C HIS B 686 -9.32 66.82 7.86
N LEU B 687 -9.14 65.83 7.01
CA LEU B 687 -8.59 64.57 7.45
C LEU B 687 -7.16 64.76 7.95
N GLU B 688 -6.42 65.61 7.24
CA GLU B 688 -5.05 65.91 7.67
C GLU B 688 -5.06 66.56 9.04
N THR B 689 -5.99 67.49 9.30
CA THR B 689 -5.97 68.17 10.59
C THR B 689 -6.33 67.20 11.69
N GLN B 690 -7.33 66.36 11.42
CA GLN B 690 -7.84 65.46 12.42
C GLN B 690 -6.75 64.48 12.81
N PHE B 691 -6.03 64.05 11.79
CA PHE B 691 -4.94 63.11 11.94
C PHE B 691 -3.79 63.72 12.71
N ASP B 692 -3.49 64.99 12.43
CA ASP B 692 -2.42 65.67 13.15
C ASP B 692 -2.82 65.78 14.62
N ASN B 693 -4.12 65.87 14.88
CA ASN B 693 -4.59 65.93 16.25
C ASN B 693 -4.37 64.62 16.98
N ILE B 694 -4.80 63.51 16.38
CA ILE B 694 -4.76 62.22 17.06
C ILE B 694 -3.38 61.56 17.03
N ALA B 695 -2.50 62.15 16.22
CA ALA B 695 -1.23 61.53 15.92
C ALA B 695 -0.41 61.34 17.17
N VAL B 696 -0.38 62.35 18.02
CA VAL B 696 0.40 62.24 19.24
C VAL B 696 -0.18 61.14 20.13
N ALA B 697 -1.49 60.97 20.09
CA ALA B 697 -2.14 59.96 20.90
C ALA B 697 -1.73 58.59 20.43
N HIS B 698 -1.51 58.46 19.13
CA HIS B 698 -1.17 57.15 18.62
C HIS B 698 0.29 56.90 18.85
N THR B 699 1.13 57.73 18.24
CA THR B 699 2.56 57.49 18.24
C THR B 699 3.14 57.53 19.63
N ASP B 700 2.60 58.40 20.49
CA ASP B 700 3.22 58.62 21.78
C ASP B 700 2.56 57.91 22.97
N HIS B 701 1.33 57.43 22.80
CA HIS B 701 0.63 56.75 23.89
C HIS B 701 0.23 55.30 23.57
N LEU B 702 -0.54 55.12 22.50
CA LEU B 702 -1.00 53.81 22.06
C LEU B 702 0.14 52.87 21.71
N SER B 703 1.24 53.47 21.24
CA SER B 703 2.43 52.70 20.88
C SER B 703 2.97 51.98 22.11
N VAL B 704 2.98 52.66 23.25
CA VAL B 704 3.44 52.00 24.45
C VAL B 704 2.50 50.89 24.87
N VAL B 705 1.19 51.06 24.61
CA VAL B 705 0.23 50.01 24.95
C VAL B 705 0.50 48.77 24.10
N TYR B 706 0.89 49.00 22.85
CA TYR B 706 1.28 47.89 21.99
C TYR B 706 2.54 47.21 22.51
N ALA B 707 3.52 48.03 22.87
CA ALA B 707 4.78 47.50 23.35
C ALA B 707 4.58 46.67 24.60
N THR B 708 3.63 47.04 25.45
CA THR B 708 3.37 46.20 26.62
C THR B 708 2.69 44.92 26.20
N MET B 709 1.66 45.02 25.37
CA MET B 709 0.83 43.87 25.09
C MET B 709 1.62 42.80 24.37
N SER B 710 2.65 43.23 23.68
CA SER B 710 3.50 42.31 22.95
C SER B 710 4.24 41.41 23.92
N ASN B 711 4.43 41.91 25.14
CA ASN B 711 5.07 41.15 26.20
C ASN B 711 4.15 40.32 27.08
N PHE B 712 2.84 40.37 26.84
CA PHE B 712 1.89 39.62 27.66
C PHE B 712 2.18 38.17 27.43
N MET B 713 1.88 37.35 28.41
CA MET B 713 2.21 35.93 28.40
C MET B 713 1.68 35.17 27.20
N LEU B 714 0.38 35.31 26.91
CA LEU B 714 -0.22 34.45 25.88
C LEU B 714 -0.15 35.01 24.47
N ASN B 715 0.49 36.16 24.31
CA ASN B 715 0.71 36.72 22.97
C ASN B 715 1.87 36.04 22.25
N PHE B 716 1.86 34.71 22.23
CA PHE B 716 3.05 33.91 21.91
C PHE B 716 3.61 33.85 20.48
N THR B 717 2.82 34.15 19.46
CA THR B 717 3.29 34.10 18.06
C THR B 717 3.97 35.39 17.55
N ASN B 718 4.76 35.27 16.49
CA ASN B 718 5.22 36.44 15.73
C ASN B 718 4.19 36.80 14.66
N ASN B 719 3.68 38.03 14.70
CA ASN B 719 2.54 38.38 13.86
C ASN B 719 2.87 39.02 12.52
N PHE B 720 3.95 39.79 12.45
CA PHE B 720 4.26 40.56 11.26
C PHE B 720 5.62 41.23 11.37
N SER B 721 6.43 41.09 10.32
CA SER B 721 7.79 41.62 10.34
C SER B 721 7.84 43.08 9.95
N GLY B 722 6.73 43.62 9.47
CA GLY B 722 6.72 44.99 8.99
C GLY B 722 7.04 45.15 7.53
N ASN B 723 7.30 44.05 6.85
CA ASN B 723 7.53 44.09 5.41
C ASN B 723 6.51 43.27 4.65
N HIS B 724 5.51 43.92 4.07
CA HIS B 724 4.39 43.22 3.43
C HIS B 724 4.79 42.32 2.27
N ALA B 725 5.85 42.71 1.56
CA ALA B 725 6.26 42.00 0.34
C ALA B 725 6.68 40.56 0.58
N THR B 726 7.21 40.28 1.76
CA THR B 726 7.92 39.02 1.96
C THR B 726 7.38 38.21 3.12
N PHE B 727 6.76 38.89 4.07
CA PHE B 727 6.36 38.21 5.30
C PHE B 727 5.32 37.14 5.08
N LYS B 728 5.55 35.98 5.69
CA LYS B 728 4.55 34.95 5.86
C LYS B 728 4.75 34.42 7.26
N PRO B 729 3.68 34.04 7.94
CA PRO B 729 3.78 33.45 9.29
C PRO B 729 4.51 32.11 9.25
N ASP B 730 5.25 31.78 10.30
CA ASP B 730 5.76 30.42 10.44
C ASP B 730 4.55 29.53 10.72
N GLN B 731 4.51 28.36 10.11
CA GLN B 731 3.34 27.50 10.23
C GLN B 731 3.64 26.19 10.90
N TYR B 732 3.47 26.16 12.20
CA TYR B 732 3.56 24.94 12.95
C TYR B 732 2.30 24.09 12.84
N VAL B 733 2.46 22.79 13.04
CA VAL B 733 1.38 21.82 13.12
C VAL B 733 1.70 20.81 14.21
N ILE B 734 0.66 20.27 14.84
CA ILE B 734 0.79 19.06 15.62
C ILE B 734 0.73 17.92 14.61
N THR B 735 1.61 16.94 14.75
CA THR B 735 1.78 15.93 13.72
C THR B 735 1.88 14.51 14.23
N SER B 736 0.79 13.77 14.13
CA SER B 736 0.82 12.35 14.42
C SER B 736 1.36 11.57 13.24
N PRO B 737 2.27 10.63 13.51
CA PRO B 737 2.59 9.65 12.48
C PRO B 737 1.34 8.88 12.05
N GLU B 738 0.41 8.66 12.97
CA GLU B 738 -0.87 8.03 12.64
C GLU B 738 -1.76 8.95 11.82
N GLY B 739 -2.59 9.75 12.50
CA GLY B 739 -3.56 10.61 11.84
C GLY B 739 -2.95 11.77 11.04
N SER B 740 -3.82 12.66 10.57
CA SER B 740 -3.37 13.83 9.82
C SER B 740 -2.80 14.88 10.75
N TYR B 741 -1.85 15.67 10.25
CA TYR B 741 -1.41 16.84 11.00
C TYR B 741 -2.52 17.88 11.07
N LYS B 742 -2.56 18.63 12.15
CA LYS B 742 -3.52 19.72 12.29
C LYS B 742 -2.74 21.03 12.42
N PRO B 743 -2.82 21.89 11.40
CA PRO B 743 -2.16 23.20 11.46
C PRO B 743 -2.73 24.05 12.58
N ILE B 744 -1.88 24.83 13.23
CA ILE B 744 -2.35 25.74 14.27
C ILE B 744 -3.13 26.86 13.62
N ILE B 745 -2.64 27.31 12.48
CA ILE B 745 -3.32 28.33 11.70
C ILE B 745 -3.90 27.67 10.46
N GLU B 746 -5.20 27.80 10.27
CA GLU B 746 -5.82 27.46 9.00
C GLU B 746 -7.15 28.18 8.83
N ARG B 747 -7.71 28.17 7.62
CA ARG B 747 -9.08 28.65 7.44
C ARG B 747 -10.06 27.54 7.81
N GLN B 748 -10.19 27.30 9.11
CA GLN B 748 -11.01 26.19 9.60
C GLN B 748 -12.48 26.57 9.74
N GLY B 749 -12.83 27.79 9.34
CA GLY B 749 -14.22 28.20 9.29
C GLY B 749 -14.79 28.58 10.64
N GLU B 750 -13.91 28.69 11.63
CA GLU B 750 -14.32 29.13 12.96
C GLU B 750 -14.21 30.65 13.09
N THR B 751 -15.32 31.36 12.93
CA THR B 751 -15.29 32.82 12.98
C THR B 751 -14.89 33.36 14.36
N VAL B 752 -15.03 32.53 15.38
CA VAL B 752 -14.81 32.94 16.76
C VAL B 752 -15.76 34.09 17.12
N ASP B 753 -17.05 33.86 16.91
CA ASP B 753 -18.08 34.86 17.11
C ASP B 753 -17.80 36.12 16.28
N GLY B 754 -17.41 35.91 15.03
CA GLY B 754 -17.31 36.99 14.07
C GLY B 754 -16.05 37.82 14.17
N LEU B 755 -15.16 37.41 15.07
CA LEU B 755 -13.90 38.12 15.31
C LEU B 755 -12.96 38.09 14.09
N THR B 756 -13.05 37.06 13.27
CA THR B 756 -12.13 36.93 12.14
C THR B 756 -12.51 37.77 10.93
N ILE B 757 -13.72 38.31 10.90
CA ILE B 757 -14.12 39.21 9.83
C ILE B 757 -13.74 40.63 10.20
N ILE B 758 -12.98 41.29 9.33
CA ILE B 758 -12.36 42.57 9.65
C ILE B 758 -13.04 43.75 8.99
N ASP B 759 -13.69 44.61 9.79
CA ASP B 759 -14.23 45.85 9.24
C ASP B 759 -13.12 46.90 9.21
N THR B 760 -12.74 47.32 8.02
CA THR B 760 -11.76 48.38 7.89
C THR B 760 -12.34 49.74 8.25
N SER B 761 -13.66 49.85 8.17
CA SER B 761 -14.38 51.11 8.30
C SER B 761 -14.17 51.69 9.69
N ILE B 762 -13.66 50.85 10.59
CA ILE B 762 -13.41 51.24 11.95
C ILE B 762 -12.46 52.44 11.97
N VAL B 763 -11.62 52.60 10.94
CA VAL B 763 -10.66 53.70 10.97
C VAL B 763 -11.35 55.05 11.02
N TRP B 764 -12.55 55.13 10.47
CA TRP B 764 -13.26 56.39 10.47
C TRP B 764 -13.59 56.95 11.87
N PRO B 765 -14.25 56.14 12.72
CA PRO B 765 -14.37 56.64 14.09
C PRO B 765 -13.08 56.94 14.82
N ILE B 766 -12.04 56.17 14.57
CA ILE B 766 -10.76 56.35 15.25
C ILE B 766 -10.15 57.70 14.87
N LEU B 767 -10.40 58.11 13.64
CA LEU B 767 -9.91 59.40 13.15
C LEU B 767 -10.92 60.46 13.55
N CYS B 768 -12.08 60.41 12.92
CA CYS B 768 -13.05 61.49 12.98
C CYS B 768 -14.00 61.56 14.19
N GLN B 769 -14.02 60.55 15.06
CA GLN B 769 -14.91 60.63 16.24
C GLN B 769 -14.53 59.82 17.49
N CYS B 770 -13.30 59.96 17.95
CA CYS B 770 -12.87 59.32 19.18
C CYS B 770 -11.99 60.28 19.95
N THR B 771 -12.05 60.21 21.27
CA THR B 771 -11.19 61.05 22.09
C THR B 771 -9.97 60.29 22.56
N TYR B 772 -8.88 61.00 22.79
CA TYR B 772 -7.73 60.41 23.45
C TYR B 772 -7.26 61.35 24.53
N PRO B 773 -6.78 60.80 25.66
CA PRO B 773 -6.22 61.56 26.77
C PRO B 773 -5.04 62.46 26.42
N LEU B 774 -4.19 62.04 25.49
CA LEU B 774 -3.09 62.89 25.06
C LEU B 774 -3.56 64.10 24.26
N VAL B 775 -4.69 63.96 23.58
CA VAL B 775 -5.26 65.06 22.81
C VAL B 775 -6.18 65.91 23.68
N ARG B 776 -5.61 66.79 24.49
CA ARG B 776 -6.42 67.73 25.24
C ARG B 776 -6.27 69.13 24.66
N GLN B 777 -7.37 69.88 24.64
CA GLN B 777 -7.40 71.17 23.97
C GLN B 777 -8.59 72.03 24.43
N SER B 786 -6.63 72.74 27.29
CA SER B 786 -6.16 71.39 27.56
C SER B 786 -6.60 70.91 28.94
N ILE B 787 -7.48 69.90 28.96
CA ILE B 787 -7.99 69.34 30.20
C ILE B 787 -6.91 68.64 31.04
N MET B 788 -5.88 68.12 30.37
CA MET B 788 -4.79 67.39 31.02
C MET B 788 -5.25 66.21 31.87
N GLU B 789 -6.04 65.31 31.27
CA GLU B 789 -6.46 64.08 31.94
C GLU B 789 -5.25 63.22 32.25
N GLU B 790 -5.16 62.71 33.47
CA GLU B 790 -4.00 61.90 33.88
C GLU B 790 -3.98 60.52 33.20
N ILE B 791 -2.79 60.09 32.78
CA ILE B 791 -2.65 58.81 32.09
C ILE B 791 -2.90 57.63 33.04
N VAL B 792 -3.61 56.62 32.55
CA VAL B 792 -3.90 55.44 33.34
C VAL B 792 -2.85 54.38 33.05
N TYR B 793 -2.27 53.80 34.10
CA TYR B 793 -1.39 52.66 33.92
C TYR B 793 -2.02 51.48 34.64
N PRO B 794 -2.62 50.57 33.87
CA PRO B 794 -3.43 49.46 34.39
C PRO B 794 -2.65 48.46 35.25
N ASP B 795 -3.32 47.89 36.24
CA ASP B 795 -2.70 46.92 37.13
C ASP B 795 -2.34 45.69 36.34
N PRO B 796 -1.08 45.27 36.42
CA PRO B 796 -0.60 44.06 35.75
C PRO B 796 -1.34 42.82 36.17
N SER B 797 -1.77 42.83 37.43
CA SER B 797 -2.24 41.63 38.09
C SER B 797 -3.41 41.05 37.33
N THR B 798 -4.21 41.90 36.69
CA THR B 798 -5.43 41.40 36.07
C THR B 798 -5.17 40.57 34.83
N THR B 799 -4.51 41.17 33.84
CA THR B 799 -4.19 40.44 32.61
C THR B 799 -3.27 39.27 32.93
N LEU B 800 -2.37 39.45 33.91
CA LEU B 800 -1.39 38.41 34.22
C LEU B 800 -2.11 37.20 34.77
N SER B 801 -2.97 37.46 35.75
CA SER B 801 -3.72 36.39 36.40
C SER B 801 -4.68 35.68 35.45
N GLN B 802 -5.31 36.42 34.55
CA GLN B 802 -6.19 35.75 33.59
C GLN B 802 -5.42 34.90 32.58
N SER B 803 -4.21 35.35 32.26
CA SER B 803 -3.37 34.57 31.37
C SER B 803 -3.00 33.28 32.04
N LEU B 804 -2.64 33.39 33.32
CA LEU B 804 -2.24 32.22 34.09
C LEU B 804 -3.40 31.25 34.21
N SER B 805 -4.58 31.82 34.40
CA SER B 805 -5.78 31.02 34.57
C SER B 805 -6.03 30.22 33.30
N VAL B 806 -5.79 30.87 32.17
CA VAL B 806 -5.96 30.16 30.91
C VAL B 806 -4.95 29.03 30.78
N ALA B 807 -3.68 29.34 31.01
CA ALA B 807 -2.64 28.33 30.87
C ALA B 807 -2.94 27.10 31.73
N GLN B 808 -3.27 27.33 33.00
CA GLN B 808 -3.49 26.21 33.90
C GLN B 808 -4.73 25.42 33.50
N VAL B 809 -5.73 26.11 32.96
CA VAL B 809 -6.91 25.42 32.45
C VAL B 809 -6.53 24.52 31.29
N LEU B 810 -5.56 24.96 30.49
CA LEU B 810 -5.16 24.21 29.31
C LEU B 810 -4.38 22.96 29.67
N SER B 811 -3.40 23.09 30.56
CA SER B 811 -2.62 21.92 30.90
C SER B 811 -3.53 20.89 31.58
N LYS B 812 -4.35 21.38 32.50
CA LYS B 812 -5.25 20.48 33.22
C LYS B 812 -6.19 19.82 32.22
N LEU B 813 -6.52 20.55 31.16
CA LEU B 813 -7.43 20.06 30.12
C LEU B 813 -6.85 18.90 29.33
N THR B 814 -5.62 19.06 28.85
CA THR B 814 -4.99 18.01 28.03
C THR B 814 -4.49 16.81 28.82
N LEU B 815 -4.38 16.95 30.14
CA LEU B 815 -3.67 15.93 30.93
C LEU B 815 -4.09 14.46 30.75
N PRO B 816 -5.39 14.13 30.90
CA PRO B 816 -5.74 12.71 30.75
C PRO B 816 -5.43 12.10 29.38
N ASP B 817 -5.57 12.86 28.30
CA ASP B 817 -5.30 12.34 26.96
C ASP B 817 -3.82 12.12 26.79
N ALA B 818 -3.03 13.03 27.34
CA ALA B 818 -1.58 12.97 27.25
C ALA B 818 -1.05 11.76 27.98
N PHE B 819 -1.76 11.36 29.03
CA PHE B 819 -1.33 10.24 29.86
C PHE B 819 -1.56 8.92 29.15
N ILE B 820 -2.77 8.75 28.61
CA ILE B 820 -3.11 7.52 27.91
C ILE B 820 -2.23 7.32 26.67
N ASN B 821 -1.96 8.42 25.98
CA ASN B 821 -1.06 8.37 24.83
C ASN B 821 0.36 8.03 25.21
N MET B 822 0.80 8.49 26.39
CA MET B 822 2.14 8.18 26.87
C MET B 822 2.27 6.68 27.10
N ILE B 823 1.17 6.07 27.53
CA ILE B 823 1.17 4.64 27.83
C ILE B 823 1.17 3.84 26.54
N LEU B 824 0.34 4.29 25.60
CA LEU B 824 0.17 3.61 24.32
C LEU B 824 1.18 4.09 23.30
N SER B 825 2.13 4.91 23.73
CA SER B 825 3.09 5.54 22.83
C SER B 825 3.92 4.52 22.07
N GLY B 826 4.23 3.40 22.72
CA GLY B 826 4.91 2.30 22.05
C GLY B 826 4.01 1.30 21.35
N GLY B 827 2.69 1.49 21.47
CA GLY B 827 1.75 0.47 21.09
C GLY B 827 1.40 0.26 19.62
N ASP B 828 1.71 1.24 18.76
CA ASP B 828 1.51 1.08 17.33
C ASP B 828 2.46 0.00 16.83
N SER B 829 2.05 -0.74 15.81
CA SER B 829 2.81 -1.91 15.40
C SER B 829 2.70 -2.22 13.92
N VAL B 830 3.78 -2.73 13.34
CA VAL B 830 3.78 -3.14 11.94
C VAL B 830 3.64 -4.66 11.81
N VAL B 831 3.02 -5.12 10.72
CA VAL B 831 3.03 -6.54 10.39
C VAL B 831 4.43 -6.97 9.94
N MET B 832 4.85 -8.16 10.36
CA MET B 832 6.24 -8.56 10.17
C MET B 832 6.38 -10.05 9.93
N ARG B 833 6.66 -10.44 8.68
CA ARG B 833 6.99 -11.84 8.40
C ARG B 833 8.39 -12.11 8.93
N THR B 834 8.60 -13.30 9.48
CA THR B 834 9.95 -13.70 9.87
C THR B 834 10.26 -15.04 9.20
N TYR B 835 10.96 -14.95 8.09
CA TYR B 835 11.41 -16.12 7.36
C TYR B 835 12.51 -16.84 8.11
N GLN B 836 12.46 -18.16 8.13
CA GLN B 836 13.45 -18.95 8.86
C GLN B 836 14.58 -19.37 7.92
N THR B 837 15.82 -19.14 8.35
CA THR B 837 16.98 -19.39 7.51
C THR B 837 17.92 -20.45 8.08
N GLU B 838 17.40 -21.25 9.01
CA GLU B 838 18.21 -22.29 9.65
C GLU B 838 17.34 -23.53 9.84
N ALA B 839 18.00 -24.68 10.05
CA ALA B 839 17.30 -25.96 10.13
C ALA B 839 16.36 -26.08 11.33
N ASP B 840 16.75 -25.46 12.45
CA ASP B 840 15.99 -25.63 13.68
C ASP B 840 15.50 -24.30 14.23
N ASP B 841 15.23 -23.35 13.34
CA ASP B 841 14.76 -22.04 13.75
C ASP B 841 13.41 -22.10 14.45
N ASP B 842 13.29 -21.38 15.56
CA ASP B 842 12.02 -21.17 16.24
C ASP B 842 11.24 -20.13 15.43
N LEU B 843 9.93 -20.06 15.64
CA LEU B 843 9.10 -19.14 14.87
C LEU B 843 9.54 -17.68 15.03
N ASP B 844 10.00 -17.31 16.23
CA ASP B 844 10.55 -15.97 16.44
C ASP B 844 11.88 -15.74 15.71
N GLU B 845 12.66 -16.80 15.54
CA GLU B 845 13.97 -16.72 14.90
C GLU B 845 13.89 -16.57 13.38
N GLY B 846 14.89 -15.95 12.78
CA GLY B 846 14.99 -15.86 11.34
C GLY B 846 15.37 -14.48 10.84
N ILE B 847 14.93 -14.16 9.63
CA ILE B 847 15.13 -12.82 9.08
C ILE B 847 13.81 -12.02 9.07
N ARG B 848 13.72 -11.07 9.99
CA ARG B 848 12.53 -10.23 10.08
C ARG B 848 12.40 -9.36 8.84
N MET B 849 11.17 -9.18 8.37
CA MET B 849 10.93 -8.27 7.26
C MET B 849 9.50 -7.76 7.23
N THR B 850 9.32 -6.66 6.50
CA THR B 850 8.03 -6.00 6.43
C THR B 850 7.84 -5.34 5.07
N THR B 851 6.58 -5.14 4.72
CA THR B 851 6.25 -4.51 3.45
C THR B 851 6.59 -3.02 3.52
N TYR B 852 6.95 -2.44 2.38
CA TYR B 852 7.35 -1.05 2.33
C TYR B 852 6.19 -0.14 2.74
N ASP B 853 4.97 -0.59 2.45
CA ASP B 853 3.78 0.16 2.81
C ASP B 853 3.60 0.29 4.33
N GLN B 854 4.03 -0.74 5.06
CA GLN B 854 4.05 -0.67 6.51
C GLN B 854 5.08 0.34 6.97
N TYR B 855 6.20 0.37 6.28
CA TYR B 855 7.27 1.28 6.61
C TYR B 855 6.81 2.71 6.44
N LEU B 856 6.00 2.96 5.42
CA LEU B 856 5.48 4.30 5.20
C LEU B 856 4.44 4.61 6.25
N SER B 857 3.61 3.63 6.56
CA SER B 857 2.50 3.85 7.50
C SER B 857 2.98 4.19 8.89
N HIS B 858 4.13 3.64 9.27
CA HIS B 858 4.58 3.75 10.65
C HIS B 858 6.02 4.21 10.85
N ILE B 859 6.96 3.43 10.32
CA ILE B 859 8.36 3.66 10.63
C ILE B 859 8.97 4.97 10.09
N ARG B 860 8.57 5.37 8.90
CA ARG B 860 9.25 6.49 8.25
C ARG B 860 9.01 7.83 8.91
N GLU B 861 7.75 8.14 9.20
CA GLU B 861 7.41 9.43 9.82
C GLU B 861 8.05 9.55 11.18
N ARG B 862 8.13 8.43 11.89
CA ARG B 862 8.82 8.39 13.17
C ARG B 862 10.32 8.60 13.04
N LEU B 863 10.91 8.09 11.95
CA LEU B 863 12.30 8.41 11.68
C LEU B 863 12.46 9.91 11.40
N HIS B 864 11.46 10.51 10.79
CA HIS B 864 11.54 11.95 10.53
C HIS B 864 11.45 12.72 11.84
N ILE B 865 10.63 12.22 12.75
CA ILE B 865 10.54 12.81 14.08
C ILE B 865 11.85 12.66 14.84
N THR B 866 12.52 11.53 14.63
CA THR B 866 13.78 11.27 15.35
C THR B 866 14.95 11.94 14.66
N ASN B 867 14.68 12.51 13.50
CA ASN B 867 15.65 13.37 12.80
C ASN B 867 16.96 12.67 12.47
N VAL B 868 16.86 11.48 11.91
CA VAL B 868 18.03 10.67 11.57
C VAL B 868 18.02 10.42 10.07
N PRO B 869 19.20 10.17 9.49
CA PRO B 869 19.28 9.89 8.05
C PRO B 869 18.49 8.64 7.71
N ASP B 870 17.85 8.61 6.54
CA ASP B 870 17.04 7.47 6.15
C ASP B 870 17.89 6.21 6.04
N PRO B 871 17.32 5.05 6.43
CA PRO B 871 18.04 3.77 6.41
C PRO B 871 18.49 3.39 5.00
N ILE B 872 19.67 2.80 4.90
CA ILE B 872 20.28 2.50 3.60
C ILE B 872 19.51 1.45 2.84
N TYR B 873 19.43 1.63 1.52
CA TYR B 873 19.00 0.56 0.65
C TYR B 873 20.10 -0.50 0.60
N ILE B 874 19.70 -1.77 0.62
CA ILE B 874 20.69 -2.83 0.49
C ILE B 874 20.57 -3.52 -0.87
N THR B 875 21.71 -3.72 -1.52
CA THR B 875 21.74 -4.12 -2.92
C THR B 875 22.37 -5.48 -3.15
N GLY B 876 22.76 -6.15 -2.07
CA GLY B 876 23.37 -7.46 -2.18
C GLY B 876 24.86 -7.35 -2.42
N ALA B 877 25.31 -6.13 -2.68
CA ALA B 877 26.73 -5.81 -2.65
C ALA B 877 27.07 -5.29 -1.25
N SER B 878 26.02 -5.05 -0.45
CA SER B 878 26.17 -4.47 0.87
C SER B 878 26.90 -5.38 1.85
N THR B 879 27.86 -4.81 2.57
CA THR B 879 28.57 -5.50 3.64
C THR B 879 27.69 -5.50 4.88
N PRO B 880 27.88 -6.48 5.77
CA PRO B 880 27.27 -6.36 7.09
C PRO B 880 27.74 -5.10 7.81
N ASP B 881 28.96 -4.66 7.56
CA ASP B 881 29.47 -3.43 8.14
C ASP B 881 28.69 -2.19 7.70
N GLN B 882 28.29 -2.14 6.43
CA GLN B 882 27.52 -1.02 5.93
C GLN B 882 26.15 -0.99 6.59
N ILE B 883 25.59 -2.18 6.75
CA ILE B 883 24.31 -2.35 7.41
C ILE B 883 24.42 -1.85 8.83
N ALA B 884 25.53 -2.18 9.47
CA ALA B 884 25.75 -1.78 10.85
C ALA B 884 25.85 -0.28 10.96
N ALA B 885 26.55 0.35 10.02
CA ALA B 885 26.68 1.80 10.05
C ALA B 885 25.34 2.46 9.84
N SER B 886 24.48 1.82 9.05
CA SER B 886 23.16 2.40 8.82
C SER B 886 22.33 2.33 10.07
N VAL B 887 22.31 1.15 10.69
CA VAL B 887 21.50 0.96 11.88
C VAL B 887 22.00 1.86 13.00
N GLN B 888 23.31 2.04 13.07
CA GLN B 888 23.84 2.85 14.15
C GLN B 888 23.73 4.33 13.83
N ALA B 889 23.41 4.66 12.58
CA ALA B 889 23.09 6.04 12.23
C ALA B 889 21.63 6.36 12.49
N THR B 890 20.76 5.39 12.27
CA THR B 890 19.32 5.61 12.43
C THR B 890 18.78 5.14 13.77
N HIS B 891 19.63 4.48 14.55
CA HIS B 891 19.25 3.95 15.87
C HIS B 891 18.08 2.98 15.80
N VAL B 892 17.89 2.39 14.64
CA VAL B 892 16.77 1.50 14.39
C VAL B 892 17.22 0.41 13.44
N ALA B 893 16.97 -0.84 13.82
CA ALA B 893 17.46 -1.96 13.04
C ALA B 893 16.59 -2.15 11.81
N VAL B 894 16.70 -1.23 10.87
CA VAL B 894 15.89 -1.25 9.66
C VAL B 894 16.72 -0.89 8.43
N VAL B 895 16.54 -1.66 7.37
CA VAL B 895 17.17 -1.39 6.09
C VAL B 895 16.11 -1.61 5.02
N LEU B 896 16.22 -0.89 3.92
CA LEU B 896 15.30 -1.09 2.82
C LEU B 896 15.95 -1.96 1.76
N TYR B 897 15.25 -3.01 1.33
CA TYR B 897 15.73 -3.83 0.22
C TYR B 897 15.65 -3.04 -1.07
N GLN B 898 16.55 -3.35 -2.00
CA GLN B 898 16.52 -2.69 -3.30
C GLN B 898 16.65 -3.68 -4.46
N SER B 899 17.84 -4.24 -4.63
CA SER B 899 18.11 -5.15 -5.74
C SER B 899 18.74 -6.43 -5.23
N GLY B 900 18.50 -7.54 -5.91
CA GLY B 900 19.04 -8.82 -5.47
C GLY B 900 20.51 -8.94 -5.81
N VAL B 901 21.19 -9.90 -5.18
CA VAL B 901 20.61 -10.69 -4.10
C VAL B 901 21.49 -10.52 -2.86
N ILE B 902 20.85 -10.48 -1.70
CA ILE B 902 21.59 -10.29 -0.45
C ILE B 902 22.50 -11.47 -0.18
N ASN B 903 23.76 -11.18 0.17
CA ASN B 903 24.77 -12.22 0.34
C ASN B 903 24.72 -12.89 1.69
N GLY B 904 25.48 -13.98 1.83
CA GLY B 904 25.50 -14.77 3.05
C GLY B 904 25.79 -14.02 4.33
N PRO B 905 26.98 -13.40 4.44
CA PRO B 905 27.31 -12.69 5.69
C PRO B 905 26.32 -11.58 6.04
N ALA B 906 25.80 -10.89 5.03
CA ALA B 906 24.87 -9.81 5.29
C ALA B 906 23.58 -10.36 5.87
N SER B 907 23.15 -11.50 5.34
CA SER B 907 21.94 -12.15 5.81
C SER B 907 22.11 -12.70 7.22
N THR B 908 23.31 -13.22 7.52
CA THR B 908 23.57 -13.69 8.86
C THR B 908 23.59 -12.51 9.81
N TYR B 909 24.01 -11.35 9.30
CA TYR B 909 24.01 -10.17 10.14
C TYR B 909 22.59 -9.75 10.45
N LEU B 910 21.74 -9.72 9.42
CA LEU B 910 20.35 -9.32 9.60
C LEU B 910 19.64 -10.29 10.52
N ARG B 911 20.06 -11.54 10.51
CA ARG B 911 19.42 -12.55 11.35
C ARG B 911 19.87 -12.44 12.80
N GLU B 912 21.19 -12.40 12.99
CA GLU B 912 21.77 -12.36 14.33
C GLU B 912 21.46 -11.05 15.02
N ASN B 913 21.28 -9.99 14.23
CA ASN B 913 21.07 -8.67 14.79
C ASN B 913 19.64 -8.16 14.66
N GLU B 914 18.74 -9.05 14.28
CA GLU B 914 17.31 -8.76 14.23
C GLU B 914 16.98 -7.49 13.46
N VAL B 915 17.78 -7.18 12.45
CA VAL B 915 17.49 -6.09 11.55
C VAL B 915 16.27 -6.42 10.70
N LEU B 916 15.42 -5.42 10.47
CA LEU B 916 14.17 -5.62 9.77
C LEU B 916 14.26 -5.12 8.34
N VAL B 917 14.41 -6.05 7.38
CA VAL B 917 14.41 -5.70 5.97
C VAL B 917 13.04 -5.23 5.50
N VAL B 918 13.01 -4.17 4.71
CA VAL B 918 11.75 -3.64 4.23
C VAL B 918 11.61 -3.89 2.74
N MET B 919 10.99 -5.01 2.40
CA MET B 919 10.78 -5.42 1.02
C MET B 919 9.64 -4.62 0.40
N PRO B 920 9.76 -4.27 -0.89
CA PRO B 920 8.66 -3.63 -1.61
C PRO B 920 7.41 -4.51 -1.63
N ASP B 921 7.62 -5.82 -1.66
CA ASP B 921 6.54 -6.80 -1.73
C ASP B 921 7.09 -8.16 -1.33
N TYR B 922 6.20 -9.14 -1.16
CA TYR B 922 6.64 -10.50 -0.90
C TYR B 922 6.44 -11.40 -2.13
N TYR B 923 6.79 -10.91 -3.31
CA TYR B 923 6.52 -11.65 -4.54
C TYR B 923 7.36 -12.92 -4.69
N ASP B 924 8.66 -12.81 -4.45
CA ASP B 924 9.52 -13.99 -4.41
C ASP B 924 10.66 -13.68 -3.48
N VAL B 925 10.37 -13.74 -2.19
CA VAL B 925 11.29 -13.29 -1.15
C VAL B 925 12.60 -14.06 -1.14
N VAL B 926 12.54 -15.37 -1.36
CA VAL B 926 13.73 -16.21 -1.30
C VAL B 926 14.69 -15.98 -2.47
N SER B 927 14.17 -15.46 -3.57
CA SER B 927 15.04 -15.11 -4.69
C SER B 927 15.96 -13.96 -4.29
N ARG B 928 15.49 -13.13 -3.37
CA ARG B 928 16.22 -11.96 -2.91
C ARG B 928 17.45 -12.27 -2.05
N PHE B 929 17.46 -13.45 -1.44
CA PHE B 929 18.61 -13.88 -0.64
C PHE B 929 19.37 -15.01 -1.31
N ALA B 930 20.69 -14.98 -1.18
CA ALA B 930 21.50 -16.11 -1.60
C ALA B 930 21.62 -17.07 -0.43
N ASN B 931 20.60 -17.92 -0.26
CA ASN B 931 20.58 -18.84 0.87
C ASN B 931 21.38 -20.11 0.60
N ALA B 932 22.62 -20.13 1.08
CA ALA B 932 23.49 -21.28 0.84
C ALA B 932 22.94 -22.54 1.51
N ASN B 933 22.29 -22.38 2.65
CA ASN B 933 21.68 -23.51 3.35
C ASN B 933 20.48 -24.06 2.60
N LEU B 934 19.87 -23.21 1.77
CA LEU B 934 18.61 -23.51 1.11
C LEU B 934 17.53 -23.85 2.11
N GLN B 935 17.70 -23.36 3.34
CA GLN B 935 16.73 -23.61 4.40
C GLN B 935 15.59 -22.60 4.32
N MET B 936 15.86 -21.48 3.64
CA MET B 936 14.84 -20.46 3.43
C MET B 936 13.84 -20.93 2.38
N ASN B 937 12.58 -20.52 2.53
CA ASN B 937 11.54 -20.89 1.58
C ASN B 937 10.35 -19.93 1.65
N ASN B 938 9.76 -19.63 0.49
CA ASN B 938 8.69 -18.62 0.41
C ASN B 938 7.49 -18.97 1.26
N ASN B 939 7.29 -20.27 1.48
CA ASN B 939 6.20 -20.75 2.31
C ASN B 939 6.55 -20.91 3.78
N ARG B 940 7.81 -20.66 4.12
CA ARG B 940 8.27 -20.85 5.49
C ARG B 940 8.58 -19.54 6.20
N TYR B 941 7.60 -19.02 6.92
CA TYR B 941 7.74 -17.75 7.63
C TYR B 941 6.70 -17.62 8.72
N HIS B 942 6.93 -16.70 9.66
CA HIS B 942 5.91 -16.40 10.65
C HIS B 942 5.47 -14.95 10.61
N GLU B 943 4.25 -14.71 10.13
CA GLU B 943 3.67 -13.37 10.22
C GLU B 943 3.42 -13.06 11.69
N SER B 944 3.78 -11.85 12.12
CA SER B 944 3.61 -11.45 13.53
C SER B 944 3.70 -9.95 13.72
N VAL B 945 3.01 -9.45 14.74
CA VAL B 945 3.04 -8.02 15.05
C VAL B 945 4.37 -7.58 15.67
N LEU B 946 4.79 -6.38 15.32
CA LEU B 946 6.01 -5.79 15.87
C LEU B 946 5.69 -4.40 16.39
N GLU B 947 5.66 -4.24 17.70
CA GLU B 947 5.38 -2.94 18.31
C GLU B 947 6.49 -1.94 18.02
N ILE B 948 6.10 -0.69 17.88
CA ILE B 948 7.02 0.39 17.58
C ILE B 948 8.01 0.54 18.73
N ALA B 949 7.57 0.20 19.94
CA ALA B 949 8.41 0.24 21.12
C ALA B 949 9.51 -0.80 20.98
N ASP B 950 9.25 -1.81 20.16
CA ASP B 950 10.22 -2.88 19.94
C ASP B 950 11.14 -2.53 18.77
N ILE B 951 10.96 -1.32 18.22
CA ILE B 951 11.85 -0.78 17.18
C ILE B 951 12.60 0.44 17.72
N PHE B 952 11.85 1.53 17.91
CA PHE B 952 12.36 2.79 18.49
C PHE B 952 12.50 2.71 20.00
N ASP B 953 13.38 3.53 20.57
CA ASP B 953 13.46 3.64 22.03
C ASP B 953 13.92 5.02 22.51
N GLN B 954 13.25 6.08 22.03
CA GLN B 954 13.58 7.45 22.45
C GLN B 954 12.83 7.85 23.73
N ALA B 955 13.56 8.47 24.64
CA ALA B 955 13.07 8.65 26.00
C ALA B 955 11.84 9.54 26.13
N ASP B 956 11.74 10.57 25.30
CA ASP B 956 10.60 11.50 25.43
C ASP B 956 9.66 11.37 24.24
N PHE B 957 9.86 10.31 23.48
CA PHE B 957 9.10 10.04 22.27
C PHE B 957 8.23 8.80 22.46
N ILE B 958 8.88 7.68 22.78
CA ILE B 958 8.22 6.39 22.85
C ILE B 958 8.51 5.76 24.20
N GLN B 959 7.51 5.73 25.07
CA GLN B 959 7.66 5.15 26.38
C GLN B 959 7.89 3.65 26.24
N THR B 960 9.03 3.18 26.76
CA THR B 960 9.42 1.79 26.58
C THR B 960 9.85 1.17 27.89
N SER B 961 9.36 1.71 29.00
CA SER B 961 9.63 1.13 30.29
C SER B 961 9.02 -0.26 30.33
N ASP B 962 9.73 -1.23 30.91
CA ASP B 962 9.22 -2.60 30.96
C ASP B 962 7.97 -2.62 31.82
N ALA B 963 7.85 -1.62 32.68
CA ALA B 963 6.66 -1.44 33.48
C ALA B 963 5.49 -1.18 32.56
N VAL B 964 5.65 -0.19 31.71
CA VAL B 964 4.63 0.16 30.75
C VAL B 964 4.43 -0.98 29.76
N ARG B 965 5.53 -1.68 29.44
CA ARG B 965 5.47 -2.77 28.50
C ARG B 965 4.51 -3.84 29.01
N GLN B 966 4.76 -4.31 30.24
CA GLN B 966 3.92 -5.37 30.81
C GLN B 966 2.50 -4.88 31.10
N LEU B 967 2.39 -3.60 31.45
CA LEU B 967 1.08 -3.01 31.67
C LEU B 967 0.23 -3.02 30.38
N ARG B 968 0.84 -2.67 29.25
CA ARG B 968 0.19 -2.80 27.95
C ARG B 968 -0.08 -4.24 27.59
N ALA B 969 0.80 -5.14 28.03
CA ALA B 969 0.63 -6.56 27.76
C ALA B 969 -0.64 -7.06 28.42
N LEU B 970 -0.99 -6.44 29.55
CA LEU B 970 -2.25 -6.73 30.23
C LEU B 970 -3.50 -6.23 29.52
N MET B 971 -3.36 -5.20 28.68
CA MET B 971 -4.52 -4.59 28.02
C MET B 971 -5.19 -5.49 27.00
N PRO B 972 -6.53 -5.41 26.92
CA PRO B 972 -7.34 -6.03 25.87
C PRO B 972 -7.07 -5.29 24.57
N THR B 973 -7.35 -5.93 23.42
CA THR B 973 -7.18 -5.28 22.13
C THR B 973 -7.96 -3.97 22.13
N LEU B 974 -7.39 -2.93 21.52
CA LEU B 974 -7.99 -1.60 21.61
C LEU B 974 -8.29 -0.96 20.26
N SER B 975 -9.52 -0.46 20.12
CA SER B 975 -9.90 0.40 19.01
C SER B 975 -9.66 1.83 19.45
N THR B 976 -9.80 2.78 18.54
CA THR B 976 -9.67 4.18 18.93
C THR B 976 -10.80 4.64 19.85
N SER B 977 -11.99 4.09 19.64
CA SER B 977 -13.12 4.41 20.51
C SER B 977 -12.89 3.94 21.93
N GLN B 978 -12.11 2.87 22.09
CA GLN B 978 -11.83 2.35 23.42
C GLN B 978 -10.91 3.30 24.14
N ILE B 979 -9.89 3.74 23.43
CA ILE B 979 -8.92 4.68 23.97
C ILE B 979 -9.63 5.97 24.36
N ARG B 980 -10.54 6.41 23.50
CA ARG B 980 -11.25 7.66 23.77
C ARG B 980 -12.12 7.49 25.01
N HIS B 981 -12.71 6.31 25.15
CA HIS B 981 -13.53 6.03 26.32
C HIS B 981 -12.67 6.07 27.59
N ALA B 982 -11.41 5.65 27.47
CA ALA B 982 -10.49 5.65 28.60
C ALA B 982 -10.17 7.06 29.02
N ILE B 983 -9.85 7.89 28.03
CA ILE B 983 -9.50 9.27 28.31
C ILE B 983 -10.68 9.97 28.95
N GLU B 984 -11.86 9.76 28.41
CA GLU B 984 -13.06 10.40 28.92
C GLU B 984 -13.34 9.96 30.34
N ARG B 985 -13.02 8.72 30.64
CA ARG B 985 -13.28 8.21 31.97
C ARG B 985 -12.32 8.84 32.95
N ILE B 986 -11.05 8.90 32.58
CA ILE B 986 -10.04 9.46 33.48
C ILE B 986 -10.38 10.91 33.74
N ALA B 987 -10.84 11.59 32.69
CA ALA B 987 -11.19 13.00 32.79
C ALA B 987 -12.37 13.16 33.72
N GLN B 988 -13.29 12.21 33.65
CA GLN B 988 -14.49 12.23 34.49
C GLN B 988 -14.12 12.04 35.95
N ILE B 989 -13.08 11.25 36.19
CA ILE B 989 -12.65 10.93 37.55
C ILE B 989 -11.93 12.11 38.15
N THR B 990 -11.06 12.71 37.35
CA THR B 990 -10.12 13.69 37.85
C THR B 990 -10.47 15.13 37.48
N ASP B 991 -11.68 15.34 36.95
CA ASP B 991 -12.14 16.71 36.74
C ASP B 991 -12.31 17.41 38.08
N VAL B 992 -11.86 18.66 38.14
CA VAL B 992 -12.00 19.48 39.33
C VAL B 992 -12.46 20.84 38.86
N ASP B 993 -13.46 21.41 39.55
CA ASP B 993 -14.03 22.68 39.13
C ASP B 993 -12.97 23.79 39.17
N SER B 994 -12.93 24.58 38.10
CA SER B 994 -11.89 25.58 37.90
C SER B 994 -12.26 26.88 38.59
N THR B 995 -11.29 27.80 38.64
CA THR B 995 -11.58 29.17 39.04
C THR B 995 -12.58 29.70 38.02
N ASP B 996 -13.43 30.64 38.43
CA ASP B 996 -14.57 31.02 37.61
C ASP B 996 -14.16 31.53 36.22
N TYR B 997 -12.98 32.15 36.15
CA TYR B 997 -12.46 32.57 34.86
C TYR B 997 -12.17 31.36 33.97
N GLY B 998 -11.68 30.28 34.57
CA GLY B 998 -11.37 29.08 33.81
C GLY B 998 -12.63 28.40 33.29
N LYS B 999 -13.68 28.41 34.09
CA LYS B 999 -14.97 27.88 33.64
C LYS B 999 -15.48 28.72 32.47
N LEU B 1000 -15.24 30.02 32.53
CA LEU B 1000 -15.62 30.90 31.42
C LEU B 1000 -14.83 30.56 30.16
N THR B 1001 -13.57 30.16 30.33
CA THR B 1001 -12.76 29.86 29.15
C THR B 1001 -13.14 28.53 28.53
N LEU B 1002 -13.37 27.52 29.37
CA LEU B 1002 -13.77 26.23 28.83
C LEU B 1002 -15.13 26.38 28.19
N ARG B 1003 -15.96 27.26 28.73
CA ARG B 1003 -17.26 27.48 28.15
C ARG B 1003 -17.07 28.11 26.78
N PHE B 1004 -16.14 29.05 26.69
CA PHE B 1004 -15.87 29.74 25.43
C PHE B 1004 -15.24 28.86 24.35
N LEU B 1005 -14.46 27.87 24.77
CA LEU B 1005 -13.70 27.05 23.84
C LEU B 1005 -14.60 26.10 23.08
N GLY B 1006 -15.83 25.91 23.57
CA GLY B 1006 -16.77 25.03 22.92
C GLY B 1006 -16.51 23.59 23.30
N THR B 1007 -17.28 22.68 22.70
CA THR B 1007 -17.21 21.27 23.06
C THR B 1007 -15.82 20.73 22.79
N LEU B 1008 -15.34 19.88 23.69
CA LEU B 1008 -14.00 19.32 23.59
C LEU B 1008 -14.02 18.11 22.68
N THR B 1009 -14.22 18.33 21.39
CA THR B 1009 -14.34 17.23 20.43
C THR B 1009 -13.04 16.45 20.28
N ARG B 1010 -11.92 17.16 20.19
CA ARG B 1010 -10.59 16.56 20.09
C ARG B 1010 -10.44 15.48 19.02
N SER B 1011 -10.80 15.83 17.79
CA SER B 1011 -10.68 14.92 16.66
C SER B 1011 -9.23 14.55 16.36
N LEU B 1012 -8.30 15.44 16.72
CA LEU B 1012 -6.88 15.24 16.45
C LEU B 1012 -6.33 14.01 17.13
N LYS B 1013 -5.59 13.21 16.37
CA LYS B 1013 -4.96 11.99 16.88
C LYS B 1013 -3.64 12.35 17.55
N MET B 1014 -3.61 12.32 18.88
CA MET B 1014 -2.46 12.85 19.61
C MET B 1014 -1.35 11.85 19.87
N GLN B 1015 -1.51 10.62 19.39
CA GLN B 1015 -0.50 9.60 19.63
C GLN B 1015 0.81 10.03 18.96
N ASN B 1016 1.91 9.94 19.72
CA ASN B 1016 3.25 10.34 19.25
C ASN B 1016 3.35 11.71 18.61
N ALA B 1017 2.36 12.57 18.86
CA ALA B 1017 2.31 13.86 18.18
C ALA B 1017 3.49 14.74 18.57
N GLN B 1018 4.01 15.47 17.59
CA GLN B 1018 5.09 16.42 17.80
C GLN B 1018 4.67 17.77 17.25
N ILE B 1019 5.47 18.80 17.48
CA ILE B 1019 5.19 20.08 16.86
C ILE B 1019 6.25 20.38 15.83
N ARG B 1020 5.82 20.57 14.59
CA ARG B 1020 6.77 20.72 13.50
C ARG B 1020 6.29 21.82 12.56
N ARG B 1021 7.20 22.53 11.93
CA ARG B 1021 6.80 23.44 10.86
C ARG B 1021 6.39 22.66 9.62
N ILE B 1022 5.43 23.18 8.89
CA ILE B 1022 5.18 22.70 7.54
C ILE B 1022 5.64 23.76 6.56
N ARG B 1023 6.06 23.31 5.38
CA ARG B 1023 6.27 24.21 4.26
C ARG B 1023 4.89 24.66 3.81
N PRO B 1024 4.79 25.88 3.27
CA PRO B 1024 3.55 26.36 2.66
C PRO B 1024 3.14 25.43 1.52
N ASP B 1025 4.13 24.78 0.93
CA ASP B 1025 3.92 23.72 -0.06
C ASP B 1025 3.17 22.51 0.54
N GLY B 1026 3.10 22.44 1.86
CA GLY B 1026 2.33 21.42 2.55
C GLY B 1026 3.09 20.28 3.20
N THR B 1027 4.37 20.12 2.85
CA THR B 1027 5.21 19.10 3.45
C THR B 1027 5.61 19.44 4.89
N VAL B 1028 5.68 18.43 5.75
CA VAL B 1028 6.09 18.63 7.14
C VAL B 1028 7.60 18.57 7.29
N LEU B 1029 8.20 19.68 7.73
CA LEU B 1029 9.65 19.75 7.91
C LEU B 1029 10.15 19.01 9.14
N ARG B 1030 11.34 18.45 9.04
CA ARG B 1030 12.01 17.88 10.21
C ARG B 1030 12.34 19.00 11.16
N TYR B 1031 12.43 18.71 12.45
CA TYR B 1031 12.78 19.73 13.41
C TYR B 1031 14.16 20.25 13.06
N ASP B 1032 14.35 21.56 13.14
CA ASP B 1032 15.64 22.11 12.77
C ASP B 1032 16.14 23.04 13.85
N ASP B 1033 17.24 22.65 14.47
CA ASP B 1033 18.02 23.57 15.27
C ASP B 1033 18.47 24.65 14.30
N GLN B 1034 18.62 25.87 14.81
CA GLN B 1034 18.86 27.08 14.02
C GLN B 1034 17.60 27.67 13.41
N ILE B 1035 16.45 27.13 13.80
CA ILE B 1035 15.18 27.76 13.42
C ILE B 1035 14.00 27.43 14.34
N ASP B 1036 13.68 26.16 14.53
CA ASP B 1036 12.63 25.78 15.49
C ASP B 1036 13.18 25.87 16.92
N ILE B 1037 12.32 26.18 17.90
CA ILE B 1037 12.76 26.28 19.30
C ILE B 1037 12.94 24.91 19.99
N GLU B 1038 13.79 24.88 21.01
CA GLU B 1038 14.18 23.62 21.64
C GLU B 1038 12.98 22.90 22.24
N ALA B 1039 11.99 23.67 22.66
CA ALA B 1039 10.82 23.10 23.31
C ALA B 1039 10.05 22.20 22.35
N PHE B 1040 10.19 22.50 21.06
CA PHE B 1040 9.44 21.80 20.03
C PHE B 1040 10.02 20.46 19.57
N ARG B 1041 11.28 20.21 19.91
CA ARG B 1041 11.99 19.02 19.44
C ARG B 1041 11.39 17.71 19.93
N TRP B 1042 10.87 17.72 21.16
CA TRP B 1042 10.17 16.56 21.72
C TRP B 1042 9.00 17.06 22.55
N SER B 1043 7.83 16.47 22.37
CA SER B 1043 6.64 16.93 23.07
C SER B 1043 6.65 16.46 24.52
N ARG B 1044 7.54 15.50 24.80
CA ARG B 1044 7.59 14.85 26.11
C ARG B 1044 6.21 14.40 26.55
N TYR B 1045 5.46 13.83 25.59
CA TYR B 1045 4.11 13.31 25.81
C TYR B 1045 3.14 14.38 26.27
N PHE B 1046 3.57 15.63 26.17
CA PHE B 1046 2.79 16.76 26.65
C PHE B 1046 2.50 16.65 28.15
N LEU B 1047 3.49 16.14 28.87
CA LEU B 1047 3.46 16.10 30.32
C LEU B 1047 4.49 17.06 30.88
N ASP B 1048 4.23 17.58 32.09
CA ASP B 1048 5.18 18.44 32.79
C ASP B 1048 6.39 17.64 33.25
N GLU B 1049 7.53 18.31 33.44
CA GLU B 1049 8.75 17.65 33.90
C GLU B 1049 8.55 16.84 35.19
N LEU B 1050 7.92 17.47 36.18
CA LEU B 1050 7.71 16.81 37.46
C LEU B 1050 6.84 15.59 37.34
N GLN B 1051 5.87 15.65 36.44
CA GLN B 1051 5.02 14.49 36.19
C GLN B 1051 5.79 13.29 35.66
N LEU B 1052 6.78 13.54 34.80
CA LEU B 1052 7.64 12.46 34.33
C LEU B 1052 8.52 11.92 35.46
N ARG B 1053 9.01 12.84 36.30
CA ARG B 1053 9.88 12.43 37.39
C ARG B 1053 9.14 11.54 38.35
N ARG B 1054 7.88 11.87 38.59
CA ARG B 1054 7.06 11.09 39.51
C ARG B 1054 6.66 9.79 38.84
N LEU B 1055 6.48 9.88 37.54
CA LEU B 1055 5.98 8.75 36.76
C LEU B 1055 6.97 7.62 36.91
N SER B 1056 8.26 7.94 36.97
CA SER B 1056 9.24 6.86 37.11
C SER B 1056 9.06 6.09 38.43
N VAL B 1057 8.82 6.83 39.51
CA VAL B 1057 8.59 6.23 40.82
C VAL B 1057 7.33 5.38 40.77
N GLY B 1058 6.34 5.89 40.05
CA GLY B 1058 5.05 5.22 39.99
C GLY B 1058 5.24 3.91 39.28
N LEU B 1059 6.11 3.90 38.28
CA LEU B 1059 6.36 2.68 37.52
C LEU B 1059 7.06 1.70 38.44
N ARG B 1060 7.86 2.21 39.35
CA ARG B 1060 8.46 1.33 40.34
C ARG B 1060 7.41 0.72 41.30
N LEU B 1061 6.33 1.44 41.53
CA LEU B 1061 5.28 0.93 42.42
C LEU B 1061 4.46 -0.13 41.69
N ILE B 1062 4.12 0.19 40.45
CA ILE B 1062 3.15 -0.58 39.66
C ILE B 1062 3.67 -1.97 39.32
N THR B 1063 4.99 -2.15 39.33
CA THR B 1063 5.58 -3.44 39.04
C THR B 1063 6.11 -4.14 40.28
N ASN B 1064 5.79 -3.59 41.44
CA ASN B 1064 6.19 -4.24 42.68
C ASN B 1064 5.40 -5.51 42.86
N PRO B 1065 6.08 -6.61 43.25
CA PRO B 1065 5.47 -7.92 43.41
C PRO B 1065 4.34 -7.94 44.42
N ARG B 1066 4.43 -7.13 45.46
CA ARG B 1066 3.45 -7.14 46.53
C ARG B 1066 2.08 -6.66 46.06
N ILE B 1067 2.11 -5.75 45.10
CA ILE B 1067 0.88 -5.23 44.49
C ILE B 1067 0.21 -6.26 43.58
N ALA B 1068 1.00 -7.19 43.06
CA ALA B 1068 0.58 -8.06 41.96
C ALA B 1068 -0.30 -9.21 42.45
N ARG B 1069 -1.50 -8.85 42.88
CA ARG B 1069 -2.38 -9.80 43.53
C ARG B 1069 -3.52 -10.28 42.64
N ARG B 1070 -3.36 -10.11 41.34
CA ARG B 1070 -4.28 -10.72 40.38
C ARG B 1070 -3.63 -12.01 39.94
N PHE B 1071 -4.32 -13.12 40.16
CA PHE B 1071 -3.69 -14.41 39.98
C PHE B 1071 -4.24 -15.14 38.76
N ASN B 1072 -3.38 -15.88 38.09
CA ASN B 1072 -3.77 -16.57 36.88
C ASN B 1072 -3.64 -18.08 37.04
N GLY B 1073 -4.75 -18.77 36.84
CA GLY B 1073 -4.73 -20.21 36.77
C GLY B 1073 -5.13 -20.85 38.06
N VAL B 1074 -5.85 -21.96 37.95
CA VAL B 1074 -6.25 -22.73 39.10
C VAL B 1074 -6.05 -24.20 38.80
N ARG B 1075 -5.73 -24.94 39.85
CA ARG B 1075 -5.61 -26.39 39.76
C ARG B 1075 -6.77 -27.06 40.49
N ILE B 1076 -7.69 -27.60 39.70
CA ILE B 1076 -8.78 -28.42 40.20
C ILE B 1076 -8.24 -29.80 40.50
N MET B 1077 -8.34 -30.19 41.76
CA MET B 1077 -7.84 -31.47 42.23
C MET B 1077 -8.64 -31.84 43.47
N TYR B 1078 -9.04 -33.10 43.57
CA TYR B 1078 -9.92 -33.53 44.67
C TYR B 1078 -9.07 -34.01 45.83
N LEU B 1079 -9.00 -33.19 46.87
CA LEU B 1079 -8.04 -33.41 47.94
C LEU B 1079 -8.60 -32.97 49.28
N THR B 1080 -8.28 -33.72 50.34
CA THR B 1080 -8.70 -33.34 51.70
C THR B 1080 -7.92 -32.12 52.12
N ASP B 1081 -8.57 -31.19 52.81
CA ASP B 1081 -7.90 -29.94 53.22
C ASP B 1081 -7.48 -29.95 54.68
N ASP B 1082 -6.73 -30.98 55.07
CA ASP B 1082 -6.06 -30.98 56.37
C ASP B 1082 -4.96 -29.93 56.37
N ASP B 1083 -4.82 -29.19 57.47
CA ASP B 1083 -3.81 -28.15 57.63
C ASP B 1083 -3.71 -27.18 56.45
N PRO B 1084 -4.77 -26.40 56.19
CA PRO B 1084 -4.72 -25.48 55.05
C PRO B 1084 -3.65 -24.40 55.17
N ASP B 1085 -3.05 -24.06 54.04
CA ASP B 1085 -2.22 -22.87 53.92
C ASP B 1085 -2.68 -22.21 52.63
N PRO B 1086 -2.74 -20.88 52.59
CA PRO B 1086 -3.10 -20.21 51.34
C PRO B 1086 -2.10 -20.53 50.24
N ASP B 1087 -0.84 -20.71 50.61
CA ASP B 1087 0.23 -20.84 49.64
C ASP B 1087 0.43 -22.25 49.12
N PHE B 1088 -0.29 -23.21 49.67
CA PHE B 1088 -0.17 -24.62 49.26
C PHE B 1088 -0.70 -24.90 47.86
N VAL B 1089 0.19 -25.33 46.97
CA VAL B 1089 -0.20 -25.77 45.63
C VAL B 1089 0.13 -27.26 45.55
N PRO B 1090 -0.90 -28.12 45.52
CA PRO B 1090 -0.60 -29.55 45.57
C PRO B 1090 0.24 -29.99 44.39
N ASP B 1091 1.22 -30.85 44.65
CA ASP B 1091 2.06 -31.36 43.59
C ASP B 1091 1.27 -32.41 42.82
N VAL B 1092 1.48 -32.48 41.51
CA VAL B 1092 0.90 -33.57 40.73
C VAL B 1092 1.64 -34.85 41.08
N PRO B 1093 0.90 -35.88 41.49
CA PRO B 1093 1.51 -37.15 41.90
C PRO B 1093 2.24 -37.81 40.75
N GLU B 1094 3.30 -38.54 41.06
CA GLU B 1094 4.08 -39.24 40.04
C GLU B 1094 3.22 -40.27 39.32
N GLY B 1095 3.45 -40.41 38.01
CA GLY B 1095 2.68 -41.34 37.20
C GLY B 1095 1.51 -40.72 36.48
N TYR B 1096 1.21 -39.46 36.76
CA TYR B 1096 0.18 -38.75 36.02
C TYR B 1096 0.70 -38.41 34.64
N VAL B 1097 -0.20 -38.41 33.67
CA VAL B 1097 0.17 -38.06 32.31
C VAL B 1097 -0.32 -36.66 32.00
N ALA B 1098 0.57 -35.82 31.49
CA ALA B 1098 0.16 -34.53 30.97
C ALA B 1098 -0.69 -34.74 29.74
N VAL B 1099 -1.80 -34.02 29.65
CA VAL B 1099 -2.67 -34.08 28.50
C VAL B 1099 -3.25 -32.70 28.26
N GLN B 1100 -2.91 -32.09 27.13
CA GLN B 1100 -3.58 -30.86 26.76
C GLN B 1100 -5.04 -31.15 26.51
N TYR B 1101 -5.94 -30.34 27.06
CA TYR B 1101 -7.33 -30.46 26.71
C TYR B 1101 -7.50 -30.02 25.27
N ALA B 1102 -8.38 -30.70 24.56
CA ALA B 1102 -8.80 -30.27 23.24
C ALA B 1102 -10.22 -30.76 23.07
N HIS B 1103 -10.99 -30.10 22.22
CA HIS B 1103 -12.39 -30.46 22.06
C HIS B 1103 -12.52 -31.89 21.55
N ARG B 1104 -11.53 -32.34 20.79
CA ARG B 1104 -11.60 -33.63 20.12
C ARG B 1104 -11.45 -34.82 21.08
N LEU B 1105 -10.95 -34.58 22.28
CA LEU B 1105 -10.77 -35.64 23.28
C LEU B 1105 -12.07 -36.22 23.83
N PHE B 1106 -13.13 -35.43 23.78
CA PHE B 1106 -14.41 -35.84 24.34
C PHE B 1106 -15.48 -35.93 23.28
N SER B 1107 -16.34 -36.93 23.39
CA SER B 1107 -17.44 -37.06 22.44
C SER B 1107 -18.51 -37.91 23.08
N SER B 1108 -19.74 -37.80 22.59
CA SER B 1108 -20.72 -38.78 23.02
C SER B 1108 -20.39 -40.09 22.32
N SER B 1109 -20.62 -41.20 23.02
CA SER B 1109 -20.56 -42.49 22.37
C SER B 1109 -21.41 -43.49 23.13
N LEU B 1110 -21.89 -44.52 22.43
CA LEU B 1110 -22.68 -45.58 23.06
C LEU B 1110 -21.77 -46.38 23.95
N ALA B 1111 -22.29 -46.75 25.13
CA ALA B 1111 -21.57 -47.63 26.03
C ALA B 1111 -22.57 -48.24 26.99
N ASN B 1112 -22.97 -49.47 26.70
CA ASN B 1112 -23.86 -50.21 27.59
C ASN B 1112 -25.17 -49.48 27.79
N LYS B 1113 -25.92 -49.34 26.71
CA LYS B 1113 -27.25 -48.73 26.74
C LYS B 1113 -27.33 -47.29 27.27
N ARG B 1114 -26.28 -46.49 27.08
CA ARG B 1114 -26.31 -45.05 27.38
C ARG B 1114 -25.34 -44.32 26.47
N ASN B 1115 -25.63 -43.06 26.16
CA ASN B 1115 -24.71 -42.22 25.36
C ASN B 1115 -23.78 -41.43 26.23
N ARG B 1116 -22.76 -42.10 26.73
CA ARG B 1116 -21.87 -41.51 27.72
C ARG B 1116 -20.91 -40.49 27.10
N VAL B 1117 -20.49 -39.49 27.88
CA VAL B 1117 -19.44 -38.57 27.44
C VAL B 1117 -18.09 -39.27 27.56
N THR B 1118 -17.72 -39.97 26.48
CA THR B 1118 -16.47 -40.67 26.41
C THR B 1118 -15.26 -39.74 26.24
N TYR B 1119 -14.17 -40.17 26.86
CA TYR B 1119 -12.88 -39.51 26.79
C TYR B 1119 -11.87 -40.47 26.18
N THR B 1120 -11.17 -40.04 25.15
CA THR B 1120 -10.14 -40.87 24.53
C THR B 1120 -8.77 -40.34 24.91
N HIS B 1121 -7.95 -41.22 25.47
CA HIS B 1121 -6.71 -40.81 26.09
C HIS B 1121 -5.63 -40.81 25.02
N PRO B 1122 -5.06 -39.63 24.75
CA PRO B 1122 -4.17 -39.43 23.60
C PRO B 1122 -2.93 -40.34 23.54
N PRO B 1123 -2.31 -40.71 24.68
CA PRO B 1123 -1.20 -41.64 24.51
C PRO B 1123 -1.67 -43.01 24.00
N THR B 1124 -2.43 -43.72 24.83
CA THR B 1124 -2.93 -45.06 24.48
C THR B 1124 -3.98 -45.09 23.36
N GLY B 1125 -4.75 -44.02 23.24
CA GLY B 1125 -5.82 -43.94 22.26
C GLY B 1125 -7.12 -44.52 22.78
N MET B 1126 -7.08 -45.09 23.98
CA MET B 1126 -8.25 -45.78 24.55
C MET B 1126 -9.38 -44.84 24.97
N ALA B 1127 -10.62 -45.26 24.69
CA ALA B 1127 -11.79 -44.52 25.10
C ALA B 1127 -12.27 -44.96 26.49
N TYR B 1128 -12.59 -43.98 27.32
CA TYR B 1128 -13.09 -44.25 28.65
C TYR B 1128 -14.45 -43.59 28.77
N PRO B 1129 -15.51 -44.39 28.60
CA PRO B 1129 -16.90 -43.90 28.68
C PRO B 1129 -17.22 -43.28 30.02
N SER B 1130 -16.62 -43.79 31.09
CA SER B 1130 -17.00 -43.33 32.41
C SER B 1130 -15.83 -42.66 33.12
N PRO B 1131 -16.14 -41.62 33.91
CA PRO B 1131 -15.19 -40.86 34.75
C PRO B 1131 -14.49 -41.76 35.77
N THR B 1132 -15.16 -42.83 36.18
CA THR B 1132 -14.63 -43.72 37.22
C THR B 1132 -13.33 -44.48 36.90
N GLY B 1133 -13.14 -44.90 35.64
CA GLY B 1133 -12.00 -45.75 35.35
C GLY B 1133 -10.77 -45.11 34.74
N ARG B 1134 -10.81 -43.81 34.56
CA ARG B 1134 -9.82 -43.13 33.73
C ARG B 1134 -8.41 -43.10 34.32
N PRO B 1135 -7.39 -43.08 33.44
CA PRO B 1135 -5.99 -43.00 33.83
C PRO B 1135 -5.72 -41.70 34.56
N HIS B 1136 -4.77 -41.72 35.49
CA HIS B 1136 -4.37 -40.49 36.16
C HIS B 1136 -3.91 -39.50 35.10
N VAL B 1137 -4.64 -38.40 34.98
CA VAL B 1137 -4.36 -37.41 33.92
C VAL B 1137 -4.17 -36.02 34.53
N HIS B 1138 -3.09 -35.36 34.13
CA HIS B 1138 -2.83 -33.98 34.47
C HIS B 1138 -3.27 -33.12 33.27
N MET B 1139 -4.58 -33.00 33.10
CA MET B 1139 -5.14 -32.22 32.02
C MET B 1139 -4.88 -30.73 32.14
N THR B 1140 -4.58 -30.09 31.02
CA THR B 1140 -4.38 -28.66 31.00
C THR B 1140 -5.34 -27.99 30.06
N ILE B 1141 -6.13 -27.07 30.60
CA ILE B 1141 -7.12 -26.35 29.82
C ILE B 1141 -6.68 -24.91 29.62
N ASN B 1142 -6.03 -24.65 28.50
CA ASN B 1142 -5.54 -23.32 28.18
C ASN B 1142 -6.68 -22.35 27.94
N GLU B 1143 -7.82 -22.88 27.53
CA GLU B 1143 -8.98 -22.06 27.25
C GLU B 1143 -10.26 -22.90 27.36
N ARG B 1144 -11.23 -22.42 28.11
CA ARG B 1144 -12.51 -23.11 28.26
C ARG B 1144 -13.49 -22.75 27.14
N ALA B 1145 -13.08 -21.87 26.23
CA ALA B 1145 -13.98 -21.46 25.16
C ALA B 1145 -14.38 -22.64 24.28
N GLY B 1146 -15.67 -22.73 24.01
CA GLY B 1146 -16.19 -23.76 23.11
C GLY B 1146 -16.43 -25.11 23.77
N MET B 1147 -16.01 -25.24 25.03
CA MET B 1147 -16.12 -26.50 25.76
C MET B 1147 -17.58 -26.84 26.02
N SER B 1148 -17.95 -28.10 25.83
CA SER B 1148 -19.30 -28.53 26.17
C SER B 1148 -19.49 -28.49 27.68
N LYS B 1149 -20.65 -28.07 28.13
CA LYS B 1149 -20.92 -28.08 29.56
C LYS B 1149 -20.93 -29.53 30.06
N LEU B 1150 -21.40 -30.45 29.22
CA LEU B 1150 -21.40 -31.86 29.57
C LEU B 1150 -19.98 -32.37 29.75
N VAL B 1151 -19.09 -31.89 28.90
CA VAL B 1151 -17.68 -32.24 29.01
C VAL B 1151 -17.05 -31.66 30.27
N ALA B 1152 -17.44 -30.44 30.65
CA ALA B 1152 -16.91 -29.84 31.86
C ALA B 1152 -17.36 -30.60 33.11
N ASP B 1153 -18.61 -31.06 33.09
CA ASP B 1153 -19.14 -31.88 34.18
C ASP B 1153 -18.37 -33.18 34.21
N ASN B 1154 -18.00 -33.65 33.03
CA ASN B 1154 -17.29 -34.90 32.92
C ASN B 1154 -15.88 -34.82 33.46
N ILE B 1155 -15.25 -33.68 33.23
CA ILE B 1155 -13.88 -33.45 33.65
C ILE B 1155 -13.83 -33.29 35.16
N ILE B 1156 -14.78 -32.57 35.73
CA ILE B 1156 -14.80 -32.45 37.19
C ILE B 1156 -15.13 -33.80 37.82
N ALA B 1157 -15.97 -34.56 37.13
CA ALA B 1157 -16.32 -35.89 37.59
C ALA B 1157 -15.09 -36.80 37.59
N SER B 1158 -14.21 -36.59 36.63
CA SER B 1158 -12.98 -37.37 36.56
C SER B 1158 -11.96 -36.84 37.55
N VAL B 1159 -12.17 -35.60 37.98
CA VAL B 1159 -11.32 -35.03 38.99
C VAL B 1159 -11.63 -35.76 40.27
N ILE B 1160 -12.91 -36.03 40.47
CA ILE B 1160 -13.36 -36.63 41.72
C ILE B 1160 -13.22 -38.15 41.75
N LYS B 1161 -13.62 -38.80 40.66
CA LYS B 1161 -13.67 -40.25 40.60
C LYS B 1161 -12.39 -40.90 40.08
N SER B 1162 -11.73 -40.24 39.14
CA SER B 1162 -10.49 -40.76 38.56
C SER B 1162 -9.27 -40.04 39.11
N ASN B 1163 -9.50 -39.11 40.03
CA ASN B 1163 -8.41 -38.33 40.62
C ASN B 1163 -7.60 -37.59 39.58
N TRP B 1164 -8.27 -37.04 38.58
CA TRP B 1164 -7.62 -36.16 37.62
C TRP B 1164 -7.17 -34.87 38.30
N VAL B 1165 -6.04 -34.35 37.85
CA VAL B 1165 -5.62 -33.00 38.20
C VAL B 1165 -5.74 -32.11 36.97
N VAL B 1166 -6.75 -31.24 36.95
CA VAL B 1166 -6.92 -30.39 35.78
C VAL B 1166 -6.50 -28.96 36.09
N ASP B 1167 -5.68 -28.37 35.21
CA ASP B 1167 -5.17 -27.03 35.42
C ASP B 1167 -5.76 -26.04 34.42
N ILE B 1168 -6.62 -25.16 34.90
CA ILE B 1168 -7.26 -24.18 34.05
C ILE B 1168 -6.53 -22.84 34.06
N LEU B 1169 -5.77 -22.57 33.01
CA LEU B 1169 -4.95 -21.38 32.93
C LEU B 1169 -5.71 -20.12 32.50
N ASP B 1170 -6.90 -20.30 31.93
CA ASP B 1170 -7.70 -19.19 31.46
C ASP B 1170 -8.14 -18.28 32.61
N ILE B 1171 -8.38 -18.88 33.78
CA ILE B 1171 -8.96 -18.20 34.93
C ILE B 1171 -8.11 -17.15 35.63
N GLU B 1172 -8.72 -16.00 35.95
CA GLU B 1172 -8.08 -14.95 36.75
C GLU B 1172 -8.89 -14.75 38.01
N TYR B 1173 -8.21 -14.58 39.13
CA TYR B 1173 -8.89 -14.43 40.40
C TYR B 1173 -8.11 -13.58 41.40
N THR B 1174 -8.84 -12.80 42.18
CA THR B 1174 -8.34 -12.24 43.43
C THR B 1174 -8.49 -13.26 44.56
N ALA B 1175 -7.61 -13.18 45.54
CA ALA B 1175 -7.66 -14.11 46.67
C ALA B 1175 -7.82 -13.35 47.97
N GLU B 1176 -8.38 -14.02 48.97
CA GLU B 1176 -8.49 -13.46 50.30
C GLU B 1176 -8.06 -14.55 51.24
N VAL B 1177 -7.20 -14.23 52.20
CA VAL B 1177 -6.87 -15.19 53.23
C VAL B 1177 -7.71 -14.94 54.49
N MET B 1178 -8.69 -15.81 54.70
CA MET B 1178 -9.50 -15.82 55.91
C MET B 1178 -8.69 -16.36 57.09
N THR B 1179 -8.95 -15.81 58.27
CA THR B 1179 -8.46 -16.38 59.51
C THR B 1179 -9.44 -17.49 59.88
N PRO B 1180 -8.98 -18.50 60.64
CA PRO B 1180 -9.88 -19.62 60.96
C PRO B 1180 -11.12 -19.14 61.69
N SER B 1181 -10.97 -18.09 62.48
CA SER B 1181 -12.11 -17.55 63.21
C SER B 1181 -13.22 -16.99 62.31
N GLU B 1182 -12.87 -16.30 61.24
CA GLU B 1182 -13.89 -15.71 60.36
C GLU B 1182 -14.46 -16.69 59.34
N GLY B 1183 -13.77 -17.81 59.12
CA GLY B 1183 -14.29 -18.87 58.28
C GLY B 1183 -14.35 -18.48 56.81
N TYR B 1184 -15.09 -19.25 56.02
CA TYR B 1184 -15.28 -18.95 54.62
C TYR B 1184 -16.61 -18.26 54.38
N THR B 1185 -16.58 -16.98 54.04
CA THR B 1185 -17.82 -16.26 53.77
C THR B 1185 -18.33 -16.43 52.34
N GLN B 1186 -17.50 -17.00 51.47
CA GLN B 1186 -17.85 -17.15 50.05
C GLN B 1186 -17.37 -18.47 49.52
N HIS B 1187 -18.03 -18.95 48.49
CA HIS B 1187 -17.64 -20.19 47.84
C HIS B 1187 -17.76 -20.04 46.34
N VAL B 1188 -16.94 -20.77 45.62
CA VAL B 1188 -16.99 -20.73 44.16
C VAL B 1188 -17.28 -22.13 43.64
N ASP B 1189 -18.41 -22.29 42.95
CA ASP B 1189 -18.76 -23.56 42.34
C ASP B 1189 -17.76 -23.91 41.25
N ALA B 1190 -17.44 -25.19 41.12
CA ALA B 1190 -16.61 -25.62 40.01
C ALA B 1190 -17.34 -25.36 38.70
N GLU B 1191 -18.67 -25.35 38.76
CA GLU B 1191 -19.49 -25.08 37.59
C GLU B 1191 -19.22 -23.69 37.03
N SER B 1192 -18.98 -22.73 37.91
CA SER B 1192 -18.78 -21.36 37.44
C SER B 1192 -17.35 -21.17 36.98
N ILE B 1193 -16.44 -21.90 37.62
CA ILE B 1193 -15.04 -21.90 37.23
C ILE B 1193 -14.94 -22.44 35.82
N MET B 1194 -15.82 -23.38 35.50
CA MET B 1194 -15.78 -24.04 34.20
C MET B 1194 -16.60 -23.33 33.13
N THR B 1195 -17.59 -22.56 33.53
CA THR B 1195 -18.50 -21.98 32.56
C THR B 1195 -18.45 -20.47 32.38
N ALA B 1196 -17.68 -19.78 33.21
CA ALA B 1196 -17.60 -18.32 33.10
C ALA B 1196 -16.83 -17.90 31.86
N PRO B 1197 -17.22 -16.78 31.26
CA PRO B 1197 -16.46 -16.22 30.14
C PRO B 1197 -15.07 -15.83 30.61
N LYS B 1198 -14.06 -15.94 29.75
CA LYS B 1198 -12.74 -15.41 30.08
C LYS B 1198 -12.88 -13.92 30.30
N GLY B 1199 -12.14 -13.39 31.26
CA GLY B 1199 -12.28 -12.00 31.65
C GLY B 1199 -13.05 -11.81 32.94
N LYS B 1200 -13.82 -12.82 33.34
CA LYS B 1200 -14.45 -12.77 34.66
C LYS B 1200 -13.37 -12.89 35.73
N LEU B 1201 -13.55 -12.18 36.83
CA LEU B 1201 -12.57 -12.19 37.92
C LEU B 1201 -13.14 -12.87 39.15
N PHE B 1202 -12.82 -14.14 39.34
CA PHE B 1202 -13.29 -14.88 40.51
C PHE B 1202 -12.62 -14.35 41.77
N HIS B 1203 -13.29 -14.50 42.91
CA HIS B 1203 -12.65 -14.15 44.17
C HIS B 1203 -12.63 -15.34 45.09
N LEU B 1204 -11.54 -16.10 45.03
CA LEU B 1204 -11.35 -17.25 45.90
C LEU B 1204 -10.94 -16.84 47.33
N GLN B 1205 -11.39 -17.59 48.33
CA GLN B 1205 -10.92 -17.38 49.70
C GLN B 1205 -10.11 -18.58 50.13
N PHE B 1206 -9.22 -18.37 51.09
CA PHE B 1206 -8.36 -19.44 51.61
C PHE B 1206 -8.22 -19.30 53.11
N MET B 1207 -8.13 -20.42 53.82
CA MET B 1207 -7.89 -20.36 55.24
C MET B 1207 -6.39 -20.43 55.51
N ASP B 1208 -5.90 -19.57 56.39
CA ASP B 1208 -4.63 -19.82 57.06
C ASP B 1208 -5.01 -20.50 58.37
N GLY B 1209 -4.83 -21.81 58.40
CA GLY B 1209 -5.28 -22.62 59.52
C GLY B 1209 -4.22 -22.78 60.59
N LEU B 1210 -3.19 -21.95 60.53
CA LEU B 1210 -2.09 -22.04 61.48
C LEU B 1210 -2.58 -21.80 62.91
N LEU B 1211 -3.53 -20.89 63.06
CA LEU B 1211 -4.01 -20.52 64.39
C LEU B 1211 -5.29 -21.24 64.76
N ARG B 1212 -5.63 -22.27 64.00
CA ARG B 1212 -6.85 -23.03 64.27
C ARG B 1212 -6.65 -23.74 65.61
N PRO B 1213 -7.70 -23.79 66.44
CA PRO B 1213 -7.64 -24.46 67.75
C PRO B 1213 -7.39 -25.97 67.64
N GLU B 1214 -6.62 -26.54 68.56
CA GLU B 1214 -6.45 -27.98 68.67
C GLU B 1214 -7.62 -28.59 69.47
N PRO B 1215 -8.13 -29.76 69.04
CA PRO B 1215 -9.22 -30.46 69.73
C PRO B 1215 -8.82 -30.95 71.11
N SER B 1216 -9.78 -31.02 72.03
CA SER B 1216 -9.55 -31.56 73.36
C SER B 1216 -9.22 -33.05 73.31
N ALA B 1217 -8.31 -33.50 74.16
CA ALA B 1217 -7.74 -34.84 74.07
C ALA B 1217 -8.77 -35.96 74.26
N PHE B 1218 -9.87 -35.64 74.93
CA PHE B 1218 -10.87 -36.66 75.24
C PHE B 1218 -12.17 -36.50 74.46
N ASP B 1219 -12.27 -35.47 73.63
CA ASP B 1219 -13.48 -35.29 72.82
C ASP B 1219 -13.56 -36.38 71.77
N PRO B 1220 -14.73 -36.99 71.63
CA PRO B 1220 -14.96 -38.02 70.61
C PRO B 1220 -14.81 -37.42 69.21
N PRO B 1221 -14.31 -38.22 68.26
CA PRO B 1221 -14.14 -37.77 66.88
C PRO B 1221 -15.47 -37.37 66.26
N ALA B 1222 -15.46 -36.34 65.43
CA ALA B 1222 -16.63 -36.00 64.62
C ALA B 1222 -16.55 -36.69 63.26
N SER B 1223 -17.71 -37.02 62.70
CA SER B 1223 -17.79 -37.56 61.36
C SER B 1223 -17.63 -36.44 60.32
N GLY B 1224 -17.23 -36.80 59.10
CA GLY B 1224 -17.06 -35.83 58.04
C GLY B 1224 -15.63 -35.37 57.84
N GLU B 1225 -15.37 -34.78 56.67
CA GLU B 1225 -14.01 -34.47 56.23
C GLU B 1225 -14.00 -33.23 55.35
N ASP B 1226 -13.27 -32.19 55.76
CA ASP B 1226 -13.14 -31.01 54.90
C ASP B 1226 -12.30 -31.32 53.65
N MET B 1227 -12.76 -30.82 52.50
CA MET B 1227 -12.08 -31.08 51.24
C MET B 1227 -11.91 -29.77 50.48
N ARG B 1228 -10.80 -29.64 49.75
CA ARG B 1228 -10.63 -28.50 48.88
C ARG B 1228 -10.46 -28.96 47.44
N LEU B 1229 -11.19 -28.32 46.53
CA LEU B 1229 -11.18 -28.73 45.13
C LEU B 1229 -10.40 -27.77 44.24
N ILE B 1230 -10.49 -26.48 44.54
CA ILE B 1230 -9.80 -25.47 43.72
C ILE B 1230 -8.52 -25.04 44.41
N TYR B 1231 -7.44 -24.95 43.64
CA TYR B 1231 -6.15 -24.57 44.19
C TYR B 1231 -5.46 -23.48 43.39
N PRO B 1232 -4.61 -22.67 44.04
CA PRO B 1232 -3.70 -21.76 43.36
C PRO B 1232 -2.65 -22.49 42.52
N LEU B 1233 -2.20 -21.89 41.42
CA LEU B 1233 -1.05 -22.41 40.67
C LEU B 1233 0.26 -21.72 41.07
N GLN B 1234 0.12 -20.64 41.85
CA GLN B 1234 1.21 -19.74 42.16
C GLN B 1234 1.12 -19.34 43.62
N PRO B 1235 2.23 -18.84 44.21
CA PRO B 1235 2.11 -18.40 45.61
C PRO B 1235 1.09 -17.28 45.76
N ILE B 1236 0.33 -17.30 46.85
CA ILE B 1236 -0.82 -16.42 47.01
C ILE B 1236 -0.52 -15.25 47.96
N SER B 1237 0.20 -15.53 49.03
CA SER B 1237 0.50 -14.53 50.04
C SER B 1237 1.72 -13.69 49.66
N VAL B 1238 1.59 -12.93 48.58
CA VAL B 1238 2.69 -12.09 48.11
C VAL B 1238 2.76 -10.77 48.86
N ALA B 1239 1.63 -10.37 49.44
CA ALA B 1239 1.56 -9.15 50.22
C ALA B 1239 1.96 -9.33 51.69
N ARG B 1240 2.19 -10.58 52.10
CA ARG B 1240 2.32 -10.91 53.51
C ARG B 1240 3.64 -10.54 54.16
N SER B 1241 3.64 -9.42 54.89
CA SER B 1241 4.80 -8.99 55.67
C SER B 1241 5.00 -9.85 56.93
N MET B 1242 3.91 -10.11 57.64
CA MET B 1242 4.01 -10.84 58.91
C MET B 1242 2.96 -11.92 59.01
N ARG B 1243 3.16 -12.87 59.92
CA ARG B 1243 2.21 -13.94 60.13
C ARG B 1243 2.30 -14.52 61.53
N ALA B 1244 1.14 -14.88 62.09
CA ALA B 1244 1.07 -15.60 63.36
C ALA B 1244 1.77 -14.90 64.53
N ILE B 1245 1.35 -13.68 64.82
CA ILE B 1245 1.92 -12.95 65.94
C ILE B 1245 1.28 -13.46 67.21
N VAL B 1246 1.74 -14.64 67.62
CA VAL B 1246 1.29 -15.28 68.85
C VAL B 1246 2.40 -16.15 69.38
N ASN B 1247 2.44 -16.32 70.70
CA ASN B 1247 3.32 -17.29 71.31
C ASN B 1247 2.75 -18.69 71.20
N HIS B 1248 3.64 -19.67 71.18
CA HIS B 1248 3.22 -21.05 71.29
C HIS B 1248 3.78 -21.55 72.63
N ASN B 1249 3.00 -22.33 73.37
CA ASN B 1249 3.48 -22.84 74.65
C ASN B 1249 4.57 -23.93 74.57
N GLU B 1250 4.40 -24.91 73.70
CA GLU B 1250 5.40 -25.96 73.56
C GLU B 1250 6.71 -25.57 72.84
N VAL B 1251 6.67 -24.61 71.93
CA VAL B 1251 7.83 -24.34 71.07
C VAL B 1251 8.26 -22.88 71.01
N ASP B 1252 9.50 -22.64 70.59
CA ASP B 1252 10.09 -21.30 70.61
C ASP B 1252 9.41 -20.31 69.68
N ARG B 1253 9.19 -20.71 68.43
CA ARG B 1253 8.33 -19.93 67.53
C ARG B 1253 7.39 -20.88 66.82
N PRO B 1254 6.15 -20.43 66.57
CA PRO B 1254 5.20 -21.29 65.87
C PRO B 1254 5.72 -21.58 64.47
N ARG B 1255 5.48 -22.78 63.95
CA ARG B 1255 5.88 -23.06 62.59
C ARG B 1255 5.05 -22.15 61.69
N GLY B 1256 5.68 -21.60 60.66
CA GLY B 1256 4.97 -20.77 59.71
C GLY B 1256 4.86 -19.32 60.14
N ALA B 1257 5.40 -19.01 61.33
CA ALA B 1257 5.49 -17.63 61.78
C ALA B 1257 6.45 -16.88 60.85
N VAL B 1258 6.08 -15.64 60.50
CA VAL B 1258 6.89 -14.85 59.57
C VAL B 1258 7.25 -13.49 60.17
N ALA B 1259 8.55 -13.24 60.32
CA ALA B 1259 9.04 -11.94 60.76
C ALA B 1259 9.01 -10.92 59.62
N PRO B 1260 8.86 -9.62 59.95
CA PRO B 1260 8.99 -8.57 58.95
C PRO B 1260 10.40 -8.52 58.37
N SER B 1261 10.54 -8.16 57.10
CA SER B 1261 11.86 -8.05 56.48
C SER B 1261 12.61 -6.87 57.08
N SER B 1262 13.94 -6.93 57.06
CA SER B 1262 14.73 -5.86 57.65
C SER B 1262 14.52 -4.54 56.91
N TYR B 1263 14.18 -4.63 55.63
CA TYR B 1263 14.03 -3.47 54.78
C TYR B 1263 12.89 -2.56 55.21
N GLU B 1264 11.87 -3.13 55.83
CA GLU B 1264 10.72 -2.34 56.30
C GLU B 1264 11.18 -1.44 57.43
N MET B 1265 12.30 -1.81 58.05
CA MET B 1265 12.77 -1.14 59.25
C MET B 1265 14.07 -0.36 59.08
N ASP B 1266 14.66 -0.33 57.89
CA ASP B 1266 15.85 0.50 57.68
C ASP B 1266 15.38 1.85 57.22
N THR B 1267 15.43 2.82 58.12
CA THR B 1267 15.04 4.17 57.80
C THR B 1267 15.98 4.71 56.73
N GLY B 1268 17.21 4.19 56.72
CA GLY B 1268 18.22 4.65 55.80
C GLY B 1268 18.58 6.11 55.95
N THR B 1269 18.73 6.80 54.83
CA THR B 1269 19.07 8.23 54.81
C THR B 1269 18.49 8.89 53.57
N LEU B 1270 18.51 10.22 53.56
CA LEU B 1270 18.22 10.94 52.34
C LEU B 1270 19.52 11.36 51.68
N SER B 1271 19.73 10.91 50.45
CA SER B 1271 20.90 11.25 49.68
C SER B 1271 20.82 12.70 49.24
N ARG B 1272 21.96 13.29 48.90
CA ARG B 1272 22.03 14.68 48.48
C ARG B 1272 21.16 14.94 47.25
N ASN B 1273 20.98 13.92 46.43
CA ASN B 1273 20.08 14.00 45.28
C ASN B 1273 18.61 14.09 45.68
N GLY B 1274 18.31 13.59 46.86
CA GLY B 1274 16.93 13.50 47.31
C GLY B 1274 16.36 12.10 47.19
N ASP B 1275 17.10 11.20 46.55
CA ASP B 1275 16.73 9.78 46.55
C ASP B 1275 16.93 9.14 47.92
N LEU B 1276 15.99 8.31 48.34
CA LEU B 1276 16.14 7.56 49.59
C LEU B 1276 17.15 6.45 49.42
N LEU B 1277 17.94 6.20 50.46
CA LEU B 1277 18.91 5.10 50.44
C LEU B 1277 18.75 4.24 51.67
N TYR B 1278 19.01 2.95 51.51
CA TYR B 1278 19.14 2.05 52.64
C TYR B 1278 20.46 2.36 53.34
N SER B 1279 20.59 1.95 54.60
CA SER B 1279 21.85 2.09 55.31
C SER B 1279 22.90 1.25 54.61
N PRO B 1280 24.16 1.69 54.66
CA PRO B 1280 25.22 0.88 54.06
C PRO B 1280 25.29 -0.48 54.74
N VAL B 1281 25.53 -1.54 53.97
CA VAL B 1281 25.73 -2.87 54.54
C VAL B 1281 27.03 -2.94 55.31
N ALA B 1282 27.99 -2.10 54.92
CA ALA B 1282 29.31 -2.09 55.53
C ALA B 1282 29.95 -0.72 55.35
N ASN B 1283 30.98 -0.44 56.13
CA ASN B 1283 31.69 0.84 56.01
C ASN B 1283 32.40 0.96 54.67
N GLY B 1284 32.44 2.18 54.14
CA GLY B 1284 33.08 2.44 52.87
C GLY B 1284 32.16 2.18 51.68
N GLN B 1285 30.93 1.79 51.98
CA GLN B 1285 29.93 1.56 50.94
C GLN B 1285 28.83 2.60 51.03
N VAL B 1286 28.35 3.05 49.88
CA VAL B 1286 27.14 3.87 49.82
C VAL B 1286 25.95 2.94 50.03
N GLY B 1287 24.84 3.49 50.53
CA GLY B 1287 23.63 2.70 50.66
C GLY B 1287 22.93 2.43 49.34
N ILE B 1288 22.27 1.28 49.25
CA ILE B 1288 21.50 0.92 48.08
C ILE B 1288 20.26 1.80 48.00
N PRO B 1289 19.99 2.38 46.83
CA PRO B 1289 18.77 3.17 46.73
C PRO B 1289 17.55 2.30 46.94
N LYS B 1290 16.55 2.84 47.60
CA LYS B 1290 15.37 2.08 47.93
C LYS B 1290 14.58 1.75 46.67
N LEU B 1291 14.68 2.62 45.68
CA LEU B 1291 13.94 2.44 44.44
C LEU B 1291 14.65 1.49 43.48
N GLU B 1292 15.88 1.11 43.81
CA GLU B 1292 16.64 0.22 42.94
C GLU B 1292 16.20 -1.23 43.09
N VAL B 1293 15.97 -1.64 44.34
CA VAL B 1293 15.55 -3.00 44.66
C VAL B 1293 14.04 -3.15 44.83
N ASP B 1294 13.55 -4.38 44.88
CA ASP B 1294 12.10 -4.63 44.95
C ASP B 1294 11.49 -4.72 46.35
N HIS B 1295 12.30 -4.58 47.39
CA HIS B 1295 11.78 -4.62 48.77
C HIS B 1295 10.98 -3.35 49.12
N ILE B 1296 10.01 -3.51 50.02
CA ILE B 1296 9.25 -2.37 50.53
C ILE B 1296 9.84 -1.85 51.83
N SER B 1297 9.93 -0.53 51.96
CA SER B 1297 10.48 0.09 53.16
C SER B 1297 9.51 1.09 53.79
N PHE B 1298 9.32 0.99 55.10
CA PHE B 1298 8.30 1.78 55.77
C PHE B 1298 8.83 2.84 56.73
N SER B 1299 10.13 3.06 56.70
CA SER B 1299 10.71 4.19 57.40
C SER B 1299 11.57 4.89 56.41
N ASN B 1300 11.25 6.15 56.18
CA ASN B 1300 11.92 6.90 55.15
C ASN B 1300 12.14 8.31 55.63
N VAL B 1301 13.13 9.00 55.07
CA VAL B 1301 13.38 10.37 55.44
C VAL B 1301 12.78 11.35 54.45
N VAL B 1302 11.57 11.76 54.76
CA VAL B 1302 10.87 12.77 53.98
C VAL B 1302 11.34 14.16 54.41
N SER B 1303 11.93 14.89 53.47
CA SER B 1303 12.24 16.29 53.70
C SER B 1303 10.97 17.09 53.63
N MET B 1304 10.90 18.17 54.40
CA MET B 1304 9.70 18.99 54.50
C MET B 1304 10.10 20.38 54.92
N MET B 1305 9.20 21.33 54.69
CA MET B 1305 9.50 22.69 55.05
C MET B 1305 8.84 23.07 56.34
N THR B 1306 9.57 23.84 57.14
CA THR B 1306 9.06 24.35 58.39
C THR B 1306 8.16 25.55 58.13
N ALA B 1307 7.66 26.14 59.21
CA ALA B 1307 6.78 27.30 59.12
C ALA B 1307 7.51 28.50 58.54
N ASN B 1308 8.84 28.49 58.62
CA ASN B 1308 9.65 29.60 58.13
C ASN B 1308 9.63 29.74 56.62
N ILE B 1309 9.93 28.65 55.91
CA ILE B 1309 9.70 28.60 54.47
C ILE B 1309 8.20 28.63 54.19
N ARG B 1310 7.79 29.45 53.22
CA ARG B 1310 6.41 29.43 52.77
C ARG B 1310 6.44 29.63 51.28
N THR B 1311 5.56 28.93 50.58
CA THR B 1311 5.50 29.04 49.13
C THR B 1311 4.06 29.18 48.68
N GLY B 1312 3.84 29.90 47.59
CA GLY B 1312 2.50 30.00 47.04
C GLY B 1312 1.68 31.08 47.69
N ASP B 1313 2.30 31.80 48.62
CA ASP B 1313 1.64 32.96 49.22
C ASP B 1313 1.65 34.11 48.21
N ASP B 1314 0.67 35.00 48.30
CA ASP B 1314 0.66 36.22 47.48
C ASP B 1314 1.70 37.21 48.03
N MET B 1315 2.26 38.05 47.16
CA MET B 1315 3.40 38.88 47.54
C MET B 1315 3.18 40.38 47.28
N ALA B 1316 3.30 41.18 48.34
CA ALA B 1316 3.10 42.62 48.24
C ALA B 1316 4.23 43.33 47.50
N VAL B 1317 3.87 44.29 46.65
CA VAL B 1317 4.88 45.11 45.96
C VAL B 1317 4.42 46.55 45.73
N GLU B 1318 5.38 47.47 45.75
CA GLU B 1318 5.14 48.84 45.35
C GLU B 1318 5.41 49.04 43.85
N ARG B 1319 4.36 48.97 43.03
CA ARG B 1319 4.43 49.43 41.64
C ARG B 1319 4.56 50.95 41.53
N VAL B 1320 5.42 51.42 40.64
CA VAL B 1320 5.55 52.86 40.39
C VAL B 1320 5.51 53.18 38.90
N ASN B 1321 4.41 53.81 38.50
CA ASN B 1321 4.11 54.11 37.11
C ASN B 1321 5.06 55.13 36.55
N PRO B 1322 5.27 55.10 35.22
CA PRO B 1322 6.17 56.06 34.57
C PRO B 1322 5.66 57.50 34.78
N ASP B 1323 6.57 58.45 34.93
CA ASP B 1323 6.16 59.83 35.23
C ASP B 1323 5.41 60.52 34.09
N ASP B 1324 5.75 60.19 32.85
CA ASP B 1324 5.10 60.79 31.67
C ASP B 1324 5.10 59.79 30.53
N VAL B 1325 3.94 59.52 29.95
CA VAL B 1325 3.85 58.48 28.94
C VAL B 1325 4.69 58.83 27.72
N ARG B 1326 4.76 60.13 27.42
CA ARG B 1326 5.46 60.59 26.22
C ARG B 1326 6.97 60.41 26.32
N ALA B 1327 7.48 60.29 27.54
CA ALA B 1327 8.90 60.09 27.77
C ALA B 1327 9.34 58.62 27.74
N ILE B 1328 8.40 57.69 27.64
CA ILE B 1328 8.73 56.25 27.63
C ILE B 1328 9.45 55.80 26.36
N ASN B 1329 10.47 54.97 26.50
CA ASN B 1329 11.21 54.46 25.35
C ASN B 1329 10.82 53.05 24.95
N ILE B 1330 9.96 52.98 23.94
CA ILE B 1330 9.53 51.69 23.40
C ILE B 1330 10.68 50.94 22.70
N ARG B 1331 11.63 51.69 22.17
CA ARG B 1331 12.51 51.17 21.12
C ARG B 1331 13.76 50.39 21.51
N ASN B 1332 14.75 51.09 22.07
CA ASN B 1332 16.13 50.64 21.91
C ASN B 1332 16.45 49.24 22.37
N ALA B 1333 17.32 48.62 21.59
CA ALA B 1333 17.73 47.24 21.75
C ALA B 1333 18.42 46.99 23.09
N LYS C 74 -87.00 -62.31 -13.03
CA LYS C 74 -86.04 -61.27 -12.72
C LYS C 74 -85.14 -60.98 -13.93
N ILE C 75 -84.77 -59.71 -14.11
CA ILE C 75 -83.83 -59.31 -15.17
C ILE C 75 -82.39 -59.74 -14.91
N ALA C 76 -81.70 -60.19 -15.95
CA ALA C 76 -80.26 -60.45 -15.88
C ALA C 76 -79.52 -59.13 -15.74
N THR C 77 -78.51 -59.08 -14.87
CA THR C 77 -77.77 -57.83 -14.64
C THR C 77 -76.27 -58.04 -14.64
N ALA C 78 -75.53 -56.94 -14.76
CA ALA C 78 -74.08 -56.98 -14.74
C ALA C 78 -73.56 -55.96 -13.73
N SER C 79 -72.39 -56.21 -13.19
CA SER C 79 -71.83 -55.29 -12.19
C SER C 79 -70.32 -55.41 -12.18
N SER C 80 -69.63 -54.37 -11.74
CA SER C 80 -68.19 -54.38 -11.77
C SER C 80 -67.60 -54.42 -10.37
N ALA C 81 -66.27 -54.52 -10.30
CA ALA C 81 -65.52 -54.37 -9.05
C ALA C 81 -64.09 -54.04 -9.40
N ARG C 82 -63.35 -53.53 -8.43
CA ARG C 82 -61.93 -53.29 -8.60
C ARG C 82 -61.33 -53.29 -7.21
N GLN C 83 -60.11 -53.79 -7.08
CA GLN C 83 -59.54 -53.92 -5.75
C GLN C 83 -59.32 -52.54 -5.10
N ALA C 84 -59.66 -52.45 -3.81
CA ALA C 84 -59.58 -51.19 -3.07
C ALA C 84 -58.17 -50.83 -2.61
N ASP C 85 -57.91 -49.53 -2.52
CA ASP C 85 -56.69 -49.00 -1.89
C ASP C 85 -56.82 -49.02 -0.37
N VAL C 86 -55.69 -49.11 0.33
CA VAL C 86 -55.67 -49.01 1.79
C VAL C 86 -54.38 -48.38 2.29
N GLU C 87 -53.60 -47.83 1.37
CA GLU C 87 -52.26 -47.35 1.63
C GLU C 87 -52.30 -46.21 2.64
N LYS C 88 -52.33 -46.57 3.92
CA LYS C 88 -52.31 -45.59 5.00
C LYS C 88 -50.89 -45.13 5.29
N PRO C 89 -50.74 -43.93 5.87
CA PRO C 89 -49.44 -43.54 6.43
C PRO C 89 -49.09 -44.49 7.55
N ALA C 90 -47.80 -44.77 7.74
CA ALA C 90 -47.36 -45.75 8.72
C ALA C 90 -47.76 -45.38 10.14
N ASP C 91 -48.24 -46.37 10.89
CA ASP C 91 -48.66 -46.17 12.27
C ASP C 91 -47.47 -45.82 13.15
N VAL C 92 -47.70 -44.94 14.12
CA VAL C 92 -46.68 -44.58 15.09
C VAL C 92 -46.86 -45.34 16.39
N THR C 93 -46.28 -46.54 16.48
CA THR C 93 -46.35 -47.35 17.69
C THR C 93 -45.34 -46.83 18.71
N PHE C 94 -45.58 -47.08 19.99
CA PHE C 94 -44.54 -46.81 20.98
C PHE C 94 -43.93 -48.09 21.57
N THR C 95 -44.58 -49.23 21.32
CA THR C 95 -44.05 -50.53 21.73
C THR C 95 -42.94 -51.00 20.81
N ILE C 96 -42.08 -51.88 21.32
CA ILE C 96 -40.93 -52.36 20.59
C ILE C 96 -40.82 -53.87 20.73
N GLU C 97 -40.33 -54.53 19.68
CA GLU C 97 -40.34 -56.00 19.63
C GLU C 97 -39.16 -56.68 20.32
N ASN C 98 -37.99 -56.04 20.27
CA ASN C 98 -36.75 -56.69 20.70
C ASN C 98 -36.01 -55.83 21.68
N VAL C 99 -35.23 -56.45 22.55
CA VAL C 99 -34.46 -55.70 23.53
C VAL C 99 -33.41 -54.85 22.81
N ASP C 100 -33.02 -55.31 21.63
CA ASP C 100 -32.03 -54.65 20.82
C ASP C 100 -32.53 -53.28 20.33
N ASP C 101 -33.84 -53.13 20.20
CA ASP C 101 -34.44 -51.92 19.63
C ASP C 101 -34.48 -50.72 20.60
N VAL C 102 -34.44 -49.52 20.03
CA VAL C 102 -34.48 -48.28 20.78
C VAL C 102 -35.83 -48.07 21.47
N GLY C 103 -35.81 -47.64 22.72
CA GLY C 103 -37.05 -47.36 23.45
C GLY C 103 -37.74 -46.09 22.99
N ILE C 104 -39.02 -46.19 22.64
CA ILE C 104 -39.77 -45.01 22.23
C ILE C 104 -40.53 -44.35 23.40
N MET C 105 -41.07 -45.17 24.29
CA MET C 105 -41.79 -44.65 25.45
C MET C 105 -40.77 -44.05 26.39
N GLN C 106 -41.20 -43.13 27.25
CA GLN C 106 -40.30 -42.55 28.22
C GLN C 106 -39.86 -43.66 29.16
N GLN C 107 -38.56 -43.91 29.25
CA GLN C 107 -38.03 -44.92 30.17
C GLN C 107 -37.92 -44.46 31.61
N LYS C 108 -38.12 -45.37 32.55
CA LYS C 108 -37.90 -45.08 33.96
C LYS C 108 -36.40 -44.96 34.24
N LYS C 109 -36.01 -43.99 35.06
CA LYS C 109 -34.59 -43.71 35.29
C LYS C 109 -34.24 -43.65 36.78
N PRO C 110 -32.97 -43.94 37.10
CA PRO C 110 -32.47 -43.80 38.47
C PRO C 110 -32.57 -42.35 38.93
N PRO C 111 -32.82 -42.14 40.24
CA PRO C 111 -32.93 -40.78 40.78
C PRO C 111 -31.62 -40.00 40.58
N THR C 112 -31.72 -38.71 40.30
CA THR C 112 -30.55 -37.93 39.91
C THR C 112 -30.15 -36.84 40.91
N VAL C 113 -29.32 -37.22 41.87
CA VAL C 113 -28.81 -36.25 42.84
C VAL C 113 -27.74 -35.38 42.19
N VAL C 114 -27.92 -34.07 42.26
CA VAL C 114 -26.90 -33.14 41.81
C VAL C 114 -25.95 -32.74 42.95
N GLN C 115 -24.78 -33.37 42.98
CA GLN C 115 -23.69 -32.88 43.80
C GLN C 115 -23.34 -31.53 43.24
N SER C 116 -23.03 -30.56 44.09
CA SER C 116 -22.66 -29.25 43.59
C SER C 116 -21.36 -28.83 44.24
N ARG C 117 -20.27 -29.35 43.70
CA ARG C 117 -18.97 -29.14 44.30
C ARG C 117 -18.52 -27.68 44.22
N THR C 118 -17.94 -27.20 45.32
CA THR C 118 -17.38 -25.86 45.37
C THR C 118 -15.92 -25.95 45.75
N ASP C 119 -15.30 -24.79 45.95
CA ASP C 119 -13.88 -24.71 46.24
C ASP C 119 -13.56 -25.49 47.51
N VAL C 120 -14.51 -25.50 48.43
CA VAL C 120 -14.34 -26.14 49.72
C VAL C 120 -15.68 -26.64 50.22
N PHE C 121 -15.67 -27.83 50.81
CA PHE C 121 -16.89 -28.46 51.29
C PHE C 121 -16.56 -29.58 52.25
N ASN C 122 -17.55 -30.04 52.99
CA ASN C 122 -17.36 -31.07 53.97
C ASN C 122 -18.06 -32.35 53.56
N GLU C 123 -17.33 -33.28 52.93
CA GLU C 123 -17.96 -34.50 52.44
C GLU C 123 -18.40 -35.44 53.57
N GLN C 124 -19.61 -36.00 53.43
CA GLN C 124 -20.17 -36.91 54.40
C GLN C 124 -21.01 -37.92 53.66
N PHE C 125 -21.02 -39.16 54.14
CA PHE C 125 -21.72 -40.21 53.42
C PHE C 125 -22.72 -40.96 54.29
N ALA C 126 -23.07 -40.35 55.41
CA ALA C 126 -24.18 -40.82 56.22
C ALA C 126 -25.44 -40.69 55.36
N ASN C 127 -26.33 -41.67 55.47
CA ASN C 127 -27.52 -41.77 54.61
C ASN C 127 -27.21 -41.64 53.11
N GLU C 128 -26.15 -42.30 52.67
CA GLU C 128 -25.90 -42.51 51.26
C GLU C 128 -26.92 -43.51 50.73
N ALA C 129 -27.42 -43.28 49.52
CA ALA C 129 -28.33 -44.23 48.88
C ALA C 129 -27.57 -45.51 48.52
N LEU C 130 -28.25 -46.65 48.62
CA LEU C 130 -27.65 -47.92 48.22
C LEU C 130 -28.02 -48.31 46.79
N HIS C 131 -29.19 -47.86 46.35
CA HIS C 131 -29.68 -48.09 44.99
C HIS C 131 -28.83 -47.30 44.04
N PRO C 132 -28.80 -47.69 42.75
CA PRO C 132 -28.11 -46.87 41.77
C PRO C 132 -28.67 -45.45 41.71
N THR C 133 -27.79 -44.49 41.52
CA THR C 133 -28.14 -43.08 41.57
C THR C 133 -27.25 -42.37 40.58
N THR C 134 -27.78 -41.36 39.88
CA THR C 134 -26.92 -40.58 39.00
C THR C 134 -26.48 -39.28 39.66
N LYS C 135 -25.36 -39.33 40.37
CA LYS C 135 -24.72 -38.12 40.84
C LYS C 135 -24.27 -37.34 39.62
N VAL C 136 -24.49 -36.03 39.64
CA VAL C 136 -24.08 -35.17 38.54
C VAL C 136 -23.67 -33.84 39.16
N ILE C 137 -22.75 -33.14 38.51
CA ILE C 137 -22.12 -31.99 39.17
C ILE C 137 -22.73 -30.62 38.83
N PHE C 138 -23.25 -30.47 37.62
CA PHE C 138 -23.70 -29.16 37.19
C PHE C 138 -25.22 -29.11 37.11
N ASN C 139 -25.79 -27.97 37.44
CA ASN C 139 -27.25 -27.81 37.44
C ASN C 139 -27.93 -27.69 36.06
N GLY C 140 -27.23 -27.18 35.07
CA GLY C 140 -27.87 -26.88 33.80
C GLY C 140 -27.42 -27.74 32.64
N LEU C 141 -27.78 -29.02 32.67
CA LEU C 141 -27.29 -29.98 31.69
C LEU C 141 -28.21 -30.21 30.49
N ASP C 142 -29.28 -29.43 30.37
CA ASP C 142 -30.18 -29.56 29.24
C ASP C 142 -29.65 -28.74 28.05
N VAL C 143 -28.33 -28.81 27.87
CA VAL C 143 -27.61 -27.94 26.93
C VAL C 143 -27.86 -28.15 25.44
N ASN C 144 -28.22 -29.36 25.04
CA ASN C 144 -28.46 -29.66 23.62
C ASN C 144 -29.84 -29.22 23.20
N THR C 145 -29.99 -27.91 22.97
CA THR C 145 -31.29 -27.31 22.72
C THR C 145 -31.72 -27.36 21.27
N GLU C 146 -30.80 -27.02 20.36
CA GLU C 146 -31.17 -26.78 18.97
C GLU C 146 -31.47 -28.07 18.21
N VAL C 147 -32.75 -28.40 18.13
CA VAL C 147 -33.21 -29.58 17.41
C VAL C 147 -32.96 -29.43 15.92
N GLN C 148 -32.46 -30.49 15.28
CA GLN C 148 -32.31 -30.48 13.82
C GLN C 148 -33.36 -31.36 13.16
N PRO C 149 -34.31 -30.72 12.46
CA PRO C 149 -35.34 -31.47 11.74
C PRO C 149 -34.74 -32.33 10.63
N LEU C 150 -35.30 -33.51 10.42
CA LEU C 150 -34.93 -34.34 9.29
C LEU C 150 -35.66 -33.85 8.05
N SER C 151 -35.02 -33.99 6.88
CA SER C 151 -35.73 -33.72 5.64
C SER C 151 -36.74 -34.83 5.40
N ASP C 152 -37.92 -34.48 4.90
CA ASP C 152 -38.94 -35.48 4.61
C ASP C 152 -38.72 -36.06 3.20
N ASP C 153 -37.63 -36.78 3.03
CA ASP C 153 -37.25 -37.30 1.72
C ASP C 153 -38.25 -38.33 1.19
N PHE C 154 -38.86 -39.11 2.07
CA PHE C 154 -39.80 -40.14 1.64
C PHE C 154 -41.19 -39.95 2.19
N LYS C 155 -42.03 -40.95 1.95
CA LYS C 155 -43.42 -40.91 2.35
C LYS C 155 -43.71 -42.27 2.92
N GLN C 156 -43.38 -42.46 4.19
CA GLN C 156 -43.57 -43.74 4.85
C GLN C 156 -45.04 -44.10 4.89
N ILE C 157 -45.35 -45.34 4.51
CA ILE C 157 -46.73 -45.79 4.36
C ILE C 157 -46.81 -47.28 4.57
N SER C 158 -47.97 -47.73 5.02
CA SER C 158 -48.19 -49.15 5.21
C SER C 158 -49.14 -49.63 4.14
N ASP C 159 -49.05 -50.92 3.79
CA ASP C 159 -49.99 -51.56 2.87
C ASP C 159 -50.08 -50.81 1.54
N PRO C 160 -48.97 -50.80 0.78
CA PRO C 160 -48.81 -49.93 -0.40
C PRO C 160 -49.80 -50.24 -1.51
N LYS C 161 -50.24 -49.22 -2.22
CA LYS C 161 -51.09 -49.47 -3.39
C LYS C 161 -50.21 -49.48 -4.63
N GLY C 162 -50.59 -50.30 -5.61
CA GLY C 162 -49.81 -50.46 -6.82
C GLY C 162 -50.13 -49.51 -7.95
N TYR C 163 -49.41 -49.65 -9.06
CA TYR C 163 -49.68 -48.85 -10.25
C TYR C 163 -50.77 -49.53 -11.06
N LEU C 164 -50.76 -50.85 -11.04
CA LEU C 164 -51.78 -51.63 -11.73
C LEU C 164 -52.69 -52.31 -10.72
N THR C 165 -53.97 -52.42 -11.07
CA THR C 165 -54.91 -53.19 -10.28
C THR C 165 -55.84 -53.95 -11.22
N TYR C 166 -56.31 -55.10 -10.77
CA TYR C 166 -57.35 -55.82 -11.49
C TYR C 166 -58.68 -55.09 -11.43
N SER C 167 -59.37 -55.04 -12.57
CA SER C 167 -60.74 -54.59 -12.64
C SER C 167 -61.49 -55.81 -13.08
N VAL C 168 -62.77 -55.87 -12.75
CA VAL C 168 -63.51 -57.07 -13.08
C VAL C 168 -65.00 -56.82 -13.38
N LYS C 169 -65.46 -57.31 -14.52
CA LYS C 169 -66.87 -57.24 -14.86
C LYS C 169 -67.52 -58.60 -14.69
N TYR C 170 -68.66 -58.57 -14.03
CA TYR C 170 -69.45 -59.74 -13.67
C TYR C 170 -70.79 -59.79 -14.38
N GLU C 171 -71.15 -60.99 -14.81
CA GLU C 171 -72.52 -61.32 -15.19
C GLU C 171 -73.18 -61.95 -13.98
N ASP C 172 -74.08 -61.21 -13.35
CA ASP C 172 -74.62 -61.61 -12.06
C ASP C 172 -75.56 -62.83 -12.08
N GLN C 173 -76.09 -63.19 -13.25
CA GLN C 173 -76.98 -64.38 -13.36
C GLN C 173 -76.32 -65.74 -13.13
N PHE C 174 -75.00 -65.80 -13.28
CA PHE C 174 -74.26 -67.01 -12.98
C PHE C 174 -73.91 -67.05 -11.50
N THR C 175 -74.23 -68.18 -10.85
CA THR C 175 -73.92 -68.39 -9.44
C THR C 175 -73.87 -69.88 -9.16
N LYS C 176 -72.76 -70.36 -8.60
CA LYS C 176 -72.64 -71.77 -8.29
C LYS C 176 -73.66 -72.14 -7.22
N LYS C 177 -74.28 -73.30 -7.38
CA LYS C 177 -75.29 -73.74 -6.42
C LYS C 177 -74.66 -74.10 -5.08
N ASP C 178 -73.55 -74.85 -5.12
CA ASP C 178 -72.85 -75.26 -3.92
C ASP C 178 -72.23 -74.06 -3.20
N LYS C 179 -72.24 -74.08 -1.87
CA LYS C 179 -71.62 -73.00 -1.12
C LYS C 179 -70.33 -73.49 -0.51
N LEU C 180 -69.21 -73.03 -1.04
CA LEU C 180 -67.91 -73.42 -0.52
C LEU C 180 -67.71 -72.90 0.90
N ARG C 181 -67.22 -73.74 1.79
CA ARG C 181 -67.01 -73.35 3.17
C ARG C 181 -65.53 -73.41 3.52
N ALA C 182 -64.83 -72.31 3.32
CA ALA C 182 -63.46 -72.17 3.77
C ALA C 182 -63.40 -71.96 5.28
N SER C 183 -62.27 -72.29 5.88
CA SER C 183 -62.00 -71.90 7.27
C SER C 183 -61.85 -70.39 7.35
N GLU C 184 -62.08 -69.83 8.54
CA GLU C 184 -62.05 -68.39 8.70
C GLU C 184 -60.68 -67.83 8.35
N ALA C 185 -59.64 -68.60 8.64
CA ALA C 185 -58.27 -68.16 8.39
C ALA C 185 -57.98 -68.08 6.89
N ASP C 186 -58.34 -69.16 6.21
CA ASP C 186 -58.14 -69.23 4.79
C ASP C 186 -58.96 -68.15 4.11
N ASP C 187 -60.13 -67.84 4.64
CA ASP C 187 -60.90 -66.72 4.08
C ASP C 187 -60.22 -65.38 4.39
N ARG C 188 -59.49 -65.30 5.49
CA ARG C 188 -58.78 -64.07 5.79
C ARG C 188 -57.71 -63.83 4.75
N ILE C 189 -57.11 -64.91 4.26
CA ILE C 189 -56.02 -64.75 3.28
C ILE C 189 -56.57 -64.65 1.85
N VAL C 190 -57.30 -65.68 1.48
CA VAL C 190 -57.73 -65.93 0.13
C VAL C 190 -58.99 -65.15 -0.21
N GLY C 191 -59.60 -64.55 0.81
CA GLY C 191 -60.91 -63.93 0.68
C GLY C 191 -61.06 -62.88 -0.38
N PRO C 192 -60.31 -61.76 -0.27
CA PRO C 192 -60.46 -60.65 -1.21
C PRO C 192 -60.24 -61.10 -2.65
N THR C 193 -59.38 -62.10 -2.84
CA THR C 193 -59.18 -62.69 -4.16
C THR C 193 -60.42 -63.41 -4.65
N VAL C 194 -60.95 -64.31 -3.83
CA VAL C 194 -62.10 -65.12 -4.21
C VAL C 194 -63.32 -64.24 -4.46
N ASN C 195 -63.44 -63.19 -3.66
CA ASN C 195 -64.54 -62.25 -3.77
C ASN C 195 -64.51 -61.46 -5.07
N LEU C 196 -63.32 -61.21 -5.58
CA LEU C 196 -63.16 -60.39 -6.77
C LEU C 196 -63.23 -61.24 -8.04
N PHE C 197 -62.59 -62.39 -8.03
CA PHE C 197 -62.67 -63.28 -9.18
C PHE C 197 -63.75 -64.31 -8.86
N LYS C 198 -64.90 -63.83 -8.43
CA LYS C 198 -66.01 -64.68 -8.04
C LYS C 198 -66.65 -65.29 -9.26
N TYR C 199 -67.39 -66.37 -9.06
CA TYR C 199 -68.03 -67.07 -10.16
C TYR C 199 -68.92 -66.08 -10.91
N GLY C 200 -68.84 -66.10 -12.23
CA GLY C 200 -69.60 -65.17 -13.04
C GLY C 200 -68.80 -63.98 -13.55
N ALA C 201 -67.55 -63.88 -13.14
CA ALA C 201 -66.71 -62.79 -13.63
C ALA C 201 -66.54 -62.92 -15.13
N ALA C 202 -67.04 -61.95 -15.87
CA ALA C 202 -67.07 -62.04 -17.32
C ALA C 202 -65.69 -61.70 -17.86
N VAL C 203 -65.11 -60.62 -17.36
CA VAL C 203 -63.75 -60.27 -17.77
C VAL C 203 -62.96 -59.75 -16.60
N VAL C 204 -61.66 -60.02 -16.61
CA VAL C 204 -60.77 -59.47 -15.61
C VAL C 204 -59.63 -58.76 -16.29
N ASN C 205 -59.68 -57.44 -16.23
CA ASN C 205 -58.71 -56.56 -16.84
C ASN C 205 -57.62 -56.08 -15.88
N ILE C 206 -56.54 -55.56 -16.44
CA ILE C 206 -55.46 -54.96 -15.67
C ILE C 206 -55.30 -53.49 -16.03
N ASP C 207 -55.81 -52.62 -15.16
CA ASP C 207 -55.82 -51.18 -15.44
C ASP C 207 -54.77 -50.47 -14.61
N LEU C 208 -54.37 -49.27 -15.01
CA LEU C 208 -53.60 -48.39 -14.12
C LEU C 208 -54.47 -48.07 -12.88
N ASN C 209 -53.86 -48.08 -11.70
CA ASN C 209 -54.64 -47.86 -10.49
C ASN C 209 -55.10 -46.41 -10.40
N ARG C 210 -56.41 -46.21 -10.56
CA ARG C 210 -56.99 -44.89 -10.55
C ARG C 210 -56.80 -44.25 -9.18
N ASP C 211 -56.71 -45.09 -8.16
CA ASP C 211 -56.51 -44.63 -6.79
C ASP C 211 -55.13 -44.01 -6.64
N PHE C 212 -54.16 -44.50 -7.42
CA PHE C 212 -52.80 -43.96 -7.37
C PHE C 212 -52.56 -42.84 -8.36
N PHE C 213 -52.93 -43.05 -9.62
CA PHE C 213 -52.87 -41.99 -10.62
C PHE C 213 -54.15 -41.16 -10.55
N ASP C 214 -54.21 -40.37 -9.49
CA ASP C 214 -55.42 -39.65 -9.09
C ASP C 214 -55.72 -38.45 -9.95
N THR C 215 -56.90 -37.87 -9.76
CA THR C 215 -57.26 -36.61 -10.40
C THR C 215 -56.34 -35.49 -9.93
N ALA C 216 -55.72 -35.67 -8.77
CA ALA C 216 -54.71 -34.72 -8.27
C ALA C 216 -53.46 -34.67 -9.16
N THR C 217 -53.16 -35.75 -9.85
CA THR C 217 -52.09 -35.75 -10.86
C THR C 217 -52.62 -35.19 -12.17
N GLY C 218 -53.93 -34.97 -12.23
CA GLY C 218 -54.57 -34.49 -13.43
C GLY C 218 -55.07 -35.63 -14.31
N ILE C 219 -54.66 -36.86 -13.98
CA ILE C 219 -55.07 -38.02 -14.76
C ILE C 219 -56.53 -38.41 -14.58
N ASP C 220 -57.18 -38.73 -15.69
CA ASP C 220 -58.50 -39.34 -15.68
C ASP C 220 -58.32 -40.73 -16.26
N LEU C 221 -58.99 -41.71 -15.66
CA LEU C 221 -58.81 -43.09 -16.11
C LEU C 221 -60.11 -43.84 -16.39
N THR C 222 -61.20 -43.09 -16.54
CA THR C 222 -62.52 -43.66 -16.70
C THR C 222 -62.64 -44.49 -17.98
N LYS C 223 -61.80 -44.18 -18.96
CA LYS C 223 -61.72 -44.98 -20.18
C LYS C 223 -60.59 -45.99 -20.03
N GLY C 224 -60.07 -46.49 -21.14
CA GLY C 224 -59.04 -47.51 -21.05
C GLY C 224 -57.67 -46.95 -20.72
N ILE C 225 -57.53 -45.65 -20.84
CA ILE C 225 -56.22 -45.02 -20.91
C ILE C 225 -56.12 -43.82 -19.99
N PRO C 226 -54.90 -43.48 -19.57
CA PRO C 226 -54.69 -42.20 -18.87
C PRO C 226 -54.98 -41.04 -19.83
N LEU C 227 -55.50 -39.93 -19.31
CA LEU C 227 -55.86 -38.77 -20.12
C LEU C 227 -55.64 -37.49 -19.33
N VAL C 228 -54.80 -36.61 -19.81
CA VAL C 228 -54.58 -35.36 -19.09
C VAL C 228 -54.89 -34.15 -19.93
N GLN C 229 -55.83 -33.35 -19.45
CA GLN C 229 -56.24 -32.15 -20.15
C GLN C 229 -55.22 -31.03 -20.03
N ASP C 230 -55.19 -30.18 -21.06
CA ASP C 230 -54.41 -28.94 -21.08
C ASP C 230 -52.91 -29.12 -20.94
N LEU C 231 -52.36 -30.23 -21.42
CA LEU C 231 -50.89 -30.36 -21.43
C LEU C 231 -50.30 -30.12 -22.81
N LEU C 232 -50.60 -31.01 -23.75
CA LEU C 232 -50.28 -30.78 -25.15
C LEU C 232 -51.48 -30.14 -25.85
N VAL C 233 -51.37 -28.86 -26.17
CA VAL C 233 -52.52 -28.11 -26.69
C VAL C 233 -52.16 -27.24 -27.90
N PRO C 234 -53.17 -26.92 -28.72
CA PRO C 234 -53.04 -25.83 -29.69
C PRO C 234 -52.89 -24.51 -28.95
N ILE C 235 -52.14 -23.58 -29.51
CA ILE C 235 -52.08 -22.23 -28.96
C ILE C 235 -53.04 -21.33 -29.74
N GLY C 236 -53.70 -20.39 -29.06
CA GLY C 236 -54.59 -19.46 -29.72
C GLY C 236 -56.01 -19.95 -29.90
N VAL C 237 -56.29 -21.16 -29.40
CA VAL C 237 -57.63 -21.73 -29.44
C VAL C 237 -57.79 -22.70 -28.29
N THR C 238 -59.01 -22.84 -27.80
CA THR C 238 -59.27 -23.84 -26.77
C THR C 238 -59.08 -25.21 -27.38
N ALA C 239 -58.44 -26.12 -26.64
CA ALA C 239 -58.26 -27.48 -27.09
C ALA C 239 -59.61 -28.19 -27.17
N GLY C 240 -59.80 -29.00 -28.19
CA GLY C 240 -61.07 -29.70 -28.36
C GLY C 240 -61.26 -30.73 -27.27
N ALA C 241 -62.51 -31.00 -26.91
CA ALA C 241 -62.81 -31.99 -25.90
C ALA C 241 -62.55 -33.39 -26.45
N GLU C 242 -62.17 -34.31 -25.56
CA GLU C 242 -61.87 -35.69 -25.94
C GLU C 242 -60.79 -35.75 -27.01
N GLN C 243 -59.84 -34.83 -26.96
CA GLN C 243 -58.72 -34.83 -27.89
C GLN C 243 -57.80 -36.02 -27.61
N SER C 244 -57.29 -36.64 -28.69
CA SER C 244 -56.46 -37.84 -28.59
C SER C 244 -55.10 -37.60 -27.92
N ALA C 245 -54.59 -36.39 -28.04
CA ALA C 245 -53.28 -36.04 -27.49
C ALA C 245 -53.29 -36.17 -25.99
N GLU C 246 -54.49 -36.12 -25.40
CA GLU C 246 -54.62 -36.23 -23.96
C GLU C 246 -54.01 -37.55 -23.50
N TYR C 247 -54.09 -38.56 -24.36
CA TYR C 247 -53.53 -39.86 -24.03
C TYR C 247 -52.04 -39.76 -23.82
N VAL C 248 -51.37 -39.03 -24.70
CA VAL C 248 -49.93 -38.89 -24.56
C VAL C 248 -49.63 -38.13 -23.27
N SER C 249 -50.44 -37.11 -22.98
CA SER C 249 -50.21 -36.31 -21.79
C SER C 249 -50.38 -37.24 -20.60
N GLY C 250 -51.32 -38.19 -20.73
CA GLY C 250 -51.61 -39.11 -19.65
C GLY C 250 -50.35 -39.88 -19.37
N LEU C 251 -49.75 -40.40 -20.43
CA LEU C 251 -48.56 -41.21 -20.26
C LEU C 251 -47.47 -40.38 -19.61
N LEU C 252 -47.35 -39.11 -20.01
CA LEU C 252 -46.30 -38.29 -19.44
C LEU C 252 -46.57 -38.18 -17.95
N MET C 253 -47.80 -37.83 -17.60
CA MET C 253 -48.14 -37.65 -16.20
C MET C 253 -48.06 -38.96 -15.45
N VAL C 254 -48.16 -40.08 -16.17
CA VAL C 254 -48.00 -41.34 -15.48
C VAL C 254 -46.53 -41.53 -15.22
N LEU C 255 -45.73 -41.34 -16.25
CA LEU C 255 -44.28 -41.51 -16.14
C LEU C 255 -43.75 -40.62 -15.03
N PHE C 256 -44.15 -39.36 -15.10
CA PHE C 256 -43.75 -38.36 -14.12
C PHE C 256 -44.17 -38.78 -12.72
N LYS C 257 -45.40 -39.25 -12.58
CA LYS C 257 -45.92 -39.57 -11.27
C LYS C 257 -45.16 -40.75 -10.70
N VAL C 258 -44.64 -41.59 -11.59
CA VAL C 258 -43.88 -42.76 -11.14
C VAL C 258 -42.52 -42.26 -10.75
N MET C 259 -41.99 -41.33 -11.54
CA MET C 259 -40.64 -40.83 -11.36
C MET C 259 -40.51 -40.19 -10.00
N THR C 260 -41.60 -39.62 -9.53
CA THR C 260 -41.61 -38.93 -8.25
C THR C 260 -42.23 -39.70 -7.08
N ASP C 261 -42.49 -41.02 -7.23
CA ASP C 261 -43.02 -41.81 -6.11
C ASP C 261 -41.93 -42.02 -5.08
N ASN C 262 -42.06 -41.31 -3.96
CA ASN C 262 -41.06 -41.41 -2.91
C ASN C 262 -41.58 -42.24 -1.73
N ARG C 263 -42.46 -43.17 -2.02
CA ARG C 263 -43.02 -44.04 -1.00
C ARG C 263 -42.01 -45.02 -0.42
N LEU C 264 -42.13 -45.26 0.87
CA LEU C 264 -41.21 -46.11 1.61
C LEU C 264 -42.06 -46.99 2.48
N VAL C 265 -42.19 -48.26 2.13
CA VAL C 265 -43.08 -49.18 2.87
C VAL C 265 -42.62 -49.52 4.28
N ILE C 266 -43.57 -49.52 5.21
CA ILE C 266 -43.38 -49.92 6.58
C ILE C 266 -44.39 -51.02 6.80
N VAL C 267 -44.03 -52.04 7.56
CA VAL C 267 -44.93 -53.19 7.69
C VAL C 267 -46.22 -52.80 8.40
N GLY C 268 -47.34 -53.25 7.85
CA GLY C 268 -48.65 -52.94 8.39
C GLY C 268 -49.03 -54.01 9.39
N GLU C 269 -50.31 -54.07 9.74
CA GLU C 269 -50.76 -55.10 10.63
C GLU C 269 -50.58 -56.43 9.92
N THR C 270 -50.12 -57.45 10.65
CA THR C 270 -49.82 -58.73 10.05
C THR C 270 -50.25 -59.90 10.94
N THR C 271 -50.86 -60.91 10.33
CA THR C 271 -51.33 -62.10 11.05
C THR C 271 -50.26 -63.16 10.92
N THR C 272 -50.26 -64.12 11.85
CA THR C 272 -49.41 -65.29 11.75
C THR C 272 -50.24 -66.54 12.00
N PRO C 273 -50.94 -67.01 10.97
CA PRO C 273 -51.80 -68.19 11.15
C PRO C 273 -50.99 -69.39 11.58
N MET C 274 -51.55 -70.19 12.49
CA MET C 274 -51.03 -71.52 12.77
C MET C 274 -51.30 -72.36 11.53
N SER C 275 -50.40 -73.29 11.23
CA SER C 275 -50.52 -74.05 9.99
C SER C 275 -51.82 -74.83 9.93
N ASN C 276 -52.27 -75.31 11.08
CA ASN C 276 -53.46 -76.16 11.13
C ASN C 276 -54.73 -75.38 10.81
N THR C 277 -54.66 -74.05 10.96
CA THR C 277 -55.83 -73.20 10.73
C THR C 277 -56.05 -72.97 9.24
N LEU C 278 -55.06 -73.34 8.43
CA LEU C 278 -55.12 -73.12 6.98
C LEU C 278 -55.25 -74.42 6.19
N SER C 279 -55.88 -74.32 5.03
CA SER C 279 -55.88 -75.43 4.08
C SER C 279 -54.44 -75.56 3.62
N THR C 280 -54.01 -76.78 3.31
CA THR C 280 -52.59 -77.00 3.04
C THR C 280 -52.10 -76.23 1.82
N VAL C 281 -52.97 -76.10 0.83
CA VAL C 281 -52.59 -75.44 -0.41
C VAL C 281 -52.27 -73.98 -0.16
N VAL C 282 -52.91 -73.41 0.84
CA VAL C 282 -52.73 -72.00 1.16
C VAL C 282 -51.50 -71.87 2.02
N ASN C 283 -51.34 -72.85 2.89
CA ASN C 283 -50.24 -72.90 3.84
C ASN C 283 -48.88 -73.04 3.14
N ASN C 284 -48.85 -73.72 1.99
CA ASN C 284 -47.61 -73.84 1.21
C ASN C 284 -47.14 -72.53 0.64
N VAL C 285 -48.09 -71.67 0.33
CA VAL C 285 -47.81 -70.34 -0.22
C VAL C 285 -47.48 -69.32 0.88
N LEU C 286 -48.20 -69.42 1.99
CA LEU C 286 -47.98 -68.54 3.13
C LEU C 286 -46.61 -68.76 3.72
N ARG C 287 -46.01 -67.68 4.16
CA ARG C 287 -44.69 -67.73 4.76
C ARG C 287 -44.77 -67.08 6.14
N THR C 288 -45.13 -67.90 7.12
CA THR C 288 -45.35 -67.45 8.50
C THR C 288 -46.34 -66.28 8.57
N THR C 289 -45.85 -65.05 8.43
CA THR C 289 -46.72 -63.89 8.50
C THR C 289 -47.15 -63.39 7.12
N TYR C 290 -48.13 -62.50 7.08
CA TYR C 290 -48.60 -61.86 5.86
C TYR C 290 -49.44 -60.65 6.27
N HIS C 291 -49.49 -59.61 5.45
CA HIS C 291 -50.30 -58.43 5.81
C HIS C 291 -51.78 -58.76 5.83
N ASN C 292 -52.49 -58.23 6.82
CA ASN C 292 -53.92 -58.49 6.95
C ASN C 292 -54.65 -57.98 5.72
N ASN C 293 -54.12 -56.92 5.12
CA ASN C 293 -54.57 -56.50 3.80
C ASN C 293 -53.76 -57.19 2.73
N VAL C 294 -53.98 -58.48 2.57
CA VAL C 294 -53.51 -59.19 1.39
C VAL C 294 -54.22 -58.50 0.25
N GLY C 295 -53.54 -58.36 -0.88
CA GLY C 295 -54.19 -57.81 -2.03
C GLY C 295 -54.91 -58.97 -2.67
N VAL C 296 -55.04 -58.96 -3.99
CA VAL C 296 -55.57 -60.13 -4.65
C VAL C 296 -54.53 -60.74 -5.57
N ASN C 297 -54.62 -62.05 -5.77
CA ASN C 297 -53.80 -62.72 -6.74
C ASN C 297 -54.47 -63.99 -7.18
N PRO C 298 -54.56 -64.21 -8.50
CA PRO C 298 -55.28 -65.35 -9.08
C PRO C 298 -54.69 -66.66 -8.57
N ALA C 299 -53.42 -66.65 -8.20
CA ALA C 299 -52.78 -67.83 -7.64
C ALA C 299 -53.47 -68.30 -6.37
N LEU C 300 -54.11 -67.39 -5.66
CA LEU C 300 -54.86 -67.76 -4.47
C LEU C 300 -56.15 -68.53 -4.79
N LEU C 301 -56.64 -68.41 -6.01
CA LEU C 301 -57.86 -69.09 -6.42
C LEU C 301 -57.74 -70.59 -6.38
N ARG C 302 -56.51 -71.09 -6.37
CA ARG C 302 -56.27 -72.53 -6.44
C ARG C 302 -56.97 -73.26 -5.30
N ASP C 303 -57.65 -74.35 -5.66
CA ASP C 303 -58.51 -75.11 -4.74
C ASP C 303 -59.52 -74.25 -3.98
N PHE C 304 -60.00 -73.18 -4.61
CA PHE C 304 -60.92 -72.23 -3.96
C PHE C 304 -61.95 -71.71 -4.94
N THR C 305 -61.51 -71.42 -6.16
CA THR C 305 -62.47 -71.12 -7.20
C THR C 305 -63.30 -72.38 -7.45
N GLN C 306 -64.59 -72.20 -7.68
CA GLN C 306 -65.46 -73.32 -7.96
C GLN C 306 -65.53 -73.60 -9.45
N VAL C 307 -64.80 -72.80 -10.22
CA VAL C 307 -64.61 -73.03 -11.64
C VAL C 307 -63.52 -74.07 -11.88
N ASN C 308 -63.89 -75.20 -12.46
CA ASN C 308 -62.99 -76.34 -12.56
C ASN C 308 -61.79 -76.11 -13.47
N TRP C 309 -62.05 -75.60 -14.67
CA TRP C 309 -60.96 -75.42 -15.62
C TRP C 309 -59.96 -74.39 -15.15
N LEU C 310 -60.44 -73.37 -14.44
CA LEU C 310 -59.55 -72.35 -13.91
C LEU C 310 -58.62 -72.94 -12.89
N ASN C 311 -59.18 -73.78 -12.04
CA ASN C 311 -58.40 -74.42 -10.99
C ASN C 311 -57.38 -75.34 -11.61
N ARG C 312 -57.78 -76.01 -12.68
CA ARG C 312 -56.89 -76.96 -13.32
C ARG C 312 -55.72 -76.21 -13.94
N ASP C 313 -56.03 -75.07 -14.55
CA ASP C 313 -55.01 -74.31 -15.28
C ASP C 313 -54.03 -73.61 -14.33
N ILE C 314 -54.59 -72.98 -13.31
CA ILE C 314 -53.80 -72.32 -12.28
C ILE C 314 -52.94 -73.31 -11.52
N THR C 315 -53.50 -74.50 -11.26
CA THR C 315 -52.75 -75.56 -10.61
C THR C 315 -51.60 -76.03 -11.49
N ASN C 316 -51.83 -76.02 -12.80
CA ASN C 316 -50.78 -76.41 -13.72
C ASN C 316 -49.64 -75.42 -13.67
N MET C 317 -49.97 -74.14 -13.77
CA MET C 317 -48.94 -73.11 -13.80
C MET C 317 -48.19 -73.05 -12.47
N LEU C 318 -48.88 -73.32 -11.39
CA LEU C 318 -48.24 -73.25 -10.09
C LEU C 318 -47.44 -74.51 -9.78
N GLN C 319 -47.74 -75.59 -10.49
CA GLN C 319 -46.95 -76.81 -10.34
C GLN C 319 -45.78 -76.90 -11.33
N GLN C 320 -45.74 -75.96 -12.27
CA GLN C 320 -44.56 -75.82 -13.11
C GLN C 320 -43.39 -75.39 -12.24
N ALA C 321 -42.20 -75.89 -12.55
CA ALA C 321 -41.01 -75.53 -11.78
C ALA C 321 -40.68 -74.05 -11.93
N GLY C 322 -41.08 -73.47 -13.07
CA GLY C 322 -40.66 -72.14 -13.42
C GLY C 322 -41.46 -71.02 -12.79
N THR C 323 -42.46 -71.37 -12.00
CA THR C 323 -43.29 -70.37 -11.33
C THR C 323 -43.77 -70.79 -9.95
N LYS C 324 -43.44 -69.98 -8.95
CA LYS C 324 -43.69 -70.35 -7.57
C LYS C 324 -44.32 -69.18 -6.84
N TYR C 325 -45.63 -69.28 -6.60
CA TYR C 325 -46.30 -68.28 -5.80
C TYR C 325 -45.88 -68.34 -4.35
N GLY C 326 -45.87 -67.19 -3.72
CA GLY C 326 -45.47 -67.04 -2.34
C GLY C 326 -46.13 -65.78 -1.79
N LEU C 327 -46.33 -65.76 -0.49
CA LEU C 327 -47.04 -64.68 0.15
C LEU C 327 -46.50 -64.49 1.57
N GLY C 328 -46.41 -63.25 2.01
CA GLY C 328 -45.91 -62.98 3.34
C GLY C 328 -44.39 -62.92 3.47
N LEU C 329 -43.94 -62.91 4.71
CA LEU C 329 -42.57 -62.59 5.06
C LEU C 329 -41.59 -63.56 4.46
N THR C 330 -40.53 -63.02 3.86
CA THR C 330 -39.60 -63.83 3.08
C THR C 330 -38.15 -63.49 3.42
N GLU C 331 -37.24 -64.42 3.15
CA GLU C 331 -35.83 -64.26 3.49
C GLU C 331 -35.08 -63.42 2.44
N THR C 332 -35.12 -62.11 2.63
CA THR C 332 -34.39 -61.16 1.80
C THR C 332 -32.89 -61.19 2.16
N ARG C 333 -32.05 -60.80 1.21
CA ARG C 333 -30.65 -60.56 1.49
C ARG C 333 -30.46 -59.43 2.52
N LEU C 334 -31.40 -58.50 2.56
CA LEU C 334 -31.32 -57.38 3.48
C LEU C 334 -31.83 -57.68 4.88
N ASP C 335 -32.12 -58.94 5.18
CA ASP C 335 -32.59 -59.29 6.51
C ASP C 335 -31.54 -58.93 7.56
N TYR C 336 -32.01 -58.35 8.66
CA TYR C 336 -31.19 -57.97 9.81
C TYR C 336 -30.38 -56.72 9.59
N VAL C 337 -30.45 -56.15 8.39
CA VAL C 337 -29.88 -54.83 8.17
C VAL C 337 -30.73 -53.86 8.97
N ARG C 338 -30.10 -52.92 9.66
CA ARG C 338 -30.85 -51.92 10.42
C ARG C 338 -30.81 -50.53 9.80
N LEU C 339 -31.84 -49.75 10.08
CA LEU C 339 -31.92 -48.37 9.67
C LEU C 339 -32.91 -47.74 10.63
N VAL C 340 -32.46 -47.57 11.88
CA VAL C 340 -33.34 -47.40 13.05
C VAL C 340 -34.23 -48.62 13.34
N LYS C 341 -34.68 -49.30 12.28
CA LYS C 341 -35.50 -50.51 12.40
C LYS C 341 -35.00 -51.53 11.40
N THR C 342 -35.17 -52.81 11.68
CA THR C 342 -34.71 -53.83 10.73
C THR C 342 -35.50 -53.81 9.42
N ILE C 343 -34.82 -54.05 8.32
CA ILE C 343 -35.48 -54.29 7.05
C ILE C 343 -35.93 -55.74 6.95
N VAL C 344 -37.06 -55.97 6.30
CA VAL C 344 -37.59 -57.31 6.07
C VAL C 344 -38.23 -57.35 4.70
N GLY C 345 -38.45 -58.55 4.18
CA GLY C 345 -39.06 -58.67 2.88
C GLY C 345 -40.46 -59.22 3.03
N HIS C 346 -41.39 -58.68 2.26
CA HIS C 346 -42.69 -59.33 2.18
C HIS C 346 -43.09 -59.56 0.75
N ALA C 347 -43.40 -60.82 0.46
CA ALA C 347 -43.99 -61.13 -0.83
C ALA C 347 -45.42 -60.62 -0.78
N LEU C 348 -45.62 -59.45 -1.38
CA LEU C 348 -46.92 -58.78 -1.45
C LEU C 348 -47.59 -59.03 -2.80
N ASN C 349 -48.91 -58.99 -2.81
CA ASN C 349 -49.64 -58.95 -4.05
C ASN C 349 -49.66 -57.52 -4.57
N ILE C 350 -48.74 -57.20 -5.47
CA ILE C 350 -48.62 -55.85 -6.02
C ILE C 350 -47.90 -55.93 -7.37
N ASP C 351 -48.20 -54.98 -8.26
CA ASP C 351 -47.55 -54.96 -9.58
C ASP C 351 -46.05 -54.74 -9.41
N HIS C 352 -45.27 -55.40 -10.25
CA HIS C 352 -43.81 -55.38 -10.10
C HIS C 352 -43.17 -54.01 -10.33
N PHE C 353 -43.89 -53.10 -10.98
CA PHE C 353 -43.36 -51.76 -11.20
C PHE C 353 -43.29 -51.01 -9.88
N ALA C 354 -44.40 -51.02 -9.16
CA ALA C 354 -44.49 -50.40 -7.86
C ALA C 354 -43.58 -51.10 -6.86
N ALA C 355 -43.51 -52.43 -6.96
CA ALA C 355 -42.64 -53.20 -6.09
C ALA C 355 -41.23 -52.72 -6.30
N SER C 356 -40.84 -52.64 -7.57
CA SER C 356 -39.53 -52.16 -7.95
C SER C 356 -39.23 -50.77 -7.43
N VAL C 357 -40.16 -49.85 -7.61
CA VAL C 357 -39.94 -48.49 -7.11
C VAL C 357 -39.81 -48.43 -5.59
N LEU C 358 -40.62 -49.20 -4.88
CA LEU C 358 -40.57 -49.19 -3.42
C LEU C 358 -39.24 -49.78 -2.93
N ASN C 359 -38.77 -50.79 -3.65
CA ASN C 359 -37.50 -51.41 -3.33
C ASN C 359 -36.36 -50.43 -3.58
N ILE C 360 -36.50 -49.67 -4.66
CA ILE C 360 -35.50 -48.70 -5.07
C ILE C 360 -35.40 -47.64 -3.99
N ASN C 361 -36.55 -47.20 -3.52
CA ASN C 361 -36.59 -46.14 -2.54
C ASN C 361 -36.00 -46.61 -1.23
N LEU C 362 -36.26 -47.87 -0.90
CA LEU C 362 -35.72 -48.39 0.35
C LEU C 362 -34.20 -48.50 0.29
N ARG C 363 -33.69 -49.07 -0.78
CA ARG C 363 -32.26 -49.21 -0.95
C ARG C 363 -31.59 -47.84 -1.03
N ALA C 364 -32.32 -46.87 -1.56
CA ALA C 364 -31.84 -45.51 -1.65
C ALA C 364 -31.62 -44.96 -0.28
N LEU C 365 -32.59 -45.18 0.61
CA LEU C 365 -32.46 -44.72 1.99
C LEU C 365 -31.33 -45.47 2.71
N MET C 366 -31.25 -46.76 2.40
CA MET C 366 -30.35 -47.67 3.07
C MET C 366 -28.89 -47.33 2.77
N GLU C 367 -28.63 -46.83 1.56
CA GLU C 367 -27.26 -46.54 1.15
C GLU C 367 -26.79 -45.12 1.42
N ALA C 368 -27.70 -44.26 1.87
CA ALA C 368 -27.39 -42.84 2.00
C ALA C 368 -26.31 -42.51 3.03
N ASN C 369 -26.24 -43.28 4.13
CA ASN C 369 -25.26 -43.05 5.20
C ASN C 369 -25.15 -41.62 5.67
N VAL C 370 -26.26 -40.90 5.67
CA VAL C 370 -26.25 -39.58 6.27
C VAL C 370 -26.07 -39.78 7.76
N THR C 371 -25.23 -38.97 8.36
CA THR C 371 -24.98 -39.06 9.80
C THR C 371 -25.12 -37.70 10.43
N ALA C 372 -24.95 -37.64 11.74
CA ALA C 372 -25.00 -36.36 12.43
C ALA C 372 -23.84 -35.48 12.04
N ASP C 373 -22.70 -36.08 11.66
CA ASP C 373 -21.50 -35.30 11.32
C ASP C 373 -21.81 -34.42 10.14
N ASP C 374 -22.62 -34.95 9.23
CA ASP C 374 -22.96 -34.25 8.01
C ASP C 374 -23.76 -32.99 8.34
N ARG C 375 -24.80 -33.15 9.15
CA ARG C 375 -25.64 -32.02 9.54
C ARG C 375 -24.87 -31.03 10.40
N ILE C 376 -23.96 -31.53 11.24
CA ILE C 376 -23.14 -30.66 12.07
C ILE C 376 -22.28 -29.80 11.17
N LYS C 377 -21.79 -30.40 10.10
CA LYS C 377 -20.94 -29.68 9.15
C LYS C 377 -21.73 -28.61 8.40
N ALA C 378 -22.96 -28.95 8.04
CA ALA C 378 -23.82 -27.98 7.39
C ALA C 378 -24.11 -26.81 8.31
N LEU C 379 -24.27 -27.10 9.60
CA LEU C 379 -24.49 -26.04 10.58
C LEU C 379 -23.27 -25.16 10.75
N GLN C 380 -22.10 -25.78 10.74
CA GLN C 380 -20.86 -25.07 10.94
C GLN C 380 -20.61 -24.14 9.79
N ALA C 381 -21.06 -24.54 8.61
CA ALA C 381 -20.93 -23.67 7.46
C ALA C 381 -21.82 -22.44 7.61
N HIS C 382 -22.92 -22.60 8.33
CA HIS C 382 -23.85 -21.51 8.56
C HIS C 382 -23.70 -20.81 9.91
N SER C 383 -22.55 -20.99 10.53
CA SER C 383 -22.31 -20.40 11.84
C SER C 383 -21.09 -19.52 11.84
N MET C 384 -21.06 -18.56 12.75
CA MET C 384 -19.90 -17.67 12.87
C MET C 384 -18.65 -18.50 13.09
N ILE C 385 -17.55 -18.05 12.52
CA ILE C 385 -16.49 -18.94 12.05
C ILE C 385 -15.93 -19.92 13.09
N SER C 386 -15.92 -19.53 14.36
CA SER C 386 -15.42 -20.45 15.37
C SER C 386 -16.46 -21.06 16.32
N THR C 387 -17.72 -21.24 15.89
CA THR C 387 -18.70 -21.86 16.78
C THR C 387 -18.37 -23.31 16.96
N GLN C 388 -18.73 -23.83 18.13
CA GLN C 388 -18.48 -25.23 18.40
C GLN C 388 -19.81 -25.95 18.48
N PHE C 389 -19.87 -27.15 17.91
CA PHE C 389 -21.08 -27.93 18.03
C PHE C 389 -20.79 -29.17 18.84
N HIS C 390 -21.77 -29.59 19.62
CA HIS C 390 -21.63 -30.77 20.43
C HIS C 390 -22.94 -31.52 20.41
N GLY C 391 -22.89 -32.79 20.79
CA GLY C 391 -24.09 -33.56 20.95
C GLY C 391 -23.92 -34.99 20.52
N PRO C 392 -24.57 -35.36 19.41
CA PRO C 392 -24.70 -36.73 18.93
C PRO C 392 -23.34 -37.32 18.56
N ASN C 393 -23.22 -38.64 18.69
CA ASN C 393 -22.04 -39.32 18.19
C ASN C 393 -21.98 -39.03 16.70
N GLN C 394 -20.78 -38.83 16.16
CA GLN C 394 -20.64 -38.35 14.79
C GLN C 394 -21.34 -39.28 13.81
N GLY C 395 -21.33 -40.57 14.11
CA GLY C 395 -21.84 -41.56 13.19
C GLY C 395 -23.32 -41.81 13.28
N ALA C 396 -23.99 -41.09 14.18
CA ALA C 396 -25.40 -41.34 14.46
C ALA C 396 -26.20 -41.16 13.20
N LEU C 397 -26.89 -42.22 12.80
CA LEU C 397 -27.60 -42.23 11.52
C LEU C 397 -28.76 -41.25 11.49
N ARG C 398 -28.86 -40.50 10.39
CA ARG C 398 -30.05 -39.68 10.13
C ARG C 398 -30.76 -40.30 8.94
N PRO C 399 -31.95 -40.84 9.19
CA PRO C 399 -32.68 -41.57 8.15
C PRO C 399 -33.25 -40.63 7.09
N GLU C 400 -32.38 -40.16 6.21
CA GLU C 400 -32.75 -39.25 5.14
C GLU C 400 -31.79 -39.47 3.97
N LEU C 401 -32.11 -38.92 2.81
CA LEU C 401 -31.22 -39.02 1.66
C LEU C 401 -30.04 -38.11 1.84
N ALA C 402 -28.91 -38.51 1.28
CA ALA C 402 -27.71 -37.68 1.27
C ALA C 402 -27.96 -36.43 0.44
N PHE C 403 -27.41 -35.31 0.88
CA PHE C 403 -27.44 -34.09 0.11
C PHE C 403 -26.65 -34.37 -1.16
N ASP C 404 -27.32 -34.30 -2.31
CA ASP C 404 -26.69 -34.63 -3.58
C ASP C 404 -26.01 -33.40 -4.14
N HIS C 405 -24.72 -33.28 -3.88
CA HIS C 405 -23.97 -32.09 -4.25
C HIS C 405 -24.07 -31.86 -5.75
N ASP C 406 -23.85 -32.92 -6.51
CA ASP C 406 -23.75 -32.81 -7.95
C ASP C 406 -25.08 -32.37 -8.56
N HIS C 407 -26.15 -33.04 -8.17
CA HIS C 407 -27.45 -32.74 -8.74
C HIS C 407 -27.87 -31.32 -8.40
N ILE C 408 -27.56 -30.91 -7.18
CA ILE C 408 -27.97 -29.58 -6.72
C ILE C 408 -27.21 -28.52 -7.49
N ILE C 409 -25.91 -28.72 -7.68
CA ILE C 409 -25.16 -27.70 -8.41
C ILE C 409 -25.64 -27.62 -9.84
N ARG C 410 -25.96 -28.78 -10.44
CA ARG C 410 -26.45 -28.77 -11.82
C ARG C 410 -27.77 -28.02 -11.93
N CYS C 411 -28.65 -28.23 -10.96
CA CYS C 411 -29.93 -27.56 -10.94
C CYS C 411 -29.83 -26.06 -10.67
N LEU C 412 -28.89 -25.66 -9.82
CA LEU C 412 -28.64 -24.26 -9.58
C LEU C 412 -28.12 -23.60 -10.86
N MET C 413 -27.34 -24.34 -11.63
CA MET C 413 -26.86 -23.81 -12.89
C MET C 413 -28.06 -23.63 -13.82
N LEU C 414 -28.89 -24.65 -13.92
CA LEU C 414 -30.03 -24.62 -14.81
C LEU C 414 -30.97 -23.46 -14.46
N ALA C 415 -31.23 -23.29 -13.17
CA ALA C 415 -32.08 -22.20 -12.68
C ALA C 415 -31.43 -20.85 -12.93
N ALA C 416 -30.12 -20.78 -12.79
CA ALA C 416 -29.41 -19.53 -13.00
C ALA C 416 -29.53 -19.13 -14.46
N ALA C 417 -29.58 -20.15 -15.32
CA ALA C 417 -29.70 -19.92 -16.75
C ALA C 417 -31.14 -19.68 -17.17
N ASN C 418 -32.09 -20.05 -16.32
CA ASN C 418 -33.50 -19.96 -16.72
C ASN C 418 -34.43 -19.15 -15.81
N TYR C 419 -34.02 -18.94 -14.57
CA TYR C 419 -34.90 -18.37 -13.55
C TYR C 419 -34.31 -17.08 -13.00
N PRO C 420 -34.75 -15.93 -13.53
CA PRO C 420 -34.22 -14.61 -13.18
C PRO C 420 -34.36 -14.30 -11.69
N ARG C 421 -35.41 -14.82 -11.08
CA ARG C 421 -35.69 -14.60 -9.66
C ARG C 421 -34.63 -15.21 -8.74
N LEU C 422 -33.88 -16.18 -9.26
CA LEU C 422 -32.90 -16.93 -8.47
C LEU C 422 -31.92 -16.03 -7.75
N GLU C 423 -31.34 -15.09 -8.47
CA GLU C 423 -30.37 -14.18 -7.88
C GLU C 423 -30.98 -13.58 -6.64
N GLY C 424 -32.16 -13.01 -6.80
CA GLY C 424 -32.78 -12.26 -5.73
C GLY C 424 -32.98 -13.16 -4.54
N ILE C 425 -33.39 -14.40 -4.82
CA ILE C 425 -33.70 -15.35 -3.76
C ILE C 425 -32.47 -15.54 -2.91
N ILE C 426 -31.35 -15.82 -3.56
CA ILE C 426 -30.14 -16.11 -2.80
C ILE C 426 -29.76 -14.86 -2.02
N VAL C 427 -29.89 -13.70 -2.68
CA VAL C 427 -29.47 -12.47 -2.05
C VAL C 427 -30.28 -12.26 -0.79
N GLN C 428 -31.56 -12.63 -0.85
CA GLN C 428 -32.45 -12.34 0.26
C GLN C 428 -31.94 -13.09 1.48
N ILE C 429 -31.46 -14.31 1.25
CA ILE C 429 -30.99 -15.15 2.34
C ILE C 429 -29.88 -14.40 3.01
N ASN C 430 -28.92 -13.97 2.19
CA ASN C 430 -27.73 -13.30 2.68
C ASN C 430 -28.12 -12.02 3.40
N THR C 431 -29.09 -11.32 2.82
CA THR C 431 -29.52 -10.05 3.39
C THR C 431 -30.05 -10.30 4.79
N GLY C 432 -30.88 -11.33 4.91
CA GLY C 432 -31.55 -11.61 6.16
C GLY C 432 -30.47 -11.93 7.16
N TYR C 433 -29.43 -12.63 6.70
CA TYR C 433 -28.37 -13.00 7.60
C TYR C 433 -27.66 -11.79 8.17
N VAL C 434 -27.37 -10.82 7.31
CA VAL C 434 -26.70 -9.62 7.78
C VAL C 434 -27.60 -8.95 8.79
N ALA C 435 -28.89 -8.93 8.48
CA ALA C 435 -29.85 -8.26 9.33
C ALA C 435 -29.91 -8.99 10.67
N SER C 436 -29.67 -10.29 10.63
CA SER C 436 -29.76 -11.08 11.85
C SER C 436 -28.50 -10.96 12.67
N ALA C 437 -27.40 -10.57 12.02
CA ALA C 437 -26.11 -10.50 12.70
C ALA C 437 -26.00 -9.19 13.45
N ASN C 438 -26.92 -8.28 13.14
CA ASN C 438 -26.99 -6.99 13.80
C ASN C 438 -25.66 -6.24 13.74
N VAL C 439 -24.93 -6.41 12.63
CA VAL C 439 -23.59 -5.80 12.49
C VAL C 439 -23.61 -4.32 12.21
N ILE C 440 -24.72 -3.83 11.65
CA ILE C 440 -24.76 -2.44 11.19
C ILE C 440 -26.18 -1.90 11.14
N ARG C 441 -26.38 -0.73 11.74
CA ARG C 441 -27.68 -0.10 11.76
C ARG C 441 -27.45 1.34 11.39
N PRO C 442 -28.45 1.96 10.74
CA PRO C 442 -28.40 3.40 10.47
C PRO C 442 -28.79 4.21 11.70
N VAL C 443 -27.87 5.04 12.18
CA VAL C 443 -28.18 6.03 13.20
C VAL C 443 -28.87 7.22 12.56
N SER C 444 -29.66 7.97 13.33
CA SER C 444 -30.42 9.09 12.78
C SER C 444 -29.58 10.32 12.38
N GLU C 445 -28.68 10.76 13.27
CA GLU C 445 -27.84 11.91 12.96
C GLU C 445 -26.79 11.63 11.89
N LYS C 446 -26.61 12.60 10.99
CA LYS C 446 -25.56 12.50 9.98
C LYS C 446 -24.27 13.11 10.52
N ARG C 447 -23.14 12.60 10.06
CA ARG C 447 -21.84 13.11 10.47
C ARG C 447 -20.98 13.35 9.25
N TYR C 448 -21.61 13.87 8.20
CA TYR C 448 -20.96 14.07 6.90
C TYR C 448 -19.82 15.09 6.90
N PHE C 449 -19.92 16.10 7.76
CA PHE C 449 -18.97 17.19 7.74
C PHE C 449 -18.32 17.42 9.09
N PRO C 450 -17.09 17.97 9.07
CA PRO C 450 -16.39 18.43 10.28
C PRO C 450 -17.13 19.63 10.86
N GLU C 451 -16.94 19.87 12.15
CA GLU C 451 -17.59 20.99 12.81
C GLU C 451 -17.29 22.30 12.09
N ASN C 452 -18.30 23.17 12.01
CA ASN C 452 -18.23 24.50 11.40
C ASN C 452 -18.25 24.53 9.86
N LEU C 453 -17.72 23.48 9.24
CA LEU C 453 -17.58 23.47 7.79
C LEU C 453 -18.90 23.53 7.02
N GLU C 454 -19.96 22.91 7.56
CA GLU C 454 -21.23 22.94 6.86
C GLU C 454 -21.84 24.35 6.81
N GLN C 455 -21.69 25.09 7.90
CA GLN C 455 -22.19 26.45 7.97
C GLN C 455 -21.24 27.44 7.32
N ASN C 456 -20.02 26.98 7.03
CA ASN C 456 -19.01 27.80 6.37
C ASN C 456 -19.42 28.19 4.96
N GLN C 457 -19.27 29.47 4.64
CA GLN C 457 -19.76 30.01 3.37
C GLN C 457 -18.84 29.71 2.19
N SER C 458 -17.56 29.54 2.48
CA SER C 458 -16.58 29.22 1.43
C SER C 458 -16.51 27.72 1.20
N ALA C 459 -17.19 26.97 2.06
CA ALA C 459 -17.26 25.52 1.91
C ALA C 459 -18.45 25.07 1.07
N ALA C 460 -19.24 26.03 0.60
CA ALA C 460 -20.58 25.73 0.11
C ALA C 460 -20.59 24.79 -1.08
N ARG C 461 -19.62 24.93 -1.97
CA ARG C 461 -19.58 24.09 -3.15
C ARG C 461 -19.22 22.66 -2.77
N LEU C 462 -18.30 22.54 -1.82
CA LEU C 462 -17.92 21.23 -1.30
C LEU C 462 -19.11 20.57 -0.63
N VAL C 463 -19.78 21.30 0.24
CA VAL C 463 -20.92 20.76 0.97
C VAL C 463 -22.01 20.32 0.01
N SER C 464 -22.21 21.09 -1.06
CA SER C 464 -23.20 20.69 -2.05
C SER C 464 -22.76 19.42 -2.76
N ALA C 465 -21.45 19.24 -2.94
CA ALA C 465 -20.95 18.07 -3.67
C ALA C 465 -21.15 16.81 -2.84
N VAL C 466 -20.77 16.92 -1.57
CA VAL C 466 -20.90 15.79 -0.66
C VAL C 466 -22.37 15.45 -0.51
N LYS C 467 -23.21 16.46 -0.34
CA LYS C 467 -24.63 16.23 -0.16
C LYS C 467 -25.23 15.63 -1.41
N ALA C 468 -24.67 15.95 -2.56
CA ALA C 468 -25.09 15.33 -3.81
C ALA C 468 -24.71 13.87 -3.84
N ARG C 469 -23.63 13.52 -3.15
CA ARG C 469 -23.23 12.11 -3.13
C ARG C 469 -23.86 11.30 -2.00
N ALA C 470 -24.01 11.92 -0.84
CA ALA C 470 -24.39 11.19 0.37
C ALA C 470 -25.86 10.88 0.46
N SER C 471 -26.21 9.64 0.10
CA SER C 471 -27.59 9.18 0.23
C SER C 471 -27.90 8.83 1.68
N GLU C 472 -29.17 8.97 2.05
CA GLU C 472 -29.64 8.63 3.39
C GLU C 472 -29.51 7.15 3.65
N ALA C 473 -29.17 6.80 4.89
CA ALA C 473 -29.06 5.40 5.31
C ALA C 473 -30.41 4.67 5.37
N ASP C 474 -30.42 3.44 4.88
CA ASP C 474 -31.59 2.57 4.96
C ASP C 474 -31.06 1.18 5.24
N ILE C 475 -31.70 0.44 6.14
CA ILE C 475 -31.19 -0.87 6.49
C ILE C 475 -31.16 -1.76 5.27
N SER C 476 -32.15 -1.60 4.41
CA SER C 476 -32.34 -2.55 3.30
C SER C 476 -31.26 -2.39 2.24
N SER C 477 -30.98 -1.15 1.85
CA SER C 477 -29.99 -0.88 0.82
C SER C 477 -28.59 -1.22 1.31
N ILE C 478 -28.39 -1.07 2.62
CA ILE C 478 -27.09 -1.30 3.21
C ILE C 478 -26.83 -2.78 3.37
N HIS C 479 -27.83 -3.49 3.87
CA HIS C 479 -27.71 -4.92 4.05
C HIS C 479 -27.54 -5.52 2.69
N LEU C 480 -28.20 -4.93 1.70
CA LEU C 480 -28.11 -5.45 0.34
C LEU C 480 -26.70 -5.26 -0.16
N ALA C 481 -26.12 -4.11 0.15
CA ALA C 481 -24.79 -3.79 -0.35
C ALA C 481 -23.78 -4.76 0.22
N ILE C 482 -24.02 -5.16 1.46
CA ILE C 482 -23.12 -6.11 2.13
C ILE C 482 -23.31 -7.51 1.59
N ALA C 483 -24.57 -7.90 1.46
CA ALA C 483 -24.95 -9.22 1.02
C ALA C 483 -24.54 -9.53 -0.41
N ARG C 484 -24.53 -8.52 -1.27
CA ARG C 484 -24.32 -8.81 -2.69
C ARG C 484 -22.85 -8.95 -2.98
N GLU C 485 -22.04 -8.66 -1.97
CA GLU C 485 -20.62 -8.95 -2.03
C GLU C 485 -20.43 -10.49 -2.09
N VAL C 486 -21.29 -11.23 -1.40
CA VAL C 486 -21.17 -12.69 -1.38
C VAL C 486 -22.11 -13.41 -2.34
N SER C 487 -23.22 -12.75 -2.70
CA SER C 487 -24.21 -13.40 -3.54
C SER C 487 -23.74 -13.58 -4.97
N PRO C 488 -24.06 -14.72 -5.59
CA PRO C 488 -23.75 -14.96 -7.00
C PRO C 488 -24.41 -13.97 -7.93
N MET C 489 -23.70 -13.57 -8.98
CA MET C 489 -24.21 -12.62 -9.95
C MET C 489 -24.54 -13.34 -11.25
N PHE C 490 -25.73 -13.09 -11.79
CA PHE C 490 -26.14 -13.78 -13.01
C PHE C 490 -26.39 -12.80 -14.13
N ASN C 491 -27.05 -11.69 -13.80
CA ASN C 491 -27.10 -10.57 -14.71
C ASN C 491 -25.92 -9.70 -14.35
N VAL C 492 -25.09 -9.36 -15.34
CA VAL C 492 -23.93 -8.52 -15.04
C VAL C 492 -24.36 -7.16 -14.50
N HIS C 493 -23.73 -6.77 -13.41
CA HIS C 493 -24.04 -5.51 -12.74
C HIS C 493 -23.54 -4.31 -13.52
N GLU C 494 -24.22 -3.18 -13.37
CA GLU C 494 -23.77 -1.94 -13.97
C GLU C 494 -23.68 -0.90 -12.88
N LEU C 495 -22.74 0.03 -13.04
CA LEU C 495 -22.64 1.16 -12.15
C LEU C 495 -23.84 2.06 -12.35
N LYS C 496 -24.35 2.66 -11.27
CA LYS C 496 -25.36 3.71 -11.42
C LYS C 496 -24.59 4.93 -11.84
N LYS C 497 -24.78 5.33 -13.09
CA LYS C 497 -23.86 6.26 -13.74
C LYS C 497 -23.80 7.61 -13.06
N ILE C 498 -22.60 8.17 -13.02
CA ILE C 498 -22.38 9.50 -12.47
C ILE C 498 -21.90 10.41 -13.58
N ALA C 499 -22.61 11.51 -13.81
CA ALA C 499 -22.08 12.56 -14.67
C ALA C 499 -21.26 13.50 -13.79
N GLU C 500 -19.98 13.65 -14.11
CA GLU C 500 -19.12 14.54 -13.35
C GLU C 500 -17.95 15.03 -14.19
N SER C 501 -17.93 16.33 -14.44
CA SER C 501 -16.89 16.96 -15.25
C SER C 501 -15.52 17.02 -14.57
N PHE C 502 -15.53 16.98 -13.23
CA PHE C 502 -14.31 17.19 -12.42
C PHE C 502 -13.64 18.54 -12.57
N GLU C 503 -14.40 19.61 -12.73
CA GLU C 503 -13.79 20.94 -12.69
C GLU C 503 -13.43 21.33 -11.25
N ASP C 504 -14.40 21.25 -10.34
CA ASP C 504 -14.16 21.65 -8.95
C ASP C 504 -13.29 20.66 -8.21
N PRO C 505 -12.45 21.14 -7.30
CA PRO C 505 -11.62 20.23 -6.49
C PRO C 505 -12.50 19.27 -5.72
N SER C 506 -13.69 19.73 -5.38
CA SER C 506 -14.62 18.95 -4.58
C SER C 506 -15.03 17.68 -5.30
N SER C 507 -14.81 17.66 -6.60
CA SER C 507 -15.14 16.50 -7.43
C SER C 507 -14.35 15.26 -6.98
N ILE C 508 -13.29 15.49 -6.20
CA ILE C 508 -12.52 14.40 -5.60
C ILE C 508 -13.42 13.51 -4.75
N VAL C 509 -14.53 14.06 -4.27
CA VAL C 509 -15.51 13.29 -3.50
C VAL C 509 -15.87 12.04 -4.28
N VAL C 510 -16.16 12.20 -5.57
CA VAL C 510 -16.59 11.06 -6.38
C VAL C 510 -15.49 10.02 -6.42
N VAL C 511 -14.25 10.47 -6.55
CA VAL C 511 -13.13 9.52 -6.58
C VAL C 511 -13.09 8.75 -5.28
N LEU C 512 -13.25 9.46 -4.16
CA LEU C 512 -13.23 8.81 -2.86
C LEU C 512 -14.40 7.83 -2.74
N GLU C 513 -15.52 8.18 -3.35
CA GLU C 513 -16.73 7.37 -3.26
C GLU C 513 -16.39 6.02 -3.85
N PHE C 514 -15.50 6.02 -4.85
CA PHE C 514 -15.14 4.78 -5.52
C PHE C 514 -14.16 4.01 -4.68
N ILE C 515 -13.19 4.73 -4.13
CA ILE C 515 -12.13 4.09 -3.37
C ILE C 515 -12.73 3.35 -2.21
N LEU C 516 -13.66 4.01 -1.52
CA LEU C 516 -14.33 3.42 -0.37
C LEU C 516 -15.08 2.18 -0.82
N PHE C 517 -15.74 2.30 -1.96
CA PHE C 517 -16.49 1.19 -2.52
C PHE C 517 -15.58 0.02 -2.88
N ALA C 518 -14.35 0.34 -3.25
CA ALA C 518 -13.36 -0.66 -3.63
C ALA C 518 -12.71 -1.27 -2.41
N LEU C 519 -12.97 -0.67 -1.25
CA LEU C 519 -12.38 -1.16 -0.02
C LEU C 519 -13.41 -1.96 0.72
N PHE C 520 -14.57 -1.36 0.88
CA PHE C 520 -15.68 -2.00 1.55
C PHE C 520 -16.22 -3.19 0.75
N PHE C 521 -16.17 -3.07 -0.58
CA PHE C 521 -16.77 -4.06 -1.45
C PHE C 521 -15.88 -4.41 -2.62
N PRO C 522 -14.76 -5.08 -2.37
CA PRO C 522 -13.87 -5.35 -3.51
C PRO C 522 -14.51 -6.16 -4.63
N THR C 523 -15.41 -7.07 -4.30
CA THR C 523 -16.01 -7.93 -5.32
C THR C 523 -16.93 -7.19 -6.28
N GLU C 524 -17.90 -6.50 -5.68
CA GLU C 524 -18.91 -5.75 -6.41
C GLU C 524 -18.23 -4.65 -7.21
N PHE C 525 -17.17 -4.11 -6.63
CA PHE C 525 -16.33 -3.16 -7.33
C PHE C 525 -15.74 -3.81 -8.53
N ASN C 526 -15.17 -5.00 -8.37
CA ASN C 526 -14.48 -5.66 -9.48
C ASN C 526 -15.46 -5.92 -10.61
N ARG C 527 -16.72 -6.09 -10.27
CA ARG C 527 -17.73 -6.22 -11.31
C ARG C 527 -17.99 -4.90 -12.03
N ILE C 528 -18.17 -3.81 -11.29
CA ILE C 528 -18.54 -2.54 -11.94
C ILE C 528 -17.35 -1.65 -12.36
N LYS C 529 -16.14 -2.17 -12.24
CA LYS C 529 -14.94 -1.34 -12.30
C LYS C 529 -14.56 -0.71 -13.64
N GLY C 530 -14.94 -1.31 -14.76
CA GLY C 530 -14.64 -0.65 -16.03
C GLY C 530 -15.54 0.55 -16.22
N ASP C 531 -16.79 0.38 -15.79
CA ASP C 531 -17.76 1.45 -15.82
C ASP C 531 -17.30 2.56 -14.87
N ILE C 532 -16.62 2.17 -13.79
CA ILE C 532 -15.95 3.15 -12.92
C ILE C 532 -14.77 3.84 -13.63
N GLN C 533 -14.07 3.08 -14.46
CA GLN C 533 -12.95 3.63 -15.22
C GLN C 533 -13.40 4.71 -16.17
N ASN C 534 -14.60 4.58 -16.71
CA ASN C 534 -15.11 5.65 -17.57
C ASN C 534 -15.19 7.00 -16.87
N VAL C 535 -15.52 6.98 -15.58
CA VAL C 535 -15.58 8.22 -14.81
C VAL C 535 -14.18 8.67 -14.42
N LEU C 536 -13.37 7.71 -13.99
CA LEU C 536 -12.02 8.02 -13.59
C LEU C 536 -11.19 8.61 -14.72
N LEU C 537 -11.47 8.19 -15.95
CA LEU C 537 -10.72 8.73 -17.09
C LEU C 537 -11.03 10.20 -17.30
N LEU C 538 -12.25 10.60 -17.00
CA LEU C 538 -12.57 12.01 -17.01
C LEU C 538 -11.78 12.71 -15.92
N PHE C 539 -11.70 12.06 -14.76
CA PHE C 539 -11.00 12.66 -13.64
C PHE C 539 -9.54 12.87 -13.94
N PHE C 540 -8.94 11.93 -14.65
CA PHE C 540 -7.53 12.02 -14.97
C PHE C 540 -7.26 13.00 -16.09
N SER C 541 -8.08 12.96 -17.13
CA SER C 541 -7.87 13.83 -18.27
C SER C 541 -8.01 15.27 -17.81
N ARG C 542 -8.82 15.49 -16.79
CA ARG C 542 -8.96 16.85 -16.28
C ARG C 542 -7.88 17.22 -15.28
N TRP C 543 -7.63 16.34 -14.31
CA TRP C 543 -6.64 16.61 -13.27
C TRP C 543 -5.20 16.30 -13.67
N TYR C 544 -4.98 15.23 -14.44
CA TYR C 544 -3.63 14.84 -14.84
C TYR C 544 -3.54 14.60 -16.33
N PRO C 545 -3.65 15.67 -17.13
CA PRO C 545 -3.76 15.56 -18.59
C PRO C 545 -2.59 14.85 -19.28
N VAL C 546 -1.37 15.03 -18.79
CA VAL C 546 -0.22 14.52 -19.54
C VAL C 546 0.00 13.05 -19.23
N GLU C 547 -0.14 12.72 -17.96
CA GLU C 547 -0.11 11.31 -17.56
C GLU C 547 -1.27 10.62 -18.25
N TYR C 548 -2.38 11.34 -18.41
CA TYR C 548 -3.57 10.77 -19.03
C TYR C 548 -3.30 10.44 -20.47
N GLY C 549 -2.63 11.36 -21.15
CA GLY C 549 -2.37 11.18 -22.57
C GLY C 549 -1.44 10.00 -22.77
N ILE C 550 -0.49 9.85 -21.86
CA ILE C 550 0.45 8.74 -21.92
C ILE C 550 -0.27 7.41 -21.71
N PHE C 551 -1.09 7.37 -20.66
CA PHE C 551 -1.75 6.16 -20.22
C PHE C 551 -2.67 5.68 -21.31
N VAL C 552 -3.49 6.60 -21.81
CA VAL C 552 -4.48 6.27 -22.82
C VAL C 552 -3.81 5.98 -24.16
N GLN C 553 -2.61 6.52 -24.36
CA GLN C 553 -1.82 6.13 -25.53
C GLN C 553 -1.37 4.67 -25.42
N ARG C 554 -1.13 4.20 -24.21
CA ARG C 554 -0.83 2.77 -24.04
C ARG C 554 -2.07 1.94 -24.38
N GLY C 555 -3.24 2.50 -24.08
CA GLY C 555 -4.49 1.80 -24.29
C GLY C 555 -5.40 1.86 -23.09
N ALA C 556 -6.70 2.09 -23.34
CA ALA C 556 -7.70 2.07 -22.27
C ALA C 556 -8.06 0.67 -21.77
N THR C 557 -7.73 -0.36 -22.55
CA THR C 557 -7.95 -1.75 -22.13
C THR C 557 -6.78 -2.67 -22.46
N TYR C 558 -6.78 -3.86 -21.88
CA TYR C 558 -5.80 -4.88 -22.20
C TYR C 558 -6.41 -6.26 -22.10
N THR C 559 -5.69 -7.24 -22.64
CA THR C 559 -6.07 -8.62 -22.51
C THR C 559 -4.90 -9.39 -21.93
N ILE C 560 -5.08 -10.67 -21.68
CA ILE C 560 -4.01 -11.48 -21.14
C ILE C 560 -3.77 -12.71 -22.01
N ASN C 561 -2.60 -12.78 -22.65
CA ASN C 561 -2.23 -13.92 -23.49
C ASN C 561 -2.06 -15.19 -22.65
N ALA C 562 -1.86 -16.31 -23.33
CA ALA C 562 -1.67 -17.58 -22.63
C ALA C 562 -0.41 -17.53 -21.75
N ALA C 563 0.56 -16.72 -22.16
CA ALA C 563 1.79 -16.52 -21.39
C ALA C 563 1.51 -15.79 -20.07
N GLY C 564 0.39 -15.09 -20.02
CA GLY C 564 0.00 -14.33 -18.84
C GLY C 564 0.42 -12.86 -18.87
N GLU C 565 1.20 -12.47 -19.87
CA GLU C 565 1.55 -11.06 -20.06
C GLU C 565 0.34 -10.24 -20.49
N PHE C 566 0.27 -9.00 -20.04
CA PHE C 566 -0.79 -8.10 -20.49
C PHE C 566 -0.49 -7.56 -21.89
N GLU C 567 -1.55 -7.34 -22.66
CA GLU C 567 -1.42 -6.78 -24.00
C GLU C 567 -2.44 -5.64 -24.14
N PHE C 568 -1.94 -4.41 -24.06
CA PHE C 568 -2.79 -3.24 -24.12
C PHE C 568 -3.27 -2.92 -25.53
N SER C 569 -4.49 -2.40 -25.63
CA SER C 569 -5.14 -2.17 -26.91
C SER C 569 -4.47 -1.11 -27.75
N GLY C 570 -3.92 -0.10 -27.07
CA GLY C 570 -3.33 1.03 -27.75
C GLY C 570 -4.39 2.02 -28.15
N ARG C 571 -5.65 1.68 -27.86
CA ARG C 571 -6.77 2.52 -28.27
C ARG C 571 -7.58 3.06 -27.11
N ASN C 572 -7.97 4.31 -27.24
CA ASN C 572 -8.89 4.92 -26.29
C ASN C 572 -10.31 4.56 -26.71
N GLU C 573 -11.06 3.96 -25.81
CA GLU C 573 -12.44 3.59 -26.09
C GLU C 573 -13.22 3.45 -24.79
N LYS C 574 -14.46 3.92 -24.79
CA LYS C 574 -15.30 3.79 -23.61
C LYS C 574 -15.60 2.32 -23.30
N TRP C 575 -15.50 1.97 -22.02
CA TRP C 575 -15.81 0.63 -21.56
C TRP C 575 -17.32 0.45 -21.49
N ASP C 576 -17.78 -0.77 -21.69
CA ASP C 576 -19.20 -1.11 -21.48
C ASP C 576 -19.24 -2.45 -20.81
N GLN C 577 -20.30 -2.71 -20.06
CA GLN C 577 -20.38 -3.96 -19.31
C GLN C 577 -20.54 -5.15 -20.24
N ALA C 578 -20.78 -4.85 -21.51
CA ALA C 578 -20.78 -5.88 -22.54
C ALA C 578 -19.41 -6.52 -22.52
N LEU C 579 -18.42 -5.74 -22.11
CA LEU C 579 -17.04 -6.19 -22.09
C LEU C 579 -16.67 -7.04 -20.88
N TYR C 580 -17.49 -6.98 -19.83
CA TYR C 580 -17.15 -7.64 -18.56
C TYR C 580 -17.03 -9.14 -18.76
N LEU C 581 -17.83 -9.66 -19.70
CA LEU C 581 -17.79 -11.07 -20.04
C LEU C 581 -16.79 -11.38 -21.14
N SER C 582 -16.13 -10.36 -21.67
CA SER C 582 -15.14 -10.57 -22.74
C SER C 582 -13.73 -10.81 -22.22
N GLU C 583 -12.79 -10.91 -23.16
CA GLU C 583 -11.38 -11.11 -22.86
C GLU C 583 -10.74 -9.86 -22.26
N HIS C 584 -11.36 -8.71 -22.50
CA HIS C 584 -10.81 -7.41 -22.14
C HIS C 584 -10.85 -7.05 -20.65
N PHE C 585 -9.89 -6.25 -20.21
CA PHE C 585 -9.97 -5.65 -18.87
C PHE C 585 -9.81 -4.16 -18.99
N PRO C 586 -10.47 -3.39 -18.11
CA PRO C 586 -10.16 -1.97 -18.10
C PRO C 586 -8.70 -1.80 -17.70
N ALA C 587 -7.97 -0.88 -18.32
CA ALA C 587 -6.52 -0.83 -18.14
C ALA C 587 -6.09 -0.09 -16.88
N LEU C 588 -7.01 0.67 -16.30
CA LEU C 588 -6.69 1.44 -15.10
C LEU C 588 -6.31 0.54 -13.93
N PHE C 589 -6.79 -0.69 -13.96
CA PHE C 589 -6.60 -1.61 -12.86
C PHE C 589 -5.55 -2.67 -13.13
N SER C 590 -4.79 -2.51 -14.21
CA SER C 590 -3.74 -3.47 -14.56
C SER C 590 -2.62 -3.50 -13.53
N ASP C 591 -2.39 -2.37 -12.87
CA ASP C 591 -1.27 -2.19 -11.94
C ASP C 591 0.06 -2.51 -12.61
N VAL C 592 0.12 -2.29 -13.92
CA VAL C 592 1.37 -2.37 -14.65
C VAL C 592 1.93 -0.96 -14.74
N PRO C 593 3.13 -0.75 -14.17
CA PRO C 593 3.71 0.59 -14.10
C PRO C 593 3.98 1.15 -15.49
N LEU C 594 3.78 2.46 -15.64
CA LEU C 594 3.98 3.12 -16.93
C LEU C 594 4.94 4.28 -16.76
N ALA C 595 5.79 4.50 -17.77
CA ALA C 595 6.98 5.34 -17.61
C ALA C 595 6.70 6.81 -17.29
N GLY C 596 5.60 7.35 -17.79
CA GLY C 596 5.32 8.76 -17.61
C GLY C 596 4.00 9.08 -16.91
N ALA C 597 3.27 8.04 -16.53
CA ALA C 597 1.96 8.23 -15.91
C ALA C 597 1.95 7.69 -14.49
N ASN C 598 3.05 7.93 -13.76
CA ASN C 598 3.21 7.32 -12.46
C ASN C 598 2.16 7.77 -11.46
N THR C 599 1.72 9.02 -11.55
CA THR C 599 0.69 9.51 -10.62
C THR C 599 -0.65 8.82 -10.84
N ILE C 600 -0.92 8.45 -12.09
CA ILE C 600 -2.16 7.78 -12.41
C ILE C 600 -2.13 6.37 -11.85
N ILE C 601 -1.03 5.67 -12.07
CA ILE C 601 -0.84 4.33 -11.53
C ILE C 601 -0.87 4.32 -9.99
N ALA C 602 -0.26 5.35 -9.42
CA ALA C 602 -0.18 5.50 -7.97
C ALA C 602 -1.54 5.76 -7.36
N ILE C 603 -2.33 6.61 -8.00
CA ILE C 603 -3.70 6.86 -7.54
C ILE C 603 -4.52 5.59 -7.70
N MET C 604 -4.25 4.85 -8.76
CA MET C 604 -4.98 3.63 -9.03
C MET C 604 -4.69 2.56 -7.98
N ARG C 605 -3.52 2.64 -7.37
CA ARG C 605 -3.14 1.69 -6.35
C ARG C 605 -3.92 1.89 -5.06
N LEU C 606 -4.60 3.04 -4.95
CA LEU C 606 -5.49 3.27 -3.82
C LEU C 606 -6.68 2.32 -3.86
N PHE C 607 -6.99 1.81 -5.03
CA PHE C 607 -8.10 0.88 -5.22
C PHE C 607 -7.81 -0.59 -4.89
N THR C 608 -6.55 -0.95 -4.60
CA THR C 608 -6.25 -2.36 -4.35
C THR C 608 -6.87 -2.78 -3.03
N PRO C 609 -7.56 -3.94 -3.03
CA PRO C 609 -8.31 -4.46 -1.89
C PRO C 609 -7.44 -4.84 -0.67
N GLN C 610 -7.99 -4.65 0.52
CA GLN C 610 -7.24 -4.80 1.75
C GLN C 610 -7.53 -6.11 2.48
N GLY C 611 -8.15 -7.05 1.78
CA GLY C 611 -8.55 -8.30 2.41
C GLY C 611 -7.63 -9.46 2.12
N PHE C 612 -8.23 -10.64 1.99
CA PHE C 612 -7.48 -11.83 1.63
C PHE C 612 -8.44 -12.81 1.01
N LEU C 613 -7.89 -13.76 0.25
CA LEU C 613 -8.71 -14.75 -0.46
C LEU C 613 -8.91 -16.02 0.35
N ARG C 614 -10.00 -16.07 1.09
CA ARG C 614 -10.32 -17.23 1.93
C ARG C 614 -10.74 -18.41 1.06
N THR C 615 -10.32 -19.61 1.44
CA THR C 615 -10.88 -20.81 0.85
C THR C 615 -12.16 -21.14 1.60
N ASP C 616 -13.21 -21.56 0.90
CA ASP C 616 -14.49 -21.84 1.54
C ASP C 616 -14.51 -23.23 2.20
N ASP C 617 -13.73 -23.38 3.27
CA ASP C 617 -13.43 -24.69 3.85
C ASP C 617 -14.66 -25.40 4.41
N LEU C 618 -15.48 -24.65 5.12
CA LEU C 618 -16.64 -25.24 5.80
C LEU C 618 -17.67 -25.77 4.82
N ALA C 619 -17.77 -25.13 3.66
CA ALA C 619 -18.69 -25.56 2.62
C ALA C 619 -18.21 -26.84 1.98
N ILE C 620 -16.91 -26.91 1.75
CA ILE C 620 -16.29 -28.09 1.14
C ILE C 620 -16.43 -29.27 2.08
N ALA C 621 -16.36 -29.01 3.39
CA ALA C 621 -16.53 -30.06 4.38
C ALA C 621 -17.97 -30.57 4.35
N ALA C 622 -18.88 -29.65 4.05
CA ALA C 622 -20.31 -29.94 4.07
C ALA C 622 -20.82 -30.41 2.70
N ASN C 623 -19.92 -30.46 1.72
CA ASN C 623 -20.28 -30.82 0.35
C ASN C 623 -21.37 -29.94 -0.21
N PHE C 624 -21.32 -28.65 0.11
CA PHE C 624 -22.28 -27.71 -0.40
C PHE C 624 -22.02 -27.51 -1.88
N PRO C 625 -23.07 -27.20 -2.64
CA PRO C 625 -22.87 -27.00 -4.07
C PRO C 625 -21.91 -25.84 -4.29
N ARG C 626 -21.06 -25.96 -5.29
CA ARG C 626 -20.04 -24.97 -5.51
C ARG C 626 -19.45 -25.16 -6.91
N ALA C 627 -19.68 -24.19 -7.78
CA ALA C 627 -19.31 -24.30 -9.20
C ALA C 627 -17.81 -24.35 -9.50
N SER C 628 -16.99 -23.69 -8.69
CA SER C 628 -15.54 -23.73 -8.88
C SER C 628 -14.96 -25.03 -8.33
N ARG C 629 -13.87 -25.51 -8.93
CA ARG C 629 -13.28 -26.75 -8.45
C ARG C 629 -12.43 -26.49 -7.22
N ASN C 630 -12.06 -25.24 -7.05
CA ASN C 630 -11.38 -24.77 -5.84
C ASN C 630 -12.08 -23.51 -5.34
N PRO C 631 -13.16 -23.70 -4.58
CA PRO C 631 -13.99 -22.60 -4.07
C PRO C 631 -13.17 -21.65 -3.19
N GLN C 632 -13.45 -20.36 -3.34
CA GLN C 632 -12.69 -19.30 -2.72
C GLN C 632 -13.60 -18.10 -2.65
N THR C 633 -13.15 -17.09 -1.93
CA THR C 633 -13.98 -15.92 -1.69
C THR C 633 -13.13 -14.82 -1.08
N TYR C 634 -13.20 -13.63 -1.64
CA TYR C 634 -12.34 -12.58 -1.15
C TYR C 634 -12.97 -11.84 0.02
N ILE C 635 -12.51 -12.14 1.22
CA ILE C 635 -12.92 -11.36 2.39
C ILE C 635 -12.27 -9.98 2.34
N PRO C 636 -13.08 -8.92 2.42
CA PRO C 636 -12.65 -7.52 2.26
C PRO C 636 -11.59 -7.05 3.25
N TYR C 637 -11.61 -7.55 4.49
CA TYR C 637 -10.65 -7.12 5.50
C TYR C 637 -10.51 -8.06 6.68
N THR C 638 -9.28 -8.42 7.00
CA THR C 638 -8.99 -9.26 8.16
C THR C 638 -9.10 -8.50 9.49
N ASN C 639 -9.41 -9.20 10.56
CA ASN C 639 -9.45 -8.58 11.88
C ASN C 639 -8.08 -8.12 12.37
N GLN C 640 -8.09 -7.07 13.19
CA GLN C 640 -6.87 -6.42 13.69
C GLN C 640 -6.06 -7.34 14.60
N ARG C 641 -4.82 -7.60 14.22
CA ARG C 641 -3.96 -8.50 14.99
C ARG C 641 -3.10 -7.78 16.02
N GLY C 642 -2.85 -6.50 15.78
CA GLY C 642 -2.12 -5.69 16.74
C GLY C 642 -3.03 -5.22 17.85
N THR C 643 -2.46 -4.68 18.92
CA THR C 643 -3.28 -4.23 20.03
C THR C 643 -3.86 -2.83 19.83
N VAL C 644 -3.21 -2.01 19.01
CA VAL C 644 -3.68 -0.63 18.79
C VAL C 644 -3.88 -0.31 17.31
N THR C 645 -2.88 -0.60 16.49
CA THR C 645 -2.98 -0.29 15.07
C THR C 645 -4.04 -1.12 14.35
N ASN C 646 -4.84 -0.45 13.53
CA ASN C 646 -5.82 -1.12 12.68
C ASN C 646 -5.40 -0.92 11.23
N GLU C 647 -5.01 -2.00 10.55
CA GLU C 647 -4.37 -1.86 9.24
C GLU C 647 -5.31 -1.23 8.22
N PHE C 648 -6.60 -1.47 8.41
CA PHE C 648 -7.61 -0.90 7.54
C PHE C 648 -7.57 0.60 7.66
N ALA C 649 -7.67 1.08 8.90
CA ALA C 649 -7.68 2.51 9.13
C ALA C 649 -6.37 3.17 8.69
N SER C 650 -5.25 2.47 8.85
CA SER C 650 -3.98 3.05 8.47
C SER C 650 -3.92 3.18 6.96
N ARG C 651 -4.49 2.19 6.29
CA ARG C 651 -4.52 2.21 4.83
C ARG C 651 -5.38 3.37 4.35
N PHE C 652 -6.50 3.58 5.01
CA PHE C 652 -7.32 4.72 4.65
C PHE C 652 -6.60 6.04 4.95
N ARG C 653 -5.78 6.05 5.98
CA ARG C 653 -4.96 7.24 6.24
C ARG C 653 -4.06 7.51 5.06
N THR C 654 -3.33 6.49 4.58
CA THR C 654 -2.43 6.76 3.46
C THR C 654 -3.21 7.19 2.22
N ILE C 655 -4.39 6.61 2.04
CA ILE C 655 -5.22 6.98 0.89
C ILE C 655 -5.62 8.44 0.97
N VAL C 656 -6.17 8.85 2.10
CA VAL C 656 -6.62 10.22 2.26
C VAL C 656 -5.46 11.22 2.21
N ALA C 657 -4.30 10.81 2.70
CA ALA C 657 -3.11 11.64 2.61
C ALA C 657 -2.75 11.86 1.15
N THR C 658 -2.79 10.78 0.38
CA THR C 658 -2.49 10.87 -1.04
C THR C 658 -3.49 11.76 -1.75
N LEU C 659 -4.76 11.59 -1.43
CA LEU C 659 -5.81 12.35 -2.09
C LEU C 659 -5.71 13.81 -1.71
N ALA C 660 -5.20 14.06 -0.52
CA ALA C 660 -5.10 15.42 -0.03
C ALA C 660 -3.97 16.11 -0.74
N ASN C 661 -2.86 15.42 -0.93
CA ASN C 661 -1.75 16.03 -1.66
C ASN C 661 -2.08 16.12 -3.14
N VAL C 662 -3.04 15.32 -3.58
CA VAL C 662 -3.53 15.39 -4.96
C VAL C 662 -4.37 16.65 -5.13
N VAL C 663 -5.24 16.91 -4.17
CA VAL C 663 -6.09 18.09 -4.16
C VAL C 663 -5.25 19.35 -4.00
N ASN C 664 -4.21 19.26 -3.18
CA ASN C 664 -3.36 20.39 -2.87
C ASN C 664 -2.62 20.85 -4.12
N GLU C 665 -2.28 19.88 -4.96
CA GLU C 665 -1.46 20.10 -6.14
C GLU C 665 -2.32 20.54 -7.32
N ARG C 666 -3.63 20.51 -7.12
CA ARG C 666 -4.59 20.81 -8.19
C ARG C 666 -4.64 22.31 -8.47
N ALA C 667 -4.22 22.70 -9.67
CA ALA C 667 -4.33 24.10 -10.07
C ALA C 667 -5.79 24.51 -10.25
N VAL C 668 -6.14 25.69 -9.77
CA VAL C 668 -7.52 26.16 -9.92
C VAL C 668 -7.53 27.60 -10.37
N GLN C 669 -8.53 27.96 -11.18
CA GLN C 669 -8.59 29.31 -11.73
C GLN C 669 -9.38 30.26 -10.82
N ASP C 670 -10.64 29.95 -10.57
CA ASP C 670 -11.49 30.80 -9.74
C ASP C 670 -11.03 30.83 -8.29
N ASP C 671 -11.26 31.96 -7.61
CA ASP C 671 -11.01 32.08 -6.18
C ASP C 671 -11.84 31.11 -5.34
N MET C 672 -13.09 30.89 -5.74
CA MET C 672 -13.97 30.00 -5.03
C MET C 672 -13.45 28.57 -5.09
N GLN C 673 -12.83 28.23 -6.22
CA GLN C 673 -12.21 26.92 -6.35
C GLN C 673 -11.02 26.81 -5.41
N LYS C 674 -10.33 27.93 -5.21
CA LYS C 674 -9.18 27.92 -4.31
C LYS C 674 -9.69 27.63 -2.89
N ALA C 675 -10.87 28.16 -2.59
CA ALA C 675 -11.48 27.94 -1.29
C ALA C 675 -11.90 26.49 -1.11
N THR C 676 -12.54 25.93 -2.14
CA THR C 676 -13.05 24.58 -2.01
C THR C 676 -11.89 23.64 -1.96
N ARG C 677 -10.79 24.06 -2.55
CA ARG C 677 -9.61 23.23 -2.55
C ARG C 677 -9.14 23.15 -1.11
N SER C 678 -9.08 24.29 -0.44
CA SER C 678 -8.65 24.23 0.97
C SER C 678 -9.65 23.51 1.89
N CYS C 679 -10.94 23.61 1.60
CA CYS C 679 -11.93 22.93 2.45
C CYS C 679 -11.98 21.43 2.25
N THR C 680 -11.70 20.99 1.03
CA THR C 680 -11.77 19.58 0.70
C THR C 680 -10.75 18.82 1.51
N LYS C 681 -9.63 19.45 1.80
CA LYS C 681 -8.58 18.83 2.58
C LYS C 681 -9.01 18.63 4.02
N GLN C 682 -9.78 19.58 4.53
CA GLN C 682 -10.33 19.47 5.88
C GLN C 682 -11.35 18.37 5.93
N TRP C 683 -12.16 18.29 4.88
CA TRP C 683 -13.20 17.27 4.84
C TRP C 683 -12.56 15.91 4.75
N LEU C 684 -11.42 15.86 4.07
CA LEU C 684 -10.67 14.62 3.95
C LEU C 684 -10.17 14.20 5.32
N ARG C 685 -9.67 15.18 6.07
CA ARG C 685 -9.14 14.91 7.39
C ARG C 685 -10.27 14.35 8.29
N HIS C 686 -11.47 14.89 8.09
CA HIS C 686 -12.62 14.44 8.84
C HIS C 686 -12.97 13.01 8.48
N LEU C 687 -12.91 12.71 7.19
CA LEU C 687 -13.21 11.37 6.70
C LEU C 687 -12.27 10.38 7.34
N GLU C 688 -11.02 10.80 7.46
CA GLU C 688 -10.01 9.92 8.03
C GLU C 688 -10.37 9.61 9.48
N THR C 689 -10.72 10.63 10.27
CA THR C 689 -11.06 10.29 11.66
C THR C 689 -12.32 9.42 11.77
N GLN C 690 -13.31 9.68 10.91
CA GLN C 690 -14.58 8.94 10.96
C GLN C 690 -14.37 7.46 10.64
N PHE C 691 -13.48 7.25 9.68
CA PHE C 691 -13.10 5.91 9.27
C PHE C 691 -12.36 5.21 10.40
N ASP C 692 -11.42 5.93 11.01
CA ASP C 692 -10.60 5.31 12.05
C ASP C 692 -11.54 4.88 13.15
N ASN C 693 -12.63 5.62 13.30
CA ASN C 693 -13.63 5.27 14.29
C ASN C 693 -14.36 3.97 13.96
N ILE C 694 -14.83 3.80 12.72
CA ILE C 694 -15.60 2.58 12.38
C ILE C 694 -14.80 1.34 11.93
N ALA C 695 -13.49 1.53 11.79
CA ALA C 695 -12.64 0.53 11.16
C ALA C 695 -12.62 -0.79 11.93
N VAL C 696 -12.68 -0.72 13.24
CA VAL C 696 -12.75 -1.94 14.03
C VAL C 696 -14.06 -2.71 13.76
N ALA C 697 -15.16 -1.99 13.53
CA ALA C 697 -16.43 -2.65 13.29
C ALA C 697 -16.30 -3.39 12.01
N HIS C 698 -15.55 -2.82 11.08
CA HIS C 698 -15.43 -3.53 9.81
C HIS C 698 -14.52 -4.72 9.93
N THR C 699 -13.25 -4.48 10.22
CA THR C 699 -12.27 -5.56 10.26
C THR C 699 -12.60 -6.63 11.29
N ASP C 700 -12.87 -6.22 12.51
CA ASP C 700 -12.88 -7.15 13.64
C ASP C 700 -14.30 -7.70 13.98
N HIS C 701 -15.26 -7.51 13.09
CA HIS C 701 -16.63 -8.02 13.28
C HIS C 701 -17.30 -8.44 11.98
N LEU C 702 -17.48 -7.47 11.08
CA LEU C 702 -18.13 -7.71 9.79
C LEU C 702 -17.38 -8.71 8.94
N SER C 703 -16.07 -8.79 9.15
CA SER C 703 -15.25 -9.72 8.42
C SER C 703 -15.73 -11.12 8.67
N VAL C 704 -16.11 -11.39 9.91
CA VAL C 704 -16.54 -12.75 10.22
C VAL C 704 -17.87 -13.05 9.56
N VAL C 705 -18.74 -12.06 9.43
CA VAL C 705 -20.02 -12.28 8.74
C VAL C 705 -19.76 -12.59 7.28
N TYR C 706 -18.74 -11.97 6.70
CA TYR C 706 -18.39 -12.34 5.34
C TYR C 706 -17.84 -13.75 5.28
N ALA C 707 -16.94 -14.07 6.20
CA ALA C 707 -16.32 -15.40 6.21
C ALA C 707 -17.35 -16.52 6.41
N THR C 708 -18.38 -16.27 7.21
CA THR C 708 -19.45 -17.24 7.35
C THR C 708 -20.24 -17.31 6.07
N MET C 709 -20.64 -16.14 5.57
CA MET C 709 -21.60 -16.07 4.49
C MET C 709 -21.03 -16.73 3.25
N SER C 710 -19.71 -16.75 3.16
CA SER C 710 -19.06 -17.35 2.00
C SER C 710 -19.17 -18.86 2.03
N ASN C 711 -19.40 -19.41 3.22
CA ASN C 711 -19.60 -20.84 3.39
C ASN C 711 -21.06 -21.27 3.31
N PHE C 712 -21.96 -20.32 3.15
CA PHE C 712 -23.39 -20.66 3.01
C PHE C 712 -23.61 -21.51 1.78
N MET C 713 -24.64 -22.34 1.87
CA MET C 713 -24.95 -23.34 0.85
C MET C 713 -25.14 -22.79 -0.55
N LEU C 714 -25.93 -21.74 -0.69
CA LEU C 714 -26.29 -21.27 -2.03
C LEU C 714 -25.36 -20.22 -2.61
N ASN C 715 -24.35 -19.82 -1.86
CA ASN C 715 -23.34 -18.89 -2.36
C ASN C 715 -22.30 -19.59 -3.25
N PHE C 716 -22.79 -20.31 -4.26
CA PHE C 716 -21.99 -21.29 -5.01
C PHE C 716 -20.88 -20.81 -5.96
N THR C 717 -21.02 -19.60 -6.51
CA THR C 717 -20.02 -19.05 -7.43
C THR C 717 -18.74 -18.52 -6.77
N ASN C 718 -17.65 -18.50 -7.53
CA ASN C 718 -16.44 -17.78 -7.14
C ASN C 718 -16.48 -16.34 -7.66
N ASN C 719 -16.91 -15.42 -6.80
CA ASN C 719 -17.09 -14.03 -7.21
C ASN C 719 -15.86 -13.15 -7.52
N PHE C 720 -14.70 -13.42 -6.90
CA PHE C 720 -13.54 -12.54 -7.03
C PHE C 720 -12.29 -13.12 -6.38
N SER C 721 -11.18 -13.11 -7.11
CA SER C 721 -9.92 -13.69 -6.63
C SER C 721 -9.07 -12.71 -5.81
N GLY C 722 -9.52 -11.46 -5.72
CA GLY C 722 -8.75 -10.45 -5.01
C GLY C 722 -7.73 -9.75 -5.87
N ASN C 723 -7.65 -10.15 -7.14
CA ASN C 723 -6.76 -9.50 -8.08
C ASN C 723 -7.54 -8.80 -9.19
N HIS C 724 -7.71 -7.47 -9.08
CA HIS C 724 -8.50 -6.75 -10.07
C HIS C 724 -7.90 -6.85 -11.47
N ALA C 725 -6.57 -6.98 -11.55
CA ALA C 725 -5.87 -6.99 -12.84
C ALA C 725 -6.10 -8.24 -13.68
N THR C 726 -6.48 -9.35 -13.05
CA THR C 726 -6.48 -10.61 -13.79
C THR C 726 -7.77 -11.40 -13.72
N PHE C 727 -8.55 -11.22 -12.67
CA PHE C 727 -9.72 -12.07 -12.43
C PHE C 727 -10.83 -11.90 -13.47
N LYS C 728 -11.35 -13.02 -13.97
CA LYS C 728 -12.57 -13.03 -14.77
C LYS C 728 -13.45 -14.16 -14.25
N PRO C 729 -14.76 -13.94 -14.20
CA PRO C 729 -15.69 -14.97 -13.73
C PRO C 729 -15.65 -16.19 -14.64
N ASP C 730 -15.78 -17.39 -14.07
CA ASP C 730 -15.89 -18.58 -14.88
C ASP C 730 -17.24 -18.50 -15.56
N GLN C 731 -17.28 -18.83 -16.84
CA GLN C 731 -18.51 -18.63 -17.62
C GLN C 731 -19.03 -19.93 -18.16
N TYR C 732 -20.32 -20.16 -17.92
CA TYR C 732 -20.93 -21.41 -18.30
C TYR C 732 -22.22 -21.19 -19.05
N VAL C 733 -22.56 -22.16 -19.88
CA VAL C 733 -23.84 -22.18 -20.56
C VAL C 733 -24.41 -23.59 -20.48
N ILE C 734 -25.72 -23.65 -20.38
CA ILE C 734 -26.43 -24.87 -20.67
C ILE C 734 -26.48 -24.85 -22.20
N THR C 735 -26.05 -25.93 -22.83
CA THR C 735 -25.94 -25.94 -24.29
C THR C 735 -26.18 -27.31 -24.91
N SER C 736 -26.85 -27.28 -26.05
CA SER C 736 -27.35 -28.47 -26.68
C SER C 736 -26.94 -28.48 -28.15
N PRO C 737 -26.63 -29.66 -28.68
CA PRO C 737 -26.37 -29.84 -30.12
C PRO C 737 -27.57 -29.39 -30.93
N GLU C 738 -28.76 -29.60 -30.37
CA GLU C 738 -30.02 -29.19 -30.97
C GLU C 738 -30.15 -27.66 -31.09
N GLY C 739 -29.33 -26.92 -30.35
CA GLY C 739 -29.21 -25.49 -30.59
C GLY C 739 -29.48 -24.55 -29.43
N SER C 740 -29.83 -25.10 -28.27
CA SER C 740 -30.01 -24.28 -27.09
C SER C 740 -28.70 -23.63 -26.64
N TYR C 741 -28.79 -22.39 -26.17
CA TYR C 741 -27.62 -21.72 -25.62
C TYR C 741 -28.09 -20.77 -24.53
N LYS C 742 -28.01 -21.22 -23.28
CA LYS C 742 -28.46 -20.43 -22.16
C LYS C 742 -27.28 -20.13 -21.28
N PRO C 743 -26.66 -18.96 -21.46
CA PRO C 743 -25.56 -18.54 -20.59
C PRO C 743 -26.04 -18.38 -19.16
N ILE C 744 -25.22 -18.76 -18.18
CA ILE C 744 -25.62 -18.57 -16.79
C ILE C 744 -25.44 -17.11 -16.43
N ILE C 745 -24.28 -16.54 -16.74
CA ILE C 745 -24.06 -15.12 -16.55
C ILE C 745 -24.25 -14.43 -17.89
N GLU C 746 -25.04 -13.37 -17.89
CA GLU C 746 -25.36 -12.66 -19.11
C GLU C 746 -25.66 -11.20 -18.78
N ARG C 747 -25.58 -10.35 -19.79
CA ARG C 747 -25.79 -8.94 -19.56
C ARG C 747 -27.08 -8.51 -20.21
N GLN C 748 -28.13 -8.39 -19.42
CA GLN C 748 -29.42 -7.96 -19.95
C GLN C 748 -29.81 -6.54 -19.54
N GLY C 749 -28.96 -5.89 -18.74
CA GLY C 749 -29.24 -4.55 -18.28
C GLY C 749 -30.24 -4.52 -17.13
N GLU C 750 -30.73 -3.33 -16.81
CA GLU C 750 -31.53 -3.13 -15.61
C GLU C 750 -32.74 -4.05 -15.62
N THR C 751 -33.01 -4.69 -14.49
CA THR C 751 -34.12 -5.64 -14.39
C THR C 751 -35.13 -5.17 -13.36
N VAL C 752 -36.26 -5.87 -13.32
CA VAL C 752 -37.31 -5.56 -12.36
C VAL C 752 -36.86 -5.84 -10.93
N ASP C 753 -35.93 -6.78 -10.78
CA ASP C 753 -35.47 -7.20 -9.45
C ASP C 753 -34.84 -6.05 -8.66
N GLY C 754 -34.18 -5.14 -9.35
CA GLY C 754 -33.48 -4.04 -8.70
C GLY C 754 -32.13 -4.40 -8.12
N LEU C 755 -31.53 -5.49 -8.60
CA LEU C 755 -30.20 -5.86 -8.13
C LEU C 755 -29.06 -5.44 -9.06
N THR C 756 -29.37 -5.26 -10.34
CA THR C 756 -28.36 -5.02 -11.37
C THR C 756 -27.58 -3.71 -11.26
N ILE C 757 -28.23 -2.63 -10.87
CA ILE C 757 -27.56 -1.34 -10.85
C ILE C 757 -27.03 -1.06 -9.45
N ILE C 758 -25.80 -0.55 -9.39
CA ILE C 758 -25.15 -0.30 -8.11
C ILE C 758 -24.99 1.20 -7.83
N ASP C 759 -25.67 1.71 -6.79
CA ASP C 759 -25.35 3.06 -6.30
C ASP C 759 -24.20 2.88 -5.34
N THR C 760 -23.07 3.48 -5.68
CA THR C 760 -21.89 3.40 -4.84
C THR C 760 -21.99 4.38 -3.67
N SER C 761 -22.96 5.27 -3.76
CA SER C 761 -23.14 6.34 -2.78
C SER C 761 -23.41 5.74 -1.41
N ILE C 762 -23.74 4.46 -1.43
CA ILE C 762 -24.08 3.72 -0.23
C ILE C 762 -22.90 3.75 0.75
N VAL C 763 -21.70 3.98 0.23
CA VAL C 763 -20.52 3.98 1.09
C VAL C 763 -20.60 5.11 2.11
N TRP C 764 -21.24 6.21 1.73
CA TRP C 764 -21.35 7.33 2.63
C TRP C 764 -22.12 7.09 3.93
N PRO C 765 -23.36 6.57 3.83
CA PRO C 765 -24.05 6.27 5.08
C PRO C 765 -23.28 5.29 5.93
N ILE C 766 -22.62 4.34 5.26
CA ILE C 766 -21.86 3.31 5.95
C ILE C 766 -20.70 3.91 6.74
N LEU C 767 -20.11 4.97 6.20
CA LEU C 767 -19.02 5.65 6.89
C LEU C 767 -19.59 6.63 7.90
N CYS C 768 -20.59 7.38 7.46
CA CYS C 768 -20.98 8.59 8.19
C CYS C 768 -22.36 8.59 8.84
N GLN C 769 -23.13 7.51 8.73
CA GLN C 769 -24.36 7.41 9.51
C GLN C 769 -24.82 6.00 9.83
N CYS C 770 -23.90 5.20 10.35
CA CYS C 770 -24.25 3.89 10.86
C CYS C 770 -23.58 3.68 12.19
N THR C 771 -24.32 3.10 13.13
CA THR C 771 -23.73 2.61 14.36
C THR C 771 -23.32 1.16 14.18
N TYR C 772 -22.45 0.70 15.06
CA TYR C 772 -22.09 -0.70 15.09
C TYR C 772 -22.04 -1.18 16.53
N PRO C 773 -22.21 -2.49 16.74
CA PRO C 773 -21.99 -3.11 18.05
C PRO C 773 -20.59 -2.89 18.61
N LEU C 774 -19.56 -2.82 17.76
CA LEU C 774 -18.23 -2.50 18.27
C LEU C 774 -18.00 -1.00 18.50
N VAL C 775 -18.88 -0.16 17.95
CA VAL C 775 -18.68 1.29 18.00
C VAL C 775 -20.00 2.01 18.21
N ARG C 776 -20.47 2.11 19.45
CA ARG C 776 -19.77 1.57 20.61
C ARG C 776 -20.53 0.33 21.12
N ILE C 787 -20.59 1.52 26.37
CA ILE C 787 -19.70 1.22 25.25
C ILE C 787 -19.80 -0.26 24.81
N MET C 788 -20.31 -1.12 25.68
CA MET C 788 -20.45 -2.53 25.34
C MET C 788 -21.87 -2.95 24.93
N GLU C 789 -21.96 -3.72 23.85
CA GLU C 789 -23.22 -4.21 23.31
C GLU C 789 -22.95 -5.66 22.96
N GLU C 790 -23.85 -6.55 23.36
CA GLU C 790 -23.62 -7.98 23.11
C GLU C 790 -23.57 -8.27 21.60
N ILE C 791 -22.56 -9.03 21.18
CA ILE C 791 -22.49 -9.48 19.80
C ILE C 791 -23.54 -10.56 19.57
N VAL C 792 -24.18 -10.53 18.40
CA VAL C 792 -25.15 -11.56 18.08
C VAL C 792 -24.51 -12.65 17.23
N TYR C 793 -24.68 -13.89 17.64
CA TYR C 793 -24.27 -15.00 16.84
C TYR C 793 -25.56 -15.70 16.42
N PRO C 794 -25.97 -15.49 15.15
CA PRO C 794 -27.22 -15.98 14.59
C PRO C 794 -27.30 -17.50 14.56
N ASP C 795 -28.48 -18.06 14.77
CA ASP C 795 -28.65 -19.51 14.69
C ASP C 795 -28.42 -19.93 13.24
N PRO C 796 -27.55 -20.92 13.05
CA PRO C 796 -27.31 -21.49 11.73
C PRO C 796 -28.57 -22.06 11.13
N SER C 797 -29.46 -22.53 11.98
CA SER C 797 -30.60 -23.29 11.51
C SER C 797 -31.49 -22.48 10.57
N THR C 798 -31.59 -21.18 10.77
CA THR C 798 -32.55 -20.43 9.95
C THR C 798 -32.05 -20.28 8.52
N THR C 799 -30.84 -19.78 8.37
CA THR C 799 -30.28 -19.61 7.03
C THR C 799 -30.04 -20.97 6.38
N LEU C 800 -29.77 -21.99 7.18
CA LEU C 800 -29.50 -23.30 6.61
C LEU C 800 -30.78 -23.86 6.05
N SER C 801 -31.81 -23.84 6.88
CA SER C 801 -33.09 -24.41 6.49
C SER C 801 -33.73 -23.65 5.34
N GLN C 802 -33.53 -22.32 5.27
CA GLN C 802 -34.02 -21.62 4.09
C GLN C 802 -33.19 -21.87 2.86
N SER C 803 -31.91 -22.15 3.05
CA SER C 803 -31.09 -22.54 1.91
C SER C 803 -31.62 -23.84 1.34
N LEU C 804 -32.00 -24.74 2.25
CA LEU C 804 -32.40 -26.08 1.84
C LEU C 804 -33.75 -26.04 1.16
N SER C 805 -34.66 -25.28 1.76
CA SER C 805 -35.99 -25.14 1.18
C SER C 805 -35.90 -24.47 -0.18
N VAL C 806 -34.94 -23.57 -0.34
CA VAL C 806 -34.73 -22.99 -1.66
C VAL C 806 -34.21 -24.02 -2.65
N ALA C 807 -33.35 -24.91 -2.19
CA ALA C 807 -32.83 -25.93 -3.07
C ALA C 807 -33.95 -26.84 -3.56
N GLN C 808 -34.78 -27.29 -2.62
CA GLN C 808 -35.86 -28.19 -3.01
C GLN C 808 -36.88 -27.47 -3.89
N VAL C 809 -37.07 -26.17 -3.63
CA VAL C 809 -37.98 -25.37 -4.46
C VAL C 809 -37.45 -25.27 -5.88
N LEU C 810 -36.13 -25.21 -6.02
CA LEU C 810 -35.54 -25.14 -7.33
C LEU C 810 -35.65 -26.46 -8.04
N SER C 811 -35.33 -27.55 -7.35
CA SER C 811 -35.36 -28.85 -8.02
C SER C 811 -36.77 -29.14 -8.50
N LYS C 812 -37.73 -28.76 -7.67
CA LYS C 812 -39.14 -28.92 -8.01
C LYS C 812 -39.52 -28.01 -9.17
N LEU C 813 -38.88 -26.85 -9.25
CA LEU C 813 -39.22 -25.88 -10.28
C LEU C 813 -38.63 -26.23 -11.64
N THR C 814 -37.41 -26.74 -11.64
CA THR C 814 -36.73 -27.11 -12.87
C THR C 814 -37.14 -28.50 -13.32
N LEU C 815 -37.78 -29.26 -12.44
CA LEU C 815 -38.17 -30.63 -12.78
C LEU C 815 -39.05 -30.74 -14.03
N PRO C 816 -40.15 -29.97 -14.12
CA PRO C 816 -40.93 -30.11 -15.35
C PRO C 816 -40.19 -29.79 -16.64
N ASP C 817 -39.27 -28.83 -16.63
CA ASP C 817 -38.51 -28.53 -17.84
C ASP C 817 -37.50 -29.64 -18.10
N ALA C 818 -36.88 -30.10 -17.01
CA ALA C 818 -35.87 -31.14 -17.10
C ALA C 818 -36.49 -32.43 -17.59
N PHE C 819 -37.78 -32.58 -17.28
CA PHE C 819 -38.50 -33.80 -17.64
C PHE C 819 -39.00 -33.77 -19.07
N ILE C 820 -39.59 -32.65 -19.48
CA ILE C 820 -40.08 -32.54 -20.85
C ILE C 820 -38.92 -32.61 -21.82
N ASN C 821 -37.81 -31.98 -21.47
CA ASN C 821 -36.64 -31.99 -22.34
C ASN C 821 -35.96 -33.34 -22.42
N MET C 822 -36.07 -34.13 -21.36
CA MET C 822 -35.52 -35.48 -21.37
C MET C 822 -36.24 -36.26 -22.45
N ILE C 823 -37.51 -35.94 -22.61
CA ILE C 823 -38.36 -36.65 -23.54
C ILE C 823 -38.19 -36.14 -24.96
N LEU C 824 -38.15 -34.82 -25.10
CA LEU C 824 -38.02 -34.17 -26.40
C LEU C 824 -36.71 -34.57 -27.06
N SER C 825 -35.71 -34.87 -26.23
CA SER C 825 -34.40 -35.29 -26.69
C SER C 825 -34.46 -36.65 -27.37
N GLY C 826 -35.42 -37.47 -26.96
CA GLY C 826 -35.55 -38.81 -27.48
C GLY C 826 -34.70 -39.78 -26.68
N GLY C 827 -33.99 -39.26 -25.69
CA GLY C 827 -33.31 -40.09 -24.72
C GLY C 827 -32.05 -40.74 -25.27
N ASP C 828 -31.56 -41.73 -24.55
CA ASP C 828 -30.29 -42.36 -24.86
C ASP C 828 -30.45 -43.51 -25.88
N SER C 829 -30.76 -43.14 -27.12
CA SER C 829 -30.88 -44.11 -28.21
C SER C 829 -30.88 -43.37 -29.56
N VAL C 830 -30.61 -44.07 -30.65
CA VAL C 830 -30.60 -43.42 -31.97
C VAL C 830 -31.33 -44.21 -33.02
N VAL C 831 -32.02 -43.51 -33.92
CA VAL C 831 -32.63 -44.16 -35.06
C VAL C 831 -31.51 -44.74 -35.93
N MET C 832 -31.68 -45.96 -36.43
CA MET C 832 -30.61 -46.64 -37.14
C MET C 832 -31.08 -47.57 -38.25
N ARG C 833 -30.74 -47.23 -39.48
CA ARG C 833 -31.00 -48.12 -40.61
C ARG C 833 -29.95 -49.24 -40.69
N THR C 834 -30.34 -50.38 -41.24
CA THR C 834 -29.43 -51.50 -41.38
C THR C 834 -29.60 -52.12 -42.77
N TYR C 835 -28.94 -51.51 -43.75
CA TYR C 835 -28.95 -52.01 -45.11
C TYR C 835 -28.27 -53.37 -45.17
N GLN C 836 -28.88 -54.32 -45.87
CA GLN C 836 -28.35 -55.69 -45.90
C GLN C 836 -27.42 -55.93 -47.06
N THR C 837 -26.25 -56.48 -46.77
CA THR C 837 -25.22 -56.71 -47.78
C THR C 837 -25.31 -58.06 -48.49
N GLU C 838 -26.19 -58.95 -48.04
CA GLU C 838 -26.26 -60.31 -48.59
C GLU C 838 -27.69 -60.83 -48.62
N ALA C 839 -27.91 -61.85 -49.44
CA ALA C 839 -29.19 -62.57 -49.45
C ALA C 839 -29.29 -63.49 -48.24
N ASP C 840 -30.52 -63.81 -47.85
CA ASP C 840 -30.81 -64.59 -46.64
C ASP C 840 -30.30 -63.87 -45.40
N ASP C 841 -30.42 -62.54 -45.41
CA ASP C 841 -30.03 -61.72 -44.28
C ASP C 841 -31.23 -61.41 -43.38
N ASP C 842 -31.05 -61.60 -42.08
CA ASP C 842 -32.04 -61.20 -41.10
C ASP C 842 -32.09 -59.68 -41.07
N LEU C 843 -33.23 -59.12 -40.65
CA LEU C 843 -33.39 -57.68 -40.57
C LEU C 843 -32.36 -57.07 -39.61
N ASP C 844 -32.00 -57.81 -38.57
CA ASP C 844 -30.96 -57.37 -37.63
C ASP C 844 -29.58 -57.33 -38.29
N GLU C 845 -29.35 -58.24 -39.23
CA GLU C 845 -28.07 -58.33 -39.94
C GLU C 845 -27.96 -57.27 -41.04
N GLY C 846 -26.72 -56.88 -41.35
CA GLY C 846 -26.47 -55.91 -42.42
C GLY C 846 -25.34 -54.96 -42.09
N ILE C 847 -25.41 -53.74 -42.61
CA ILE C 847 -24.50 -52.67 -42.20
C ILE C 847 -25.24 -51.62 -41.38
N ARG C 848 -24.94 -51.55 -40.08
CA ARG C 848 -25.56 -50.54 -39.22
C ARG C 848 -25.14 -49.15 -39.65
N MET C 849 -26.09 -48.23 -39.74
CA MET C 849 -25.76 -46.86 -40.06
C MET C 849 -26.80 -45.88 -39.51
N THR C 850 -26.34 -44.66 -39.21
CA THR C 850 -27.19 -43.64 -38.61
C THR C 850 -26.85 -42.31 -39.22
N THR C 851 -27.79 -41.37 -39.13
CA THR C 851 -27.58 -40.04 -39.66
C THR C 851 -26.69 -39.21 -38.72
N TYR C 852 -25.97 -38.25 -39.28
CA TYR C 852 -24.99 -37.48 -38.52
C TYR C 852 -25.65 -36.68 -37.41
N ASP C 853 -26.90 -36.29 -37.63
CA ASP C 853 -27.64 -35.53 -36.64
C ASP C 853 -27.85 -36.34 -35.37
N GLN C 854 -28.11 -37.63 -35.52
CA GLN C 854 -28.30 -38.52 -34.38
C GLN C 854 -26.97 -38.66 -33.65
N TYR C 855 -25.90 -38.76 -34.43
CA TYR C 855 -24.58 -38.92 -33.86
C TYR C 855 -24.20 -37.72 -33.02
N LEU C 856 -24.55 -36.54 -33.50
CA LEU C 856 -24.26 -35.29 -32.82
C LEU C 856 -25.08 -35.19 -31.55
N SER C 857 -26.37 -35.50 -31.66
CA SER C 857 -27.26 -35.40 -30.51
C SER C 857 -26.88 -36.37 -29.40
N HIS C 858 -26.39 -37.55 -29.77
CA HIS C 858 -26.32 -38.63 -28.81
C HIS C 858 -24.96 -39.31 -28.58
N ILE C 859 -24.19 -39.49 -29.63
CA ILE C 859 -22.93 -40.21 -29.48
C ILE C 859 -21.74 -39.29 -29.20
N ARG C 860 -21.72 -38.12 -29.82
CA ARG C 860 -20.50 -37.32 -29.89
C ARG C 860 -20.08 -36.75 -28.55
N GLU C 861 -21.03 -36.17 -27.81
CA GLU C 861 -20.70 -35.56 -26.53
C GLU C 861 -20.23 -36.61 -25.55
N ARG C 862 -20.76 -37.82 -25.68
CA ARG C 862 -20.34 -38.91 -24.80
C ARG C 862 -18.89 -39.31 -25.08
N LEU C 863 -18.53 -39.33 -26.36
CA LEU C 863 -17.15 -39.59 -26.74
C LEU C 863 -16.26 -38.49 -26.22
N HIS C 864 -16.76 -37.26 -26.24
CA HIS C 864 -15.97 -36.11 -25.81
C HIS C 864 -15.68 -36.25 -24.35
N ILE C 865 -16.69 -36.71 -23.65
CA ILE C 865 -16.68 -36.79 -22.20
C ILE C 865 -15.84 -37.96 -21.70
N THR C 866 -15.63 -38.95 -22.56
CA THR C 866 -14.82 -40.11 -22.17
C THR C 866 -13.33 -39.97 -22.51
N ASN C 867 -12.95 -38.82 -23.06
CA ASN C 867 -11.56 -38.52 -23.39
C ASN C 867 -10.91 -39.48 -24.37
N VAL C 868 -11.60 -39.73 -25.49
CA VAL C 868 -11.08 -40.61 -26.51
C VAL C 868 -11.02 -39.83 -27.82
N PRO C 869 -10.13 -40.23 -28.74
CA PRO C 869 -10.00 -39.49 -30.01
C PRO C 869 -11.29 -39.59 -30.79
N ASP C 870 -11.62 -38.55 -31.55
CA ASP C 870 -12.85 -38.56 -32.34
C ASP C 870 -12.72 -39.65 -33.41
N PRO C 871 -13.83 -40.35 -33.70
CA PRO C 871 -13.79 -41.49 -34.64
C PRO C 871 -13.35 -41.09 -36.03
N ILE C 872 -12.62 -41.98 -36.70
CA ILE C 872 -12.06 -41.69 -38.01
C ILE C 872 -13.13 -41.58 -39.09
N TYR C 873 -12.90 -40.69 -40.05
CA TYR C 873 -13.71 -40.65 -41.27
C TYR C 873 -13.30 -41.82 -42.16
N ILE C 874 -14.25 -42.35 -42.93
CA ILE C 874 -13.92 -43.43 -43.83
C ILE C 874 -14.08 -43.02 -45.30
N THR C 875 -12.94 -42.80 -45.93
CA THR C 875 -12.89 -42.52 -47.35
C THR C 875 -12.96 -43.85 -48.10
N GLY C 876 -12.82 -43.80 -49.42
CA GLY C 876 -12.92 -45.00 -50.22
C GLY C 876 -11.67 -45.87 -50.10
N ALA C 877 -10.61 -45.29 -49.52
CA ALA C 877 -9.36 -46.01 -49.31
C ALA C 877 -9.12 -46.31 -47.84
N SER C 878 -10.08 -46.94 -47.18
CA SER C 878 -9.95 -47.27 -45.77
C SER C 878 -9.87 -48.77 -45.51
N THR C 879 -8.72 -49.22 -45.04
CA THR C 879 -8.53 -50.62 -44.70
C THR C 879 -9.31 -50.98 -43.45
N PRO C 880 -9.74 -52.25 -43.33
CA PRO C 880 -10.41 -52.75 -42.13
C PRO C 880 -9.55 -52.60 -40.87
N ASP C 881 -8.23 -52.72 -41.02
CA ASP C 881 -7.32 -52.58 -39.88
C ASP C 881 -7.36 -51.17 -39.28
N GLN C 882 -7.54 -50.17 -40.13
CA GLN C 882 -7.62 -48.79 -39.67
C GLN C 882 -8.91 -48.58 -38.87
N ILE C 883 -9.99 -49.15 -39.39
CA ILE C 883 -11.28 -49.06 -38.73
C ILE C 883 -11.22 -49.77 -37.38
N ALA C 884 -10.45 -50.86 -37.34
CA ALA C 884 -10.29 -51.61 -36.11
C ALA C 884 -9.54 -50.78 -35.08
N ALA C 885 -8.47 -50.12 -35.52
CA ALA C 885 -7.68 -49.30 -34.62
C ALA C 885 -8.51 -48.14 -34.10
N SER C 886 -9.39 -47.63 -34.97
CA SER C 886 -10.24 -46.51 -34.59
C SER C 886 -11.24 -46.96 -33.53
N VAL C 887 -11.85 -48.11 -33.77
CA VAL C 887 -12.88 -48.65 -32.88
C VAL C 887 -12.31 -48.99 -31.52
N GLN C 888 -11.12 -49.58 -31.50
CA GLN C 888 -10.47 -49.88 -30.23
C GLN C 888 -9.98 -48.61 -29.54
N ALA C 889 -9.73 -47.56 -30.32
CA ALA C 889 -9.33 -46.28 -29.72
C ALA C 889 -10.49 -45.58 -29.05
N THR C 890 -11.64 -45.56 -29.71
CA THR C 890 -12.82 -44.86 -29.20
C THR C 890 -13.64 -45.73 -28.25
N HIS C 891 -13.31 -47.02 -28.20
CA HIS C 891 -14.08 -48.00 -27.42
C HIS C 891 -15.55 -47.97 -27.78
N VAL C 892 -15.90 -47.65 -29.01
CA VAL C 892 -17.30 -47.39 -29.32
C VAL C 892 -17.85 -48.10 -30.58
N ALA C 893 -16.98 -48.48 -31.49
CA ALA C 893 -17.40 -49.09 -32.76
C ALA C 893 -18.30 -48.16 -33.55
N VAL C 894 -17.76 -46.99 -33.87
CA VAL C 894 -18.44 -46.01 -34.72
C VAL C 894 -17.40 -45.37 -35.65
N VAL C 895 -17.76 -45.18 -36.90
CA VAL C 895 -16.92 -44.42 -37.84
C VAL C 895 -17.78 -43.48 -38.64
N LEU C 896 -17.33 -42.22 -38.73
CA LEU C 896 -17.99 -41.25 -39.58
C LEU C 896 -17.65 -41.58 -41.01
N TYR C 897 -18.55 -41.24 -41.93
CA TYR C 897 -18.28 -41.39 -43.36
C TYR C 897 -17.91 -40.05 -43.97
N GLN C 898 -16.90 -40.04 -44.82
CA GLN C 898 -16.48 -38.78 -45.43
C GLN C 898 -16.91 -38.66 -46.88
N SER C 899 -16.25 -39.42 -47.75
CA SER C 899 -16.55 -39.36 -49.17
C SER C 899 -16.02 -40.60 -49.89
N GLY C 900 -16.53 -40.83 -51.10
CA GLY C 900 -16.05 -41.90 -51.95
C GLY C 900 -16.77 -43.20 -51.72
N VAL C 901 -16.63 -44.12 -52.67
CA VAL C 901 -17.20 -45.45 -52.55
C VAL C 901 -16.29 -46.32 -51.69
N ILE C 902 -16.85 -46.92 -50.64
CA ILE C 902 -16.06 -47.73 -49.72
C ILE C 902 -15.81 -49.13 -50.27
N ASN C 903 -14.57 -49.58 -50.19
CA ASN C 903 -14.17 -50.89 -50.71
C ASN C 903 -14.76 -52.04 -49.90
N GLY C 904 -14.95 -53.18 -50.56
CA GLY C 904 -15.64 -54.31 -49.97
C GLY C 904 -15.06 -54.98 -48.73
N PRO C 905 -13.72 -55.13 -48.64
CA PRO C 905 -13.22 -55.67 -47.36
C PRO C 905 -13.60 -54.81 -46.16
N ALA C 906 -13.63 -53.50 -46.36
CA ALA C 906 -14.04 -52.58 -45.30
C ALA C 906 -15.51 -52.80 -44.98
N SER C 907 -16.30 -53.08 -46.00
CA SER C 907 -17.73 -53.31 -45.82
C SER C 907 -17.97 -54.59 -45.02
N THR C 908 -17.25 -55.64 -45.37
CA THR C 908 -17.38 -56.90 -44.67
C THR C 908 -16.91 -56.75 -43.23
N TYR C 909 -15.92 -55.90 -43.01
CA TYR C 909 -15.48 -55.66 -41.64
C TYR C 909 -16.54 -54.91 -40.85
N LEU C 910 -17.14 -53.92 -41.49
CA LEU C 910 -18.18 -53.11 -40.85
C LEU C 910 -19.40 -53.95 -40.51
N ARG C 911 -19.66 -54.94 -41.36
CA ARG C 911 -20.82 -55.80 -41.20
C ARG C 911 -20.59 -56.90 -40.15
N GLU C 912 -19.42 -57.52 -40.20
CA GLU C 912 -19.09 -58.58 -39.27
C GLU C 912 -18.94 -58.07 -37.84
N ASN C 913 -18.53 -56.82 -37.70
CA ASN C 913 -18.29 -56.25 -36.37
C ASN C 913 -19.39 -55.31 -35.88
N GLU C 914 -20.46 -55.21 -36.67
CA GLU C 914 -21.61 -54.39 -36.32
C GLU C 914 -21.24 -52.93 -36.05
N VAL C 915 -20.20 -52.45 -36.72
CA VAL C 915 -19.78 -51.06 -36.59
C VAL C 915 -20.85 -50.12 -37.18
N LEU C 916 -21.12 -49.04 -36.46
CA LEU C 916 -22.15 -48.08 -36.86
C LEU C 916 -21.54 -46.96 -37.69
N VAL C 917 -21.77 -47.01 -39.01
CA VAL C 917 -21.36 -45.91 -39.88
C VAL C 917 -22.25 -44.69 -39.66
N VAL C 918 -21.65 -43.51 -39.65
CA VAL C 918 -22.44 -42.28 -39.56
C VAL C 918 -22.43 -41.58 -40.93
N MET C 919 -23.61 -41.14 -41.37
CA MET C 919 -23.77 -40.65 -42.73
C MET C 919 -24.30 -39.23 -42.71
N PRO C 920 -23.87 -38.41 -43.69
CA PRO C 920 -24.36 -37.04 -43.82
C PRO C 920 -25.87 -37.01 -44.00
N ASP C 921 -26.38 -38.00 -44.72
CA ASP C 921 -27.76 -38.02 -45.17
C ASP C 921 -28.03 -39.38 -45.80
N TYR C 922 -29.31 -39.70 -46.00
CA TYR C 922 -29.66 -41.01 -46.53
C TYR C 922 -29.81 -41.11 -48.06
N TYR C 923 -29.54 -40.04 -48.79
CA TYR C 923 -29.62 -40.10 -50.25
C TYR C 923 -28.59 -41.04 -50.87
N ASP C 924 -29.03 -41.89 -51.79
CA ASP C 924 -28.15 -42.77 -52.57
C ASP C 924 -27.09 -43.50 -51.75
N VAL C 925 -27.52 -44.13 -50.66
CA VAL C 925 -26.60 -44.80 -49.74
C VAL C 925 -25.78 -45.91 -50.43
N VAL C 926 -26.42 -46.62 -51.35
CA VAL C 926 -25.76 -47.73 -52.04
C VAL C 926 -24.60 -47.26 -52.90
N SER C 927 -24.70 -46.03 -53.39
CA SER C 927 -23.63 -45.44 -54.19
C SER C 927 -22.36 -45.25 -53.36
N ARG C 928 -22.52 -45.22 -52.04
CA ARG C 928 -21.37 -45.07 -51.13
C ARG C 928 -20.61 -46.37 -50.85
N PHE C 929 -21.16 -47.50 -51.28
CA PHE C 929 -20.51 -48.80 -51.07
C PHE C 929 -20.23 -49.55 -52.36
N ALA C 930 -19.11 -50.25 -52.39
CA ALA C 930 -18.83 -51.19 -53.48
C ALA C 930 -19.73 -52.40 -53.34
N ASN C 931 -20.20 -52.91 -54.47
CA ASN C 931 -21.12 -54.05 -54.45
C ASN C 931 -20.61 -55.23 -55.26
N ALA C 932 -19.76 -56.04 -54.64
CA ALA C 932 -19.23 -57.23 -55.29
C ALA C 932 -20.35 -58.21 -55.61
N ASN C 933 -21.39 -58.19 -54.78
CA ASN C 933 -22.53 -59.08 -54.96
C ASN C 933 -23.79 -58.38 -55.47
N LEU C 934 -23.75 -57.05 -55.48
CA LEU C 934 -24.93 -56.23 -55.82
C LEU C 934 -26.17 -56.57 -54.98
N GLN C 935 -25.96 -57.10 -53.78
CA GLN C 935 -27.08 -57.43 -52.89
C GLN C 935 -27.65 -56.19 -52.22
N MET C 936 -26.81 -55.18 -52.03
CA MET C 936 -27.22 -53.94 -51.38
C MET C 936 -28.19 -53.13 -52.26
N ASN C 937 -29.16 -52.49 -51.61
CA ASN C 937 -30.17 -51.71 -52.34
C ASN C 937 -30.74 -50.58 -51.47
N ASN C 938 -31.05 -49.46 -52.10
CA ASN C 938 -31.52 -48.28 -51.37
C ASN C 938 -32.83 -48.52 -50.62
N ASN C 939 -33.66 -49.40 -51.16
CA ASN C 939 -34.91 -49.77 -50.51
C ASN C 939 -34.78 -50.95 -49.55
N ARG C 940 -33.61 -51.59 -49.55
CA ARG C 940 -33.39 -52.77 -48.72
C ARG C 940 -32.67 -52.45 -47.42
N TYR C 941 -33.42 -52.00 -46.41
CA TYR C 941 -32.85 -51.67 -45.11
C TYR C 941 -33.87 -51.87 -44.01
N HIS C 942 -33.42 -51.77 -42.76
CA HIS C 942 -34.35 -51.90 -41.65
C HIS C 942 -34.16 -50.84 -40.57
N GLU C 943 -34.97 -49.79 -40.64
CA GLU C 943 -34.96 -48.75 -39.61
C GLU C 943 -35.38 -49.31 -38.25
N SER C 944 -34.62 -48.99 -37.20
CA SER C 944 -34.92 -49.45 -35.84
C SER C 944 -34.14 -48.65 -34.79
N VAL C 945 -34.72 -48.48 -33.62
CA VAL C 945 -34.04 -47.79 -32.54
C VAL C 945 -32.88 -48.63 -32.03
N LEU C 946 -31.77 -47.97 -31.74
CA LEU C 946 -30.58 -48.62 -31.23
C LEU C 946 -30.14 -47.86 -29.99
N GLU C 947 -30.34 -48.46 -28.83
CA GLU C 947 -30.05 -47.79 -27.58
C GLU C 947 -28.56 -47.49 -27.48
N ILE C 948 -28.24 -46.35 -26.86
CA ILE C 948 -26.85 -45.92 -26.71
C ILE C 948 -26.10 -46.96 -25.87
N ALA C 949 -26.82 -47.65 -24.99
CA ALA C 949 -26.21 -48.63 -24.10
C ALA C 949 -25.62 -49.82 -24.84
N ASP C 950 -26.15 -50.13 -26.01
CA ASP C 950 -25.61 -51.21 -26.82
C ASP C 950 -24.29 -50.80 -27.48
N ILE C 951 -24.01 -49.51 -27.48
CA ILE C 951 -22.78 -48.99 -28.04
C ILE C 951 -21.73 -48.76 -26.94
N PHE C 952 -22.02 -47.83 -26.02
CA PHE C 952 -21.14 -47.56 -24.88
C PHE C 952 -21.11 -48.67 -23.85
N ASP C 953 -19.92 -48.95 -23.33
CA ASP C 953 -19.75 -49.93 -22.26
C ASP C 953 -19.74 -49.25 -20.89
N GLN C 954 -19.77 -47.92 -20.89
CA GLN C 954 -19.75 -47.15 -19.64
C GLN C 954 -21.16 -46.77 -19.20
N ALA C 955 -21.67 -47.47 -18.20
CA ALA C 955 -23.04 -47.29 -17.72
C ALA C 955 -23.28 -45.92 -17.12
N ASP C 956 -22.20 -45.26 -16.71
CA ASP C 956 -22.31 -44.01 -15.94
C ASP C 956 -23.02 -42.88 -16.68
N PHE C 957 -22.95 -42.88 -18.00
CA PHE C 957 -23.48 -41.77 -18.80
C PHE C 957 -24.73 -42.14 -19.61
N ILE C 958 -25.40 -43.22 -19.22
CA ILE C 958 -26.58 -43.69 -19.94
C ILE C 958 -27.77 -43.84 -19.00
N GLN C 959 -28.69 -42.88 -19.05
CA GLN C 959 -29.78 -42.82 -18.09
C GLN C 959 -31.11 -43.44 -18.55
N THR C 960 -31.35 -43.46 -19.85
CA THR C 960 -32.65 -43.92 -20.36
C THR C 960 -32.55 -45.12 -21.30
N SER C 961 -33.49 -45.20 -22.24
CA SER C 961 -33.53 -46.29 -23.22
C SER C 961 -34.42 -45.94 -24.42
N ASP C 962 -34.77 -46.97 -25.19
CA ASP C 962 -35.57 -46.82 -26.40
C ASP C 962 -36.97 -46.29 -26.10
N ALA C 963 -37.41 -46.52 -24.87
CA ALA C 963 -38.75 -46.21 -24.44
C ALA C 963 -39.06 -44.72 -24.54
N VAL C 964 -38.08 -43.89 -24.25
CA VAL C 964 -38.29 -42.45 -24.35
C VAL C 964 -38.48 -42.04 -25.80
N ARG C 965 -37.75 -42.70 -26.69
CA ARG C 965 -37.86 -42.37 -28.10
C ARG C 965 -39.24 -42.73 -28.59
N GLN C 966 -39.72 -43.89 -28.15
CA GLN C 966 -41.04 -44.38 -28.54
C GLN C 966 -42.15 -43.44 -28.03
N LEU C 967 -41.99 -43.02 -26.78
CA LEU C 967 -42.94 -42.10 -26.17
C LEU C 967 -42.92 -40.75 -26.87
N ARG C 968 -41.75 -40.33 -27.33
CA ARG C 968 -41.65 -39.07 -28.05
C ARG C 968 -42.32 -39.19 -29.41
N ALA C 969 -42.19 -40.37 -29.99
CA ALA C 969 -42.80 -40.64 -31.29
C ALA C 969 -44.31 -40.52 -31.15
N LEU C 970 -44.82 -40.83 -29.96
CA LEU C 970 -46.25 -40.57 -29.70
C LEU C 970 -46.64 -39.09 -29.70
N MET C 971 -45.73 -38.22 -29.28
CA MET C 971 -46.00 -36.77 -29.22
C MET C 971 -46.06 -36.08 -30.58
N PRO C 972 -47.04 -35.17 -30.75
CA PRO C 972 -47.07 -34.28 -31.92
C PRO C 972 -45.86 -33.36 -31.86
N THR C 973 -45.32 -32.93 -33.00
CA THR C 973 -44.24 -31.96 -32.96
C THR C 973 -44.76 -30.68 -32.30
N LEU C 974 -43.98 -30.14 -31.36
CA LEU C 974 -44.43 -29.01 -30.55
C LEU C 974 -43.65 -27.73 -30.86
N SER C 975 -44.39 -26.63 -31.00
CA SER C 975 -43.78 -25.31 -31.10
C SER C 975 -43.28 -24.97 -29.73
N THR C 976 -42.30 -24.08 -29.65
CA THR C 976 -41.65 -23.80 -28.38
C THR C 976 -42.64 -23.31 -27.34
N SER C 977 -43.64 -22.57 -27.76
CA SER C 977 -44.68 -22.12 -26.86
C SER C 977 -45.54 -23.27 -26.33
N GLN C 978 -45.76 -24.30 -27.15
CA GLN C 978 -46.47 -25.49 -26.69
C GLN C 978 -45.64 -26.26 -25.66
N ILE C 979 -44.33 -26.25 -25.84
CA ILE C 979 -43.42 -26.86 -24.88
C ILE C 979 -43.48 -26.12 -23.55
N ARG C 980 -43.47 -24.80 -23.64
CA ARG C 980 -43.57 -23.98 -22.45
C ARG C 980 -44.90 -24.23 -21.79
N HIS C 981 -45.93 -24.44 -22.60
CA HIS C 981 -47.25 -24.68 -22.03
C HIS C 981 -47.30 -26.00 -21.30
N ALA C 982 -46.60 -26.99 -21.84
CA ALA C 982 -46.57 -28.31 -21.22
C ALA C 982 -45.86 -28.20 -19.88
N ILE C 983 -44.75 -27.49 -19.87
CA ILE C 983 -43.96 -27.38 -18.66
C ILE C 983 -44.70 -26.60 -17.59
N GLU C 984 -45.38 -25.52 -18.00
CA GLU C 984 -46.16 -24.74 -17.06
C GLU C 984 -47.33 -25.54 -16.52
N ARG C 985 -47.87 -26.43 -17.35
CA ARG C 985 -48.98 -27.27 -16.92
C ARG C 985 -48.52 -28.28 -15.90
N ILE C 986 -47.41 -28.96 -16.17
CA ILE C 986 -46.89 -29.96 -15.24
C ILE C 986 -46.51 -29.27 -13.94
N ALA C 987 -46.03 -28.04 -14.06
CA ALA C 987 -45.67 -27.25 -12.89
C ALA C 987 -46.93 -26.94 -12.09
N GLN C 988 -48.03 -26.74 -12.80
CA GLN C 988 -49.30 -26.43 -12.16
C GLN C 988 -49.78 -27.65 -11.40
N ILE C 989 -49.62 -28.82 -12.02
CA ILE C 989 -50.03 -30.09 -11.42
C ILE C 989 -49.25 -30.42 -10.16
N THR C 990 -47.95 -30.10 -10.17
CA THR C 990 -47.10 -30.36 -9.02
C THR C 990 -46.96 -29.14 -8.08
N ASP C 991 -47.84 -28.16 -8.24
CA ASP C 991 -47.93 -27.01 -7.35
C ASP C 991 -46.64 -26.20 -7.25
N VAL C 992 -45.99 -26.02 -8.39
CA VAL C 992 -44.82 -25.15 -8.51
C VAL C 992 -45.23 -23.76 -9.00
N ASP C 993 -44.67 -22.70 -8.41
CA ASP C 993 -44.89 -21.35 -8.92
C ASP C 993 -43.86 -21.05 -10.00
N SER C 994 -44.21 -21.43 -11.23
CA SER C 994 -43.27 -21.37 -12.34
C SER C 994 -43.23 -19.99 -12.98
N THR C 995 -43.79 -19.00 -12.29
CA THR C 995 -43.88 -17.66 -12.85
C THR C 995 -42.50 -17.08 -13.15
N ASP C 996 -42.38 -16.48 -14.34
CA ASP C 996 -41.15 -15.84 -14.83
C ASP C 996 -40.01 -16.80 -15.20
N TYR C 997 -40.23 -18.10 -15.02
CA TYR C 997 -39.24 -19.09 -15.43
C TYR C 997 -39.11 -19.03 -16.95
N GLY C 998 -37.88 -19.05 -17.44
CA GLY C 998 -37.63 -18.97 -18.87
C GLY C 998 -37.80 -17.58 -19.45
N LYS C 999 -37.85 -16.56 -18.61
CA LYS C 999 -38.13 -15.20 -19.04
C LYS C 999 -37.12 -14.19 -18.54
N LEU C 1000 -36.77 -13.23 -19.40
CA LEU C 1000 -36.00 -12.06 -18.97
C LEU C 1000 -36.99 -11.01 -18.49
N THR C 1001 -36.78 -10.47 -17.29
CA THR C 1001 -37.68 -9.45 -16.75
C THR C 1001 -37.00 -8.10 -16.70
N LEU C 1002 -36.97 -7.41 -17.84
CA LEU C 1002 -36.24 -6.15 -17.96
C LEU C 1002 -37.10 -4.95 -17.59
N ARG C 1003 -36.47 -3.93 -17.01
CA ARG C 1003 -37.21 -2.77 -16.54
C ARG C 1003 -37.79 -1.97 -17.69
N PHE C 1004 -37.11 -1.95 -18.82
CA PHE C 1004 -37.51 -1.07 -19.92
C PHE C 1004 -37.98 -1.85 -21.13
N LEU C 1005 -37.49 -3.07 -21.26
CA LEU C 1005 -37.89 -3.94 -22.35
C LEU C 1005 -39.11 -4.79 -22.02
N GLY C 1006 -39.53 -4.79 -20.76
CA GLY C 1006 -40.64 -5.62 -20.34
C GLY C 1006 -40.23 -7.07 -20.20
N THR C 1007 -41.20 -7.93 -19.93
CA THR C 1007 -40.95 -9.37 -19.93
C THR C 1007 -40.71 -9.88 -21.35
N LEU C 1008 -39.76 -10.82 -21.50
CA LEU C 1008 -39.49 -11.45 -22.77
C LEU C 1008 -39.32 -12.94 -22.55
N THR C 1009 -40.07 -13.76 -23.28
CA THR C 1009 -39.94 -15.21 -23.13
C THR C 1009 -38.89 -15.81 -24.06
N ARG C 1010 -38.05 -16.67 -23.49
CA ARG C 1010 -37.10 -17.44 -24.27
C ARG C 1010 -37.58 -18.88 -24.33
N SER C 1011 -37.12 -19.61 -25.33
CA SER C 1011 -37.49 -21.02 -25.47
C SER C 1011 -37.06 -21.85 -24.27
N LEU C 1012 -37.96 -22.71 -23.79
CA LEU C 1012 -37.66 -23.62 -22.68
C LEU C 1012 -37.03 -24.90 -23.19
N LYS C 1013 -37.02 -25.08 -24.50
CA LYS C 1013 -36.42 -26.24 -25.14
C LYS C 1013 -34.91 -26.23 -24.91
N MET C 1014 -34.36 -27.39 -24.55
CA MET C 1014 -32.93 -27.56 -24.32
C MET C 1014 -32.62 -29.03 -24.21
N GLN C 1015 -33.15 -29.80 -25.15
CA GLN C 1015 -33.00 -31.25 -25.12
C GLN C 1015 -31.53 -31.57 -25.15
N ASN C 1016 -31.10 -32.54 -24.34
CA ASN C 1016 -29.70 -33.00 -24.33
C ASN C 1016 -28.70 -31.92 -23.98
N ALA C 1017 -29.11 -30.94 -23.20
CA ALA C 1017 -28.21 -29.84 -22.87
C ALA C 1017 -27.21 -30.27 -21.81
N GLN C 1018 -26.03 -29.66 -21.84
CA GLN C 1018 -24.93 -29.98 -20.95
C GLN C 1018 -24.44 -28.67 -20.38
N ILE C 1019 -23.85 -28.70 -19.19
CA ILE C 1019 -23.19 -27.50 -18.70
C ILE C 1019 -21.75 -27.43 -19.21
N ARG C 1020 -21.40 -26.29 -19.78
CA ARG C 1020 -20.10 -26.18 -20.44
C ARG C 1020 -19.50 -24.80 -20.27
N ARG C 1021 -18.20 -24.74 -20.08
CA ARG C 1021 -17.52 -23.47 -20.02
C ARG C 1021 -17.46 -22.91 -21.43
N ILE C 1022 -17.60 -21.60 -21.56
CA ILE C 1022 -17.44 -20.95 -22.84
C ILE C 1022 -16.22 -20.05 -22.85
N ARG C 1023 -15.58 -20.00 -24.01
CA ARG C 1023 -14.50 -19.08 -24.24
C ARG C 1023 -15.15 -17.70 -24.24
N PRO C 1024 -14.39 -16.65 -23.89
CA PRO C 1024 -14.96 -15.30 -23.83
C PRO C 1024 -15.51 -14.81 -25.17
N ASP C 1025 -15.12 -15.47 -26.27
CA ASP C 1025 -15.72 -15.22 -27.58
C ASP C 1025 -17.21 -15.59 -27.60
N GLY C 1026 -17.62 -16.42 -26.64
CA GLY C 1026 -18.98 -16.92 -26.58
C GLY C 1026 -19.09 -18.38 -27.01
N THR C 1027 -18.07 -18.87 -27.70
CA THR C 1027 -18.03 -20.25 -28.17
C THR C 1027 -17.76 -21.28 -27.07
N VAL C 1028 -18.39 -22.45 -27.20
CA VAL C 1028 -18.26 -23.52 -26.22
C VAL C 1028 -16.88 -24.20 -26.20
N LEU C 1029 -16.39 -24.49 -25.01
CA LEU C 1029 -15.19 -25.31 -24.82
C LEU C 1029 -15.55 -26.75 -24.45
N ARG C 1030 -14.73 -27.71 -24.89
CA ARG C 1030 -14.93 -29.10 -24.49
C ARG C 1030 -14.71 -29.22 -22.99
N TYR C 1031 -15.48 -30.09 -22.35
CA TYR C 1031 -15.35 -30.29 -20.90
C TYR C 1031 -13.93 -30.70 -20.52
N ASP C 1032 -13.40 -30.08 -19.48
CA ASP C 1032 -12.04 -30.38 -19.01
C ASP C 1032 -12.10 -30.65 -17.52
N ASP C 1033 -11.70 -31.84 -17.13
CA ASP C 1033 -11.71 -32.22 -15.72
C ASP C 1033 -10.73 -31.35 -14.94
N GLN C 1034 -9.72 -30.86 -15.66
CA GLN C 1034 -8.67 -30.05 -15.04
C GLN C 1034 -9.19 -28.74 -14.46
N ILE C 1035 -10.20 -28.16 -15.08
CA ILE C 1035 -10.73 -26.89 -14.59
C ILE C 1035 -12.20 -26.97 -14.19
N ASP C 1036 -13.00 -27.58 -15.05
CA ASP C 1036 -14.42 -27.75 -14.75
C ASP C 1036 -14.63 -28.85 -13.67
N ILE C 1037 -15.60 -28.65 -12.78
CA ILE C 1037 -15.92 -29.62 -11.73
C ILE C 1037 -16.57 -30.88 -12.30
N GLU C 1038 -16.47 -31.98 -11.57
CA GLU C 1038 -16.93 -33.27 -12.06
C GLU C 1038 -18.43 -33.28 -12.31
N ALA C 1039 -19.17 -32.46 -11.56
CA ALA C 1039 -20.62 -32.48 -11.66
C ALA C 1039 -21.11 -32.04 -13.04
N PHE C 1040 -20.33 -31.17 -13.68
CA PHE C 1040 -20.71 -30.59 -14.96
C PHE C 1040 -20.35 -31.49 -16.11
N ARG C 1041 -19.71 -32.61 -15.80
CA ARG C 1041 -19.25 -33.54 -16.86
C ARG C 1041 -20.42 -33.90 -17.74
N TRP C 1042 -21.24 -34.82 -17.25
CA TRP C 1042 -22.47 -35.19 -17.92
C TRP C 1042 -23.66 -34.76 -17.07
N SER C 1043 -24.67 -34.13 -17.69
CA SER C 1043 -25.77 -33.51 -16.95
C SER C 1043 -26.88 -34.43 -16.42
N ARG C 1044 -26.92 -35.66 -16.91
CA ARG C 1044 -27.95 -36.63 -16.49
C ARG C 1044 -29.37 -36.09 -16.57
N TYR C 1045 -29.63 -35.29 -17.61
CA TYR C 1045 -30.93 -34.72 -17.87
C TYR C 1045 -31.42 -33.86 -16.71
N PHE C 1046 -30.47 -33.45 -15.87
CA PHE C 1046 -30.78 -32.63 -14.71
C PHE C 1046 -31.79 -33.30 -13.78
N LEU C 1047 -31.68 -34.61 -13.64
CA LEU C 1047 -32.53 -35.36 -12.71
C LEU C 1047 -31.68 -36.01 -11.63
N ASP C 1048 -32.27 -36.15 -10.44
CA ASP C 1048 -31.61 -36.78 -9.30
C ASP C 1048 -31.40 -38.23 -9.66
N GLU C 1049 -30.37 -38.86 -9.07
CA GLU C 1049 -30.11 -40.27 -9.34
C GLU C 1049 -31.36 -41.10 -9.12
N LEU C 1050 -31.99 -40.90 -7.98
CA LEU C 1050 -33.17 -41.66 -7.60
C LEU C 1050 -34.32 -41.44 -8.56
N GLN C 1051 -34.45 -40.20 -9.03
CA GLN C 1051 -35.45 -39.87 -10.04
C GLN C 1051 -35.19 -40.63 -11.33
N LEU C 1052 -33.92 -40.85 -11.66
CA LEU C 1052 -33.58 -41.63 -12.84
C LEU C 1052 -33.94 -43.10 -12.65
N ARG C 1053 -33.64 -43.61 -11.46
CA ARG C 1053 -33.87 -45.02 -11.18
C ARG C 1053 -35.36 -45.26 -11.38
N ARG C 1054 -36.18 -44.39 -10.80
CA ARG C 1054 -37.63 -44.54 -10.92
C ARG C 1054 -38.14 -44.32 -12.33
N LEU C 1055 -37.46 -43.42 -13.02
CA LEU C 1055 -37.84 -43.05 -14.37
C LEU C 1055 -37.71 -44.29 -15.24
N SER C 1056 -36.74 -45.15 -14.92
CA SER C 1056 -36.60 -46.40 -15.66
C SER C 1056 -37.82 -47.31 -15.55
N VAL C 1057 -38.27 -47.55 -14.32
CA VAL C 1057 -39.41 -48.40 -14.07
C VAL C 1057 -40.65 -47.80 -14.75
N GLY C 1058 -40.76 -46.49 -14.67
CA GLY C 1058 -41.91 -45.83 -15.27
C GLY C 1058 -41.90 -46.03 -16.77
N LEU C 1059 -40.71 -45.99 -17.36
CA LEU C 1059 -40.60 -46.18 -18.80
C LEU C 1059 -40.99 -47.59 -19.20
N ARG C 1060 -40.68 -48.56 -18.33
CA ARG C 1060 -41.13 -49.90 -18.62
C ARG C 1060 -42.64 -50.01 -18.53
N LEU C 1061 -43.24 -49.22 -17.65
CA LEU C 1061 -44.69 -49.28 -17.43
C LEU C 1061 -45.40 -48.67 -18.64
N ILE C 1062 -44.89 -47.53 -19.08
CA ILE C 1062 -45.50 -46.73 -20.12
C ILE C 1062 -45.57 -47.49 -21.44
N THR C 1063 -44.56 -48.31 -21.69
CA THR C 1063 -44.44 -49.01 -22.96
C THR C 1063 -44.92 -50.44 -22.86
N ASN C 1064 -45.54 -50.78 -21.73
CA ASN C 1064 -46.18 -52.09 -21.60
C ASN C 1064 -47.43 -52.16 -22.45
N PRO C 1065 -47.58 -53.25 -23.21
CA PRO C 1065 -48.68 -53.45 -24.14
C PRO C 1065 -50.06 -53.37 -23.47
N ARG C 1066 -50.16 -53.79 -22.21
CA ARG C 1066 -51.42 -53.73 -21.49
C ARG C 1066 -51.93 -52.32 -21.25
N ILE C 1067 -51.00 -51.39 -21.10
CA ILE C 1067 -51.36 -49.99 -20.90
C ILE C 1067 -51.71 -49.31 -22.25
N ALA C 1068 -51.31 -49.96 -23.34
CA ALA C 1068 -51.44 -49.39 -24.68
C ALA C 1068 -52.86 -49.58 -25.20
N ARG C 1069 -53.80 -48.90 -24.57
CA ARG C 1069 -55.22 -49.17 -24.80
C ARG C 1069 -55.88 -48.08 -25.61
N ARG C 1070 -55.11 -47.44 -26.47
CA ARG C 1070 -55.68 -46.45 -27.38
C ARG C 1070 -55.46 -46.91 -28.80
N PHE C 1071 -56.55 -47.30 -29.44
CA PHE C 1071 -56.49 -48.05 -30.71
C PHE C 1071 -56.74 -47.20 -31.94
N ASN C 1072 -56.08 -47.57 -33.04
CA ASN C 1072 -56.25 -46.87 -34.31
C ASN C 1072 -56.89 -47.75 -35.35
N GLY C 1073 -57.94 -47.23 -35.98
CA GLY C 1073 -58.52 -47.85 -37.15
C GLY C 1073 -59.72 -48.73 -36.90
N VAL C 1074 -60.72 -48.59 -37.76
CA VAL C 1074 -61.90 -49.43 -37.68
C VAL C 1074 -62.30 -49.93 -39.05
N ARG C 1075 -62.33 -51.25 -39.18
CA ARG C 1075 -62.96 -51.92 -40.31
C ARG C 1075 -64.47 -51.74 -40.27
N ILE C 1076 -65.07 -51.46 -41.41
CA ILE C 1076 -66.52 -51.36 -41.52
C ILE C 1076 -66.98 -52.37 -42.53
N MET C 1077 -67.75 -53.33 -42.06
CA MET C 1077 -68.14 -54.46 -42.87
C MET C 1077 -69.52 -54.93 -42.43
N TYR C 1078 -70.39 -55.18 -43.41
CA TYR C 1078 -71.77 -55.52 -43.09
C TYR C 1078 -71.88 -57.01 -42.89
N LEU C 1079 -71.95 -57.42 -41.64
CA LEU C 1079 -71.87 -58.83 -41.27
C LEU C 1079 -72.84 -59.12 -40.13
N THR C 1080 -73.22 -60.39 -40.00
CA THR C 1080 -74.05 -60.82 -38.89
C THR C 1080 -73.20 -60.85 -37.62
N ASP C 1081 -73.84 -60.69 -36.46
CA ASP C 1081 -73.10 -60.73 -35.19
C ASP C 1081 -72.93 -62.14 -34.66
N ASP C 1082 -72.06 -62.91 -35.29
CA ASP C 1082 -71.76 -64.28 -34.85
C ASP C 1082 -70.72 -64.42 -33.71
N ASP C 1083 -69.57 -63.74 -33.81
CA ASP C 1083 -68.45 -64.02 -32.89
C ASP C 1083 -68.51 -63.28 -31.55
N PRO C 1084 -68.48 -64.04 -30.44
CA PRO C 1084 -68.45 -63.54 -29.06
C PRO C 1084 -67.25 -62.65 -28.73
N ASP C 1085 -66.09 -62.93 -29.32
CA ASP C 1085 -64.87 -62.24 -28.94
C ASP C 1085 -64.86 -60.82 -29.45
N PRO C 1086 -64.62 -59.85 -28.55
CA PRO C 1086 -64.56 -58.41 -28.84
C PRO C 1086 -63.47 -58.11 -29.85
N ASP C 1087 -62.41 -58.90 -29.79
CA ASP C 1087 -61.20 -58.62 -30.56
C ASP C 1087 -61.31 -59.18 -31.97
N PHE C 1088 -62.51 -59.63 -32.33
CA PHE C 1088 -62.77 -60.17 -33.66
C PHE C 1088 -62.56 -59.11 -34.73
N VAL C 1089 -61.84 -59.49 -35.78
CA VAL C 1089 -61.66 -58.64 -36.94
C VAL C 1089 -61.99 -59.51 -38.12
N PRO C 1090 -63.10 -59.20 -38.82
CA PRO C 1090 -63.42 -60.05 -39.97
C PRO C 1090 -62.30 -60.02 -40.99
N ASP C 1091 -62.00 -61.18 -41.57
CA ASP C 1091 -61.02 -61.25 -42.65
C ASP C 1091 -61.69 -60.71 -43.89
N VAL C 1092 -60.93 -60.08 -44.77
CA VAL C 1092 -61.46 -59.77 -46.08
C VAL C 1092 -61.55 -61.06 -46.91
N PRO C 1093 -62.70 -61.27 -47.55
CA PRO C 1093 -62.99 -62.46 -48.35
C PRO C 1093 -62.09 -62.56 -49.58
N GLU C 1094 -61.93 -63.77 -50.09
CA GLU C 1094 -60.90 -64.09 -51.07
C GLU C 1094 -60.98 -63.27 -52.36
N GLY C 1095 -62.19 -62.91 -52.79
CA GLY C 1095 -62.35 -62.23 -54.06
C GLY C 1095 -62.13 -60.72 -54.07
N TYR C 1096 -61.95 -60.12 -52.90
CA TYR C 1096 -61.94 -58.67 -52.77
C TYR C 1096 -60.70 -57.99 -53.31
N VAL C 1097 -60.86 -56.73 -53.72
CA VAL C 1097 -59.78 -55.97 -54.34
C VAL C 1097 -59.48 -54.70 -53.56
N ALA C 1098 -58.23 -54.56 -53.13
CA ALA C 1098 -57.81 -53.37 -52.38
C ALA C 1098 -57.88 -52.10 -53.20
N VAL C 1099 -58.42 -51.04 -52.59
CA VAL C 1099 -58.54 -49.76 -53.27
C VAL C 1099 -58.36 -48.65 -52.25
N GLN C 1100 -57.29 -47.87 -52.40
CA GLN C 1100 -57.09 -46.71 -51.54
C GLN C 1100 -58.17 -45.69 -51.84
N TYR C 1101 -58.78 -45.12 -50.80
CA TYR C 1101 -59.75 -44.05 -51.03
C TYR C 1101 -59.00 -42.85 -51.55
N ALA C 1102 -59.65 -42.12 -52.44
CA ALA C 1102 -59.10 -40.90 -52.99
C ALA C 1102 -60.30 -40.13 -53.45
N HIS C 1103 -60.21 -38.81 -53.45
CA HIS C 1103 -61.34 -38.01 -53.86
C HIS C 1103 -61.69 -38.30 -55.31
N ARG C 1104 -60.67 -38.68 -56.08
CA ARG C 1104 -60.82 -38.82 -57.51
C ARG C 1104 -61.72 -40.00 -57.91
N LEU C 1105 -61.86 -40.96 -57.01
CA LEU C 1105 -62.63 -42.17 -57.30
C LEU C 1105 -64.12 -41.93 -57.37
N PHE C 1106 -64.58 -40.87 -56.71
CA PHE C 1106 -65.99 -40.52 -56.71
C PHE C 1106 -66.30 -39.24 -57.49
N SER C 1107 -67.40 -39.27 -58.24
CA SER C 1107 -67.77 -38.18 -59.13
C SER C 1107 -69.27 -38.05 -59.26
N SER C 1108 -69.74 -36.88 -59.68
CA SER C 1108 -71.11 -36.73 -60.14
C SER C 1108 -71.21 -37.41 -61.50
N SER C 1109 -72.33 -38.07 -61.79
CA SER C 1109 -72.56 -38.54 -63.16
C SER C 1109 -74.04 -38.79 -63.44
N LEU C 1110 -74.40 -38.66 -64.71
CA LEU C 1110 -75.75 -39.01 -65.15
C LEU C 1110 -75.92 -40.51 -65.11
N ALA C 1111 -77.09 -40.95 -64.66
CA ALA C 1111 -77.47 -42.35 -64.73
C ALA C 1111 -78.96 -42.45 -64.51
N ASN C 1112 -79.69 -42.75 -65.58
CA ASN C 1112 -81.14 -42.86 -65.52
C ASN C 1112 -81.79 -41.62 -64.93
N LYS C 1113 -81.53 -40.47 -65.54
CA LYS C 1113 -82.12 -39.21 -65.11
C LYS C 1113 -81.85 -38.87 -63.65
N ARG C 1114 -80.66 -39.19 -63.16
CA ARG C 1114 -80.24 -38.78 -61.84
C ARG C 1114 -78.76 -38.48 -61.84
N ASN C 1115 -78.33 -37.60 -60.93
CA ASN C 1115 -76.92 -37.25 -60.82
C ASN C 1115 -76.33 -38.02 -59.69
N ARG C 1116 -76.13 -39.30 -59.93
CA ARG C 1116 -75.65 -40.19 -58.91
C ARG C 1116 -74.15 -40.06 -58.67
N VAL C 1117 -73.75 -40.31 -57.42
CA VAL C 1117 -72.34 -40.33 -57.03
C VAL C 1117 -71.70 -41.58 -57.59
N THR C 1118 -71.32 -41.53 -58.86
CA THR C 1118 -70.62 -42.62 -59.50
C THR C 1118 -69.26 -42.90 -58.84
N TYR C 1119 -68.94 -44.19 -58.71
CA TYR C 1119 -67.60 -44.64 -58.29
C TYR C 1119 -66.92 -45.33 -59.46
N THR C 1120 -65.66 -44.98 -59.75
CA THR C 1120 -64.92 -45.68 -60.81
C THR C 1120 -63.88 -46.61 -60.23
N HIS C 1121 -64.01 -47.89 -60.53
CA HIS C 1121 -63.08 -48.90 -60.05
C HIS C 1121 -61.74 -48.63 -60.71
N PRO C 1122 -60.69 -48.44 -59.90
CA PRO C 1122 -59.36 -48.22 -60.48
C PRO C 1122 -58.83 -49.33 -61.40
N PRO C 1123 -59.13 -50.61 -61.12
CA PRO C 1123 -58.64 -51.58 -62.12
C PRO C 1123 -59.38 -51.55 -63.45
N THR C 1124 -60.64 -51.96 -63.44
CA THR C 1124 -61.42 -52.05 -64.67
C THR C 1124 -61.67 -50.70 -65.33
N GLY C 1125 -61.72 -49.64 -64.52
CA GLY C 1125 -62.01 -48.31 -65.02
C GLY C 1125 -63.52 -48.08 -65.11
N MET C 1126 -64.27 -49.13 -64.79
CA MET C 1126 -65.72 -49.11 -64.91
C MET C 1126 -66.37 -48.16 -63.91
N ALA C 1127 -67.39 -47.44 -64.35
CA ALA C 1127 -68.14 -46.52 -63.47
C ALA C 1127 -69.41 -47.16 -62.92
N TYR C 1128 -69.67 -46.91 -61.64
CA TYR C 1128 -70.76 -47.56 -60.92
C TYR C 1128 -71.63 -46.56 -60.16
N PRO C 1129 -72.61 -45.95 -60.86
CA PRO C 1129 -73.48 -44.93 -60.23
C PRO C 1129 -74.27 -45.39 -59.00
N SER C 1130 -74.75 -46.62 -59.00
CA SER C 1130 -75.47 -47.16 -57.85
C SER C 1130 -74.49 -47.81 -56.88
N PRO C 1131 -74.71 -47.61 -55.56
CA PRO C 1131 -73.99 -48.33 -54.51
C PRO C 1131 -74.17 -49.84 -54.60
N THR C 1132 -75.32 -50.28 -55.09
CA THR C 1132 -75.56 -51.68 -55.43
C THR C 1132 -74.88 -52.11 -56.72
N GLY C 1133 -74.41 -53.35 -56.77
CA GLY C 1133 -73.81 -53.88 -57.99
C GLY C 1133 -72.35 -53.53 -58.20
N ARG C 1134 -71.74 -52.91 -57.20
CA ARG C 1134 -70.33 -52.59 -57.23
C ARG C 1134 -69.46 -53.82 -56.96
N PRO C 1135 -68.27 -53.87 -57.56
CA PRO C 1135 -67.31 -54.97 -57.35
C PRO C 1135 -66.87 -55.01 -55.89
N HIS C 1136 -66.58 -56.21 -55.38
CA HIS C 1136 -66.13 -56.36 -54.00
C HIS C 1136 -64.86 -55.57 -53.78
N VAL C 1137 -64.96 -54.50 -52.98
CA VAL C 1137 -63.83 -53.62 -52.74
C VAL C 1137 -63.42 -53.68 -51.28
N HIS C 1138 -62.11 -53.71 -51.06
CA HIS C 1138 -61.53 -53.53 -49.74
C HIS C 1138 -60.92 -52.12 -49.77
N MET C 1139 -61.74 -51.13 -49.45
CA MET C 1139 -61.31 -49.74 -49.52
C MET C 1139 -60.60 -49.27 -48.26
N THR C 1140 -59.50 -48.57 -48.43
CA THR C 1140 -58.81 -47.98 -47.30
C THR C 1140 -58.89 -46.45 -47.30
N ILE C 1141 -59.33 -45.90 -46.18
CA ILE C 1141 -59.48 -44.47 -46.02
C ILE C 1141 -58.48 -43.96 -45.00
N ASN C 1142 -57.32 -43.53 -45.45
CA ASN C 1142 -56.29 -43.05 -44.55
C ASN C 1142 -56.69 -41.75 -43.87
N GLU C 1143 -57.51 -40.96 -44.55
CA GLU C 1143 -57.89 -39.64 -44.04
C GLU C 1143 -59.23 -39.21 -44.60
N ARG C 1144 -60.20 -39.03 -43.72
CA ARG C 1144 -61.56 -38.66 -44.11
C ARG C 1144 -61.76 -37.19 -44.40
N ALA C 1145 -60.72 -36.38 -44.18
CA ALA C 1145 -60.92 -34.95 -43.91
C ALA C 1145 -61.64 -34.14 -44.99
N GLY C 1146 -61.41 -34.47 -46.26
CA GLY C 1146 -62.07 -33.73 -47.32
C GLY C 1146 -63.41 -34.29 -47.77
N MET C 1147 -63.73 -35.49 -47.30
CA MET C 1147 -64.83 -36.32 -47.84
C MET C 1147 -66.20 -35.68 -47.68
N SER C 1148 -66.98 -35.69 -48.75
CA SER C 1148 -68.32 -35.12 -48.72
C SER C 1148 -69.28 -36.06 -48.02
N LYS C 1149 -70.37 -35.52 -47.49
CA LYS C 1149 -71.38 -36.34 -46.86
C LYS C 1149 -71.94 -37.31 -47.88
N LEU C 1150 -72.04 -36.87 -49.13
CA LEU C 1150 -72.58 -37.69 -50.20
C LEU C 1150 -71.71 -38.91 -50.45
N VAL C 1151 -70.41 -38.68 -50.51
CA VAL C 1151 -69.48 -39.78 -50.76
C VAL C 1151 -69.43 -40.73 -49.59
N ALA C 1152 -69.40 -40.21 -48.37
CA ALA C 1152 -69.36 -41.08 -47.20
C ALA C 1152 -70.60 -41.95 -47.13
N ASP C 1153 -71.74 -41.34 -47.42
CA ASP C 1153 -73.00 -42.07 -47.39
C ASP C 1153 -73.01 -43.13 -48.47
N ASN C 1154 -72.39 -42.81 -49.60
CA ASN C 1154 -72.31 -43.75 -50.72
C ASN C 1154 -71.38 -44.93 -50.46
N ILE C 1155 -70.31 -44.65 -49.72
CA ILE C 1155 -69.35 -45.67 -49.30
C ILE C 1155 -70.01 -46.63 -48.32
N ILE C 1156 -70.76 -46.08 -47.36
CA ILE C 1156 -71.48 -46.91 -46.40
C ILE C 1156 -72.54 -47.74 -47.11
N ALA C 1157 -73.23 -47.11 -48.04
CA ALA C 1157 -74.24 -47.82 -48.81
C ALA C 1157 -73.59 -48.93 -49.62
N SER C 1158 -72.33 -48.77 -50.01
CA SER C 1158 -71.64 -49.82 -50.74
C SER C 1158 -71.20 -50.93 -49.81
N VAL C 1159 -70.90 -50.55 -48.58
CA VAL C 1159 -70.52 -51.51 -47.57
C VAL C 1159 -71.70 -52.43 -47.33
N ILE C 1160 -72.89 -51.85 -47.37
CA ILE C 1160 -74.09 -52.60 -47.05
C ILE C 1160 -74.63 -53.36 -48.25
N LYS C 1161 -74.69 -52.68 -49.39
CA LYS C 1161 -75.31 -53.26 -50.58
C LYS C 1161 -74.35 -54.02 -51.49
N SER C 1162 -73.16 -53.49 -51.68
CA SER C 1162 -72.16 -54.16 -52.52
C SER C 1162 -71.16 -54.95 -51.68
N ASN C 1163 -71.38 -54.98 -50.38
CA ASN C 1163 -70.56 -55.75 -49.45
C ASN C 1163 -69.10 -55.31 -49.45
N TRP C 1164 -68.89 -54.01 -49.40
CA TRP C 1164 -67.56 -53.46 -49.27
C TRP C 1164 -67.01 -53.65 -47.86
N VAL C 1165 -65.69 -53.71 -47.77
CA VAL C 1165 -64.99 -53.66 -46.50
C VAL C 1165 -64.25 -52.34 -46.50
N VAL C 1166 -64.53 -51.48 -45.53
CA VAL C 1166 -63.86 -50.19 -45.52
C VAL C 1166 -63.05 -49.96 -44.25
N ASP C 1167 -61.74 -50.04 -44.38
CA ASP C 1167 -60.84 -49.80 -43.26
C ASP C 1167 -60.56 -48.30 -43.14
N ILE C 1168 -61.08 -47.69 -42.08
CA ILE C 1168 -60.81 -46.29 -41.79
C ILE C 1168 -59.68 -46.18 -40.78
N LEU C 1169 -58.56 -45.64 -41.23
CA LEU C 1169 -57.34 -45.64 -40.41
C LEU C 1169 -57.17 -44.37 -39.59
N ASP C 1170 -57.85 -43.31 -40.00
CA ASP C 1170 -57.77 -42.01 -39.33
C ASP C 1170 -58.31 -42.07 -37.89
N ILE C 1171 -59.24 -42.97 -37.65
CA ILE C 1171 -59.90 -43.08 -36.35
C ILE C 1171 -58.97 -43.53 -35.21
N GLU C 1172 -59.09 -42.84 -34.07
CA GLU C 1172 -58.47 -43.26 -32.83
C GLU C 1172 -59.61 -43.46 -31.85
N TYR C 1173 -59.50 -44.49 -31.03
CA TYR C 1173 -60.55 -44.77 -30.08
C TYR C 1173 -60.07 -45.50 -28.84
N THR C 1174 -60.72 -45.20 -27.73
CA THR C 1174 -60.74 -46.05 -26.55
C THR C 1174 -61.77 -47.13 -26.82
N ALA C 1175 -61.69 -48.26 -26.13
CA ALA C 1175 -62.62 -49.35 -26.40
C ALA C 1175 -63.04 -50.13 -25.16
N GLU C 1176 -64.15 -49.72 -24.55
CA GLU C 1176 -64.75 -50.45 -23.45
C GLU C 1176 -65.24 -51.80 -23.95
N VAL C 1177 -64.98 -52.85 -23.18
CA VAL C 1177 -65.49 -54.18 -23.53
C VAL C 1177 -66.66 -54.53 -22.63
N MET C 1178 -67.85 -54.39 -23.18
CA MET C 1178 -69.10 -54.65 -22.48
C MET C 1178 -69.34 -56.14 -22.29
N THR C 1179 -70.15 -56.48 -21.30
CA THR C 1179 -70.56 -57.86 -21.09
C THR C 1179 -72.05 -57.88 -21.37
N PRO C 1180 -72.59 -59.04 -21.80
CA PRO C 1180 -73.90 -59.03 -22.46
C PRO C 1180 -75.03 -58.42 -21.64
N SER C 1181 -75.01 -58.58 -20.33
CA SER C 1181 -76.07 -58.03 -19.49
C SER C 1181 -76.08 -56.50 -19.47
N GLU C 1182 -74.92 -55.86 -19.64
CA GLU C 1182 -74.87 -54.40 -19.62
C GLU C 1182 -75.15 -53.73 -20.97
N GLY C 1183 -75.21 -54.53 -22.04
CA GLY C 1183 -75.64 -54.01 -23.34
C GLY C 1183 -74.66 -53.02 -23.94
N TYR C 1184 -75.11 -52.20 -24.86
CA TYR C 1184 -74.30 -51.12 -25.41
C TYR C 1184 -74.88 -49.77 -24.99
N THR C 1185 -74.31 -49.15 -23.97
CA THR C 1185 -74.83 -47.88 -23.50
C THR C 1185 -74.63 -46.73 -24.50
N GLN C 1186 -73.57 -46.81 -25.30
CA GLN C 1186 -73.23 -45.72 -26.21
C GLN C 1186 -73.35 -46.15 -27.67
N HIS C 1187 -73.80 -45.24 -28.51
CA HIS C 1187 -74.04 -45.60 -29.89
C HIS C 1187 -73.37 -44.69 -30.90
N VAL C 1188 -72.93 -45.30 -32.00
CA VAL C 1188 -72.24 -44.55 -33.04
C VAL C 1188 -72.85 -44.85 -34.40
N ASP C 1189 -73.60 -43.89 -34.93
CA ASP C 1189 -74.17 -43.99 -36.26
C ASP C 1189 -73.04 -43.91 -37.27
N ALA C 1190 -73.23 -44.48 -38.45
CA ALA C 1190 -72.18 -44.51 -39.46
C ALA C 1190 -71.72 -43.11 -39.85
N GLU C 1191 -72.65 -42.18 -39.86
CA GLU C 1191 -72.35 -40.81 -40.24
C GLU C 1191 -71.25 -40.25 -39.33
N SER C 1192 -71.44 -40.40 -38.02
CA SER C 1192 -70.49 -39.83 -37.08
C SER C 1192 -69.11 -40.47 -37.17
N ILE C 1193 -69.04 -41.76 -37.49
CA ILE C 1193 -67.74 -42.40 -37.67
C ILE C 1193 -67.08 -41.85 -38.92
N MET C 1194 -67.89 -41.46 -39.90
CA MET C 1194 -67.34 -40.99 -41.18
C MET C 1194 -67.04 -39.50 -41.20
N THR C 1195 -67.43 -38.78 -40.15
CA THR C 1195 -67.34 -37.32 -40.20
C THR C 1195 -66.77 -36.70 -38.94
N ALA C 1196 -66.41 -37.51 -37.98
CA ALA C 1196 -65.89 -36.99 -36.72
C ALA C 1196 -64.55 -36.33 -36.99
N PRO C 1197 -64.24 -35.27 -36.23
CA PRO C 1197 -62.99 -34.56 -36.49
C PRO C 1197 -61.82 -35.47 -36.28
N LYS C 1198 -60.78 -35.29 -37.09
CA LYS C 1198 -59.54 -36.02 -36.92
C LYS C 1198 -58.95 -35.59 -35.58
N GLY C 1199 -58.33 -36.53 -34.87
CA GLY C 1199 -57.66 -36.21 -33.62
C GLY C 1199 -58.56 -36.22 -32.41
N LYS C 1200 -59.86 -36.38 -32.62
CA LYS C 1200 -60.77 -36.63 -31.50
C LYS C 1200 -60.77 -38.11 -31.18
N LEU C 1201 -61.00 -38.43 -29.92
CA LEU C 1201 -60.93 -39.81 -29.44
C LEU C 1201 -62.32 -40.41 -29.32
N PHE C 1202 -62.63 -41.35 -30.22
CA PHE C 1202 -63.88 -42.09 -30.16
C PHE C 1202 -63.91 -43.03 -28.98
N HIS C 1203 -65.10 -43.29 -28.45
CA HIS C 1203 -65.19 -44.30 -27.40
C HIS C 1203 -66.12 -45.44 -27.79
N LEU C 1204 -65.58 -46.42 -28.51
CA LEU C 1204 -66.36 -47.57 -28.95
C LEU C 1204 -66.59 -48.59 -27.85
N GLN C 1205 -67.67 -49.35 -27.96
CA GLN C 1205 -67.92 -50.45 -27.04
C GLN C 1205 -68.00 -51.76 -27.81
N PHE C 1206 -67.49 -52.83 -27.20
CA PHE C 1206 -67.51 -54.14 -27.83
C PHE C 1206 -67.95 -55.22 -26.86
N MET C 1207 -69.03 -55.91 -27.25
CA MET C 1207 -69.56 -57.01 -26.47
C MET C 1207 -68.58 -58.19 -26.42
N ASP C 1208 -68.42 -58.75 -25.22
CA ASP C 1208 -67.86 -60.07 -25.02
C ASP C 1208 -69.06 -60.95 -24.71
N GLY C 1209 -69.62 -61.56 -25.75
CA GLY C 1209 -70.85 -62.29 -25.64
C GLY C 1209 -70.66 -63.75 -25.29
N LEU C 1210 -69.45 -64.09 -24.88
CA LEU C 1210 -69.16 -65.46 -24.47
C LEU C 1210 -69.98 -65.88 -23.24
N LEU C 1211 -70.32 -64.93 -22.39
CA LEU C 1211 -71.16 -65.22 -21.22
C LEU C 1211 -72.68 -65.12 -21.45
N ARG C 1212 -73.09 -65.17 -22.71
CA ARG C 1212 -74.51 -65.32 -23.03
C ARG C 1212 -74.89 -66.79 -22.88
N PRO C 1213 -75.88 -67.08 -22.02
CA PRO C 1213 -76.39 -68.43 -21.81
C PRO C 1213 -77.22 -68.91 -23.00
N GLU C 1214 -77.38 -70.21 -23.14
CA GLU C 1214 -78.17 -70.76 -24.25
C GLU C 1214 -79.64 -70.35 -24.19
N PRO C 1215 -80.29 -70.23 -25.37
CA PRO C 1215 -81.73 -69.94 -25.45
C PRO C 1215 -82.55 -71.15 -25.02
N SER C 1216 -83.77 -70.93 -24.56
CA SER C 1216 -84.70 -72.03 -24.30
C SER C 1216 -85.04 -72.74 -25.60
N ALA C 1217 -85.32 -74.04 -25.51
CA ALA C 1217 -85.70 -74.81 -26.70
C ALA C 1217 -87.00 -74.28 -27.29
N PHE C 1218 -87.80 -73.62 -26.46
CA PHE C 1218 -89.12 -73.18 -26.84
C PHE C 1218 -89.22 -71.68 -27.07
N ASP C 1219 -88.08 -70.99 -27.08
CA ASP C 1219 -88.08 -69.58 -27.44
C ASP C 1219 -88.45 -69.49 -28.92
N PRO C 1220 -89.27 -68.49 -29.28
CA PRO C 1220 -89.74 -68.38 -30.67
C PRO C 1220 -88.56 -68.14 -31.59
N PRO C 1221 -88.62 -68.68 -32.81
CA PRO C 1221 -87.53 -68.49 -33.77
C PRO C 1221 -87.37 -67.03 -34.13
N ALA C 1222 -86.13 -66.60 -34.36
CA ALA C 1222 -85.87 -65.27 -34.88
C ALA C 1222 -85.87 -65.32 -36.41
N SER C 1223 -86.90 -64.75 -37.02
CA SER C 1223 -86.97 -64.65 -38.47
C SER C 1223 -85.96 -63.64 -39.01
N GLY C 1224 -85.57 -62.70 -38.17
CA GLY C 1224 -84.70 -61.61 -38.58
C GLY C 1224 -83.23 -61.95 -38.43
N GLU C 1225 -82.38 -60.92 -38.49
CA GLU C 1225 -80.94 -61.14 -38.39
C GLU C 1225 -80.31 -59.93 -37.72
N ASP C 1226 -79.68 -60.15 -36.56
CA ASP C 1226 -78.88 -59.09 -35.95
C ASP C 1226 -77.63 -58.85 -36.80
N MET C 1227 -77.28 -57.58 -37.01
CA MET C 1227 -76.17 -57.21 -37.87
C MET C 1227 -75.15 -56.35 -37.14
N ARG C 1228 -73.95 -56.23 -37.70
CA ARG C 1228 -72.88 -55.43 -37.09
C ARG C 1228 -72.02 -54.76 -38.16
N LEU C 1229 -71.65 -53.50 -37.93
CA LEU C 1229 -70.80 -52.79 -38.88
C LEU C 1229 -69.36 -52.58 -38.38
N ILE C 1230 -69.20 -52.11 -37.15
CA ILE C 1230 -67.90 -51.65 -36.69
C ILE C 1230 -67.05 -52.76 -36.11
N TYR C 1231 -65.81 -52.85 -36.55
CA TYR C 1231 -64.84 -53.79 -35.98
C TYR C 1231 -63.48 -53.14 -35.81
N PRO C 1232 -62.73 -53.56 -34.81
CA PRO C 1232 -61.32 -53.19 -34.60
C PRO C 1232 -60.38 -53.75 -35.66
N LEU C 1233 -59.26 -53.07 -35.92
CA LEU C 1233 -58.21 -53.60 -36.79
C LEU C 1233 -57.12 -54.36 -36.03
N GLN C 1234 -57.12 -54.21 -34.72
CA GLN C 1234 -56.07 -54.73 -33.85
C GLN C 1234 -56.70 -55.36 -32.63
N PRO C 1235 -55.95 -56.23 -31.92
CA PRO C 1235 -56.51 -56.78 -30.70
C PRO C 1235 -56.87 -55.68 -29.69
N ILE C 1236 -57.99 -55.87 -29.02
CA ILE C 1236 -58.58 -54.85 -28.15
C ILE C 1236 -58.46 -55.28 -26.69
N SER C 1237 -58.36 -56.58 -26.46
CA SER C 1237 -58.36 -57.11 -25.11
C SER C 1237 -56.94 -57.19 -24.57
N VAL C 1238 -56.17 -56.14 -24.80
CA VAL C 1238 -54.78 -56.10 -24.37
C VAL C 1238 -54.63 -56.09 -22.86
N ALA C 1239 -55.63 -55.52 -22.17
CA ALA C 1239 -55.59 -55.43 -20.70
C ALA C 1239 -56.14 -56.68 -20.00
N ARG C 1240 -56.67 -57.61 -20.78
CA ARG C 1240 -57.45 -58.72 -20.27
C ARG C 1240 -56.61 -59.83 -19.69
N SER C 1241 -56.68 -59.98 -18.37
CA SER C 1241 -56.00 -61.07 -17.66
C SER C 1241 -56.81 -62.37 -17.65
N MET C 1242 -58.11 -62.27 -17.39
CA MET C 1242 -58.95 -63.47 -17.33
C MET C 1242 -60.28 -63.31 -18.06
N ARG C 1243 -60.90 -64.43 -18.42
CA ARG C 1243 -62.16 -64.38 -19.15
C ARG C 1243 -63.04 -65.58 -18.84
N ALA C 1244 -64.34 -65.33 -18.77
CA ALA C 1244 -65.34 -66.38 -18.58
C ALA C 1244 -65.08 -67.25 -17.36
N ILE C 1245 -65.10 -66.65 -16.18
CA ILE C 1245 -64.94 -67.43 -14.96
C ILE C 1245 -66.27 -68.11 -14.61
N VAL C 1246 -66.55 -69.18 -15.34
CA VAL C 1246 -67.76 -70.00 -15.18
C VAL C 1246 -67.39 -71.36 -15.72
N ASN C 1247 -68.14 -72.39 -15.35
CA ASN C 1247 -67.94 -73.69 -15.99
C ASN C 1247 -68.83 -73.87 -17.21
N HIS C 1248 -68.24 -74.35 -18.30
CA HIS C 1248 -69.04 -74.98 -19.32
C HIS C 1248 -69.27 -76.39 -18.77
N ASN C 1249 -70.49 -76.91 -18.90
CA ASN C 1249 -70.90 -78.08 -18.14
C ASN C 1249 -70.63 -77.86 -16.67
N GLU C 1250 -69.76 -78.68 -16.12
CA GLU C 1250 -69.26 -78.47 -14.77
C GLU C 1250 -67.74 -78.53 -14.81
N VAL C 1251 -67.22 -79.20 -15.83
CA VAL C 1251 -65.80 -79.49 -15.90
C VAL C 1251 -65.09 -78.94 -17.16
N ASP C 1252 -65.82 -78.84 -18.27
CA ASP C 1252 -65.25 -78.30 -19.50
C ASP C 1252 -65.01 -76.78 -19.42
N ARG C 1253 -63.98 -76.28 -20.10
CA ARG C 1253 -63.78 -74.83 -20.23
C ARG C 1253 -64.59 -74.22 -21.36
N PRO C 1254 -65.20 -73.05 -21.10
CA PRO C 1254 -65.91 -72.37 -22.19
C PRO C 1254 -64.91 -71.98 -23.25
N ARG C 1255 -65.30 -72.06 -24.52
CA ARG C 1255 -64.39 -71.66 -25.58
C ARG C 1255 -64.10 -70.17 -25.48
N GLY C 1256 -62.83 -69.80 -25.57
CA GLY C 1256 -62.45 -68.41 -25.40
C GLY C 1256 -62.20 -67.98 -23.97
N ALA C 1257 -62.34 -68.92 -23.01
CA ALA C 1257 -61.98 -68.66 -21.62
C ALA C 1257 -60.47 -68.42 -21.47
N VAL C 1258 -60.10 -67.50 -20.59
CA VAL C 1258 -58.71 -67.08 -20.48
C VAL C 1258 -58.18 -67.22 -19.05
N ALA C 1259 -57.20 -68.10 -18.87
CA ALA C 1259 -56.52 -68.25 -17.59
C ALA C 1259 -55.54 -67.12 -17.37
N PRO C 1260 -55.29 -66.76 -16.11
CA PRO C 1260 -54.25 -65.76 -15.84
C PRO C 1260 -52.88 -66.26 -16.27
N SER C 1261 -52.03 -65.38 -16.77
CA SER C 1261 -50.68 -65.75 -17.20
C SER C 1261 -49.89 -66.20 -15.98
N SER C 1262 -48.98 -67.16 -16.18
CA SER C 1262 -48.22 -67.71 -15.06
C SER C 1262 -47.41 -66.63 -14.39
N TYR C 1263 -47.01 -65.64 -15.18
CA TYR C 1263 -46.13 -64.59 -14.72
C TYR C 1263 -46.79 -63.74 -13.66
N GLU C 1264 -48.12 -63.73 -13.65
CA GLU C 1264 -48.85 -62.91 -12.67
C GLU C 1264 -48.67 -63.50 -11.28
N MET C 1265 -48.23 -64.76 -11.25
CA MET C 1265 -48.13 -65.49 -9.99
C MET C 1265 -46.70 -65.87 -9.59
N ASP C 1266 -45.71 -65.52 -10.42
CA ASP C 1266 -44.35 -66.07 -10.28
C ASP C 1266 -43.59 -65.66 -9.02
N THR C 1267 -43.88 -64.46 -8.49
CA THR C 1267 -43.17 -63.90 -7.30
C THR C 1267 -41.82 -64.52 -6.94
N GLY C 1268 -40.81 -64.25 -7.74
CA GLY C 1268 -39.60 -65.02 -7.63
C GLY C 1268 -38.77 -64.58 -6.46
N THR C 1269 -37.90 -63.62 -6.72
CA THR C 1269 -36.83 -63.31 -5.78
C THR C 1269 -36.36 -61.91 -6.04
N LEU C 1270 -35.51 -61.43 -5.14
CA LEU C 1270 -34.72 -60.26 -5.41
C LEU C 1270 -33.40 -60.70 -6.05
N SER C 1271 -32.88 -59.89 -6.96
CA SER C 1271 -31.58 -60.17 -7.58
C SER C 1271 -30.49 -59.89 -6.57
N ARG C 1272 -29.25 -60.24 -6.94
CA ARG C 1272 -28.10 -60.08 -6.07
C ARG C 1272 -27.98 -58.61 -5.68
N ASN C 1273 -28.47 -57.74 -6.55
CA ASN C 1273 -28.42 -56.30 -6.35
C ASN C 1273 -29.78 -55.70 -5.95
N GLY C 1274 -30.81 -56.55 -5.88
CA GLY C 1274 -32.12 -56.11 -5.41
C GLY C 1274 -33.23 -55.90 -6.42
N ASP C 1275 -32.93 -56.07 -7.70
CA ASP C 1275 -33.96 -56.05 -8.73
C ASP C 1275 -34.85 -57.28 -8.65
N LEU C 1276 -36.14 -57.13 -8.98
CA LEU C 1276 -37.05 -58.25 -9.03
C LEU C 1276 -36.70 -59.26 -10.11
N LEU C 1277 -36.89 -60.55 -9.82
CA LEU C 1277 -36.62 -61.60 -10.79
C LEU C 1277 -37.70 -62.64 -10.76
N TYR C 1278 -38.03 -63.14 -11.94
CA TYR C 1278 -38.85 -64.31 -12.07
C TYR C 1278 -38.06 -65.52 -11.58
N SER C 1279 -38.77 -66.57 -11.20
CA SER C 1279 -38.12 -67.81 -10.79
C SER C 1279 -37.38 -68.38 -11.98
N PRO C 1280 -36.29 -69.12 -11.73
CA PRO C 1280 -35.59 -69.74 -12.85
C PRO C 1280 -36.53 -70.70 -13.54
N VAL C 1281 -36.48 -70.80 -14.86
CA VAL C 1281 -37.36 -71.73 -15.58
C VAL C 1281 -36.85 -73.16 -15.44
N ALA C 1282 -35.84 -73.51 -16.23
CA ALA C 1282 -35.11 -74.75 -16.02
C ALA C 1282 -34.25 -74.54 -14.78
N ASN C 1283 -33.87 -75.64 -14.13
CA ASN C 1283 -33.10 -75.55 -12.90
C ASN C 1283 -31.72 -74.91 -13.06
N GLY C 1284 -31.11 -75.08 -14.23
CA GLY C 1284 -29.78 -74.53 -14.48
C GLY C 1284 -29.70 -73.03 -14.76
N GLN C 1285 -30.71 -72.48 -15.41
CA GLN C 1285 -30.70 -71.06 -15.80
C GLN C 1285 -31.03 -70.07 -14.68
N VAL C 1286 -30.49 -68.86 -14.78
CA VAL C 1286 -30.79 -67.78 -13.84
C VAL C 1286 -32.16 -67.13 -14.10
N GLY C 1287 -32.80 -66.65 -13.04
CA GLY C 1287 -34.09 -65.97 -13.16
C GLY C 1287 -34.07 -64.62 -13.85
N ILE C 1288 -34.89 -64.48 -14.89
CA ILE C 1288 -35.01 -63.25 -15.67
C ILE C 1288 -35.56 -62.08 -14.86
N PRO C 1289 -34.95 -60.90 -14.98
CA PRO C 1289 -35.49 -59.73 -14.27
C PRO C 1289 -36.89 -59.39 -14.76
N LYS C 1290 -37.77 -58.99 -13.85
CA LYS C 1290 -39.16 -58.78 -14.23
C LYS C 1290 -39.30 -57.57 -15.13
N LEU C 1291 -38.48 -56.57 -14.86
CA LEU C 1291 -38.48 -55.34 -15.63
C LEU C 1291 -37.97 -55.59 -17.05
N GLU C 1292 -37.15 -56.61 -17.21
CA GLU C 1292 -36.53 -56.94 -18.50
C GLU C 1292 -37.55 -57.37 -19.59
N VAL C 1293 -38.66 -57.97 -19.17
CA VAL C 1293 -39.66 -58.47 -20.13
C VAL C 1293 -41.01 -57.76 -19.98
N ASP C 1294 -41.91 -57.99 -20.93
CA ASP C 1294 -43.18 -57.23 -20.99
C ASP C 1294 -44.38 -57.86 -20.27
N HIS C 1295 -44.14 -58.91 -19.48
CA HIS C 1295 -45.20 -59.51 -18.67
C HIS C 1295 -45.50 -58.67 -17.43
N ILE C 1296 -46.73 -58.77 -16.92
CA ILE C 1296 -47.07 -58.18 -15.62
C ILE C 1296 -47.06 -59.23 -14.53
N SER C 1297 -46.34 -58.95 -13.45
CA SER C 1297 -46.25 -59.87 -12.32
C SER C 1297 -46.88 -59.26 -11.07
N PHE C 1298 -47.97 -59.85 -10.62
CA PHE C 1298 -48.71 -59.25 -9.53
C PHE C 1298 -48.35 -59.79 -8.16
N SER C 1299 -47.27 -60.56 -8.11
CA SER C 1299 -46.71 -60.91 -6.82
C SER C 1299 -45.22 -60.66 -6.83
N ASN C 1300 -44.76 -59.89 -5.84
CA ASN C 1300 -43.37 -59.47 -5.78
C ASN C 1300 -42.89 -59.36 -4.35
N VAL C 1301 -41.58 -59.51 -4.15
CA VAL C 1301 -40.98 -59.24 -2.85
C VAL C 1301 -40.66 -57.76 -2.69
N VAL C 1302 -41.12 -57.19 -1.59
CA VAL C 1302 -40.98 -55.78 -1.32
C VAL C 1302 -40.27 -55.60 0.01
N SER C 1303 -39.09 -55.02 -0.04
CA SER C 1303 -38.35 -54.70 1.16
C SER C 1303 -39.03 -53.57 1.91
N MET C 1304 -39.03 -53.66 3.23
CA MET C 1304 -39.75 -52.70 4.07
C MET C 1304 -39.27 -52.70 5.50
N MET C 1305 -39.34 -51.52 6.12
CA MET C 1305 -38.98 -51.37 7.53
C MET C 1305 -40.05 -51.98 8.42
N THR C 1306 -39.63 -52.59 9.52
CA THR C 1306 -40.55 -53.31 10.40
C THR C 1306 -41.46 -52.36 11.16
N ALA C 1307 -41.02 -51.13 11.35
CA ALA C 1307 -41.80 -50.15 12.08
C ALA C 1307 -41.37 -48.76 11.68
N ASN C 1308 -42.15 -47.76 12.09
CA ASN C 1308 -41.96 -46.41 11.59
C ASN C 1308 -40.57 -45.88 11.94
N ILE C 1309 -39.90 -45.33 10.94
CA ILE C 1309 -38.54 -44.79 11.10
C ILE C 1309 -38.53 -43.50 11.93
N ARG C 1310 -39.65 -42.79 11.91
CA ARG C 1310 -39.77 -41.54 12.65
C ARG C 1310 -40.11 -41.80 14.12
N THR C 1311 -39.08 -42.11 14.90
CA THR C 1311 -39.24 -42.50 16.29
C THR C 1311 -39.42 -41.30 17.20
N GLY C 1312 -39.18 -40.10 16.66
CA GLY C 1312 -39.35 -38.88 17.43
C GLY C 1312 -38.13 -38.50 18.25
N ASP C 1313 -37.06 -39.27 18.15
CA ASP C 1313 -35.82 -38.90 18.81
C ASP C 1313 -34.95 -38.02 17.91
N ASP C 1314 -35.46 -36.84 17.57
CA ASP C 1314 -34.74 -35.94 16.68
C ASP C 1314 -33.45 -35.39 17.28
N MET C 1315 -32.42 -35.29 16.43
CA MET C 1315 -31.09 -34.83 16.83
C MET C 1315 -31.10 -33.39 17.34
N ALA C 1316 -30.35 -33.14 18.40
CA ALA C 1316 -30.30 -31.82 18.99
C ALA C 1316 -28.87 -31.53 19.40
N VAL C 1317 -28.45 -30.28 19.26
CA VAL C 1317 -27.05 -29.95 19.48
C VAL C 1317 -26.85 -28.78 20.41
N GLU C 1318 -25.73 -28.84 21.11
CA GLU C 1318 -25.26 -27.75 21.94
C GLU C 1318 -24.36 -26.90 21.06
N ARG C 1319 -24.91 -25.86 20.44
CA ARG C 1319 -24.09 -24.83 19.83
C ARG C 1319 -23.47 -23.98 20.92
N VAL C 1320 -22.22 -23.60 20.73
CA VAL C 1320 -21.55 -22.74 21.69
C VAL C 1320 -20.70 -21.71 20.95
N ASN C 1321 -21.13 -20.46 21.10
CA ASN C 1321 -20.64 -19.32 20.35
C ASN C 1321 -19.25 -18.89 20.76
N PRO C 1322 -18.54 -18.20 19.85
CA PRO C 1322 -17.21 -17.68 20.15
C PRO C 1322 -17.28 -16.69 21.32
N ASP C 1323 -16.27 -16.71 22.18
CA ASP C 1323 -16.26 -15.84 23.36
C ASP C 1323 -16.06 -14.36 22.98
N ASP C 1324 -15.25 -14.12 21.97
CA ASP C 1324 -14.89 -12.75 21.56
C ASP C 1324 -14.83 -12.64 20.05
N VAL C 1325 -15.61 -11.72 19.48
CA VAL C 1325 -15.71 -11.61 18.03
C VAL C 1325 -14.40 -11.18 17.39
N ARG C 1326 -13.65 -10.34 18.09
CA ARG C 1326 -12.40 -9.83 17.57
C ARG C 1326 -11.31 -10.88 17.53
N ALA C 1327 -11.43 -11.89 18.38
CA ALA C 1327 -10.41 -12.92 18.49
C ALA C 1327 -10.54 -13.98 17.40
N ILE C 1328 -11.68 -14.00 16.71
CA ILE C 1328 -11.98 -15.06 15.73
C ILE C 1328 -10.96 -15.07 14.60
N ASN C 1329 -10.54 -16.26 14.18
CA ASN C 1329 -9.57 -16.36 13.10
C ASN C 1329 -10.19 -16.67 11.74
N ILE C 1330 -10.49 -15.61 10.98
CA ILE C 1330 -11.05 -15.73 9.64
C ILE C 1330 -10.04 -16.41 8.71
N ARG C 1331 -8.77 -16.17 9.00
CA ARG C 1331 -7.67 -16.44 8.09
C ARG C 1331 -7.55 -17.92 7.78
N ASN C 1332 -6.69 -18.24 6.81
CA ASN C 1332 -6.28 -19.61 6.52
C ASN C 1332 -7.46 -20.48 6.12
N ALA C 1333 -7.94 -20.26 4.90
CA ALA C 1333 -9.10 -20.98 4.38
C ALA C 1333 -10.30 -20.77 5.31
N MET D 1 39.89 18.30 62.96
CA MET D 1 40.49 18.29 61.62
C MET D 1 40.95 16.91 61.20
N LEU D 2 40.57 16.54 59.99
CA LEU D 2 41.09 15.33 59.36
C LEU D 2 42.37 15.70 58.63
N GLN D 3 43.50 15.15 59.07
CA GLN D 3 44.76 15.40 58.39
C GLN D 3 44.73 14.73 57.03
N GLN D 4 45.25 15.43 56.01
CA GLN D 4 45.37 14.83 54.68
C GLN D 4 46.53 13.86 54.66
N PRO D 5 46.30 12.64 54.15
CA PRO D 5 47.34 11.61 54.10
C PRO D 5 48.48 12.02 53.16
N THR D 6 49.51 11.21 53.04
CA THR D 6 50.58 11.50 52.10
C THR D 6 50.01 11.43 50.68
N GLY D 7 49.04 10.54 50.49
CA GLY D 7 48.25 10.50 49.27
C GLY D 7 47.14 11.51 49.47
N GLY D 8 46.13 11.50 48.61
CA GLY D 8 45.05 12.45 48.79
C GLY D 8 44.10 12.05 49.91
N TYR D 9 43.14 12.92 50.20
CA TYR D 9 42.05 12.58 51.09
C TYR D 9 41.26 11.42 50.49
N THR D 10 41.32 11.31 49.17
CA THR D 10 40.65 10.27 48.43
C THR D 10 41.17 8.86 48.74
N THR D 11 42.37 8.75 49.29
CA THR D 11 42.87 7.44 49.70
C THR D 11 42.04 6.84 50.84
N LEU D 12 41.45 7.71 51.66
CA LEU D 12 40.55 7.27 52.75
C LEU D 12 39.25 6.67 52.23
N GLU D 13 38.83 5.57 52.85
CA GLU D 13 37.62 4.85 52.44
C GLU D 13 36.37 5.69 52.64
N GLN D 14 36.48 6.68 53.51
CA GLN D 14 35.37 7.57 53.84
C GLN D 14 34.89 8.30 52.59
N PHE D 15 35.80 8.52 51.64
CA PHE D 15 35.47 9.19 50.39
C PHE D 15 35.62 8.27 49.19
N ALA D 16 35.09 7.06 49.27
CA ALA D 16 35.02 6.23 48.08
C ALA D 16 34.03 6.84 47.10
N PHE D 17 34.39 6.87 45.82
CA PHE D 17 33.46 7.31 44.79
C PHE D 17 33.02 6.09 44.02
N THR D 18 31.74 5.78 44.08
CA THR D 18 31.23 4.57 43.44
C THR D 18 29.85 4.83 42.86
N ILE D 19 29.59 4.25 41.69
CA ILE D 19 28.25 4.29 41.14
C ILE D 19 27.58 2.93 41.29
N ARG D 20 26.31 2.94 41.65
CA ARG D 20 25.57 1.71 41.76
C ARG D 20 25.42 1.10 40.35
N ASN D 21 25.65 -0.20 40.24
CA ASN D 21 25.70 -0.86 38.92
C ASN D 21 25.65 -2.37 38.98
N ASP D 22 24.69 -2.96 38.28
CA ASP D 22 24.47 -4.40 38.28
C ASP D 22 24.29 -4.93 39.70
N GLY D 23 23.58 -4.15 40.53
CA GLY D 23 23.27 -4.57 41.88
C GLY D 23 24.42 -4.44 42.86
N THR D 24 25.45 -3.70 42.48
CA THR D 24 26.64 -3.54 43.33
C THR D 24 27.15 -2.11 43.31
N ASN D 25 28.04 -1.78 44.24
CA ASN D 25 28.71 -0.50 44.25
C ASN D 25 29.97 -0.50 43.40
N ALA D 26 29.80 -0.39 42.09
CA ALA D 26 30.91 -0.42 41.16
C ALA D 26 31.79 0.81 41.29
N THR D 27 33.10 0.62 41.16
CA THR D 27 34.02 1.75 41.03
C THR D 27 33.74 2.38 39.67
N PRO D 28 33.95 3.69 39.55
CA PRO D 28 33.66 4.39 38.30
C PRO D 28 34.46 3.83 37.13
N THR D 29 35.68 3.38 37.42
CA THR D 29 36.57 2.87 36.38
C THR D 29 35.98 1.64 35.72
N GLN D 30 35.31 0.81 36.52
CA GLN D 30 34.76 -0.43 36.00
C GLN D 30 33.40 -0.19 35.38
N PHE D 31 32.87 1.03 35.55
CA PHE D 31 31.71 1.42 34.75
C PHE D 31 32.16 1.87 33.38
N LEU D 32 33.25 2.64 33.36
CA LEU D 32 33.74 3.21 32.10
C LEU D 32 34.20 2.13 31.13
N GLN D 33 34.50 0.93 31.66
CA GLN D 33 34.82 -0.20 30.80
C GLN D 33 33.61 -0.59 29.94
N LEU D 34 32.42 -0.37 30.47
CA LEU D 34 31.18 -0.64 29.73
C LEU D 34 31.03 0.30 28.55
N LEU D 35 31.61 1.49 28.67
CA LEU D 35 31.56 2.50 27.61
C LEU D 35 32.28 2.07 26.33
N SER D 36 31.68 2.40 25.20
CA SER D 36 32.24 2.05 23.89
C SER D 36 31.94 3.21 22.97
N TYR D 37 32.67 3.32 21.86
CA TYR D 37 32.58 4.52 21.03
C TYR D 37 32.47 4.26 19.53
N GLU D 38 31.74 5.14 18.85
CA GLU D 38 31.57 5.07 17.41
C GLU D 38 32.01 6.42 16.87
N ALA D 39 33.18 6.43 16.24
CA ALA D 39 33.69 7.67 15.67
C ALA D 39 32.79 8.16 14.53
N THR D 40 32.60 9.47 14.45
CA THR D 40 31.95 10.07 13.30
C THR D 40 33.02 10.71 12.43
N GLU D 41 32.63 11.25 11.30
CA GLU D 41 33.58 11.93 10.42
C GLU D 41 34.16 13.18 11.07
N ASN D 42 33.41 13.79 11.98
CA ASN D 42 33.80 15.08 12.58
C ASN D 42 34.95 14.99 13.58
N GLU D 43 35.69 16.10 13.72
CA GLU D 43 36.86 16.07 14.59
C GLU D 43 36.86 17.11 15.70
N LEU D 44 37.39 16.69 16.85
CA LEU D 44 37.67 17.56 17.96
C LEU D 44 39.16 17.85 17.97
N VAL D 45 39.51 19.13 18.05
CA VAL D 45 40.88 19.55 18.24
C VAL D 45 40.91 20.37 19.52
N LYS D 46 41.74 19.97 20.47
CA LYS D 46 41.78 20.69 21.74
C LYS D 46 42.62 21.96 21.63
N LYS D 47 42.04 23.08 22.04
CA LYS D 47 42.74 24.36 22.08
C LYS D 47 43.29 24.58 23.48
N THR D 48 44.20 25.52 23.63
CA THR D 48 44.69 25.87 24.95
C THR D 48 43.54 26.46 25.75
N ILE D 49 43.40 26.02 27.00
CA ILE D 49 42.41 26.58 27.89
C ILE D 49 42.96 27.89 28.43
N PRO D 50 42.17 28.97 28.32
CA PRO D 50 42.63 30.29 28.78
C PRO D 50 42.91 30.25 30.28
N THR D 51 43.94 30.96 30.72
CA THR D 51 44.29 30.97 32.13
C THR D 51 43.18 31.63 32.93
N PRO D 52 42.74 30.98 34.01
CA PRO D 52 41.67 31.53 34.85
C PRO D 52 42.07 32.87 35.46
N GLU D 53 41.08 33.75 35.59
CA GLU D 53 41.28 35.10 36.13
C GLU D 53 41.87 35.04 37.53
N THR D 54 42.75 35.98 37.84
CA THR D 54 43.36 36.03 39.16
C THR D 54 42.35 36.42 40.23
N HIS D 55 41.28 37.09 39.81
CA HIS D 55 40.31 37.66 40.73
C HIS D 55 39.43 36.63 41.44
N LEU D 56 39.56 36.55 42.77
CA LEU D 56 38.64 35.75 43.59
C LEU D 56 37.47 36.63 43.97
N PRO D 57 36.24 36.20 43.64
CA PRO D 57 35.10 37.06 43.95
C PRO D 57 35.03 37.24 45.44
N SER D 58 34.66 38.44 45.91
CA SER D 58 34.63 38.67 47.34
C SER D 58 33.54 37.82 47.92
N ALA D 59 33.84 37.12 49.02
CA ALA D 59 32.80 36.40 49.77
C ALA D 59 31.95 37.50 50.33
N ARG D 60 30.65 37.36 50.23
CA ARG D 60 29.79 38.36 50.81
C ARG D 60 29.75 38.09 52.30
N ASN D 61 29.40 39.11 53.08
CA ASN D 61 29.23 38.90 54.51
C ASN D 61 28.03 37.99 54.77
N VAL D 62 28.27 36.68 54.75
CA VAL D 62 27.21 35.70 54.97
C VAL D 62 27.29 35.08 56.37
N PRO D 63 26.29 35.36 57.21
CA PRO D 63 26.18 34.85 58.58
C PRO D 63 26.15 33.33 58.68
N GLY D 64 25.57 32.68 57.67
CA GLY D 64 25.32 31.25 57.73
C GLY D 64 26.42 30.34 57.24
N ASN D 65 26.25 29.05 57.49
CA ASN D 65 27.20 28.06 57.00
C ASN D 65 26.70 27.55 55.66
N VAL D 66 27.30 28.03 54.58
CA VAL D 66 26.92 27.60 53.25
C VAL D 66 27.26 26.14 52.99
N TYR D 67 26.32 25.41 52.39
CA TYR D 67 26.52 24.03 52.00
C TYR D 67 27.14 23.97 50.60
N ILE D 68 28.45 24.18 50.51
CA ILE D 68 29.09 24.35 49.21
C ILE D 68 29.15 23.11 48.32
N GLU D 69 29.35 21.95 48.94
CA GLU D 69 29.52 20.72 48.17
C GLU D 69 28.21 20.44 47.46
N ASP D 70 27.11 20.73 48.15
CA ASP D 70 25.78 20.44 47.64
C ASP D 70 25.50 21.33 46.47
N ALA D 71 25.95 22.57 46.57
CA ALA D 71 25.69 23.55 45.53
C ALA D 71 26.46 23.17 44.27
N ILE D 72 27.72 22.78 44.47
CA ILE D 72 28.57 22.45 43.34
C ILE D 72 28.08 21.20 42.63
N THR D 73 27.84 20.15 43.40
CA THR D 73 27.40 18.90 42.80
C THR D 73 26.04 19.05 42.17
N GLN D 74 25.14 19.79 42.80
CA GLN D 74 23.82 19.96 42.19
C GLN D 74 23.88 20.79 40.93
N ALA D 75 24.80 21.76 40.90
CA ALA D 75 25.00 22.54 39.68
C ALA D 75 25.58 21.71 38.54
N LEU D 76 26.41 20.71 38.85
CA LEU D 76 27.06 19.93 37.81
C LEU D 76 26.32 18.65 37.45
N PHE D 77 25.46 18.21 38.36
CA PHE D 77 24.93 16.85 38.30
C PHE D 77 23.47 16.76 38.71
N GLY D 78 22.96 17.79 39.37
CA GLY D 78 21.59 17.77 39.89
C GLY D 78 20.55 17.63 38.79
N ILE D 79 19.54 16.79 39.03
CA ILE D 79 18.43 16.64 38.09
C ILE D 79 17.59 17.89 37.98
N SER D 80 17.46 18.61 39.09
CA SER D 80 16.52 19.73 39.12
C SER D 80 17.13 21.12 39.39
N ALA D 81 18.45 21.22 39.43
CA ALA D 81 19.07 22.52 39.71
C ALA D 81 18.86 23.52 38.58
N GLN D 82 18.66 24.78 38.97
CA GLN D 82 18.42 25.87 38.03
C GLN D 82 18.91 27.17 38.64
N ASN D 83 19.19 28.17 37.81
CA ASN D 83 19.58 29.50 38.27
C ASN D 83 20.72 29.46 39.28
N VAL D 84 21.76 28.70 38.98
CA VAL D 84 22.77 28.38 39.97
C VAL D 84 23.64 29.57 40.34
N ASN D 85 23.59 30.61 39.51
CA ASN D 85 24.42 31.79 39.74
C ASN D 85 23.66 32.95 40.38
N ALA D 86 22.35 32.84 40.44
CA ALA D 86 21.53 33.87 41.07
C ALA D 86 21.79 33.96 42.57
N HIS D 87 21.77 32.83 43.26
CA HIS D 87 22.05 32.81 44.69
C HIS D 87 23.48 33.24 45.00
N GLY D 88 24.41 32.86 44.12
CA GLY D 88 25.78 33.34 44.20
C GLY D 88 26.60 32.97 45.42
N TYR D 89 26.39 31.77 45.97
CA TYR D 89 27.14 31.37 47.16
C TYR D 89 28.52 30.75 46.93
N PHE D 90 28.87 30.49 45.67
CA PHE D 90 30.18 29.91 45.38
C PHE D 90 31.33 30.83 45.75
N SER D 91 31.04 32.12 45.79
CA SER D 91 32.02 33.13 46.16
C SER D 91 32.52 32.82 47.55
N ARG D 92 31.70 32.10 48.31
CA ARG D 92 32.02 31.81 49.70
C ARG D 92 33.30 31.02 49.84
N LEU D 93 33.69 30.30 48.79
CA LEU D 93 34.92 29.53 48.88
C LEU D 93 36.08 30.46 49.18
N SER D 94 35.96 31.71 48.75
CA SER D 94 37.04 32.68 48.91
C SER D 94 37.31 33.00 50.37
N ALA D 95 36.32 32.75 51.22
CA ALA D 95 36.51 32.95 52.65
C ALA D 95 37.58 32.01 53.18
N LEU D 96 37.70 30.84 52.55
CA LEU D 96 38.67 29.83 52.96
C LEU D 96 40.03 30.10 52.36
N ALA D 97 40.06 31.00 51.38
CA ALA D 97 41.30 31.32 50.66
C ALA D 97 42.33 32.05 51.51
N LEU D 98 41.88 32.78 52.52
CA LEU D 98 42.77 33.56 53.37
C LEU D 98 43.65 32.67 54.24
N PRO D 99 44.91 33.09 54.45
CA PRO D 99 45.75 32.46 55.47
C PRO D 99 45.12 32.70 56.84
N ASN D 100 45.24 31.73 57.74
CA ASN D 100 44.71 31.85 59.11
C ASN D 100 43.30 32.43 59.23
N THR D 101 42.39 31.94 58.39
CA THR D 101 40.97 32.27 58.53
C THR D 101 40.30 31.45 59.63
N SER D 102 39.23 31.98 60.19
CA SER D 102 38.47 31.24 61.19
C SER D 102 37.56 30.21 60.53
N ALA D 103 37.38 30.31 59.22
CA ALA D 103 36.48 29.41 58.49
C ALA D 103 37.02 28.00 58.33
N ARG D 104 36.12 27.03 58.33
CA ARG D 104 36.51 25.65 58.10
C ARG D 104 35.60 25.03 57.06
N LEU D 105 36.17 24.19 56.19
CA LEU D 105 35.38 23.42 55.26
C LEU D 105 35.17 22.03 55.85
N GLY D 106 33.95 21.75 56.29
CA GLY D 106 33.68 20.48 56.90
C GLY D 106 33.62 19.37 55.88
N LEU D 107 33.82 18.15 56.35
CA LEU D 107 33.73 16.96 55.52
C LEU D 107 32.29 16.83 55.04
N ASP D 108 31.39 17.47 55.77
CA ASP D 108 30.00 17.60 55.40
C ASP D 108 29.86 18.33 54.07
N GLY D 109 30.87 19.12 53.72
CA GLY D 109 30.81 20.00 52.57
C GLY D 109 30.29 21.40 52.89
N VAL D 110 29.94 21.62 54.15
CA VAL D 110 29.55 22.93 54.65
C VAL D 110 30.75 23.86 54.94
N ILE D 111 30.55 25.17 54.81
CA ILE D 111 31.59 26.17 55.05
C ILE D 111 31.27 26.92 56.33
N TYR D 112 31.70 26.37 57.46
CA TYR D 112 31.53 27.04 58.74
C TYR D 112 32.37 28.32 58.83
N ASN D 113 31.75 29.39 59.32
CA ASN D 113 32.47 30.64 59.56
C ASN D 113 33.45 30.54 60.74
N SER D 114 33.23 29.55 61.59
CA SER D 114 34.13 29.32 62.70
C SER D 114 34.26 27.83 62.94
N GLU D 115 35.42 27.40 63.46
CA GLU D 115 35.60 26.00 63.83
C GLU D 115 34.56 25.71 64.91
N THR D 116 33.86 24.60 64.77
CA THR D 116 32.79 24.25 65.69
C THR D 116 32.88 22.79 66.10
N ILE D 117 32.48 22.50 67.33
CA ILE D 117 32.74 21.21 67.94
C ILE D 117 32.02 20.06 67.24
N ASN D 118 32.68 18.90 67.23
CA ASN D 118 32.13 17.66 66.69
C ASN D 118 31.75 17.77 65.23
N ILE D 119 32.45 18.65 64.51
CA ILE D 119 32.34 18.71 63.07
C ILE D 119 33.73 18.57 62.46
N PRO D 120 34.04 17.36 61.95
CA PRO D 120 35.33 17.11 61.30
C PRO D 120 35.47 17.95 60.03
N PHE D 121 36.69 18.38 59.72
CA PHE D 121 36.91 19.29 58.60
C PHE D 121 38.31 19.08 57.99
N TYR D 122 38.47 19.51 56.73
CA TYR D 122 39.74 19.36 56.03
C TYR D 122 40.80 20.33 56.54
N ASP D 123 42.08 19.96 56.39
CA ASP D 123 43.17 20.79 56.89
C ASP D 123 43.15 22.10 56.15
N PRO D 124 43.13 23.20 56.90
CA PRO D 124 42.91 24.55 56.38
C PRO D 124 43.89 24.94 55.29
N ALA D 125 45.13 24.45 55.34
CA ALA D 125 46.12 24.74 54.29
C ALA D 125 45.71 24.16 52.94
N ALA D 126 45.33 22.89 52.96
CA ALA D 126 44.88 22.22 51.75
C ALA D 126 43.63 22.89 51.20
N VAL D 127 42.74 23.26 52.11
CA VAL D 127 41.51 23.93 51.72
C VAL D 127 41.84 25.28 51.13
N ALA D 128 42.92 25.89 51.60
CA ALA D 128 43.31 27.20 51.11
C ALA D 128 43.79 27.06 49.69
N ASN D 129 44.58 26.02 49.44
CA ASN D 129 45.06 25.77 48.08
C ASN D 129 43.88 25.50 47.16
N PHE D 130 42.87 24.84 47.71
CA PHE D 130 41.68 24.49 46.93
C PHE D 130 40.85 25.72 46.57
N ALA D 131 40.59 26.54 47.58
CA ALA D 131 39.72 27.69 47.45
C ALA D 131 40.37 28.74 46.58
N ALA D 132 41.71 28.76 46.60
CA ALA D 132 42.47 29.78 45.90
C ALA D 132 42.21 29.66 44.41
N THR D 133 41.75 28.49 43.99
CA THR D 133 41.30 28.32 42.61
C THR D 133 39.78 28.24 42.48
N TYR D 134 39.15 27.41 43.30
CA TYR D 134 37.72 27.13 43.11
C TYR D 134 36.75 28.21 43.57
N ALA D 135 37.25 29.22 44.26
CA ALA D 135 36.39 30.37 44.59
C ALA D 135 35.95 31.06 43.32
N LYS D 136 36.69 30.83 42.23
CA LYS D 136 36.44 31.46 40.95
C LYS D 136 35.18 30.91 40.28
N LEU D 137 34.62 29.86 40.87
CA LEU D 137 33.26 29.44 40.52
C LEU D 137 32.31 30.56 40.87
N GLY D 138 32.75 31.43 41.77
CA GLY D 138 31.91 32.49 42.28
C GLY D 138 31.76 33.59 41.25
N ASN D 139 32.60 33.57 40.21
CA ASN D 139 32.39 34.50 39.11
C ASN D 139 32.18 33.80 37.78
N ALA D 140 31.49 32.66 37.83
CA ALA D 140 31.15 31.90 36.64
C ALA D 140 30.17 32.63 35.75
N SER D 141 29.37 33.51 36.34
CA SER D 141 28.35 34.22 35.61
C SER D 141 28.69 35.68 35.29
N THR D 142 29.67 36.25 35.99
CA THR D 142 30.00 37.65 35.74
C THR D 142 30.66 37.72 34.38
N PRO D 143 30.20 38.64 33.53
CA PRO D 143 30.49 38.59 32.09
C PRO D 143 31.99 38.60 31.77
N ARG D 144 32.77 39.32 32.55
CA ARG D 144 34.20 39.44 32.28
C ARG D 144 34.93 38.12 32.52
N TYR D 145 34.34 37.27 33.34
CA TYR D 145 35.02 36.05 33.75
C TYR D 145 34.39 34.77 33.23
N ARG D 146 33.35 34.89 32.41
CA ARG D 146 32.68 33.69 31.87
C ARG D 146 33.66 32.84 31.05
N ALA D 147 33.60 31.53 31.28
CA ALA D 147 34.41 30.57 30.54
C ALA D 147 33.81 30.30 29.18
N ASP D 148 34.64 29.92 28.20
CA ASP D 148 34.09 29.44 26.93
C ASP D 148 33.31 28.19 27.25
N MET D 149 32.08 28.10 26.76
CA MET D 149 31.29 26.90 27.00
C MET D 149 31.21 25.98 25.79
N ILE D 150 31.97 26.32 24.76
CA ILE D 150 32.00 25.51 23.54
C ILE D 150 33.31 24.73 23.40
N ASP D 151 34.43 25.45 23.34
CA ASP D 151 35.71 24.81 23.05
C ASP D 151 36.16 23.84 24.15
N ILE D 152 35.81 24.16 25.38
CA ILE D 152 36.33 23.43 26.54
C ILE D 152 35.90 21.98 26.49
N TYR D 153 34.74 21.73 25.89
CA TYR D 153 34.19 20.39 25.87
C TYR D 153 35.06 19.43 25.07
N ALA D 154 35.88 19.97 24.19
CA ALA D 154 36.81 19.11 23.47
C ALA D 154 37.67 18.36 24.49
N HIS D 155 38.16 19.08 25.50
CA HIS D 155 39.02 18.46 26.49
C HIS D 155 38.25 17.37 27.21
N VAL D 156 36.97 17.62 27.44
CA VAL D 156 36.12 16.66 28.12
C VAL D 156 36.14 15.39 27.31
N GLY D 157 35.90 15.53 26.01
CA GLY D 157 35.88 14.39 25.14
C GLY D 157 37.23 13.71 25.16
N LEU D 158 38.30 14.51 25.11
CA LEU D 158 39.62 13.91 25.02
C LEU D 158 39.90 13.12 26.27
N GLU D 159 39.41 13.59 27.42
CA GLU D 159 39.77 12.92 28.65
C GLU D 159 38.84 11.76 28.91
N LEU D 160 37.76 11.70 28.13
CA LEU D 160 36.73 10.70 28.36
C LEU D 160 36.89 9.63 27.29
N ALA D 161 36.46 9.98 26.08
CA ALA D 161 36.52 9.09 24.93
C ALA D 161 37.94 8.79 24.44
N GLY D 162 38.86 9.72 24.65
CA GLY D 162 40.18 9.65 24.02
C GLY D 162 41.04 8.45 24.33
N THR D 163 41.52 7.79 23.28
CA THR D 163 42.52 6.74 23.40
C THR D 163 43.85 7.42 23.67
N ASP D 164 44.82 6.69 24.21
CA ASP D 164 46.07 7.31 24.63
C ASP D 164 46.76 8.01 23.44
N ALA D 165 46.64 7.41 22.26
CA ALA D 165 47.20 7.98 21.05
C ALA D 165 46.47 9.26 20.64
N GLU D 166 45.14 9.23 20.71
CA GLU D 166 44.31 10.39 20.38
C GLU D 166 44.55 11.53 21.38
N ARG D 167 44.88 11.16 22.61
CA ARG D 167 45.16 12.15 23.65
C ARG D 167 46.52 12.78 23.45
N ALA D 168 47.49 11.98 23.03
CA ALA D 168 48.80 12.53 22.73
C ALA D 168 48.72 13.45 21.50
N ALA D 169 47.90 13.06 20.53
CA ALA D 169 47.73 13.87 19.33
C ALA D 169 47.02 15.19 19.62
N GLY D 170 46.15 15.17 20.62
CA GLY D 170 45.38 16.34 20.99
C GLY D 170 44.12 16.47 20.16
N VAL D 171 43.94 15.57 19.21
CA VAL D 171 42.74 15.55 18.37
C VAL D 171 42.16 14.15 18.30
N MET D 172 40.82 14.09 18.27
CA MET D 172 40.16 12.80 18.13
C MET D 172 38.90 12.95 17.28
N PRO D 173 38.46 11.87 16.64
CA PRO D 173 37.16 12.00 15.96
C PRO D 173 36.08 12.25 16.99
N VAL D 174 35.07 13.05 16.65
CA VAL D 174 33.93 13.20 17.53
C VAL D 174 33.27 11.83 17.66
N LYS D 175 33.26 11.30 18.87
CA LYS D 175 32.77 9.95 19.10
C LYS D 175 31.35 9.97 19.62
N ARG D 176 30.76 8.79 19.67
CA ARG D 176 29.41 8.65 20.18
C ARG D 176 29.40 7.52 21.22
N ALA D 177 29.21 7.88 22.49
CA ALA D 177 29.32 6.90 23.59
C ALA D 177 28.16 5.92 23.64
N LYS D 178 28.43 4.69 24.08
CA LYS D 178 27.37 3.70 24.22
C LYS D 178 27.70 2.62 25.27
N PHE D 179 26.67 2.15 25.98
CA PHE D 179 26.84 1.08 26.97
C PHE D 179 25.53 0.32 27.17
N ASP D 180 25.62 -0.96 27.52
CA ASP D 180 24.40 -1.72 27.84
C ASP D 180 23.81 -1.09 29.08
N SER D 181 22.50 -0.87 29.09
CA SER D 181 21.91 -0.07 30.14
C SER D 181 20.61 -0.61 30.72
N TRP D 182 20.43 -0.31 32.00
CA TRP D 182 19.20 -0.58 32.74
C TRP D 182 18.33 0.65 32.57
N GLU D 183 17.05 0.56 32.94
CA GLU D 183 16.12 1.68 32.80
C GLU D 183 16.53 2.86 33.68
N GLY D 184 16.49 4.06 33.09
CA GLY D 184 16.82 5.27 33.82
C GLY D 184 18.27 5.31 34.25
N SER D 185 19.14 4.73 33.42
CA SER D 185 20.55 4.59 33.77
C SER D 185 21.25 5.92 33.99
N LEU D 186 21.11 6.85 33.06
CA LEU D 186 21.85 8.10 33.16
C LEU D 186 21.41 8.96 34.34
N ILE D 187 20.12 8.89 34.66
CA ILE D 187 19.61 9.62 35.80
C ILE D 187 20.21 9.03 37.08
N SER D 188 20.22 7.71 37.16
CA SER D 188 20.76 7.06 38.34
C SER D 188 22.28 7.26 38.45
N LEU D 189 22.96 7.35 37.32
CA LEU D 189 24.40 7.59 37.33
C LEU D 189 24.64 8.99 37.87
N SER D 190 23.81 9.91 37.41
CA SER D 190 23.94 11.29 37.81
C SER D 190 23.62 11.48 39.29
N ARG D 191 22.72 10.65 39.84
CA ARG D 191 22.39 10.80 41.24
C ARG D 191 23.43 10.12 42.10
N ASP D 192 24.00 9.05 41.58
CA ASP D 192 25.07 8.37 42.28
C ASP D 192 26.29 9.29 42.32
N VAL D 193 26.44 10.14 41.31
CA VAL D 193 27.55 11.09 41.29
C VAL D 193 27.31 12.35 42.11
N VAL D 194 26.06 12.83 42.14
CA VAL D 194 25.75 14.02 42.91
C VAL D 194 25.97 13.73 44.41
N ASN D 195 25.92 12.46 44.79
CA ASN D 195 26.17 12.08 46.19
C ASN D 195 27.64 12.00 46.54
N TRP D 196 28.49 12.10 45.53
CA TRP D 196 29.93 11.99 45.74
C TRP D 196 30.45 13.14 46.57
N LYS D 197 31.42 12.84 47.43
CA LYS D 197 32.11 13.86 48.19
C LYS D 197 33.27 14.41 47.37
N ILE D 198 32.92 15.16 46.32
CA ILE D 198 33.89 15.62 45.32
C ILE D 198 34.83 16.67 45.85
N LEU D 199 34.49 17.27 46.99
CA LEU D 199 35.39 18.24 47.59
C LEU D 199 36.70 17.57 47.97
N ALA D 200 36.65 16.28 48.29
CA ALA D 200 37.86 15.55 48.63
C ALA D 200 38.73 15.52 47.39
N PHE D 201 38.09 15.22 46.27
CA PHE D 201 38.77 15.12 45.00
C PHE D 201 39.42 16.45 44.62
N LEU D 202 38.65 17.53 44.66
CA LEU D 202 39.18 18.85 44.27
C LEU D 202 40.24 19.36 45.23
N ILE D 203 40.06 19.08 46.52
CA ILE D 203 41.01 19.53 47.54
C ILE D 203 42.34 18.82 47.30
N ASP D 204 42.28 17.52 47.06
CA ASP D 204 43.49 16.76 46.79
C ASP D 204 44.12 17.20 45.46
N LEU D 205 43.27 17.58 44.52
CA LEU D 205 43.75 18.02 43.20
C LEU D 205 44.50 19.33 43.29
N CYS D 206 44.08 20.19 44.22
CA CYS D 206 44.71 21.50 44.38
C CYS D 206 45.85 21.52 45.38
N SER D 207 45.82 20.62 46.37
CA SER D 207 46.78 20.67 47.46
C SER D 207 48.04 19.85 47.20
N LEU D 208 47.86 18.72 46.52
CA LEU D 208 48.97 17.80 46.28
C LEU D 208 49.96 18.35 45.27
N GLU D 209 51.20 17.88 45.36
CA GLU D 209 52.23 18.29 44.42
C GLU D 209 53.24 17.16 44.23
N GLY D 210 53.95 17.20 43.10
CA GLY D 210 54.97 16.21 42.81
C GLY D 210 54.42 14.82 42.60
N GLU D 211 55.12 13.83 43.15
CA GLU D 211 54.76 12.44 42.95
C GLU D 211 53.38 12.12 43.50
N ALA D 212 52.99 12.80 44.58
CA ALA D 212 51.70 12.54 45.22
C ALA D 212 50.57 12.97 44.30
N LEU D 213 50.74 14.13 43.68
CA LEU D 213 49.74 14.66 42.77
C LEU D 213 49.61 13.81 41.52
N ARG D 214 50.73 13.26 41.06
CA ARG D 214 50.74 12.49 39.84
C ARG D 214 50.07 11.15 40.07
N ALA D 215 50.42 10.55 41.22
CA ALA D 215 49.80 9.29 41.63
C ALA D 215 48.31 9.49 41.85
N PHE D 216 47.95 10.68 42.31
CA PHE D 216 46.54 11.03 42.47
C PHE D 216 45.85 11.08 41.12
N LYS D 217 46.50 11.73 40.16
CA LYS D 217 45.94 11.93 38.84
C LYS D 217 45.74 10.62 38.12
N THR D 218 46.57 9.62 38.41
CA THR D 218 46.32 8.31 37.79
C THR D 218 45.27 7.51 38.57
N ARG D 219 45.38 7.53 39.89
CA ARG D 219 44.49 6.72 40.72
C ARG D 219 43.05 7.20 40.59
N ASN D 220 42.88 8.48 40.25
CA ASN D 220 41.57 9.10 40.23
C ASN D 220 41.10 9.56 38.86
N ARG D 221 41.74 9.09 37.81
CA ARG D 221 41.41 9.57 36.48
C ARG D 221 39.99 9.19 36.11
N ASP D 222 39.59 7.99 36.51
CA ASP D 222 38.26 7.51 36.16
C ASP D 222 37.14 8.18 36.96
N VAL D 223 37.47 8.69 38.14
CA VAL D 223 36.51 9.48 38.91
C VAL D 223 36.19 10.74 38.14
N PHE D 224 37.26 11.42 37.75
CA PHE D 224 37.16 12.64 36.98
C PHE D 224 36.38 12.36 35.72
N ARG D 225 36.70 11.24 35.08
CA ARG D 225 36.04 10.87 33.84
C ARG D 225 34.55 10.60 34.06
N MET D 226 34.17 10.10 35.22
CA MET D 226 32.75 9.91 35.48
C MET D 226 32.05 11.25 35.58
N MET D 227 32.69 12.20 36.24
CA MET D 227 32.08 13.52 36.35
C MET D 227 31.93 14.10 34.96
N LEU D 228 32.95 13.87 34.14
CA LEU D 228 32.95 14.31 32.74
C LEU D 228 31.84 13.62 31.97
N PHE D 229 31.53 12.38 32.33
CA PHE D 229 30.49 11.65 31.63
C PHE D 229 29.11 12.18 31.96
N ILE D 230 28.85 12.42 33.24
CA ILE D 230 27.57 12.99 33.66
C ILE D 230 27.39 14.33 32.97
N MET D 231 28.44 15.14 33.00
CA MET D 231 28.40 16.47 32.43
C MET D 231 28.13 16.44 30.93
N SER D 232 28.79 15.49 30.27
CA SER D 232 28.67 15.39 28.83
C SER D 232 27.27 14.94 28.47
N THR D 233 26.69 14.05 29.26
CA THR D 233 25.31 13.61 28.99
C THR D 233 24.38 14.80 29.17
N ALA D 234 24.76 15.70 30.08
CA ALA D 234 23.96 16.90 30.26
C ALA D 234 24.03 17.79 29.02
N VAL D 235 25.14 17.72 28.30
CA VAL D 235 25.22 18.51 27.06
C VAL D 235 25.14 17.74 25.73
N ALA D 236 24.94 16.43 25.78
CA ALA D 236 24.82 15.64 24.56
C ALA D 236 23.60 16.08 23.77
N ALA D 237 23.75 16.19 22.46
CA ALA D 237 22.69 16.70 21.62
C ALA D 237 21.47 15.81 21.69
N ASN D 238 21.71 14.50 21.75
CA ASN D 238 20.63 13.54 21.93
C ASN D 238 21.12 12.26 22.58
N VAL D 239 20.21 11.55 23.23
CA VAL D 239 20.55 10.34 23.95
C VAL D 239 19.52 9.26 23.63
N VAL D 240 19.85 8.40 22.67
CA VAL D 240 18.93 7.36 22.25
C VAL D 240 19.20 6.04 22.93
N ASN D 241 18.23 5.14 22.89
CA ASN D 241 18.49 3.73 23.19
C ASN D 241 18.44 2.93 21.89
N ARG D 242 19.17 1.83 21.85
CA ARG D 242 19.13 0.92 20.71
C ARG D 242 18.80 -0.49 21.14
N LYS D 243 17.88 -1.14 20.44
CA LYS D 243 17.65 -2.56 20.67
C LYS D 243 18.88 -3.32 20.23
N VAL D 244 19.22 -4.36 20.97
CA VAL D 244 20.33 -5.22 20.59
C VAL D 244 20.11 -6.63 21.13
N THR D 245 19.15 -7.31 20.51
CA THR D 245 18.83 -8.70 20.83
C THR D 245 18.52 -8.89 22.31
N LYS D 246 17.36 -8.37 22.74
CA LYS D 246 16.91 -8.47 24.12
C LYS D 246 17.88 -7.82 25.11
N ARG D 247 18.55 -6.77 24.65
CA ARG D 247 19.40 -5.93 25.49
C ARG D 247 19.24 -4.51 24.95
N VAL D 248 19.45 -3.51 25.80
CA VAL D 248 19.31 -2.13 25.34
C VAL D 248 20.58 -1.35 25.54
N ASP D 249 21.08 -0.79 24.45
CA ASP D 249 22.31 -0.03 24.47
C ASP D 249 22.02 1.47 24.46
N ARG D 250 22.25 2.12 25.59
CA ARG D 250 22.16 3.57 25.68
C ARG D 250 23.30 4.20 24.90
N VAL D 251 22.98 5.27 24.19
CA VAL D 251 23.91 5.88 23.25
C VAL D 251 23.77 7.38 23.30
N LEU D 252 24.84 8.06 23.68
CA LEU D 252 24.83 9.51 23.68
C LEU D 252 25.79 10.07 22.66
N GLU D 253 25.21 10.84 21.76
CA GLU D 253 25.95 11.51 20.72
C GLU D 253 25.73 13.00 20.96
N TYR D 254 26.81 13.74 21.15
CA TYR D 254 28.16 13.21 21.01
C TYR D 254 29.01 13.64 22.16
N ILE D 255 30.05 12.86 22.44
CA ILE D 255 31.05 13.25 23.42
C ILE D 255 31.87 14.43 22.90
N GLY D 256 32.15 15.39 23.78
CA GLY D 256 33.04 16.47 23.45
C GLY D 256 32.40 17.60 22.65
N VAL D 257 31.09 17.53 22.48
CA VAL D 257 30.37 18.57 21.77
C VAL D 257 29.21 19.10 22.60
N ASN D 258 29.36 20.31 23.13
CA ASN D 258 28.26 20.96 23.82
C ASN D 258 27.24 21.49 22.82
N SER D 259 26.03 20.92 22.86
CA SER D 259 24.97 21.29 21.94
C SER D 259 24.26 22.55 22.44
N MET D 260 24.62 22.96 23.65
CA MET D 260 24.02 24.12 24.30
C MET D 260 22.53 23.94 24.57
N ARG D 261 22.05 22.71 24.59
CA ARG D 261 20.62 22.49 24.81
C ARG D 261 20.22 22.87 26.23
N THR D 262 19.05 23.45 26.37
CA THR D 262 18.55 23.86 27.68
C THR D 262 17.15 23.30 27.93
N ALA D 263 16.50 22.81 26.87
CA ALA D 263 15.23 22.12 27.01
C ALA D 263 15.44 20.85 27.81
N GLY D 264 14.56 20.59 28.76
CA GLY D 264 14.68 19.41 29.60
C GLY D 264 14.36 18.14 28.84
N ARG D 265 14.83 17.01 29.35
CA ARG D 265 14.45 15.72 28.80
C ARG D 265 14.50 14.68 29.90
N THR D 266 13.71 13.64 29.74
CA THR D 266 13.62 12.61 30.75
C THR D 266 14.95 11.88 30.91
N ALA D 267 15.64 11.71 29.78
CA ALA D 267 16.75 10.79 29.73
C ALA D 267 17.91 11.15 30.64
N THR D 268 18.16 12.44 30.82
CA THR D 268 19.36 12.95 31.49
C THR D 268 19.12 14.30 32.12
N ILE D 269 20.09 14.74 32.93
CA ILE D 269 20.00 16.06 33.54
C ILE D 269 20.20 17.13 32.47
N THR D 270 19.71 18.32 32.74
CA THR D 270 19.76 19.40 31.76
C THR D 270 20.44 20.63 32.33
N TYR D 271 21.28 21.28 31.54
CA TYR D 271 21.83 22.57 31.92
C TYR D 271 21.01 23.75 31.42
N ASP D 272 20.51 24.54 32.35
CA ASP D 272 19.99 25.87 32.05
C ASP D 272 21.21 26.67 31.64
N LEU D 273 21.02 27.86 31.10
CA LEU D 273 22.17 28.65 30.66
C LEU D 273 23.16 28.86 31.81
N SER D 274 22.62 29.11 33.00
CA SER D 274 23.48 29.35 34.16
C SER D 274 24.30 28.12 34.51
N ARG D 275 23.69 26.94 34.35
CA ARG D 275 24.38 25.67 34.63
C ARG D 275 25.48 25.44 33.63
N HIS D 276 25.26 25.91 32.40
CA HIS D 276 26.29 25.87 31.37
C HIS D 276 27.47 26.76 31.73
N GLU D 277 27.17 27.97 32.20
CA GLU D 277 28.21 28.93 32.54
C GLU D 277 29.04 28.34 33.69
N PHE D 278 28.34 27.68 34.59
CA PHE D 278 29.00 27.12 35.75
C PHE D 278 29.88 25.95 35.36
N ALA D 279 29.36 25.06 34.54
CA ALA D 279 30.10 23.87 34.15
C ALA D 279 31.30 24.27 33.33
N ALA D 280 31.14 25.33 32.56
CA ALA D 280 32.21 25.80 31.70
C ALA D 280 33.32 26.31 32.59
N LYS D 281 32.94 27.06 33.62
CA LYS D 281 33.96 27.62 34.51
C LYS D 281 34.66 26.50 35.27
N PHE D 282 33.86 25.54 35.72
CA PHE D 282 34.37 24.43 36.50
C PHE D 282 35.38 23.66 35.69
N LEU D 283 35.05 23.38 34.44
CA LEU D 283 35.93 22.64 33.56
C LEU D 283 37.18 23.43 33.24
N GLN D 284 37.06 24.75 33.16
CA GLN D 284 38.23 25.57 32.92
C GLN D 284 39.22 25.43 34.07
N LEU D 285 38.71 25.59 35.29
CA LEU D 285 39.56 25.53 36.47
C LEU D 285 40.14 24.14 36.66
N THR D 286 39.26 23.15 36.59
CA THR D 286 39.64 21.77 36.88
C THR D 286 40.59 21.19 35.84
N PHE D 287 40.38 21.53 34.57
CA PHE D 287 41.32 21.11 33.54
C PHE D 287 42.63 21.86 33.66
N THR D 288 42.57 23.08 34.16
CA THR D 288 43.80 23.81 34.37
C THR D 288 44.63 23.10 35.43
N ARG D 289 44.00 22.73 36.53
CA ARG D 289 44.71 22.04 37.60
C ARG D 289 45.16 20.65 37.18
N TRP D 290 44.39 20.02 36.30
CA TRP D 290 44.66 18.65 35.87
C TRP D 290 45.93 18.54 35.02
N ASN D 291 46.33 19.65 34.41
CA ASN D 291 47.54 19.70 33.60
C ASN D 291 48.57 20.65 34.21
N ALA D 292 49.74 20.13 34.55
CA ALA D 292 50.80 20.95 35.15
C ALA D 292 52.15 20.24 35.13
N MET E 1 -19.82 -87.54 26.88
CA MET E 1 -18.58 -86.83 26.58
C MET E 1 -17.98 -87.17 25.22
N LEU E 2 -17.59 -86.15 24.48
CA LEU E 2 -16.85 -86.34 23.24
C LEU E 2 -15.35 -86.34 23.51
N GLN E 3 -14.67 -87.43 23.16
CA GLN E 3 -13.22 -87.45 23.19
C GLN E 3 -12.70 -86.48 22.14
N GLN E 4 -11.69 -85.70 22.48
CA GLN E 4 -11.10 -84.80 21.50
C GLN E 4 -10.20 -85.55 20.52
N PRO E 5 -10.45 -85.38 19.21
CA PRO E 5 -9.65 -85.99 18.15
C PRO E 5 -8.24 -85.45 18.22
N THR E 6 -7.25 -86.23 17.78
CA THR E 6 -5.86 -85.81 17.87
C THR E 6 -5.65 -84.52 17.10
N GLY E 7 -6.43 -84.30 16.04
CA GLY E 7 -6.38 -83.05 15.31
C GLY E 7 -7.16 -81.92 15.97
N GLY E 8 -7.98 -82.27 16.97
CA GLY E 8 -8.88 -81.31 17.61
C GLY E 8 -10.31 -81.45 17.13
N TYR E 9 -11.24 -80.87 17.90
CA TYR E 9 -12.67 -80.97 17.63
C TYR E 9 -13.09 -80.38 16.27
N THR E 10 -12.30 -79.47 15.73
CA THR E 10 -12.60 -78.87 14.44
C THR E 10 -12.47 -79.85 13.28
N THR E 11 -11.75 -80.94 13.51
CA THR E 11 -11.65 -81.99 12.49
C THR E 11 -12.98 -82.67 12.25
N LEU E 12 -13.82 -82.69 13.28
CA LEU E 12 -15.17 -83.27 13.17
C LEU E 12 -16.06 -82.44 12.24
N GLU E 13 -16.81 -83.12 11.39
CA GLU E 13 -17.64 -82.45 10.38
C GLU E 13 -18.82 -81.75 11.02
N GLN E 14 -19.12 -82.13 12.26
CA GLN E 14 -20.18 -81.51 13.04
C GLN E 14 -19.89 -80.04 13.35
N PHE E 15 -18.60 -79.73 13.46
CA PHE E 15 -18.18 -78.37 13.82
C PHE E 15 -17.68 -77.55 12.64
N ALA E 16 -17.91 -78.02 11.41
CA ALA E 16 -17.41 -77.34 10.22
C ALA E 16 -17.95 -75.92 10.09
N PHE E 17 -17.07 -74.98 9.79
CA PHE E 17 -17.45 -73.57 9.64
C PHE E 17 -17.64 -73.25 8.17
N THR E 18 -18.77 -72.62 7.86
CA THR E 18 -19.09 -72.31 6.48
C THR E 18 -19.87 -71.00 6.43
N ILE E 19 -19.77 -70.32 5.30
CA ILE E 19 -20.46 -69.05 5.12
C ILE E 19 -21.14 -69.03 3.77
N ARG E 20 -22.37 -68.54 3.76
CA ARG E 20 -23.05 -68.37 2.49
C ARG E 20 -22.36 -67.25 1.73
N ASN E 21 -22.16 -67.46 0.43
CA ASN E 21 -21.58 -66.45 -0.43
C ASN E 21 -22.64 -66.09 -1.48
N ASP E 22 -23.26 -64.92 -1.28
CA ASP E 22 -24.49 -64.55 -2.00
C ASP E 22 -25.50 -65.69 -1.89
N GLY E 23 -25.59 -66.27 -0.70
CA GLY E 23 -26.60 -67.26 -0.39
C GLY E 23 -26.28 -68.72 -0.63
N THR E 24 -25.11 -69.01 -1.19
CA THR E 24 -24.69 -70.41 -1.35
C THR E 24 -23.53 -70.76 -0.42
N ASN E 25 -23.59 -71.96 0.16
CA ASN E 25 -22.57 -72.39 1.12
C ASN E 25 -21.15 -72.45 0.57
N ALA E 26 -20.19 -72.00 1.36
CA ALA E 26 -18.80 -71.97 0.94
C ALA E 26 -17.85 -71.94 2.13
N THR E 27 -16.67 -72.52 1.99
CA THR E 27 -15.65 -72.46 3.04
C THR E 27 -15.19 -71.03 3.19
N PRO E 28 -14.78 -70.63 4.41
CA PRO E 28 -14.37 -69.25 4.62
C PRO E 28 -13.21 -68.85 3.72
N THR E 29 -12.34 -69.81 3.43
CA THR E 29 -11.13 -69.51 2.67
C THR E 29 -11.47 -69.02 1.26
N GLN E 30 -12.51 -69.58 0.68
CA GLN E 30 -12.88 -69.21 -0.68
C GLN E 30 -13.73 -67.95 -0.72
N PHE E 31 -14.15 -67.47 0.45
CA PHE E 31 -14.67 -66.10 0.53
C PHE E 31 -13.50 -65.15 0.63
N LEU E 32 -12.50 -65.54 1.40
CA LEU E 32 -11.31 -64.72 1.56
C LEU E 32 -10.55 -64.58 0.25
N GLN E 33 -10.76 -65.53 -0.67
CA GLN E 33 -10.21 -65.41 -2.02
C GLN E 33 -10.78 -64.22 -2.78
N LEU E 34 -12.03 -63.85 -2.49
CA LEU E 34 -12.67 -62.75 -3.21
C LEU E 34 -12.15 -61.39 -2.73
N LEU E 35 -11.50 -61.38 -1.58
CA LEU E 35 -10.97 -60.13 -1.01
C LEU E 35 -9.80 -59.59 -1.82
N SER E 36 -9.73 -58.27 -1.93
CA SER E 36 -8.68 -57.60 -2.67
C SER E 36 -8.33 -56.33 -1.94
N TYR E 37 -7.07 -55.91 -1.97
CA TYR E 37 -6.68 -54.75 -1.17
C TYR E 37 -5.96 -53.68 -1.96
N GLU E 38 -6.38 -52.43 -1.74
CA GLU E 38 -5.65 -51.28 -2.24
C GLU E 38 -4.93 -50.64 -1.06
N ALA E 39 -3.60 -50.74 -1.05
CA ALA E 39 -2.79 -50.15 0.00
C ALA E 39 -2.81 -48.62 -0.03
N THR E 40 -2.70 -48.01 1.15
CA THR E 40 -2.62 -46.56 1.24
C THR E 40 -1.27 -46.10 1.82
N GLU E 41 -1.09 -44.79 1.94
CA GLU E 41 0.17 -44.23 2.41
C GLU E 41 0.53 -44.58 3.87
N ASN E 42 -0.49 -44.83 4.70
CA ASN E 42 -0.27 -45.20 6.10
C ASN E 42 0.23 -46.64 6.31
N GLU E 43 0.92 -46.88 7.42
CA GLU E 43 1.45 -48.21 7.73
C GLU E 43 1.02 -48.75 9.09
N LEU E 44 0.86 -50.07 9.15
CA LEU E 44 0.60 -50.79 10.38
C LEU E 44 1.85 -51.54 10.80
N VAL E 45 2.46 -51.08 11.89
CA VAL E 45 3.50 -51.83 12.57
C VAL E 45 2.82 -52.59 13.69
N LYS E 46 3.22 -53.83 13.94
CA LYS E 46 2.61 -54.56 15.05
C LYS E 46 3.43 -54.50 16.35
N LYS E 47 2.93 -53.73 17.31
CA LYS E 47 3.50 -53.69 18.65
C LYS E 47 3.28 -55.05 19.29
N THR E 48 4.18 -55.45 20.19
CA THR E 48 3.98 -56.69 20.92
C THR E 48 2.71 -56.60 21.76
N ILE E 49 1.97 -57.70 21.82
CA ILE E 49 0.76 -57.76 22.65
C ILE E 49 1.17 -57.86 24.10
N PRO E 50 0.60 -56.99 24.96
CA PRO E 50 0.89 -57.16 26.39
C PRO E 50 0.39 -58.53 26.83
N THR E 51 1.13 -59.20 27.69
CA THR E 51 0.70 -60.51 28.13
C THR E 51 -0.53 -60.35 29.04
N PRO E 52 -1.54 -61.19 28.82
CA PRO E 52 -2.82 -61.13 29.53
C PRO E 52 -2.64 -61.32 31.03
N GLU E 53 -3.49 -60.66 31.81
CA GLU E 53 -3.42 -60.71 33.26
C GLU E 53 -3.59 -62.14 33.77
N THR E 54 -2.87 -62.48 34.84
CA THR E 54 -2.98 -63.80 35.45
C THR E 54 -4.34 -64.03 36.13
N HIS E 55 -4.94 -62.93 36.57
CA HIS E 55 -6.18 -62.98 37.35
C HIS E 55 -7.38 -63.56 36.59
N LEU E 56 -8.23 -64.28 37.30
CA LEU E 56 -9.46 -64.83 36.73
C LEU E 56 -10.64 -64.37 37.56
N PRO E 57 -11.82 -64.24 36.92
CA PRO E 57 -13.02 -63.88 37.66
C PRO E 57 -13.31 -64.98 38.68
N SER E 58 -13.81 -64.59 39.85
CA SER E 58 -14.04 -65.56 40.92
C SER E 58 -15.02 -66.62 40.43
N ALA E 59 -14.76 -67.88 40.77
CA ALA E 59 -15.57 -68.99 40.27
C ALA E 59 -16.87 -69.10 41.05
N ARG E 60 -17.59 -67.99 41.11
CA ARG E 60 -18.82 -67.88 41.88
C ARG E 60 -19.91 -68.77 41.31
N ASN E 61 -20.68 -69.40 42.20
CA ASN E 61 -21.87 -70.15 41.77
C ASN E 61 -22.96 -69.24 41.24
N VAL E 62 -23.59 -69.63 40.13
CA VAL E 62 -24.69 -68.86 39.57
C VAL E 62 -25.83 -69.83 39.20
N PRO E 63 -27.09 -69.40 39.40
CA PRO E 63 -28.24 -70.16 38.91
C PRO E 63 -28.31 -70.26 37.39
N GLY E 64 -28.82 -71.37 36.88
CA GLY E 64 -29.10 -71.51 35.46
C GLY E 64 -27.96 -71.97 34.58
N ASN E 65 -28.29 -72.26 33.32
CA ASN E 65 -27.30 -72.72 32.35
C ASN E 65 -26.80 -71.57 31.49
N VAL E 66 -25.55 -71.17 31.70
CA VAL E 66 -24.97 -70.16 30.84
C VAL E 66 -24.73 -70.65 29.41
N TYR E 67 -25.06 -69.80 28.45
CA TYR E 67 -24.93 -70.09 27.03
C TYR E 67 -23.68 -69.41 26.48
N ILE E 68 -22.52 -69.89 26.88
CA ILE E 68 -21.28 -69.15 26.66
C ILE E 68 -20.90 -68.95 25.18
N GLU E 69 -21.23 -69.93 24.34
CA GLU E 69 -20.85 -69.85 22.94
C GLU E 69 -21.58 -68.68 22.31
N ASP E 70 -22.90 -68.62 22.51
CA ASP E 70 -23.71 -67.56 21.95
C ASP E 70 -23.31 -66.21 22.52
N ALA E 71 -22.81 -66.21 23.76
CA ALA E 71 -22.42 -64.96 24.39
C ALA E 71 -21.21 -64.41 23.68
N ILE E 72 -20.23 -65.28 23.44
CA ILE E 72 -19.00 -64.82 22.80
C ILE E 72 -19.25 -64.44 21.34
N THR E 73 -19.90 -65.32 20.60
CA THR E 73 -20.16 -65.03 19.21
C THR E 73 -21.06 -63.81 19.03
N GLN E 74 -22.00 -63.60 19.92
CA GLN E 74 -22.86 -62.43 19.80
C GLN E 74 -22.06 -61.18 20.12
N ALA E 75 -21.18 -61.29 21.11
CA ALA E 75 -20.39 -60.12 21.50
C ALA E 75 -19.43 -59.73 20.38
N LEU E 76 -19.02 -60.71 19.60
CA LEU E 76 -18.05 -60.44 18.54
C LEU E 76 -18.67 -60.11 17.18
N PHE E 77 -19.78 -60.76 16.86
CA PHE E 77 -20.29 -60.78 15.49
C PHE E 77 -21.76 -60.46 15.37
N GLY E 78 -22.48 -60.46 16.49
CA GLY E 78 -23.91 -60.28 16.43
C GLY E 78 -24.28 -58.84 16.20
N ILE E 79 -25.44 -58.61 15.61
CA ILE E 79 -26.02 -57.28 15.54
C ILE E 79 -26.39 -56.82 16.96
N SER E 80 -26.05 -55.59 17.29
CA SER E 80 -26.32 -54.96 18.60
C SER E 80 -26.41 -55.91 19.79
N ALA E 81 -25.34 -56.66 20.04
CA ALA E 81 -25.25 -57.48 21.23
C ALA E 81 -25.30 -56.59 22.48
N GLN E 82 -25.92 -57.11 23.54
CA GLN E 82 -26.08 -56.34 24.76
C GLN E 82 -25.50 -57.09 25.93
N ASN E 83 -25.13 -56.36 26.98
CA ASN E 83 -24.65 -56.95 28.22
C ASN E 83 -23.46 -57.84 28.00
N VAL E 84 -22.59 -57.46 27.07
CA VAL E 84 -21.51 -58.34 26.64
C VAL E 84 -20.56 -58.57 27.79
N ASN E 85 -20.46 -57.59 28.67
CA ASN E 85 -19.53 -57.64 29.79
C ASN E 85 -20.15 -58.08 31.11
N ALA E 86 -21.40 -58.54 31.07
CA ALA E 86 -22.04 -59.01 32.30
C ALA E 86 -21.26 -60.18 32.85
N HIS E 87 -20.94 -60.11 34.14
CA HIS E 87 -19.91 -60.94 34.73
C HIS E 87 -20.23 -62.41 34.89
N GLY E 88 -21.52 -62.70 35.08
CA GLY E 88 -21.92 -63.98 35.62
C GLY E 88 -21.46 -65.12 34.76
N TYR E 89 -21.64 -64.96 33.44
CA TYR E 89 -21.33 -66.02 32.52
C TYR E 89 -19.88 -66.41 32.68
N PHE E 90 -19.05 -65.40 32.77
CA PHE E 90 -17.63 -65.63 32.82
C PHE E 90 -17.18 -66.23 34.12
N SER E 91 -17.92 -65.95 35.20
CA SER E 91 -17.57 -66.57 36.47
C SER E 91 -17.75 -68.06 36.29
N ARG E 92 -18.81 -68.42 35.57
CA ARG E 92 -19.05 -69.82 35.28
C ARG E 92 -17.97 -70.41 34.40
N LEU E 93 -17.45 -69.61 33.47
CA LEU E 93 -16.35 -70.09 32.65
C LEU E 93 -15.14 -70.38 33.54
N SER E 94 -14.93 -69.54 34.55
CA SER E 94 -13.76 -69.75 35.40
C SER E 94 -13.98 -71.01 36.21
N ALA E 95 -15.25 -71.33 36.49
CA ALA E 95 -15.55 -72.53 37.25
C ALA E 95 -15.16 -73.75 36.41
N LEU E 96 -15.23 -73.59 35.09
CA LEU E 96 -14.83 -74.66 34.18
C LEU E 96 -13.32 -74.85 34.20
N ALA E 97 -12.61 -73.82 34.64
CA ALA E 97 -11.15 -73.86 34.67
C ALA E 97 -10.64 -74.70 35.82
N LEU E 98 -11.52 -74.98 36.77
CA LEU E 98 -11.14 -75.69 37.99
C LEU E 98 -10.80 -77.16 37.73
N PRO E 99 -9.82 -77.70 38.48
CA PRO E 99 -9.26 -79.04 38.27
C PRO E 99 -10.28 -80.18 38.36
N ASN E 100 -11.30 -80.05 39.20
CA ASN E 100 -12.26 -81.13 39.37
C ASN E 100 -13.71 -80.65 39.42
N THR E 101 -14.05 -79.73 38.52
CA THR E 101 -15.37 -79.12 38.50
C THR E 101 -16.48 -80.10 38.10
N SER E 102 -17.68 -79.88 38.62
CA SER E 102 -18.85 -80.64 38.22
C SER E 102 -19.50 -80.04 36.97
N ALA E 103 -19.05 -78.85 36.61
CA ALA E 103 -19.57 -78.15 35.44
C ALA E 103 -19.12 -78.77 34.12
N ARG E 104 -19.99 -78.71 33.13
CA ARG E 104 -19.67 -79.27 31.82
C ARG E 104 -19.98 -78.29 30.70
N LEU E 105 -19.17 -78.33 29.65
CA LEU E 105 -19.41 -77.50 28.47
C LEU E 105 -20.06 -78.35 27.41
N GLY E 106 -21.36 -78.15 27.20
CA GLY E 106 -22.08 -78.91 26.19
C GLY E 106 -21.63 -78.52 24.80
N LEU E 107 -21.79 -79.43 23.85
CA LEU E 107 -21.42 -79.13 22.47
C LEU E 107 -22.35 -78.06 21.92
N ASP E 108 -23.48 -77.90 22.58
CA ASP E 108 -24.38 -76.78 22.34
C ASP E 108 -23.66 -75.47 22.69
N GLY E 109 -22.68 -75.55 23.57
CA GLY E 109 -21.96 -74.39 24.05
C GLY E 109 -22.60 -73.81 25.30
N VAL E 110 -23.70 -74.42 25.72
CA VAL E 110 -24.28 -74.15 27.02
C VAL E 110 -23.41 -74.74 28.14
N ILE E 111 -23.27 -74.02 29.25
CA ILE E 111 -22.57 -74.55 30.41
C ILE E 111 -23.55 -75.10 31.44
N TYR E 112 -23.46 -76.39 31.70
CA TYR E 112 -24.32 -77.05 32.67
C TYR E 112 -23.57 -77.26 33.98
N ASN E 113 -24.22 -76.95 35.10
CA ASN E 113 -23.61 -77.16 36.40
C ASN E 113 -23.69 -78.63 36.79
N SER E 114 -24.86 -79.22 36.57
CA SER E 114 -25.04 -80.64 36.83
C SER E 114 -24.32 -81.46 35.76
N GLU E 115 -23.96 -82.69 36.12
CA GLU E 115 -23.44 -83.63 35.14
C GLU E 115 -24.62 -84.31 34.44
N THR E 116 -25.17 -83.65 33.43
CA THR E 116 -26.30 -84.20 32.70
C THR E 116 -25.84 -85.14 31.58
N ILE E 117 -25.97 -86.43 31.82
CA ILE E 117 -25.45 -87.46 30.93
C ILE E 117 -26.11 -87.49 29.54
N ASN E 118 -27.36 -87.04 29.47
CA ASN E 118 -28.09 -87.04 28.20
C ASN E 118 -27.51 -86.11 27.14
N ILE E 119 -26.86 -85.03 27.58
CA ILE E 119 -26.26 -84.06 26.67
C ILE E 119 -24.75 -84.28 26.50
N PRO E 120 -24.30 -84.51 25.26
CA PRO E 120 -22.87 -84.67 24.96
C PRO E 120 -22.09 -83.40 25.29
N PHE E 121 -20.84 -83.55 25.72
CA PHE E 121 -20.03 -82.41 26.14
C PHE E 121 -18.55 -82.61 25.84
N TYR E 122 -17.81 -81.51 25.76
CA TYR E 122 -16.37 -81.55 25.48
C TYR E 122 -15.60 -82.15 26.66
N ASP E 123 -14.42 -82.71 26.40
CA ASP E 123 -13.62 -83.32 27.47
C ASP E 123 -13.22 -82.24 28.46
N PRO E 124 -13.44 -82.50 29.75
CA PRO E 124 -13.22 -81.53 30.83
C PRO E 124 -11.79 -81.00 30.91
N ALA E 125 -10.78 -81.80 30.57
CA ALA E 125 -9.41 -81.29 30.59
C ALA E 125 -9.23 -80.20 29.54
N ALA E 126 -9.82 -80.43 28.37
CA ALA E 126 -9.70 -79.49 27.26
C ALA E 126 -10.42 -78.19 27.56
N VAL E 127 -11.63 -78.28 28.10
CA VAL E 127 -12.38 -77.08 28.45
C VAL E 127 -11.74 -76.38 29.63
N ALA E 128 -11.00 -77.12 30.46
CA ALA E 128 -10.27 -76.50 31.55
C ALA E 128 -9.18 -75.65 30.94
N ASN E 129 -8.51 -76.19 29.93
CA ASN E 129 -7.46 -75.42 29.24
C ASN E 129 -8.03 -74.20 28.56
N PHE E 130 -9.23 -74.33 28.00
CA PHE E 130 -9.86 -73.26 27.24
C PHE E 130 -10.38 -72.14 28.14
N ALA E 131 -11.04 -72.52 29.22
CA ALA E 131 -11.57 -71.59 30.20
C ALA E 131 -10.45 -70.90 30.97
N ALA E 132 -9.32 -71.61 31.11
CA ALA E 132 -8.21 -71.11 31.92
C ALA E 132 -7.66 -69.84 31.32
N THR E 133 -7.86 -69.67 30.01
CA THR E 133 -7.48 -68.43 29.36
C THR E 133 -8.72 -67.58 29.11
N TYR E 134 -9.74 -68.19 28.53
CA TYR E 134 -10.87 -67.40 28.01
C TYR E 134 -11.80 -66.82 29.05
N ALA E 135 -11.71 -67.27 30.30
CA ALA E 135 -12.51 -66.64 31.36
C ALA E 135 -12.05 -65.21 31.56
N LYS E 136 -10.81 -64.91 31.13
CA LYS E 136 -10.26 -63.57 31.22
C LYS E 136 -11.07 -62.59 30.35
N LEU E 137 -11.92 -63.12 29.48
CA LEU E 137 -12.88 -62.29 28.78
C LEU E 137 -13.76 -61.61 29.81
N GLY E 138 -13.87 -62.22 30.98
CA GLY E 138 -14.69 -61.69 32.06
C GLY E 138 -14.21 -60.37 32.62
N ASN E 139 -12.91 -60.14 32.63
CA ASN E 139 -12.41 -58.86 33.11
C ASN E 139 -12.02 -57.91 31.98
N ALA E 140 -12.79 -57.99 30.89
CA ALA E 140 -12.62 -57.07 29.77
C ALA E 140 -12.90 -55.65 30.18
N SER E 141 -13.87 -55.46 31.07
CA SER E 141 -14.37 -54.13 31.39
C SER E 141 -13.68 -53.48 32.58
N THR E 142 -13.05 -54.27 33.43
CA THR E 142 -12.37 -53.71 34.61
C THR E 142 -11.17 -52.91 34.14
N PRO E 143 -11.04 -51.67 34.65
CA PRO E 143 -10.07 -50.68 34.15
C PRO E 143 -8.64 -51.18 34.26
N ARG E 144 -8.39 -51.99 35.28
CA ARG E 144 -7.07 -52.55 35.50
C ARG E 144 -6.66 -53.42 34.32
N TYR E 145 -7.65 -54.04 33.68
CA TYR E 145 -7.38 -55.11 32.71
C TYR E 145 -7.84 -54.83 31.28
N ARG E 146 -8.27 -53.62 30.98
CA ARG E 146 -8.74 -53.34 29.62
C ARG E 146 -7.61 -53.53 28.62
N ALA E 147 -7.90 -54.24 27.53
CA ALA E 147 -6.93 -54.45 26.46
C ALA E 147 -6.84 -53.23 25.54
N ASP E 148 -5.69 -53.00 24.90
CA ASP E 148 -5.61 -51.91 23.92
C ASP E 148 -6.61 -52.20 22.82
N MET E 149 -7.42 -51.21 22.48
CA MET E 149 -8.44 -51.39 21.47
C MET E 149 -7.96 -50.91 20.13
N ILE E 150 -6.78 -50.29 20.13
CA ILE E 150 -6.28 -49.64 18.92
C ILE E 150 -5.15 -50.41 18.26
N ASP E 151 -4.06 -50.60 18.98
CA ASP E 151 -2.87 -51.22 18.40
C ASP E 151 -3.08 -52.70 18.03
N ILE E 152 -3.96 -53.39 18.76
CA ILE E 152 -4.17 -54.82 18.53
C ILE E 152 -4.67 -55.06 17.12
N TYR E 153 -5.37 -54.07 16.57
CA TYR E 153 -5.96 -54.22 15.26
C TYR E 153 -4.91 -54.32 14.16
N ALA E 154 -3.70 -53.83 14.44
CA ALA E 154 -2.61 -54.03 13.50
C ALA E 154 -2.49 -55.52 13.26
N HIS E 155 -2.48 -56.30 14.35
CA HIS E 155 -2.33 -57.74 14.22
C HIS E 155 -3.46 -58.30 13.39
N VAL E 156 -4.66 -57.76 13.60
CA VAL E 156 -5.84 -58.24 12.89
C VAL E 156 -5.59 -58.06 11.40
N GLY E 157 -5.14 -56.86 11.04
CA GLY E 157 -4.89 -56.58 9.64
C GLY E 157 -3.80 -57.50 9.13
N LEU E 158 -2.77 -57.69 9.95
CA LEU E 158 -1.67 -58.53 9.50
C LEU E 158 -2.17 -59.94 9.27
N GLU E 159 -3.12 -60.40 10.09
CA GLU E 159 -3.54 -61.77 9.95
C GLU E 159 -4.59 -61.91 8.88
N LEU E 160 -5.12 -60.79 8.43
CA LEU E 160 -6.16 -60.82 7.42
C LEU E 160 -5.55 -60.53 6.05
N ALA E 161 -5.37 -59.24 5.78
CA ALA E 161 -4.83 -58.77 4.52
C ALA E 161 -3.37 -59.13 4.25
N GLY E 162 -2.57 -59.26 5.31
CA GLY E 162 -1.13 -59.34 5.19
C GLY E 162 -0.60 -60.49 4.37
N THR E 163 0.26 -60.16 3.40
CA THR E 163 0.94 -61.15 2.58
C THR E 163 2.00 -61.81 3.44
N ASP E 164 2.41 -63.02 3.08
CA ASP E 164 3.30 -63.80 3.92
C ASP E 164 4.59 -63.03 4.21
N ALA E 165 5.02 -62.23 3.24
CA ALA E 165 6.20 -61.39 3.40
C ALA E 165 5.95 -60.27 4.42
N GLU E 166 4.76 -59.67 4.38
CA GLU E 166 4.39 -58.64 5.34
C GLU E 166 4.18 -59.22 6.74
N ARG E 167 3.62 -60.43 6.79
CA ARG E 167 3.42 -61.12 8.07
C ARG E 167 4.76 -61.51 8.69
N ALA E 168 5.75 -61.78 7.85
CA ALA E 168 7.09 -62.03 8.36
C ALA E 168 7.71 -60.72 8.84
N ALA E 169 7.55 -59.68 8.03
CA ALA E 169 8.12 -58.37 8.37
C ALA E 169 7.47 -57.73 9.59
N GLY E 170 6.20 -58.02 9.81
CA GLY E 170 5.47 -57.44 10.91
C GLY E 170 4.92 -56.04 10.62
N VAL E 171 5.14 -55.56 9.39
CA VAL E 171 4.54 -54.29 8.98
C VAL E 171 3.85 -54.44 7.64
N MET E 172 2.70 -53.78 7.48
CA MET E 172 2.05 -53.75 6.17
C MET E 172 1.45 -52.39 5.91
N PRO E 173 1.31 -52.00 4.64
CA PRO E 173 0.58 -50.75 4.40
C PRO E 173 -0.87 -50.89 4.89
N VAL E 174 -1.43 -49.83 5.43
CA VAL E 174 -2.84 -49.83 5.82
C VAL E 174 -3.66 -50.02 4.55
N LYS E 175 -4.66 -50.89 4.60
CA LYS E 175 -5.29 -51.35 3.37
C LYS E 175 -6.78 -51.07 3.28
N ARG E 176 -7.24 -50.97 2.04
CA ARG E 176 -8.65 -50.81 1.76
C ARG E 176 -9.14 -52.08 1.09
N ALA E 177 -9.93 -52.86 1.83
CA ALA E 177 -10.47 -54.11 1.30
C ALA E 177 -11.60 -53.87 0.33
N LYS E 178 -11.81 -54.83 -0.56
CA LYS E 178 -12.94 -54.79 -1.46
C LYS E 178 -13.24 -56.17 -2.07
N PHE E 179 -14.52 -56.42 -2.35
CA PHE E 179 -14.91 -57.67 -3.01
C PHE E 179 -16.21 -57.46 -3.79
N ASP E 180 -16.38 -58.22 -4.88
CA ASP E 180 -17.66 -58.22 -5.58
C ASP E 180 -18.65 -58.75 -4.57
N SER E 181 -19.78 -58.07 -4.44
CA SER E 181 -20.67 -58.37 -3.33
C SER E 181 -22.12 -58.22 -3.68
N TRP E 182 -22.94 -58.89 -2.88
CA TRP E 182 -24.38 -58.82 -2.94
C TRP E 182 -24.88 -57.85 -1.87
N GLU E 183 -26.16 -57.51 -1.91
CA GLU E 183 -26.76 -56.65 -0.89
C GLU E 183 -26.58 -57.24 0.51
N GLY E 184 -26.19 -56.40 1.46
CA GLY E 184 -26.10 -56.82 2.85
C GLY E 184 -25.08 -57.91 3.08
N SER E 185 -24.04 -57.95 2.25
CA SER E 185 -23.07 -59.03 2.31
C SER E 185 -22.38 -59.09 3.64
N LEU E 186 -22.13 -57.93 4.24
CA LEU E 186 -21.39 -57.91 5.48
C LEU E 186 -22.26 -58.35 6.66
N ILE E 187 -23.52 -57.95 6.63
CA ILE E 187 -24.45 -58.40 7.66
C ILE E 187 -24.70 -59.90 7.52
N SER E 188 -24.88 -60.36 6.29
CA SER E 188 -25.16 -61.77 6.07
C SER E 188 -23.97 -62.62 6.46
N LEU E 189 -22.77 -62.12 6.20
CA LEU E 189 -21.56 -62.84 6.56
C LEU E 189 -21.46 -62.90 8.06
N SER E 190 -21.80 -61.80 8.71
CA SER E 190 -21.70 -61.73 10.15
C SER E 190 -22.69 -62.71 10.77
N ARG E 191 -23.84 -62.88 10.12
CA ARG E 191 -24.86 -63.81 10.57
C ARG E 191 -24.35 -65.22 10.41
N ASP E 192 -23.64 -65.44 9.31
CA ASP E 192 -23.11 -66.75 9.02
C ASP E 192 -22.04 -67.14 10.03
N VAL E 193 -21.32 -66.14 10.54
CA VAL E 193 -20.23 -66.38 11.49
C VAL E 193 -20.72 -66.49 12.93
N VAL E 194 -21.75 -65.73 13.25
CA VAL E 194 -22.31 -65.74 14.59
C VAL E 194 -22.91 -67.10 14.92
N ASN E 195 -23.26 -67.87 13.87
CA ASN E 195 -23.79 -69.23 14.04
C ASN E 195 -22.72 -70.28 14.22
N TRP E 196 -21.46 -69.88 14.07
CA TRP E 196 -20.36 -70.83 14.18
C TRP E 196 -20.22 -71.38 15.58
N LYS E 197 -19.86 -72.66 15.66
CA LYS E 197 -19.57 -73.31 16.94
C LYS E 197 -18.12 -73.02 17.29
N ILE E 198 -17.83 -71.78 17.68
CA ILE E 198 -16.44 -71.36 17.82
C ILE E 198 -15.78 -71.95 19.05
N LEU E 199 -16.56 -72.51 19.95
CA LEU E 199 -15.98 -73.09 21.15
C LEU E 199 -15.07 -74.23 20.77
N ALA E 200 -15.41 -74.95 19.71
CA ALA E 200 -14.54 -76.04 19.26
C ALA E 200 -13.23 -75.45 18.79
N PHE E 201 -13.31 -74.29 18.18
CA PHE E 201 -12.14 -73.64 17.62
C PHE E 201 -11.21 -73.21 18.74
N LEU E 202 -11.76 -72.50 19.72
CA LEU E 202 -10.95 -71.99 20.82
C LEU E 202 -10.44 -73.11 21.74
N ILE E 203 -11.27 -74.13 21.95
CA ILE E 203 -10.89 -75.26 22.79
C ILE E 203 -9.75 -76.01 22.14
N ASP E 204 -9.82 -76.18 20.82
CA ASP E 204 -8.71 -76.80 20.11
C ASP E 204 -7.50 -75.88 20.15
N LEU E 205 -7.75 -74.57 20.15
CA LEU E 205 -6.65 -73.60 20.15
C LEU E 205 -5.87 -73.66 21.45
N CYS E 206 -6.55 -74.06 22.52
CA CYS E 206 -5.94 -74.08 23.84
C CYS E 206 -5.37 -75.46 24.21
N SER E 207 -6.20 -76.49 24.08
CA SER E 207 -5.80 -77.85 24.45
C SER E 207 -4.70 -78.48 23.58
N LEU E 208 -4.65 -78.12 22.30
CA LEU E 208 -3.68 -78.71 21.39
C LEU E 208 -2.26 -78.23 21.63
N GLU E 209 -1.29 -79.11 21.39
CA GLU E 209 0.12 -78.76 21.60
C GLU E 209 1.01 -79.37 20.53
N GLY E 210 2.15 -78.72 20.30
CA GLY E 210 3.13 -79.22 19.35
C GLY E 210 2.63 -79.27 17.92
N GLU E 211 2.89 -80.38 17.25
CA GLU E 211 2.59 -80.53 15.83
C GLU E 211 1.10 -80.42 15.56
N ALA E 212 0.28 -80.92 16.48
CA ALA E 212 -1.16 -80.91 16.31
C ALA E 212 -1.71 -79.49 16.31
N LEU E 213 -1.20 -78.67 17.22
CA LEU E 213 -1.62 -77.28 17.31
C LEU E 213 -1.20 -76.48 16.09
N ARG E 214 -0.05 -76.85 15.52
CA ARG E 214 0.46 -76.11 14.38
C ARG E 214 -0.35 -76.46 13.13
N ALA E 215 -0.62 -77.75 12.97
CA ALA E 215 -1.44 -78.21 11.85
C ALA E 215 -2.84 -77.64 11.98
N PHE E 216 -3.30 -77.48 13.22
CA PHE E 216 -4.59 -76.85 13.47
C PHE E 216 -4.56 -75.39 13.03
N LYS E 217 -3.47 -74.70 13.35
CA LYS E 217 -3.33 -73.29 12.99
C LYS E 217 -3.29 -73.09 11.48
N THR E 218 -2.74 -74.06 10.75
CA THR E 218 -2.70 -73.90 9.30
C THR E 218 -4.05 -74.29 8.70
N ARG E 219 -4.66 -75.33 9.26
CA ARG E 219 -5.95 -75.80 8.76
C ARG E 219 -7.04 -74.77 9.01
N ASN E 220 -6.87 -73.99 10.07
CA ASN E 220 -7.94 -73.10 10.52
C ASN E 220 -7.64 -71.62 10.35
N ARG E 221 -6.57 -71.29 9.64
CA ARG E 221 -6.15 -69.91 9.57
C ARG E 221 -7.21 -69.05 8.90
N ASP E 222 -7.87 -69.62 7.90
CA ASP E 222 -8.92 -68.91 7.18
C ASP E 222 -10.17 -68.66 8.03
N VAL E 223 -10.45 -69.56 8.97
CA VAL E 223 -11.61 -69.40 9.86
C VAL E 223 -11.39 -68.17 10.71
N PHE E 224 -10.23 -68.17 11.35
CA PHE E 224 -9.82 -67.11 12.24
C PHE E 224 -9.77 -65.81 11.44
N ARG E 225 -9.40 -65.90 10.18
CA ARG E 225 -9.43 -64.74 9.31
C ARG E 225 -10.84 -64.26 9.02
N MET E 226 -11.81 -65.16 8.94
CA MET E 226 -13.19 -64.71 8.76
C MET E 226 -13.73 -64.02 10.00
N MET E 227 -13.36 -64.52 11.17
CA MET E 227 -13.75 -63.86 12.41
C MET E 227 -13.13 -62.46 12.44
N LEU E 228 -11.85 -62.40 12.10
CA LEU E 228 -11.13 -61.14 12.09
C LEU E 228 -11.75 -60.19 11.07
N PHE E 229 -12.32 -60.77 10.03
CA PHE E 229 -12.89 -59.97 8.97
C PHE E 229 -14.18 -59.34 9.45
N ILE E 230 -15.01 -60.11 10.12
CA ILE E 230 -16.24 -59.56 10.69
C ILE E 230 -15.93 -58.45 11.70
N MET E 231 -14.93 -58.67 12.55
CA MET E 231 -14.58 -57.65 13.52
C MET E 231 -14.10 -56.39 12.81
N SER E 232 -13.28 -56.59 11.78
CA SER E 232 -12.69 -55.48 11.08
C SER E 232 -13.77 -54.65 10.38
N THR E 233 -14.79 -55.32 9.85
CA THR E 233 -15.89 -54.55 9.27
C THR E 233 -16.63 -53.79 10.36
N ALA E 234 -16.68 -54.38 11.56
CA ALA E 234 -17.36 -53.69 12.66
C ALA E 234 -16.63 -52.43 13.06
N VAL E 235 -15.31 -52.42 12.88
CA VAL E 235 -14.51 -51.28 13.32
C VAL E 235 -13.99 -50.38 12.21
N ALA E 236 -14.13 -50.81 10.95
CA ALA E 236 -13.64 -50.02 9.82
C ALA E 236 -14.33 -48.68 9.78
N ALA E 237 -13.57 -47.62 9.53
CA ALA E 237 -14.07 -46.26 9.63
C ALA E 237 -15.20 -46.02 8.66
N ASN E 238 -15.09 -46.63 7.48
CA ASN E 238 -16.00 -46.35 6.39
C ASN E 238 -16.17 -47.58 5.53
N VAL E 239 -17.41 -47.83 5.13
CA VAL E 239 -17.72 -48.96 4.26
C VAL E 239 -18.72 -48.46 3.22
N VAL E 240 -18.46 -48.76 1.95
CA VAL E 240 -19.26 -48.21 0.87
C VAL E 240 -19.38 -49.18 -0.28
N ASN E 241 -20.24 -48.86 -1.24
CA ASN E 241 -20.33 -49.62 -2.46
C ASN E 241 -19.70 -48.87 -3.63
N ARG E 242 -19.23 -49.62 -4.62
CA ARG E 242 -18.69 -49.03 -5.83
C ARG E 242 -19.26 -49.75 -7.03
N LYS E 243 -20.14 -49.07 -7.76
CA LYS E 243 -20.68 -49.64 -9.00
C LYS E 243 -19.60 -49.70 -10.07
N VAL E 244 -19.35 -50.90 -10.58
CA VAL E 244 -18.42 -51.09 -11.68
C VAL E 244 -18.95 -52.19 -12.59
N THR E 245 -19.18 -51.85 -13.85
CA THR E 245 -19.70 -52.80 -14.86
C THR E 245 -20.89 -53.64 -14.39
N LYS E 246 -21.90 -52.96 -13.87
CA LYS E 246 -23.11 -53.60 -13.35
C LYS E 246 -22.85 -54.61 -12.24
N ARG E 247 -21.78 -54.37 -11.47
CA ARG E 247 -21.46 -55.19 -10.31
C ARG E 247 -21.03 -54.28 -9.19
N VAL E 248 -21.67 -54.42 -8.04
CA VAL E 248 -21.27 -53.64 -6.87
C VAL E 248 -20.08 -54.29 -6.18
N ASP E 249 -19.05 -53.50 -5.93
CA ASP E 249 -17.93 -53.96 -5.11
C ASP E 249 -17.98 -53.26 -3.76
N ARG E 250 -18.17 -54.05 -2.71
CA ARG E 250 -18.11 -53.53 -1.35
C ARG E 250 -16.67 -53.16 -0.99
N VAL E 251 -16.50 -52.03 -0.32
CA VAL E 251 -15.20 -51.46 0.00
C VAL E 251 -15.11 -51.04 1.45
N LEU E 252 -14.17 -51.63 2.18
CA LEU E 252 -13.99 -51.31 3.58
C LEU E 252 -12.62 -50.72 3.86
N GLU E 253 -12.63 -49.44 4.19
CA GLU E 253 -11.45 -48.71 4.58
C GLU E 253 -11.60 -48.33 6.04
N TYR E 254 -10.62 -48.72 6.86
CA TYR E 254 -9.47 -49.47 6.42
C TYR E 254 -9.28 -50.70 7.29
N ILE E 255 -8.71 -51.76 6.72
CA ILE E 255 -8.36 -52.95 7.48
C ILE E 255 -7.24 -52.64 8.45
N GLY E 256 -7.34 -53.15 9.68
CA GLY E 256 -6.28 -53.02 10.66
C GLY E 256 -6.27 -51.71 11.42
N VAL E 257 -7.23 -50.84 11.12
CA VAL E 257 -7.35 -49.57 11.82
C VAL E 257 -8.71 -49.45 12.52
N ASN E 258 -8.71 -49.64 13.83
CA ASN E 258 -9.93 -49.44 14.63
C ASN E 258 -10.30 -47.97 14.71
N SER E 259 -11.47 -47.63 14.18
CA SER E 259 -11.92 -46.24 14.18
C SER E 259 -12.61 -45.86 15.48
N MET E 260 -12.85 -46.85 16.34
CA MET E 260 -13.62 -46.66 17.57
C MET E 260 -15.01 -46.09 17.29
N ARG E 261 -15.53 -46.40 16.11
CA ARG E 261 -16.88 -46.06 15.72
C ARG E 261 -17.85 -46.78 16.63
N THR E 262 -18.92 -46.11 17.06
CA THR E 262 -19.90 -46.81 17.89
C THR E 262 -21.30 -46.72 17.35
N ALA E 263 -21.59 -45.69 16.56
CA ALA E 263 -22.93 -45.51 16.04
C ALA E 263 -23.21 -46.56 14.99
N GLY E 264 -24.42 -47.10 15.03
CA GLY E 264 -24.79 -48.15 14.11
C GLY E 264 -24.87 -47.60 12.70
N ARG E 265 -24.62 -48.46 11.73
CA ARG E 265 -24.76 -48.09 10.34
C ARG E 265 -25.37 -49.26 9.62
N THR E 266 -25.89 -48.99 8.44
CA THR E 266 -26.52 -50.03 7.65
C THR E 266 -25.55 -51.14 7.25
N ALA E 267 -24.36 -50.73 6.83
CA ALA E 267 -23.47 -51.61 6.07
C ALA E 267 -22.91 -52.80 6.83
N THR E 268 -22.74 -52.66 8.14
CA THR E 268 -22.02 -53.64 8.96
C THR E 268 -22.53 -53.65 10.38
N ILE E 269 -22.10 -54.63 11.16
CA ILE E 269 -22.41 -54.62 12.59
C ILE E 269 -21.59 -53.52 13.26
N THR E 270 -21.87 -53.24 14.53
CA THR E 270 -21.21 -52.14 15.21
C THR E 270 -20.92 -52.44 16.67
N TYR E 271 -19.75 -52.02 17.12
CA TYR E 271 -19.37 -52.19 18.52
C TYR E 271 -19.67 -50.96 19.35
N ASP E 272 -20.50 -51.14 20.37
CA ASP E 272 -20.59 -50.15 21.44
C ASP E 272 -19.27 -50.24 22.16
N LEU E 273 -18.98 -49.28 23.03
CA LEU E 273 -17.69 -49.28 23.69
C LEU E 273 -17.47 -50.56 24.49
N SER E 274 -18.53 -51.10 25.07
CA SER E 274 -18.42 -52.34 25.81
C SER E 274 -18.06 -53.49 24.88
N ARG E 275 -18.60 -53.46 23.67
CA ARG E 275 -18.25 -54.46 22.67
C ARG E 275 -16.82 -54.27 22.25
N HIS E 276 -16.35 -53.02 22.21
CA HIS E 276 -14.98 -52.75 21.80
C HIS E 276 -14.03 -53.32 22.83
N GLU E 277 -14.38 -53.15 24.10
CA GLU E 277 -13.56 -53.66 25.20
C GLU E 277 -13.50 -55.15 25.07
N PHE E 278 -14.65 -55.75 24.79
CA PHE E 278 -14.74 -57.19 24.75
C PHE E 278 -13.90 -57.76 23.62
N ALA E 279 -14.05 -57.18 22.45
CA ALA E 279 -13.33 -57.65 21.27
C ALA E 279 -11.85 -57.45 21.44
N ALA E 280 -11.46 -56.37 22.10
CA ALA E 280 -10.05 -56.08 22.28
C ALA E 280 -9.45 -57.12 23.20
N LYS E 281 -10.21 -57.47 24.24
CA LYS E 281 -9.73 -58.46 25.21
C LYS E 281 -9.63 -59.82 24.54
N PHE E 282 -10.64 -60.13 23.73
CA PHE E 282 -10.71 -61.41 23.04
C PHE E 282 -9.54 -61.54 22.10
N LEU E 283 -9.23 -60.45 21.40
CA LEU E 283 -8.11 -60.42 20.47
C LEU E 283 -6.79 -60.54 21.19
N GLN E 284 -6.73 -60.00 22.40
CA GLN E 284 -5.51 -60.08 23.19
C GLN E 284 -5.24 -61.53 23.53
N LEU E 285 -6.26 -62.22 24.02
CA LEU E 285 -6.08 -63.60 24.41
C LEU E 285 -5.81 -64.48 23.18
N THR E 286 -6.65 -64.31 22.16
CA THR E 286 -6.62 -65.18 21.01
C THR E 286 -5.33 -65.05 20.20
N PHE E 287 -4.80 -63.83 20.13
CA PHE E 287 -3.55 -63.64 19.41
C PHE E 287 -2.39 -64.07 20.28
N THR E 288 -2.54 -63.94 21.60
CA THR E 288 -1.50 -64.39 22.49
C THR E 288 -1.33 -65.89 22.32
N ARG E 289 -2.43 -66.57 22.09
CA ARG E 289 -2.38 -68.02 21.91
C ARG E 289 -1.94 -68.40 20.51
N TRP E 290 -2.44 -67.67 19.52
CA TRP E 290 -2.15 -67.94 18.12
C TRP E 290 -0.68 -67.69 17.77
N ASN E 291 -0.05 -66.74 18.46
CA ASN E 291 1.35 -66.41 18.20
C ASN E 291 2.28 -66.99 19.26
N ALA E 292 2.33 -68.31 19.35
CA ALA E 292 3.17 -68.95 20.36
C ALA E 292 3.66 -70.33 19.92
#